data_8SYF
#
_entry.id   8SYF
#
loop_
_entity.id
_entity.type
_entity.pdbx_description
1 polymer 'Myosin, heavy chain 11, smooth muscle'
2 polymer 'Actin, alpha skeletal muscle'
3 polymer 'Myosin light polypeptide 6'
4 polymer 'Myosin regulatory light chain 2, smooth muscle major isoform'
#
loop_
_entity_poly.entity_id
_entity_poly.type
_entity_poly.pdbx_seq_one_letter_code
_entity_poly.pdbx_strand_id
1 'polypeptide(L)'
;SQKPLSDDEKFLFVDKNFVNNPLAQADWSAKKLVWVPSEKHGFEAASIKEEKGDEVTVELQENGKKVTLSKDDIQKMNPP
KFSKVEDMAELTCLNEASVLHNLRERYFSGLIYTYSGLFCVVINPYKQLPIYSEKIIDMYKGKKRHEMPPHIYAIADTAY
RSMLQDREDQSILCTGESGAGKTENTKKVIQYLAVVASSHKGKKDTSITGELEKQLLQANPILEAFGNAKTVKNDNSSRF
GKFIRINFDVTGYIVGANIETYLLEKSRAIRQAKDERTFHIFYYLIAGASEQMRNDLLLEGFNNYTFLSNGHVPIPAQQD
DEMFQETLEAMTIMGFTEEEQTSILRVVSSVLQLGNIVFKKERNTDQASMPDNTAAQKVCHLMGINVTDFTRSILTPRIK
VGRDVVQKAQTKEQADFAIEALAKAKFERLFRWILTRVNKALDKTKRQGASFLGILDIAGFEIFEINSFEQLCINYTNEK
LQQLFNHTMFILEQEEYQREGIEWNFIDFGLDLQPCIELIERPTNPPGVLALLDEECWFPKATDTSFVEKLIQEQGNHAK
FQKSKQLKDKTEFCILHYAGKVTYNASAWLTKNMDPLNDNVTSLLNQSSDKFVADLWKDVDRIVGLDQMAKMTESSLPSA
SKTKKGMFRTVGQLYKEQLTKLMTTLRNTNPNFVRCIIPNHEKRAGKLDAHLVLEQLRCNGVLEGIRICRQGFPNRIVFQ
EFRQRYEILAANAIPKGFMDGKQACILMIKALELDPNLYRIGQSKIFFRTGVLAHLEEERDLKITDVIIAFQAQCRGYLA
RKAFAKRQQQLTAMKVIQRNCAAYLKLRNWQWWRLFTKVKPLL
;
A,B
2 'polypeptide(L)'
;DEDETTALVCDNGSGLVKAGFAGDDAPRAVFPSIVGRPRHQGVMVGMGQKDSYVGDEAQSKRGILTLKYPIEHGIITNWD
DMEKIWHHTFYNELRVAPEEHPTLLTEAPLNPKANREKMTQIMFETFNVPAMYVAIQAVLSLYASGRTTGIVLDSGDGVT
HNVPIYEGYALPHAIMRLDLAGRDLTDYLMKILTERGYSFVTTAEREIVRDIKEKLCYVALDFENEMATAASSSSLEKSY
ELPDGQVITIGNERFRCPETLFQPSFIGMESAGIHETTYNSIMKCDIDIRKDLYANNVMSGGTTMYPGIADRMQKEITAL
APSTMKIKIIAPPERKYSVWIGGSILASLSTFQQMWITKQEYDEAGPSIVHRKCF
;
C,D
3 'polypeptide(L)'
;FSEEQTAEFKEAFQLFDRTGDGKILYSQCGDVMRALGQNPTNAEVMKVLGNPKSDEMNLKTLNFEQFLPMMQTIAKNKDQ
GCFEDYVEGLRVFDKEGNGTVMGAEIRHVLVTLGEKMTEEEVEQLVAGHEDSNGCINYEELVRMVLSG
;
E,H
4 'polypeptide(L)'
;FDQSQIQEFKEAFNMIDQNRDGFIDKEDLHDMLASMGKNPTDEYLEGMMSEAPGPINFTMFLTMFGEKLNGTDPEDVIRN
AFACFDEEASGFIHEDHLRELLTTMGDRFTDEEVDEMYREAPIDKKGNFNYVEFTRILKHGAK
;
F,G
#
# COMPACT_ATOMS: atom_id res chain seq x y z
N SER A 1 3.72 15.83 -39.49
CA SER A 1 2.99 16.55 -38.44
C SER A 1 2.05 17.54 -39.08
N GLN A 2 1.72 18.60 -38.33
CA GLN A 2 0.87 19.66 -38.85
C GLN A 2 1.75 20.83 -39.27
N LYS A 3 2.10 20.87 -40.54
CA LYS A 3 2.69 22.03 -41.18
C LYS A 3 2.07 22.13 -42.56
N PRO A 4 1.13 23.05 -42.76
CA PRO A 4 0.63 23.33 -44.11
C PRO A 4 1.65 24.05 -44.99
N LEU A 5 2.69 24.63 -44.39
CA LEU A 5 3.80 25.21 -45.14
C LEU A 5 4.77 24.16 -45.67
N SER A 6 4.66 22.91 -45.23
CA SER A 6 5.55 21.87 -45.69
C SER A 6 4.76 20.60 -45.98
N ASP A 7 4.72 20.21 -47.25
CA ASP A 7 4.19 18.91 -47.63
C ASP A 7 4.89 17.78 -46.89
N ASP A 8 6.11 18.01 -46.43
CA ASP A 8 6.83 17.05 -45.61
C ASP A 8 6.05 16.66 -44.37
N GLU A 9 5.16 17.52 -43.90
CA GLU A 9 4.21 17.16 -42.86
C GLU A 9 2.84 16.83 -43.44
N LYS A 10 2.62 17.14 -44.72
CA LYS A 10 1.33 16.89 -45.35
C LYS A 10 1.16 15.42 -45.72
N PHE A 11 2.26 14.68 -45.80
CA PHE A 11 2.18 13.23 -45.65
C PHE A 11 1.83 12.86 -44.23
N LEU A 12 1.58 13.83 -43.38
CA LEU A 12 0.94 13.52 -42.12
C LEU A 12 -0.14 14.54 -41.78
N PHE A 13 0.11 15.81 -42.08
CA PHE A 13 -0.89 16.86 -41.95
C PHE A 13 -2.14 16.37 -42.66
N VAL A 14 -3.18 16.18 -41.89
CA VAL A 14 -4.30 15.36 -42.30
C VAL A 14 -5.21 16.16 -43.21
N ASP A 15 -5.41 15.66 -44.43
CA ASP A 15 -6.32 16.27 -45.38
C ASP A 15 -7.68 15.61 -45.20
N LYS A 16 -8.30 15.83 -44.05
CA LYS A 16 -9.63 15.26 -43.83
C LYS A 16 -10.57 15.73 -44.92
N ASN A 17 -11.12 14.77 -45.65
CA ASN A 17 -11.96 15.07 -46.79
C ASN A 17 -13.17 15.88 -46.34
N PHE A 18 -13.81 16.57 -47.29
CA PHE A 18 -14.93 17.44 -47.00
C PHE A 18 -15.69 17.70 -48.30
N VAL A 19 -16.77 18.47 -48.19
CA VAL A 19 -17.64 18.81 -49.32
C VAL A 19 -17.54 20.27 -49.70
N ASN A 20 -16.86 21.09 -48.90
CA ASN A 20 -16.73 22.53 -49.17
C ASN A 20 -18.09 23.22 -49.29
N ASN A 21 -19.07 22.69 -48.57
CA ASN A 21 -20.41 23.29 -48.52
C ASN A 21 -20.94 23.10 -47.12
N PRO A 22 -21.63 24.11 -46.57
CA PRO A 22 -22.07 24.02 -45.16
C PRO A 22 -23.06 22.91 -44.87
N LEU A 23 -23.37 22.02 -45.81
CA LEU A 23 -24.18 20.85 -45.51
C LEU A 23 -23.29 19.63 -45.28
N ALA A 24 -23.69 18.77 -44.35
CA ALA A 24 -22.87 17.65 -43.93
C ALA A 24 -23.43 16.28 -44.28
N GLN A 25 -24.66 16.20 -44.80
CA GLN A 25 -25.28 14.93 -45.11
C GLN A 25 -25.34 14.63 -46.60
N ALA A 26 -24.79 15.50 -47.44
CA ALA A 26 -24.81 15.31 -48.89
C ALA A 26 -23.62 14.51 -49.38
N ASP A 27 -22.80 13.98 -48.48
CA ASP A 27 -21.63 13.21 -48.86
C ASP A 27 -21.78 11.77 -48.41
N TRP A 28 -22.42 11.56 -47.26
CA TRP A 28 -22.78 10.23 -46.81
C TRP A 28 -24.25 10.02 -47.13
N SER A 29 -24.54 8.95 -47.84
CA SER A 29 -25.92 8.65 -48.15
C SER A 29 -26.70 8.42 -46.87
N ALA A 30 -27.71 9.25 -46.64
CA ALA A 30 -28.59 9.04 -45.50
C ALA A 30 -29.15 7.63 -45.49
N LYS A 31 -29.16 6.97 -46.65
CA LYS A 31 -29.48 5.55 -46.68
C LYS A 31 -28.32 4.74 -46.13
N LYS A 32 -27.22 4.68 -46.88
CA LYS A 32 -25.94 4.25 -46.35
C LYS A 32 -24.85 4.53 -47.36
N LEU A 33 -23.88 5.36 -47.01
CA LEU A 33 -22.68 5.46 -47.79
C LEU A 33 -21.84 4.22 -47.54
N VAL A 34 -20.98 3.87 -48.50
CA VAL A 34 -20.43 2.53 -48.54
C VAL A 34 -18.91 2.47 -48.40
N HIS A 41 -10.39 -3.69 -48.65
CA HIS A 41 -11.74 -3.34 -48.30
C HIS A 41 -11.97 -1.86 -48.54
N GLY A 42 -11.35 -1.32 -49.59
CA GLY A 42 -11.68 0.04 -49.94
C GLY A 42 -13.11 0.03 -50.41
N PHE A 43 -14.02 0.46 -49.55
CA PHE A 43 -15.42 0.29 -49.84
C PHE A 43 -15.88 1.47 -50.70
N GLU A 44 -17.11 1.35 -51.16
CA GLU A 44 -17.54 1.99 -52.39
C GLU A 44 -18.64 2.98 -52.09
N ALA A 45 -18.25 4.10 -51.48
CA ALA A 45 -19.17 5.09 -50.94
C ALA A 45 -20.37 5.25 -51.86
N ALA A 46 -21.56 4.98 -51.32
CA ALA A 46 -22.72 4.74 -52.18
C ALA A 46 -24.00 5.24 -51.56
N SER A 47 -25.08 5.09 -52.30
CA SER A 47 -26.42 5.43 -51.83
C SER A 47 -27.35 4.25 -52.03
N ILE A 48 -27.92 3.74 -50.94
CA ILE A 48 -28.90 2.68 -51.07
C ILE A 48 -30.04 3.16 -51.96
N LYS A 49 -30.23 2.50 -53.09
CA LYS A 49 -31.37 2.77 -53.95
C LYS A 49 -32.53 1.83 -53.66
N GLU A 50 -32.22 0.59 -53.36
CA GLU A 50 -33.26 -0.38 -53.03
C GLU A 50 -32.75 -1.27 -51.92
N GLU A 51 -33.20 -1.00 -50.70
CA GLU A 51 -32.79 -1.74 -49.52
C GLU A 51 -33.78 -2.88 -49.28
N LYS A 52 -33.32 -4.10 -49.46
CA LYS A 52 -34.10 -5.30 -49.20
C LYS A 52 -33.35 -6.21 -48.23
N GLY A 53 -32.80 -5.61 -47.17
CA GLY A 53 -31.93 -6.32 -46.25
C GLY A 53 -30.47 -5.94 -46.48
N ASP A 54 -29.64 -6.95 -46.75
CA ASP A 54 -28.39 -6.69 -47.44
C ASP A 54 -28.63 -6.60 -48.94
N GLU A 55 -29.81 -7.03 -49.39
CA GLU A 55 -30.17 -6.94 -50.79
C GLU A 55 -30.31 -5.45 -51.10
N VAL A 56 -29.19 -4.77 -50.99
CA VAL A 56 -29.16 -3.32 -51.00
C VAL A 56 -28.53 -2.90 -52.31
N THR A 57 -29.35 -2.58 -53.28
CA THR A 57 -28.83 -1.85 -54.40
C THR A 57 -28.48 -0.48 -53.87
N VAL A 58 -27.27 -0.36 -53.38
CA VAL A 58 -26.67 0.95 -53.18
C VAL A 58 -26.39 1.50 -54.56
N GLU A 59 -26.71 2.76 -54.75
CA GLU A 59 -26.17 3.53 -55.84
C GLU A 59 -24.70 3.68 -55.50
N LEU A 60 -23.89 2.75 -56.00
CA LEU A 60 -22.49 2.65 -55.64
C LEU A 60 -21.85 3.90 -56.22
N GLN A 61 -21.88 4.96 -55.41
CA GLN A 61 -21.38 6.25 -55.85
C GLN A 61 -19.87 6.26 -56.04
N GLU A 62 -19.15 5.33 -55.43
CA GLU A 62 -17.75 5.14 -55.79
C GLU A 62 -17.63 4.22 -57.00
N ASN A 63 -18.71 3.56 -57.38
CA ASN A 63 -18.74 2.72 -58.57
C ASN A 63 -19.81 3.18 -59.56
N GLY A 64 -20.70 4.07 -59.13
CA GLY A 64 -21.86 4.47 -59.91
C GLY A 64 -22.81 3.36 -60.25
N LYS A 65 -22.92 2.35 -59.39
CA LYS A 65 -23.65 1.13 -59.74
C LYS A 65 -24.80 0.88 -58.77
N LYS A 66 -26.03 0.97 -59.25
CA LYS A 66 -27.15 0.58 -58.40
C LYS A 66 -27.09 -0.93 -58.24
N VAL A 67 -26.21 -1.39 -57.36
CA VAL A 67 -25.91 -2.80 -57.23
C VAL A 67 -26.36 -3.29 -55.87
N THR A 68 -27.03 -4.43 -55.86
CA THR A 68 -27.23 -5.15 -54.62
C THR A 68 -25.86 -5.58 -54.11
N LEU A 69 -25.38 -4.88 -53.10
CA LEU A 69 -24.00 -4.98 -52.67
C LEU A 69 -24.00 -5.42 -51.21
N SER A 70 -22.88 -6.00 -50.79
CA SER A 70 -22.73 -6.41 -49.40
C SER A 70 -22.74 -5.20 -48.48
N LYS A 71 -23.47 -5.33 -47.36
CA LYS A 71 -23.35 -4.32 -46.31
C LYS A 71 -21.98 -4.40 -45.65
N ASP A 72 -21.18 -5.41 -45.98
CA ASP A 72 -19.76 -5.33 -45.68
C ASP A 72 -19.17 -4.07 -46.26
N ASP A 73 -19.35 -3.85 -47.55
CA ASP A 73 -19.04 -2.55 -48.14
C ASP A 73 -20.00 -1.49 -47.63
N ILE A 74 -21.29 -1.80 -47.55
CA ILE A 74 -22.31 -0.84 -47.14
C ILE A 74 -22.40 -0.90 -45.63
N GLN A 75 -21.42 -0.31 -44.95
CA GLN A 75 -21.52 -0.01 -43.54
C GLN A 75 -21.67 1.49 -43.44
N LYS A 76 -21.63 2.01 -42.22
CA LYS A 76 -21.63 3.46 -42.12
C LYS A 76 -20.29 3.99 -42.59
N MET A 77 -20.15 4.15 -43.90
CA MET A 77 -19.10 4.96 -44.46
C MET A 77 -19.50 6.39 -44.17
N ASN A 78 -19.03 6.89 -43.03
CA ASN A 78 -19.45 8.17 -42.51
C ASN A 78 -19.21 9.26 -43.54
N PRO A 79 -19.89 10.40 -43.39
CA PRO A 79 -19.74 11.48 -44.35
C PRO A 79 -18.28 11.72 -44.67
N PRO A 80 -17.92 11.64 -45.96
CA PRO A 80 -16.53 11.91 -46.35
C PRO A 80 -15.96 13.17 -45.76
N LYS A 81 -16.80 14.10 -45.30
CA LYS A 81 -16.31 15.15 -44.42
C LYS A 81 -15.56 14.59 -43.22
N PHE A 82 -15.78 13.32 -42.90
CA PHE A 82 -15.01 12.59 -41.91
C PHE A 82 -14.06 11.60 -42.56
N SER A 83 -13.84 11.69 -43.86
CA SER A 83 -12.92 10.79 -44.53
C SER A 83 -11.51 11.38 -44.53
N LYS A 84 -10.52 10.50 -44.44
CA LYS A 84 -9.11 10.88 -44.31
C LYS A 84 -8.89 11.82 -43.14
N VAL A 85 -9.59 11.58 -42.04
CA VAL A 85 -9.50 12.44 -40.86
C VAL A 85 -8.27 12.07 -40.05
N GLU A 86 -7.84 13.01 -39.19
CA GLU A 86 -6.86 12.64 -38.17
C GLU A 86 -7.36 11.46 -37.37
N ASP A 87 -8.43 11.68 -36.62
CA ASP A 87 -8.96 10.71 -35.68
C ASP A 87 -10.16 10.02 -36.32
N MET A 88 -10.08 8.69 -36.43
CA MET A 88 -11.21 7.94 -36.93
C MET A 88 -12.46 8.20 -36.11
N ALA A 89 -12.29 8.50 -34.82
CA ALA A 89 -13.40 8.83 -33.96
C ALA A 89 -14.22 10.02 -34.46
N GLU A 90 -13.63 10.90 -35.27
CA GLU A 90 -14.35 12.02 -35.85
C GLU A 90 -15.45 11.58 -36.81
N LEU A 91 -15.45 10.31 -37.20
CA LEU A 91 -16.50 9.78 -38.06
C LEU A 91 -17.82 9.68 -37.29
N THR A 92 -18.90 9.50 -38.04
CA THR A 92 -20.20 9.30 -37.41
C THR A 92 -20.29 7.94 -36.73
N CYS A 93 -19.94 6.89 -37.47
CA CYS A 93 -19.77 5.54 -36.94
C CYS A 93 -18.50 4.96 -37.54
N LEU A 94 -17.62 4.47 -36.68
CA LEU A 94 -16.22 4.27 -37.07
C LEU A 94 -16.02 3.00 -37.86
N ASN A 95 -17.02 2.57 -38.60
CA ASN A 95 -16.86 1.43 -39.50
C ASN A 95 -15.69 1.66 -40.43
N GLU A 96 -14.94 0.59 -40.66
CA GLU A 96 -13.88 0.63 -41.67
C GLU A 96 -14.43 0.87 -43.06
N ALA A 97 -15.74 0.78 -43.26
CA ALA A 97 -16.34 1.38 -44.45
C ALA A 97 -15.96 2.84 -44.54
N SER A 98 -15.72 3.47 -43.40
CA SER A 98 -15.21 4.83 -43.38
C SER A 98 -13.84 4.94 -42.75
N VAL A 99 -13.56 4.18 -41.67
CA VAL A 99 -12.21 4.18 -41.12
C VAL A 99 -11.21 3.78 -42.20
N LEU A 100 -11.53 2.74 -42.96
CA LEU A 100 -10.63 2.29 -44.02
C LEU A 100 -10.57 3.28 -45.16
N HIS A 101 -11.70 3.91 -45.50
CA HIS A 101 -11.65 5.01 -46.45
C HIS A 101 -10.65 6.06 -45.99
N ASN A 102 -10.73 6.44 -44.71
CA ASN A 102 -9.76 7.37 -44.16
C ASN A 102 -8.36 6.85 -44.38
N LEU A 103 -8.01 5.77 -43.67
CA LEU A 103 -6.69 5.15 -43.76
C LEU A 103 -6.17 5.15 -45.19
N ARG A 104 -7.00 4.68 -46.12
CA ARG A 104 -6.63 4.59 -47.52
C ARG A 104 -6.22 5.95 -48.07
N GLU A 105 -7.11 6.94 -47.93
CA GLU A 105 -6.79 8.28 -48.37
C GLU A 105 -5.58 8.84 -47.64
N ARG A 106 -5.48 8.58 -46.34
CA ARG A 106 -4.44 9.14 -45.49
C ARG A 106 -3.06 8.64 -45.90
N TYR A 107 -2.79 7.36 -45.67
CA TYR A 107 -1.51 6.79 -46.03
C TYR A 107 -1.27 6.88 -47.53
N PHE A 108 -2.35 6.83 -48.32
CA PHE A 108 -2.21 6.96 -49.75
C PHE A 108 -1.86 8.39 -50.13
N SER A 109 -2.43 9.37 -49.41
CA SER A 109 -1.90 10.73 -49.42
C SER A 109 -0.71 10.86 -48.49
N GLY A 110 -0.15 9.75 -48.03
CA GLY A 110 1.04 9.78 -47.22
C GLY A 110 0.82 9.81 -45.73
N LEU A 111 -0.39 10.13 -45.26
CA LEU A 111 -0.67 10.19 -43.83
C LEU A 111 -0.55 8.77 -43.29
N ILE A 112 0.69 8.30 -43.21
CA ILE A 112 0.98 6.96 -42.70
C ILE A 112 0.19 6.71 -41.44
N TYR A 113 0.26 7.64 -40.51
CA TYR A 113 -0.35 7.45 -39.21
C TYR A 113 -1.73 8.07 -39.22
N THR A 114 -2.63 7.41 -38.51
CA THR A 114 -4.06 7.62 -38.59
C THR A 114 -4.60 7.54 -37.19
N TYR A 115 -5.02 8.67 -36.65
CA TYR A 115 -5.56 8.64 -35.31
C TYR A 115 -6.90 7.92 -35.34
N SER A 116 -7.14 7.15 -34.30
CA SER A 116 -8.36 6.37 -34.19
C SER A 116 -8.73 6.46 -32.71
N GLY A 117 -9.54 7.47 -32.39
CA GLY A 117 -9.90 7.69 -31.00
C GLY A 117 -8.71 8.17 -30.22
N LEU A 118 -7.75 7.27 -30.07
CA LEU A 118 -6.50 7.53 -29.38
C LEU A 118 -5.32 6.86 -30.07
N PHE A 119 -5.45 6.45 -31.32
CA PHE A 119 -4.50 5.50 -31.89
C PHE A 119 -3.70 6.16 -32.99
N CYS A 120 -2.39 5.91 -32.98
CA CYS A 120 -1.53 6.16 -34.12
C CYS A 120 -1.50 4.90 -34.95
N VAL A 121 -2.53 4.70 -35.77
CA VAL A 121 -2.48 3.71 -36.82
C VAL A 121 -1.23 4.00 -37.64
N VAL A 122 -0.28 3.08 -37.63
CA VAL A 122 0.85 3.18 -38.51
C VAL A 122 0.53 2.34 -39.74
N ILE A 123 0.01 2.98 -40.76
CA ILE A 123 -0.17 2.30 -42.04
C ILE A 123 1.22 2.19 -42.63
N ASN A 124 1.90 1.12 -42.26
CA ASN A 124 3.34 1.07 -42.40
C ASN A 124 3.77 1.25 -43.84
N PRO A 125 4.40 2.37 -44.18
CA PRO A 125 4.78 2.60 -45.56
C PRO A 125 6.03 1.85 -45.94
N TYR A 126 6.78 1.36 -44.96
CA TYR A 126 8.08 0.74 -45.12
C TYR A 126 9.10 1.77 -45.60
N LYS A 127 8.65 2.99 -45.86
CA LYS A 127 9.52 4.07 -46.30
C LYS A 127 9.54 5.11 -45.20
N GLN A 128 10.53 6.00 -45.26
CA GLN A 128 10.60 7.11 -44.33
C GLN A 128 10.01 8.35 -44.99
N LEU A 129 8.73 8.58 -44.73
CA LEU A 129 8.09 9.79 -45.20
C LEU A 129 8.60 10.99 -44.40
N PRO A 130 8.65 12.15 -45.04
CA PRO A 130 9.25 13.31 -44.39
C PRO A 130 8.46 13.77 -43.18
N ILE A 131 7.37 13.06 -42.90
CA ILE A 131 6.75 13.09 -41.59
C ILE A 131 7.60 12.36 -40.56
N TYR A 132 8.74 11.83 -40.98
CA TYR A 132 9.73 11.26 -40.08
C TYR A 132 10.96 12.15 -40.14
N SER A 133 10.97 13.22 -39.33
CA SER A 133 12.06 14.17 -39.35
C SER A 133 11.98 15.02 -38.10
N GLU A 134 13.06 15.77 -37.85
CA GLU A 134 13.21 16.51 -36.59
C GLU A 134 12.13 17.55 -36.40
N LYS A 135 11.59 18.11 -37.48
CA LYS A 135 10.57 19.14 -37.33
C LYS A 135 9.23 18.54 -36.98
N ILE A 136 8.83 17.47 -37.67
CA ILE A 136 7.66 16.69 -37.26
C ILE A 136 7.71 16.44 -35.77
N ILE A 137 8.81 15.83 -35.35
CA ILE A 137 9.18 15.70 -33.94
C ILE A 137 8.89 16.97 -33.18
N ASP A 138 9.41 18.10 -33.65
CA ASP A 138 9.23 19.34 -32.91
C ASP A 138 7.88 19.96 -33.18
N MET A 139 7.32 19.78 -34.38
CA MET A 139 5.90 20.03 -34.57
C MET A 139 5.07 19.05 -33.76
N TYR A 140 5.73 18.09 -33.14
CA TYR A 140 5.09 17.28 -32.13
C TYR A 140 5.66 17.50 -30.74
N LYS A 141 6.91 17.92 -30.64
CA LYS A 141 7.51 18.18 -29.34
C LYS A 141 6.68 19.19 -28.57
N GLY A 142 6.24 18.81 -27.38
CA GLY A 142 5.30 19.62 -26.65
C GLY A 142 3.93 19.70 -27.26
N LYS A 143 3.72 19.02 -28.39
CA LYS A 143 2.42 18.95 -29.04
C LYS A 143 1.82 17.58 -28.78
N LYS A 144 0.74 17.56 -28.00
CA LYS A 144 0.17 16.33 -27.46
C LYS A 144 -0.16 15.38 -28.60
N ARG A 145 -0.39 14.12 -28.25
CA ARG A 145 -0.66 13.05 -29.18
C ARG A 145 -1.65 13.48 -30.26
N HIS A 146 -2.90 13.70 -29.86
CA HIS A 146 -3.98 13.88 -30.83
C HIS A 146 -4.05 15.29 -31.40
N GLU A 147 -3.42 16.27 -30.73
CA GLU A 147 -3.46 17.65 -31.23
C GLU A 147 -3.07 17.74 -32.68
N MET A 148 -1.81 17.49 -32.98
CA MET A 148 -1.26 17.53 -34.33
C MET A 148 -1.38 16.12 -34.88
N PRO A 149 -1.20 15.92 -36.19
CA PRO A 149 -1.66 14.70 -36.84
C PRO A 149 -1.02 13.46 -36.25
N PRO A 150 -1.51 12.28 -36.60
CA PRO A 150 -1.02 11.07 -35.95
C PRO A 150 0.45 10.84 -36.23
N HIS A 151 1.24 10.66 -35.17
CA HIS A 151 2.62 10.32 -35.41
C HIS A 151 3.36 9.82 -34.19
N ILE A 152 4.20 8.82 -34.43
CA ILE A 152 5.17 8.36 -33.46
C ILE A 152 6.02 9.51 -32.95
N TYR A 153 5.93 10.69 -33.57
CA TYR A 153 6.51 11.88 -32.99
C TYR A 153 5.53 12.57 -32.06
N ALA A 154 4.26 12.67 -32.45
CA ALA A 154 3.22 13.07 -31.50
C ALA A 154 3.13 12.09 -30.35
N ILE A 155 3.16 10.81 -30.68
CA ILE A 155 3.01 9.76 -29.68
C ILE A 155 4.27 9.62 -28.85
N ALA A 156 5.43 9.62 -29.50
CA ALA A 156 6.69 9.64 -28.76
C ALA A 156 6.89 10.97 -28.06
N ASP A 157 6.09 11.99 -28.41
CA ASP A 157 6.13 13.23 -27.66
C ASP A 157 5.31 13.13 -26.39
N THR A 158 4.07 12.68 -26.53
CA THR A 158 3.29 12.33 -25.35
C THR A 158 4.15 11.53 -24.39
N ALA A 159 4.90 10.57 -24.92
CA ALA A 159 5.86 9.88 -24.09
C ALA A 159 6.93 10.83 -23.55
N TYR A 160 7.82 11.31 -24.43
CA TYR A 160 8.97 12.11 -24.03
C TYR A 160 8.62 13.08 -22.92
N ARG A 161 7.49 13.76 -23.05
CA ARG A 161 7.06 14.68 -22.02
C ARG A 161 6.51 13.96 -20.80
N SER A 162 5.59 13.01 -20.97
CA SER A 162 5.04 12.34 -19.80
C SER A 162 6.11 11.65 -19.00
N MET A 163 7.28 11.43 -19.61
CA MET A 163 8.41 10.85 -18.90
C MET A 163 9.38 11.93 -18.44
N LEU A 164 9.33 13.10 -19.09
CA LEU A 164 10.05 14.27 -18.60
C LEU A 164 9.09 15.23 -17.88
N GLN A 165 8.06 15.69 -18.59
CA GLN A 165 7.20 16.75 -18.09
C GLN A 165 6.10 16.22 -17.16
N ASP A 166 5.60 15.01 -17.42
CA ASP A 166 4.75 14.32 -16.47
C ASP A 166 5.51 13.24 -15.71
N ARG A 167 6.76 12.98 -16.09
CA ARG A 167 7.70 12.15 -15.33
C ARG A 167 7.18 10.73 -15.13
N GLU A 168 6.46 10.24 -16.14
CA GLU A 168 6.01 8.86 -16.17
C GLU A 168 6.49 8.25 -17.48
N ASP A 169 7.43 7.33 -17.38
CA ASP A 169 8.00 6.68 -18.55
C ASP A 169 6.90 6.03 -19.37
N GLN A 170 6.85 6.38 -20.66
CA GLN A 170 5.81 5.91 -21.55
C GLN A 170 6.42 4.97 -22.59
N SER A 171 5.54 4.27 -23.30
CA SER A 171 5.95 3.31 -24.31
C SER A 171 5.25 3.64 -25.60
N ILE A 172 6.01 3.66 -26.69
CA ILE A 172 5.48 3.93 -28.01
C ILE A 172 5.62 2.65 -28.81
N LEU A 173 4.49 2.03 -29.13
CA LEU A 173 4.48 0.65 -29.60
C LEU A 173 5.03 0.52 -31.02
N CYS A 174 5.45 -0.70 -31.38
CA CYS A 174 5.66 -1.05 -32.77
C CYS A 174 4.83 -2.30 -33.05
N THR A 175 3.74 -2.45 -32.31
CA THR A 175 2.81 -3.54 -32.56
C THR A 175 2.35 -3.50 -34.01
N GLY A 176 2.36 -4.66 -34.63
CA GLY A 176 2.22 -4.74 -36.07
C GLY A 176 3.29 -5.60 -36.69
N GLU A 177 3.47 -5.43 -37.99
CA GLU A 177 4.47 -6.20 -38.71
C GLU A 177 5.85 -5.97 -38.11
N SER A 178 6.51 -7.04 -37.70
CA SER A 178 7.80 -6.98 -37.03
C SER A 178 8.91 -6.99 -38.05
N GLY A 179 9.78 -5.98 -38.01
CA GLY A 179 10.82 -5.80 -39.00
C GLY A 179 10.29 -5.06 -40.19
N ALA A 180 8.98 -4.85 -40.19
CA ALA A 180 8.30 -4.14 -41.26
C ALA A 180 7.37 -3.08 -40.66
N GLY A 181 7.92 -1.90 -40.41
CA GLY A 181 7.16 -0.89 -39.68
C GLY A 181 7.58 -0.88 -38.24
N LYS A 182 7.77 -2.08 -37.68
CA LYS A 182 8.47 -2.20 -36.40
C LYS A 182 9.78 -1.43 -36.45
N THR A 183 10.58 -1.69 -37.48
CA THR A 183 11.74 -0.86 -37.77
C THR A 183 11.35 0.60 -37.98
N GLU A 184 10.37 0.87 -38.84
CA GLU A 184 9.93 2.25 -39.05
C GLU A 184 9.52 2.91 -37.74
N ASN A 185 8.57 2.31 -37.04
CA ASN A 185 7.97 3.00 -35.91
C ASN A 185 8.94 3.10 -34.75
N THR A 186 9.84 2.13 -34.64
CA THR A 186 10.92 2.22 -33.66
C THR A 186 11.84 3.38 -33.97
N LYS A 187 12.25 3.50 -35.24
CA LYS A 187 13.09 4.62 -35.64
C LYS A 187 12.39 5.94 -35.38
N LYS A 188 11.06 5.99 -35.53
CA LYS A 188 10.37 7.26 -35.29
C LYS A 188 10.36 7.61 -33.81
N VAL A 189 10.14 6.62 -32.94
CA VAL A 189 10.33 6.88 -31.53
C VAL A 189 11.73 7.40 -31.27
N ILE A 190 12.74 6.61 -31.68
CA ILE A 190 14.15 6.98 -31.54
C ILE A 190 14.37 8.42 -31.95
N GLN A 191 13.81 8.81 -33.09
CA GLN A 191 14.17 10.07 -33.71
C GLN A 191 13.46 11.22 -33.01
N TYR A 192 12.18 11.07 -32.69
CA TYR A 192 11.53 12.08 -31.87
C TYR A 192 12.35 12.34 -30.62
N LEU A 193 12.66 11.28 -29.89
CA LEU A 193 13.36 11.49 -28.63
C LEU A 193 14.74 12.07 -28.84
N ALA A 194 15.56 11.50 -29.72
CA ALA A 194 16.91 12.01 -29.92
C ALA A 194 16.90 13.46 -30.36
N VAL A 195 15.83 13.92 -30.98
CA VAL A 195 15.75 15.33 -31.34
C VAL A 195 15.35 16.16 -30.13
N VAL A 196 14.30 15.75 -29.42
CA VAL A 196 13.85 16.52 -28.28
C VAL A 196 14.65 16.15 -27.03
N ALA A 197 14.86 14.87 -26.81
CA ALA A 197 15.69 14.40 -25.72
C ALA A 197 17.10 14.17 -26.23
N SER A 198 18.00 15.08 -25.84
CA SER A 198 19.38 15.05 -26.30
C SER A 198 20.14 13.87 -25.70
N GLY A 210 21.40 10.28 -27.45
CA GLY A 210 20.63 9.97 -28.64
C GLY A 210 21.33 8.98 -29.55
N GLU A 211 22.62 8.77 -29.31
CA GLU A 211 23.45 7.85 -30.08
C GLU A 211 23.02 6.39 -29.90
N LEU A 212 22.49 6.09 -28.72
CA LEU A 212 22.46 4.74 -28.19
C LEU A 212 21.46 3.84 -28.90
N GLU A 213 20.28 4.35 -29.21
CA GLU A 213 19.32 3.64 -30.04
C GLU A 213 19.89 3.24 -31.39
N LYS A 214 20.93 3.95 -31.87
CA LYS A 214 21.52 3.60 -33.15
C LYS A 214 22.23 2.25 -33.08
N GLN A 215 22.88 1.96 -31.95
CA GLN A 215 23.36 0.60 -31.73
C GLN A 215 22.20 -0.37 -31.59
N LEU A 216 21.05 0.13 -31.15
CA LEU A 216 19.80 -0.63 -31.30
C LEU A 216 19.59 -1.04 -32.76
N LEU A 217 19.81 -0.11 -33.69
CA LEU A 217 19.67 -0.44 -35.10
C LEU A 217 20.79 -1.37 -35.55
N GLN A 218 21.79 -1.56 -34.70
CA GLN A 218 22.73 -2.67 -34.86
C GLN A 218 22.38 -3.81 -33.93
N ALA A 219 21.72 -3.49 -32.81
CA ALA A 219 21.10 -4.53 -32.00
C ALA A 219 20.06 -5.30 -32.78
N ASN A 220 19.04 -4.60 -33.28
CA ASN A 220 17.90 -5.19 -33.97
C ASN A 220 18.32 -6.26 -34.96
N PRO A 221 19.17 -5.96 -35.96
CA PRO A 221 19.46 -6.98 -36.99
C PRO A 221 19.97 -8.28 -36.43
N ILE A 222 20.84 -8.24 -35.42
CA ILE A 222 21.34 -9.47 -34.83
C ILE A 222 20.21 -10.18 -34.09
N LEU A 223 19.45 -9.41 -33.33
CA LEU A 223 18.21 -9.88 -32.77
C LEU A 223 17.16 -10.06 -33.86
N GLU A 224 17.34 -9.41 -35.02
CA GLU A 224 16.57 -9.78 -36.20
C GLU A 224 17.24 -10.93 -36.93
N ALA A 225 18.40 -11.36 -36.43
CA ALA A 225 19.01 -12.59 -36.92
C ALA A 225 18.87 -13.71 -35.90
N PHE A 226 19.10 -13.41 -34.63
CA PHE A 226 19.00 -14.41 -33.57
C PHE A 226 17.60 -14.50 -33.00
N GLY A 227 16.77 -13.49 -33.18
CA GLY A 227 15.44 -13.50 -32.61
C GLY A 227 14.33 -13.33 -33.62
N ASN A 228 14.65 -12.79 -34.80
CA ASN A 228 13.69 -12.84 -35.89
C ASN A 228 13.82 -14.18 -36.60
N ALA A 229 12.68 -14.68 -37.06
CA ALA A 229 12.64 -15.75 -38.01
C ALA A 229 11.64 -15.35 -39.09
N LYS A 230 11.87 -15.85 -40.29
CA LYS A 230 11.06 -15.51 -41.45
C LYS A 230 9.61 -15.83 -41.15
N THR A 231 8.70 -15.08 -41.75
CA THR A 231 7.30 -15.47 -41.84
C THR A 231 6.72 -14.85 -43.10
N VAL A 232 5.41 -15.03 -43.29
CA VAL A 232 4.79 -14.58 -44.53
C VAL A 232 4.36 -13.12 -44.44
N LYS A 233 3.82 -12.70 -43.29
CA LYS A 233 3.44 -11.31 -43.11
C LYS A 233 4.66 -10.39 -43.02
N ASN A 234 5.81 -10.93 -42.62
CA ASN A 234 7.06 -10.21 -42.80
C ASN A 234 8.23 -11.17 -42.94
N ASP A 235 9.17 -10.82 -43.79
CA ASP A 235 10.39 -11.58 -43.97
C ASP A 235 11.34 -11.48 -42.79
N ASN A 236 11.75 -10.26 -42.43
CA ASN A 236 12.60 -10.02 -41.29
C ASN A 236 11.66 -9.83 -40.09
N SER A 237 11.04 -10.94 -39.70
CA SER A 237 9.91 -10.91 -38.79
C SER A 237 10.33 -11.32 -37.38
N SER A 238 10.15 -10.40 -36.44
CA SER A 238 10.53 -10.68 -35.06
C SER A 238 9.58 -11.71 -34.46
N ARG A 239 10.02 -12.96 -34.45
CA ARG A 239 9.37 -14.01 -33.70
C ARG A 239 9.69 -13.89 -32.22
N PHE A 240 10.43 -12.85 -31.86
CA PHE A 240 10.71 -12.46 -30.50
C PHE A 240 10.21 -11.04 -30.32
N GLY A 241 9.84 -10.70 -29.10
CA GLY A 241 9.47 -9.35 -28.74
C GLY A 241 10.70 -8.64 -28.19
N LYS A 242 10.60 -7.32 -28.06
CA LYS A 242 11.67 -6.56 -27.44
C LYS A 242 11.15 -5.16 -27.18
N PHE A 243 11.96 -4.38 -26.46
CA PHE A 243 11.67 -2.97 -26.31
C PHE A 243 12.97 -2.22 -26.17
N ILE A 244 12.89 -0.92 -26.44
CA ILE A 244 14.04 -0.04 -26.49
C ILE A 244 13.78 1.05 -25.46
N ARG A 245 14.30 0.85 -24.24
CA ARG A 245 14.22 1.86 -23.19
C ARG A 245 15.14 2.99 -23.60
N ILE A 246 14.58 3.94 -24.32
CA ILE A 246 15.28 5.16 -24.69
C ILE A 246 15.35 6.05 -23.47
N ASN A 247 16.46 5.99 -22.78
CA ASN A 247 16.65 6.70 -21.52
C ASN A 247 16.95 8.16 -21.78
N PHE A 248 16.03 9.02 -21.37
CA PHE A 248 16.28 10.44 -21.32
C PHE A 248 16.78 10.78 -19.94
N ASP A 249 17.66 11.77 -19.89
CA ASP A 249 17.84 12.52 -18.66
C ASP A 249 16.48 12.94 -18.14
N VAL A 250 16.38 13.08 -16.81
CA VAL A 250 15.13 13.52 -16.21
C VAL A 250 14.65 14.81 -16.84
N THR A 251 15.56 15.59 -17.45
CA THR A 251 15.23 16.74 -18.27
C THR A 251 14.67 16.35 -19.63
N GLY A 252 14.38 15.07 -19.85
CA GLY A 252 13.97 14.63 -21.16
C GLY A 252 15.09 14.85 -22.15
N TYR A 253 16.24 14.26 -21.88
CA TYR A 253 17.41 14.32 -22.76
C TYR A 253 18.03 12.94 -22.84
N ILE A 254 18.09 12.37 -24.06
CA ILE A 254 18.49 10.98 -24.17
C ILE A 254 19.92 10.85 -23.69
N VAL A 255 20.07 10.34 -22.47
CA VAL A 255 21.38 10.00 -21.93
C VAL A 255 21.71 8.54 -22.15
N GLY A 256 20.74 7.71 -22.47
CA GLY A 256 20.97 6.30 -22.65
C GLY A 256 19.96 5.73 -23.59
N ALA A 257 20.19 4.49 -24.01
CA ALA A 257 19.15 3.70 -24.63
C ALA A 257 19.56 2.25 -24.54
N ASN A 258 18.76 1.49 -23.80
CA ASN A 258 19.07 0.09 -23.52
C ASN A 258 17.85 -0.71 -23.91
N ILE A 259 18.05 -1.71 -24.76
CA ILE A 259 16.93 -2.51 -25.23
C ILE A 259 16.98 -3.84 -24.49
N GLU A 260 15.82 -4.43 -24.32
CA GLU A 260 15.72 -5.76 -23.72
C GLU A 260 14.74 -6.58 -24.55
N THR A 261 15.17 -7.78 -24.90
CA THR A 261 14.42 -8.64 -25.80
C THR A 261 13.86 -9.83 -25.04
N TYR A 262 12.66 -10.24 -25.46
CA TYR A 262 11.96 -11.38 -24.92
C TYR A 262 11.47 -12.22 -26.10
N LEU A 263 10.76 -13.29 -25.77
CA LEU A 263 10.00 -14.07 -26.75
C LEU A 263 10.92 -14.73 -27.76
N LEU A 264 12.19 -14.83 -27.41
CA LEU A 264 13.10 -15.66 -28.18
C LEU A 264 12.62 -17.10 -28.09
N GLU A 265 12.02 -17.58 -29.17
CA GLU A 265 11.44 -18.93 -29.19
C GLU A 265 12.60 -19.91 -29.30
N LYS A 266 13.10 -20.32 -28.14
CA LYS A 266 14.08 -21.41 -28.09
C LYS A 266 13.72 -22.51 -29.07
N SER A 267 12.42 -22.81 -29.19
CA SER A 267 11.93 -23.66 -30.26
C SER A 267 12.28 -23.12 -31.64
N ARG A 268 12.00 -21.84 -31.91
CA ARG A 268 12.44 -21.27 -33.18
C ARG A 268 13.96 -21.28 -33.28
N ALA A 269 14.66 -21.47 -32.17
CA ALA A 269 16.05 -21.86 -32.25
C ALA A 269 16.23 -23.16 -33.02
N ILE A 270 15.82 -24.28 -32.44
CA ILE A 270 15.98 -25.57 -33.08
C ILE A 270 14.92 -25.86 -34.12
N ARG A 271 13.75 -25.23 -34.06
CA ARG A 271 12.74 -25.45 -35.06
C ARG A 271 12.47 -24.15 -35.78
N GLN A 272 11.66 -24.24 -36.81
CA GLN A 272 11.07 -23.08 -37.45
C GLN A 272 9.59 -23.12 -37.17
N ALA A 273 8.94 -21.95 -37.19
CA ALA A 273 7.51 -22.05 -37.24
C ALA A 273 7.11 -22.72 -38.55
N LYS A 274 5.99 -23.43 -38.51
CA LYS A 274 5.53 -24.16 -39.68
C LYS A 274 5.40 -23.20 -40.85
N ASP A 275 6.13 -23.50 -41.93
CA ASP A 275 6.31 -22.58 -43.07
C ASP A 275 6.96 -21.27 -42.62
N GLU A 276 8.04 -21.38 -41.88
CA GLU A 276 8.84 -20.24 -41.49
C GLU A 276 10.29 -20.68 -41.45
N ARG A 277 11.20 -19.74 -41.30
CA ARG A 277 12.58 -20.07 -41.00
C ARG A 277 12.71 -20.23 -39.49
N THR A 278 13.79 -20.86 -39.07
CA THR A 278 14.15 -20.75 -37.67
C THR A 278 14.72 -19.35 -37.51
N PHE A 279 15.23 -19.04 -36.32
CA PHE A 279 15.82 -17.73 -36.10
C PHE A 279 16.88 -17.44 -37.15
N HIS A 280 16.86 -16.20 -37.66
CA HIS A 280 17.51 -15.91 -38.93
C HIS A 280 18.95 -16.39 -38.94
N ILE A 281 19.71 -16.09 -37.88
CA ILE A 281 21.14 -16.39 -37.88
C ILE A 281 21.41 -17.87 -38.03
N PHE A 282 20.46 -18.73 -37.67
CA PHE A 282 20.66 -20.14 -37.98
C PHE A 282 20.91 -20.41 -39.45
N TYR A 283 19.92 -20.18 -40.30
CA TYR A 283 20.09 -20.34 -41.74
C TYR A 283 21.20 -19.45 -42.26
N TYR A 284 21.16 -18.18 -41.84
CA TYR A 284 22.26 -17.25 -42.06
C TYR A 284 23.59 -17.95 -41.92
N LEU A 285 23.69 -18.83 -40.93
CA LEU A 285 24.96 -19.44 -40.62
C LEU A 285 25.30 -20.52 -41.61
N ILE A 286 24.47 -21.54 -41.71
CA ILE A 286 24.79 -22.66 -42.58
C ILE A 286 25.10 -22.17 -43.99
N ALA A 287 24.39 -21.15 -44.46
CA ALA A 287 24.71 -20.65 -45.78
C ALA A 287 25.86 -19.65 -45.76
N GLY A 288 25.68 -18.52 -45.08
CA GLY A 288 26.59 -17.40 -45.13
C GLY A 288 27.94 -17.60 -44.49
N ALA A 289 28.04 -18.43 -43.46
CA ALA A 289 29.36 -18.78 -42.96
C ALA A 289 30.15 -19.44 -44.06
N SER A 290 31.34 -18.94 -44.31
CA SER A 290 32.24 -19.65 -45.20
C SER A 290 32.50 -21.04 -44.63
N GLU A 291 32.81 -21.99 -45.50
CA GLU A 291 33.09 -23.34 -45.01
C GLU A 291 34.29 -23.34 -44.06
N GLN A 292 35.13 -22.30 -44.15
CA GLN A 292 36.06 -22.02 -43.07
C GLN A 292 35.32 -21.90 -41.74
N MET A 293 34.44 -20.90 -41.62
CA MET A 293 33.57 -20.84 -40.46
C MET A 293 32.78 -22.14 -40.34
N ARG A 294 32.05 -22.51 -41.41
CA ARG A 294 31.19 -23.68 -41.36
C ARG A 294 31.86 -24.90 -40.72
N ASN A 295 33.19 -24.97 -40.77
CA ASN A 295 33.88 -26.11 -40.17
C ASN A 295 34.45 -25.75 -38.80
N ASP A 296 34.78 -24.47 -38.59
CA ASP A 296 34.79 -23.99 -37.21
C ASP A 296 33.43 -24.23 -36.59
N LEU A 297 32.39 -24.18 -37.41
CA LEU A 297 31.02 -24.43 -36.99
C LEU A 297 30.57 -25.84 -37.33
N LEU A 298 31.44 -26.67 -37.90
CA LEU A 298 31.09 -28.03 -38.31
C LEU A 298 29.74 -28.04 -39.00
N LEU A 299 29.48 -26.99 -39.77
CA LEU A 299 28.15 -26.75 -40.29
C LEU A 299 27.76 -27.81 -41.29
N GLU A 300 26.77 -28.59 -40.90
CA GLU A 300 26.02 -29.41 -41.82
C GLU A 300 24.97 -28.51 -42.43
N GLY A 301 24.31 -29.02 -43.46
CA GLY A 301 23.30 -28.23 -44.16
C GLY A 301 22.13 -27.85 -43.28
N PHE A 302 21.30 -26.93 -43.79
CA PHE A 302 20.11 -26.50 -43.09
C PHE A 302 19.20 -27.65 -42.75
N ASN A 303 19.14 -28.67 -43.60
CA ASN A 303 18.36 -29.86 -43.33
C ASN A 303 19.24 -31.07 -43.06
N ASN A 304 20.52 -31.02 -43.42
CA ASN A 304 21.49 -31.95 -42.88
C ASN A 304 21.66 -31.78 -41.39
N TYR A 305 21.50 -30.56 -40.90
CA TYR A 305 21.26 -30.29 -39.50
C TYR A 305 19.78 -30.55 -39.21
N THR A 306 19.54 -31.30 -38.12
CA THR A 306 18.17 -31.54 -37.69
C THR A 306 17.38 -30.26 -37.56
N PHE A 307 18.04 -29.17 -37.21
CA PHE A 307 17.43 -27.87 -37.09
C PHE A 307 17.73 -27.08 -38.35
N LEU A 308 16.98 -26.01 -38.57
CA LEU A 308 16.89 -25.34 -39.87
C LEU A 308 16.17 -26.21 -40.88
N SER A 309 15.36 -27.14 -40.38
CA SER A 309 14.69 -28.12 -41.21
C SER A 309 13.53 -27.44 -41.93
N ASN A 310 13.86 -26.51 -42.83
CA ASN A 310 12.89 -25.82 -43.65
C ASN A 310 13.62 -25.22 -44.84
N GLY A 311 12.97 -25.33 -46.01
CA GLY A 311 13.62 -25.03 -47.27
C GLY A 311 14.01 -23.59 -47.45
N HIS A 312 13.44 -22.70 -46.64
CA HIS A 312 13.80 -21.28 -46.70
C HIS A 312 15.21 -21.19 -46.15
N VAL A 313 16.18 -21.50 -47.01
CA VAL A 313 17.57 -21.31 -46.66
C VAL A 313 17.70 -19.83 -46.33
N PRO A 314 17.61 -18.89 -47.29
CA PRO A 314 17.63 -17.49 -46.90
C PRO A 314 16.22 -17.06 -46.52
N ILE A 315 16.08 -15.76 -46.26
CA ILE A 315 14.77 -15.21 -46.01
C ILE A 315 14.23 -14.70 -47.34
N PRO A 316 12.93 -14.52 -47.49
CA PRO A 316 12.44 -13.57 -48.49
C PRO A 316 13.02 -12.18 -48.25
N ALA A 317 13.44 -11.50 -49.32
CA ALA A 317 13.91 -10.11 -49.27
C ALA A 317 15.01 -9.91 -48.21
N GLN A 318 15.58 -11.03 -47.78
CA GLN A 318 16.82 -11.04 -47.02
C GLN A 318 17.60 -12.25 -47.49
N GLN A 319 18.80 -12.43 -46.95
CA GLN A 319 19.61 -13.58 -47.31
C GLN A 319 20.19 -14.22 -46.06
N ASP A 320 20.43 -15.52 -46.13
CA ASP A 320 21.32 -16.14 -45.17
C ASP A 320 22.69 -15.50 -45.17
N ASP A 321 23.29 -15.34 -46.34
CA ASP A 321 24.70 -14.99 -46.39
C ASP A 321 24.93 -13.56 -45.94
N GLU A 322 24.25 -12.59 -46.54
CA GLU A 322 24.60 -11.22 -46.26
C GLU A 322 23.92 -10.70 -45.00
N MET A 323 22.69 -11.12 -44.72
CA MET A 323 22.15 -10.81 -43.41
C MET A 323 22.88 -11.59 -42.31
N PHE A 324 23.51 -12.70 -42.67
CA PHE A 324 24.41 -13.38 -41.75
C PHE A 324 25.64 -12.54 -41.46
N GLN A 325 26.25 -12.01 -42.52
CA GLN A 325 27.44 -11.21 -42.33
C GLN A 325 27.11 -9.92 -41.60
N GLU A 326 25.96 -9.30 -41.89
CA GLU A 326 25.54 -8.14 -41.12
C GLU A 326 25.24 -8.56 -39.68
N THR A 327 24.79 -9.79 -39.49
CA THR A 327 24.63 -10.30 -38.14
C THR A 327 25.94 -10.26 -37.41
N LEU A 328 26.98 -10.83 -38.03
CA LEU A 328 28.33 -10.73 -37.49
C LEU A 328 28.74 -9.28 -37.24
N GLU A 329 28.52 -8.40 -38.19
CA GLU A 329 29.14 -7.08 -38.07
C GLU A 329 28.38 -6.20 -37.09
N ALA A 330 27.05 -6.28 -37.07
CA ALA A 330 26.29 -5.59 -36.04
C ALA A 330 26.56 -6.23 -34.68
N MET A 331 26.80 -7.55 -34.65
CA MET A 331 27.34 -8.19 -33.46
C MET A 331 28.57 -7.45 -32.97
N THR A 332 29.53 -7.24 -33.87
CA THR A 332 30.76 -6.53 -33.53
C THR A 332 30.46 -5.12 -33.06
N ILE A 333 29.49 -4.46 -33.70
CA ILE A 333 29.09 -3.11 -33.29
C ILE A 333 28.62 -3.13 -31.85
N MET A 334 27.86 -4.16 -31.48
CA MET A 334 27.52 -4.37 -30.09
C MET A 334 28.74 -4.67 -29.24
N GLY A 335 29.84 -5.07 -29.87
CA GLY A 335 31.05 -5.45 -29.15
C GLY A 335 31.51 -6.85 -29.41
N PHE A 336 30.80 -7.64 -30.20
CA PHE A 336 31.27 -8.97 -30.53
C PHE A 336 32.52 -8.91 -31.40
N THR A 337 33.11 -10.08 -31.62
CA THR A 337 34.15 -10.23 -32.62
C THR A 337 33.87 -11.50 -33.41
N GLU A 338 34.39 -11.55 -34.64
CA GLU A 338 34.05 -12.66 -35.52
C GLU A 338 34.61 -13.98 -34.99
N GLU A 339 35.43 -13.93 -33.94
CA GLU A 339 35.67 -15.16 -33.19
C GLU A 339 34.63 -15.36 -32.09
N GLU A 340 34.27 -14.30 -31.37
CA GLU A 340 33.09 -14.42 -30.51
C GLU A 340 31.86 -14.67 -31.35
N GLN A 341 31.76 -13.99 -32.50
CA GLN A 341 30.71 -14.29 -33.46
C GLN A 341 30.87 -15.70 -34.01
N THR A 342 32.11 -16.15 -34.20
CA THR A 342 32.32 -17.49 -34.73
C THR A 342 31.91 -18.55 -33.72
N SER A 343 32.10 -18.28 -32.43
CA SER A 343 31.60 -19.20 -31.41
C SER A 343 30.10 -19.04 -31.23
N ILE A 344 29.58 -17.83 -31.45
CA ILE A 344 28.15 -17.61 -31.63
C ILE A 344 27.60 -18.53 -32.71
N LEU A 345 28.29 -18.59 -33.83
CA LEU A 345 27.87 -19.45 -34.93
C LEU A 345 28.14 -20.90 -34.62
N ARG A 346 29.17 -21.18 -33.83
CA ARG A 346 29.35 -22.51 -33.28
C ARG A 346 28.13 -22.90 -32.46
N VAL A 347 27.52 -21.93 -31.78
CA VAL A 347 26.32 -22.19 -31.00
C VAL A 347 25.14 -22.46 -31.92
N VAL A 348 24.93 -21.59 -32.90
CA VAL A 348 23.93 -21.87 -33.93
C VAL A 348 24.12 -23.28 -34.46
N SER A 349 25.34 -23.56 -34.90
CA SER A 349 25.69 -24.82 -35.55
C SER A 349 25.57 -25.98 -34.59
N SER A 350 25.74 -25.73 -33.30
CA SER A 350 25.81 -26.79 -32.31
C SER A 350 24.45 -27.15 -31.78
N VAL A 351 23.60 -26.15 -31.52
CA VAL A 351 22.17 -26.40 -31.55
C VAL A 351 21.84 -27.29 -32.72
N LEU A 352 22.16 -26.81 -33.93
CA LEU A 352 21.91 -27.57 -35.15
C LEU A 352 22.41 -29.01 -35.06
N GLN A 353 23.63 -29.22 -34.57
CA GLN A 353 24.21 -30.54 -34.40
C GLN A 353 23.44 -31.38 -33.39
N LEU A 354 22.76 -30.73 -32.45
CA LEU A 354 22.14 -31.47 -31.34
C LEU A 354 21.11 -32.47 -31.82
N GLY A 355 20.07 -32.01 -32.52
CA GLY A 355 19.05 -32.92 -32.99
C GLY A 355 19.62 -34.12 -33.73
N ASN A 356 20.84 -33.98 -34.26
CA ASN A 356 21.53 -35.09 -34.91
C ASN A 356 22.11 -36.09 -33.92
N ILE A 357 21.97 -35.87 -32.61
CA ILE A 357 22.52 -36.76 -31.59
C ILE A 357 21.40 -37.63 -31.05
N VAL A 358 21.67 -38.93 -30.92
CA VAL A 358 20.65 -39.88 -30.49
C VAL A 358 21.26 -40.82 -29.46
N PHE A 359 20.38 -41.48 -28.71
CA PHE A 359 20.75 -42.34 -27.58
C PHE A 359 20.35 -43.79 -27.79
N LYS A 360 20.54 -44.62 -26.77
CA LYS A 360 19.86 -45.90 -26.72
C LYS A 360 18.36 -45.65 -26.88
N LYS A 361 17.67 -46.66 -27.41
CA LYS A 361 16.31 -46.44 -27.91
C LYS A 361 15.27 -47.43 -27.43
N GLU A 362 15.40 -47.98 -26.22
CA GLU A 362 14.35 -48.86 -25.69
C GLU A 362 13.13 -48.05 -25.27
N ARG A 363 12.15 -48.75 -24.71
CA ARG A 363 10.90 -48.14 -24.28
C ARG A 363 10.74 -48.12 -22.76
N ASN A 364 11.14 -49.16 -22.07
CA ASN A 364 11.00 -49.26 -20.62
C ASN A 364 11.97 -48.31 -19.94
N THR A 365 12.04 -48.44 -18.61
CA THR A 365 13.08 -47.74 -17.85
C THR A 365 14.42 -47.87 -18.55
N ASP A 366 15.03 -46.74 -18.86
CA ASP A 366 16.14 -46.74 -19.81
C ASP A 366 17.35 -46.04 -19.24
N GLN A 367 18.49 -46.31 -19.86
CA GLN A 367 19.72 -45.57 -19.62
C GLN A 367 20.05 -44.67 -20.80
N ALA A 368 19.55 -45.01 -21.98
CA ALA A 368 19.64 -44.17 -23.17
C ALA A 368 21.07 -43.73 -23.48
N SER A 369 21.98 -44.69 -23.61
CA SER A 369 23.36 -44.34 -23.93
C SER A 369 23.44 -43.97 -25.39
N MET A 370 24.18 -42.91 -25.71
CA MET A 370 24.34 -42.49 -27.09
C MET A 370 25.17 -43.51 -27.86
N PRO A 371 24.59 -44.13 -28.89
CA PRO A 371 25.42 -44.82 -29.88
C PRO A 371 25.82 -43.81 -30.93
N ASP A 372 25.28 -42.61 -30.78
CA ASP A 372 25.59 -41.47 -31.63
C ASP A 372 25.93 -40.29 -30.75
N ASN A 373 27.21 -39.99 -30.67
CA ASN A 373 27.69 -38.72 -30.10
C ASN A 373 28.74 -38.09 -31.00
N THR A 374 28.83 -38.56 -32.25
CA THR A 374 29.67 -37.89 -33.22
C THR A 374 29.05 -36.57 -33.66
N ALA A 375 27.72 -36.54 -33.78
CA ALA A 375 27.03 -35.26 -33.84
C ALA A 375 27.18 -34.53 -32.52
N ALA A 376 27.27 -35.28 -31.43
CA ALA A 376 27.59 -34.65 -30.14
C ALA A 376 29.06 -34.26 -30.07
N GLN A 377 29.95 -35.03 -30.68
CA GLN A 377 31.34 -34.59 -30.78
C GLN A 377 31.44 -33.31 -31.60
N LYS A 378 30.61 -33.20 -32.63
CA LYS A 378 30.55 -31.95 -33.39
C LYS A 378 30.00 -30.82 -32.54
N VAL A 379 28.89 -31.06 -31.84
CA VAL A 379 28.41 -30.12 -30.83
C VAL A 379 29.56 -29.67 -29.96
N CYS A 380 30.24 -30.62 -29.34
CA CYS A 380 31.25 -30.35 -28.32
C CYS A 380 32.50 -29.73 -28.90
N HIS A 381 32.72 -29.85 -30.21
CA HIS A 381 33.77 -29.09 -30.85
C HIS A 381 33.36 -27.63 -31.01
N LEU A 382 32.15 -27.40 -31.54
CA LEU A 382 31.64 -26.04 -31.63
C LEU A 382 31.58 -25.40 -30.27
N MET A 383 31.35 -26.21 -29.25
CA MET A 383 31.15 -25.75 -27.90
C MET A 383 32.42 -25.86 -27.08
N GLY A 384 33.40 -26.61 -27.57
CA GLY A 384 34.55 -26.88 -26.75
C GLY A 384 34.20 -27.62 -25.48
N ILE A 385 33.17 -28.45 -25.51
CA ILE A 385 32.72 -29.13 -24.31
C ILE A 385 33.02 -30.62 -24.42
N ASN A 386 32.72 -31.36 -23.37
CA ASN A 386 33.08 -32.76 -23.25
C ASN A 386 31.97 -33.61 -23.84
N VAL A 387 32.27 -34.33 -24.93
CA VAL A 387 31.26 -35.21 -25.52
C VAL A 387 30.98 -36.40 -24.61
N THR A 388 31.88 -36.70 -23.68
CA THR A 388 31.60 -37.76 -22.73
C THR A 388 30.61 -37.33 -21.65
N ASP A 389 30.84 -36.18 -21.01
CA ASP A 389 29.81 -35.59 -20.16
C ASP A 389 28.54 -35.35 -20.95
N PHE A 390 28.69 -34.80 -22.14
CA PHE A 390 27.57 -34.61 -23.05
C PHE A 390 26.72 -35.86 -23.14
N THR A 391 27.31 -36.92 -23.69
CA THR A 391 26.65 -38.20 -23.77
C THR A 391 26.08 -38.60 -22.42
N ARG A 392 26.96 -38.88 -21.47
CA ARG A 392 26.58 -39.51 -20.20
C ARG A 392 25.38 -38.82 -19.56
N SER A 393 25.40 -37.49 -19.46
CA SER A 393 24.32 -36.86 -18.74
C SER A 393 23.07 -36.72 -19.59
N ILE A 394 23.20 -36.54 -20.92
CA ILE A 394 21.98 -36.47 -21.71
C ILE A 394 21.37 -37.86 -21.86
N LEU A 395 22.12 -38.91 -21.50
CA LEU A 395 21.59 -40.26 -21.58
C LEU A 395 20.35 -40.42 -20.71
N THR A 396 20.52 -40.35 -19.41
CA THR A 396 19.42 -40.30 -18.46
C THR A 396 19.44 -38.89 -17.86
N PRO A 397 18.64 -37.99 -18.41
CA PRO A 397 18.59 -36.63 -17.87
C PRO A 397 18.26 -36.68 -16.39
N ARG A 398 19.26 -36.32 -15.57
CA ARG A 398 19.19 -36.48 -14.14
C ARG A 398 18.13 -35.57 -13.57
N ILE A 399 16.98 -36.15 -13.22
CA ILE A 399 15.84 -35.38 -12.74
C ILE A 399 16.28 -34.72 -11.45
N LYS A 400 16.47 -33.41 -11.55
CA LYS A 400 16.71 -32.58 -10.37
C LYS A 400 15.41 -32.41 -9.63
N VAL A 401 15.15 -33.31 -8.68
CA VAL A 401 13.85 -33.40 -8.04
C VAL A 401 13.57 -32.22 -7.10
N GLY A 402 14.58 -31.69 -6.44
CA GLY A 402 14.40 -30.56 -5.56
C GLY A 402 15.08 -30.75 -4.23
N ARG A 403 15.23 -32.01 -3.82
CA ARG A 403 16.06 -32.35 -2.67
C ARG A 403 16.98 -33.50 -3.08
N ASP A 404 16.66 -34.15 -4.20
CA ASP A 404 17.53 -35.11 -4.85
C ASP A 404 17.67 -34.77 -6.32
N VAL A 405 18.76 -35.22 -6.92
CA VAL A 405 18.95 -35.20 -8.37
C VAL A 405 19.23 -36.62 -8.80
N VAL A 406 18.17 -37.36 -9.06
CA VAL A 406 18.30 -38.78 -9.38
C VAL A 406 18.44 -38.89 -10.89
N GLN A 407 19.57 -39.44 -11.33
CA GLN A 407 19.71 -39.79 -12.73
C GLN A 407 18.81 -40.99 -12.99
N LYS A 408 17.50 -40.76 -12.99
CA LYS A 408 16.49 -41.79 -13.03
C LYS A 408 16.73 -42.66 -14.24
N ALA A 409 16.65 -43.98 -14.05
CA ALA A 409 16.78 -44.91 -15.15
C ALA A 409 15.55 -44.72 -16.02
N GLN A 410 15.51 -43.62 -16.75
CA GLN A 410 14.28 -43.14 -17.35
C GLN A 410 14.37 -43.25 -18.86
N THR A 411 13.23 -42.98 -19.48
CA THR A 411 13.02 -43.12 -20.91
C THR A 411 14.07 -42.38 -21.73
N LYS A 412 14.42 -42.94 -22.89
CA LYS A 412 15.28 -42.22 -23.81
C LYS A 412 14.58 -41.04 -24.45
N GLU A 413 13.25 -41.00 -24.36
CA GLU A 413 12.53 -39.77 -24.70
C GLU A 413 13.14 -38.59 -23.97
N GLN A 414 13.29 -38.72 -22.66
CA GLN A 414 13.98 -37.71 -21.87
C GLN A 414 15.36 -37.43 -22.42
N ALA A 415 16.04 -38.45 -22.95
CA ALA A 415 17.40 -38.28 -23.45
C ALA A 415 17.45 -37.40 -24.68
N ASP A 416 16.77 -37.81 -25.75
CA ASP A 416 16.83 -37.04 -26.99
C ASP A 416 16.14 -35.69 -26.82
N PHE A 417 15.17 -35.61 -25.91
CA PHE A 417 14.56 -34.32 -25.66
C PHE A 417 15.43 -33.47 -24.73
N ALA A 418 16.36 -34.08 -24.01
CA ALA A 418 17.37 -33.30 -23.33
C ALA A 418 18.39 -32.77 -24.32
N ILE A 419 18.68 -33.55 -25.36
CA ILE A 419 19.42 -33.03 -26.51
C ILE A 419 18.71 -31.81 -27.08
N GLU A 420 17.41 -31.94 -27.38
CA GLU A 420 16.69 -30.86 -28.04
C GLU A 420 16.47 -29.67 -27.11
N ALA A 421 16.20 -29.91 -25.83
CA ALA A 421 16.08 -28.83 -24.86
C ALA A 421 17.42 -28.15 -24.65
N LEU A 422 18.49 -28.94 -24.62
CA LEU A 422 19.82 -28.37 -24.63
C LEU A 422 19.97 -27.41 -25.79
N ALA A 423 19.58 -27.83 -26.99
CA ALA A 423 19.73 -26.99 -28.17
C ALA A 423 18.87 -25.73 -28.09
N LYS A 424 17.62 -25.89 -27.65
CA LYS A 424 16.73 -24.74 -27.50
C LYS A 424 17.33 -23.71 -26.55
N ALA A 425 17.70 -24.14 -25.34
CA ALA A 425 18.36 -23.24 -24.40
C ALA A 425 19.71 -22.77 -24.94
N LYS A 426 20.33 -23.56 -25.82
CA LYS A 426 21.66 -23.24 -26.31
C LYS A 426 21.61 -22.03 -27.21
N PHE A 427 20.77 -22.07 -28.24
CA PHE A 427 20.58 -20.88 -29.05
C PHE A 427 19.84 -19.81 -28.28
N GLU A 428 19.13 -20.19 -27.21
CA GLU A 428 18.53 -19.16 -26.37
C GLU A 428 19.59 -18.30 -25.73
N ARG A 429 20.50 -18.90 -24.98
CA ARG A 429 21.62 -18.16 -24.41
C ARG A 429 22.47 -17.54 -25.51
N LEU A 430 22.43 -18.11 -26.72
CA LEU A 430 23.14 -17.50 -27.83
C LEU A 430 22.56 -16.13 -28.16
N PHE A 431 21.28 -16.09 -28.54
CA PHE A 431 20.61 -14.82 -28.79
C PHE A 431 20.62 -13.92 -27.56
N ARG A 432 20.69 -14.52 -26.38
CA ARG A 432 20.68 -13.74 -25.15
C ARG A 432 22.03 -13.06 -24.94
N TRP A 433 23.12 -13.73 -25.28
CA TRP A 433 24.42 -13.06 -25.27
C TRP A 433 24.51 -12.07 -26.42
N ILE A 434 23.84 -12.37 -27.53
CA ILE A 434 23.68 -11.39 -28.59
C ILE A 434 23.09 -10.10 -28.05
N LEU A 435 21.92 -10.20 -27.41
CA LEU A 435 21.29 -9.06 -26.77
C LEU A 435 22.16 -8.49 -25.66
N THR A 436 22.96 -9.32 -25.02
CA THR A 436 23.81 -8.84 -23.94
C THR A 436 24.86 -7.87 -24.47
N ARG A 437 25.59 -8.28 -25.50
CA ARG A 437 26.54 -7.40 -26.18
C ARG A 437 25.82 -6.22 -26.83
N VAL A 438 24.64 -6.49 -27.40
CA VAL A 438 23.71 -5.44 -27.80
C VAL A 438 23.62 -4.36 -26.75
N ASN A 439 23.32 -4.73 -25.51
CA ASN A 439 23.13 -3.73 -24.46
C ASN A 439 24.47 -3.18 -23.99
N LYS A 440 25.54 -3.96 -24.15
CA LYS A 440 26.88 -3.49 -23.80
C LYS A 440 27.23 -2.24 -24.58
N ALA A 441 27.30 -2.35 -25.91
CA ALA A 441 27.62 -1.16 -26.70
C ALA A 441 26.43 -0.22 -26.78
N LEU A 442 25.23 -0.78 -26.88
CA LEU A 442 23.97 -0.08 -27.09
C LEU A 442 23.79 1.10 -26.15
N ASP A 443 23.67 0.83 -24.86
CA ASP A 443 23.39 1.89 -23.92
C ASP A 443 24.66 2.71 -23.68
N LYS A 444 24.49 3.94 -23.22
CA LYS A 444 25.64 4.79 -23.01
C LYS A 444 26.37 4.39 -21.74
N THR A 445 27.64 4.76 -21.66
CA THR A 445 28.36 4.66 -20.41
C THR A 445 27.67 5.47 -19.32
N LYS A 446 27.30 6.71 -19.64
CA LYS A 446 26.57 7.57 -18.71
C LYS A 446 25.12 7.66 -19.16
N ARG A 447 24.20 7.49 -18.21
CA ARG A 447 22.82 7.79 -18.50
C ARG A 447 22.06 8.02 -17.19
N GLN A 448 21.39 9.15 -17.12
CA GLN A 448 20.39 9.42 -16.11
C GLN A 448 19.27 8.39 -16.23
N GLY A 449 18.66 8.31 -17.40
CA GLY A 449 17.61 7.35 -17.64
C GLY A 449 16.36 7.55 -16.82
N ALA A 450 16.28 8.62 -16.03
CA ALA A 450 15.08 8.87 -15.24
C ALA A 450 13.85 8.94 -16.12
N SER A 451 13.95 9.58 -17.26
CA SER A 451 12.93 9.41 -18.27
C SER A 451 13.39 8.27 -19.16
N PHE A 452 12.44 7.57 -19.77
CA PHE A 452 12.77 6.62 -20.81
C PHE A 452 11.50 6.19 -21.50
N LEU A 453 11.61 6.05 -22.81
CA LEU A 453 10.52 5.56 -23.63
C LEU A 453 10.77 4.08 -23.91
N GLY A 454 9.80 3.23 -23.60
CA GLY A 454 9.97 1.85 -23.99
C GLY A 454 9.42 1.60 -25.38
N ILE A 455 10.26 1.63 -26.40
CA ILE A 455 9.80 1.34 -27.76
C ILE A 455 9.44 -0.14 -27.81
N LEU A 456 8.17 -0.45 -28.03
CA LEU A 456 7.82 -1.82 -28.36
C LEU A 456 8.45 -2.16 -29.71
N ASP A 457 8.91 -3.41 -29.85
CA ASP A 457 9.28 -3.99 -31.14
C ASP A 457 8.84 -5.44 -31.12
N ILE A 458 7.74 -5.74 -31.80
CA ILE A 458 7.28 -7.11 -31.92
C ILE A 458 6.29 -7.21 -33.06
N ALA A 459 6.12 -8.43 -33.54
CA ALA A 459 4.98 -8.79 -34.37
C ALA A 459 3.70 -8.37 -33.66
N GLY A 460 2.81 -7.70 -34.38
CA GLY A 460 1.42 -7.62 -33.97
C GLY A 460 0.82 -9.01 -34.07
N PHE A 461 -0.52 -9.07 -34.00
CA PHE A 461 -1.15 -10.35 -34.28
C PHE A 461 -0.69 -10.78 -35.66
N GLU A 462 0.19 -11.77 -35.68
CA GLU A 462 0.78 -12.16 -36.93
C GLU A 462 0.35 -13.59 -37.20
N ILE A 463 -0.85 -13.69 -37.78
CA ILE A 463 -1.51 -14.96 -38.05
C ILE A 463 -1.03 -15.45 -39.40
N PHE A 464 -0.60 -16.70 -39.46
CA PHE A 464 0.01 -17.23 -40.67
C PHE A 464 -0.70 -18.52 -41.08
N GLU A 465 -0.07 -19.23 -42.02
CA GLU A 465 -0.45 -20.58 -42.43
C GLU A 465 -0.98 -21.43 -41.28
N ILE A 466 -0.26 -21.49 -40.17
CA ILE A 466 -0.68 -22.22 -38.99
C ILE A 466 0.20 -21.76 -37.84
N ASN A 467 -0.41 -21.66 -36.66
CA ASN A 467 0.34 -21.23 -35.49
C ASN A 467 0.92 -22.44 -34.79
N SER A 468 2.21 -22.67 -35.05
CA SER A 468 2.98 -23.69 -34.37
C SER A 468 3.32 -23.10 -33.01
N PHE A 469 4.07 -23.86 -32.20
CA PHE A 469 4.40 -23.41 -30.85
C PHE A 469 5.06 -22.04 -30.87
N GLU A 470 5.95 -21.81 -31.84
CA GLU A 470 6.45 -20.47 -32.07
C GLU A 470 5.32 -19.49 -32.36
N GLN A 471 4.50 -19.78 -33.36
CA GLN A 471 3.43 -18.84 -33.67
C GLN A 471 2.33 -18.91 -32.62
N LEU A 472 2.19 -20.04 -31.93
CA LEU A 472 1.37 -20.07 -30.73
C LEU A 472 1.74 -18.94 -29.79
N CYS A 473 3.01 -18.92 -29.35
CA CYS A 473 3.40 -17.92 -28.38
C CYS A 473 3.40 -16.53 -29.00
N ILE A 474 3.66 -16.43 -30.31
CA ILE A 474 3.65 -15.12 -30.95
C ILE A 474 2.25 -14.51 -30.91
N ASN A 475 1.24 -15.25 -31.34
CA ASN A 475 -0.09 -14.66 -31.40
C ASN A 475 -0.71 -14.53 -30.01
N TYR A 476 -0.46 -15.49 -29.12
CA TYR A 476 -0.86 -15.35 -27.73
C TYR A 476 -0.19 -14.13 -27.10
N THR A 477 1.03 -13.85 -27.53
CA THR A 477 1.76 -12.68 -27.08
C THR A 477 1.13 -11.40 -27.59
N ASN A 478 0.83 -11.35 -28.88
CA ASN A 478 0.20 -10.16 -29.45
C ASN A 478 -1.18 -9.96 -28.86
N GLU A 479 -1.80 -11.02 -28.35
CA GLU A 479 -3.05 -10.84 -27.62
C GLU A 479 -2.81 -10.19 -26.27
N LYS A 480 -1.84 -10.68 -25.51
CA LYS A 480 -1.56 -10.02 -24.23
C LYS A 480 -1.06 -8.60 -24.44
N LEU A 481 -0.55 -8.28 -25.64
CA LEU A 481 -0.06 -6.92 -25.92
C LEU A 481 -1.15 -6.00 -26.41
N GLN A 482 -2.02 -6.46 -27.31
CA GLN A 482 -3.16 -5.65 -27.69
C GLN A 482 -4.18 -5.56 -26.58
N GLN A 483 -4.09 -6.43 -25.57
CA GLN A 483 -4.83 -6.17 -24.35
C GLN A 483 -4.28 -4.95 -23.64
N LEU A 484 -2.97 -4.79 -23.63
CA LEU A 484 -2.39 -3.56 -23.09
C LEU A 484 -2.82 -2.36 -23.91
N PHE A 485 -2.84 -2.52 -25.23
CA PHE A 485 -3.28 -1.43 -26.08
C PHE A 485 -4.73 -1.06 -25.76
N ASN A 486 -5.63 -2.03 -25.81
CA ASN A 486 -7.02 -1.81 -25.45
C ASN A 486 -7.12 -1.18 -24.07
N HIS A 487 -6.36 -1.72 -23.12
CA HIS A 487 -6.46 -1.29 -21.73
C HIS A 487 -5.96 0.13 -21.56
N THR A 488 -4.95 0.52 -22.32
CA THR A 488 -4.41 1.87 -22.20
C THR A 488 -5.31 2.88 -22.88
N MET A 489 -5.78 2.56 -24.09
CA MET A 489 -6.69 3.47 -24.76
C MET A 489 -7.99 3.56 -24.00
N PHE A 490 -8.33 2.52 -23.25
CA PHE A 490 -9.51 2.60 -22.41
C PHE A 490 -9.19 3.27 -21.07
N ILE A 491 -7.93 3.23 -20.64
CA ILE A 491 -7.51 4.07 -19.53
C ILE A 491 -7.77 5.52 -19.89
N LEU A 492 -7.38 5.90 -21.10
CA LEU A 492 -7.69 7.25 -21.57
C LEU A 492 -9.17 7.41 -21.88
N GLU A 493 -9.88 6.32 -22.21
CA GLU A 493 -11.33 6.40 -22.40
C GLU A 493 -12.03 6.73 -21.09
N GLN A 494 -11.76 5.96 -20.05
CA GLN A 494 -12.27 6.26 -18.72
C GLN A 494 -11.76 7.61 -18.23
N GLU A 495 -10.59 8.02 -18.69
CA GLU A 495 -10.17 9.40 -18.50
C GLU A 495 -11.20 10.35 -19.07
N GLU A 496 -11.63 10.12 -20.32
CA GLU A 496 -12.66 10.95 -20.92
C GLU A 496 -13.97 10.88 -20.12
N TYR A 497 -14.30 9.68 -19.64
CA TYR A 497 -15.55 9.51 -18.89
C TYR A 497 -15.53 10.33 -17.61
N GLN A 498 -14.51 10.11 -16.77
CA GLN A 498 -14.51 10.67 -15.43
C GLN A 498 -13.99 12.11 -15.42
N ARG A 499 -13.42 12.57 -16.53
CA ARG A 499 -13.23 14.01 -16.71
C ARG A 499 -14.55 14.73 -16.50
N GLU A 500 -15.64 14.11 -16.94
CA GLU A 500 -16.98 14.54 -16.61
C GLU A 500 -17.63 13.58 -15.62
N GLY A 501 -18.91 13.79 -15.35
CA GLY A 501 -19.70 12.80 -14.64
C GLY A 501 -20.34 11.85 -15.62
N ILE A 502 -19.57 11.36 -16.59
CA ILE A 502 -20.10 10.46 -17.60
C ILE A 502 -20.60 9.21 -16.89
N GLU A 503 -21.92 9.05 -16.85
CA GLU A 503 -22.52 7.92 -16.16
C GLU A 503 -22.25 6.61 -16.87
N TRP A 504 -22.38 6.59 -18.19
CA TRP A 504 -22.07 5.42 -19.00
C TRP A 504 -20.56 5.29 -19.06
N ASN A 505 -19.98 4.63 -18.06
CA ASN A 505 -18.56 4.35 -18.01
C ASN A 505 -18.22 2.97 -18.55
N PHE A 506 -17.82 2.88 -19.81
CA PHE A 506 -17.73 1.63 -20.56
C PHE A 506 -16.64 0.71 -20.02
N ILE A 507 -16.48 -0.45 -20.63
CA ILE A 507 -15.64 -1.51 -20.07
C ILE A 507 -14.25 -1.42 -20.68
N ASP A 508 -13.28 -2.05 -20.01
CA ASP A 508 -11.98 -2.30 -20.62
C ASP A 508 -12.12 -3.47 -21.57
N PHE A 509 -12.02 -3.19 -22.86
CA PHE A 509 -12.13 -4.26 -23.85
C PHE A 509 -10.83 -5.00 -24.03
N GLY A 510 -9.79 -4.67 -23.26
CA GLY A 510 -8.65 -5.54 -23.15
C GLY A 510 -9.02 -6.93 -22.68
N LEU A 511 -10.09 -7.04 -21.89
CA LEU A 511 -10.64 -8.34 -21.52
C LEU A 511 -11.06 -9.16 -22.72
N ASP A 512 -11.45 -8.51 -23.83
CA ASP A 512 -11.77 -9.23 -25.06
C ASP A 512 -10.55 -10.01 -25.57
N LEU A 513 -9.39 -9.82 -24.96
CA LEU A 513 -8.19 -10.57 -25.28
C LEU A 513 -7.86 -11.64 -24.25
N GLN A 514 -8.30 -11.43 -23.00
CA GLN A 514 -7.90 -12.30 -21.89
C GLN A 514 -8.21 -13.78 -22.06
N PRO A 515 -9.43 -14.20 -22.44
CA PRO A 515 -9.77 -15.63 -22.31
C PRO A 515 -9.01 -16.55 -23.24
N CYS A 516 -8.35 -16.03 -24.29
CA CYS A 516 -7.44 -16.85 -25.07
C CYS A 516 -6.03 -16.81 -24.51
N ILE A 517 -5.65 -15.69 -23.91
CA ILE A 517 -4.37 -15.60 -23.23
C ILE A 517 -4.27 -16.68 -22.17
N GLU A 518 -5.11 -16.59 -21.13
CA GLU A 518 -5.19 -17.63 -20.12
C GLU A 518 -5.43 -19.00 -20.76
N LEU A 519 -6.12 -19.02 -21.89
CA LEU A 519 -6.38 -20.28 -22.55
C LEU A 519 -5.08 -21.00 -22.89
N ILE A 520 -4.10 -20.28 -23.42
CA ILE A 520 -2.78 -20.83 -23.65
C ILE A 520 -2.05 -21.06 -22.33
N GLU A 521 -2.40 -20.28 -21.32
CA GLU A 521 -1.54 -20.05 -20.17
C GLU A 521 -1.85 -20.98 -18.99
N ARG A 522 -3.12 -21.16 -18.63
CA ARG A 522 -3.58 -21.82 -17.41
C ARG A 522 -2.87 -23.14 -17.15
N PRO A 523 -1.99 -23.22 -16.14
CA PRO A 523 -1.32 -24.50 -15.85
C PRO A 523 -2.21 -25.47 -15.07
N THR A 524 -3.42 -25.02 -14.75
CA THR A 524 -4.43 -25.84 -14.12
C THR A 524 -5.77 -25.27 -14.55
N ASN A 525 -6.86 -25.56 -13.80
CA ASN A 525 -8.19 -25.51 -14.38
C ASN A 525 -8.07 -26.49 -15.53
N PRO A 526 -8.05 -27.80 -15.23
CA PRO A 526 -6.95 -28.66 -15.69
C PRO A 526 -6.40 -28.20 -17.02
N PRO A 527 -5.07 -28.09 -17.11
CA PRO A 527 -4.43 -26.89 -17.66
C PRO A 527 -5.04 -26.22 -18.89
N GLY A 528 -4.72 -24.93 -19.03
CA GLY A 528 -4.97 -24.23 -20.28
C GLY A 528 -4.21 -24.88 -21.40
N VAL A 529 -4.38 -24.33 -22.60
CA VAL A 529 -3.96 -25.03 -23.81
C VAL A 529 -2.52 -25.48 -23.71
N LEU A 530 -1.58 -24.54 -23.86
CA LEU A 530 -0.16 -24.91 -23.87
C LEU A 530 0.26 -25.56 -22.56
N ALA A 531 -0.40 -25.19 -21.46
CA ALA A 531 0.00 -25.77 -20.19
C ALA A 531 -0.45 -27.21 -20.07
N LEU A 532 -1.33 -27.68 -20.95
CA LEU A 532 -1.60 -29.10 -20.99
C LEU A 532 -0.43 -29.86 -21.60
N LEU A 533 0.14 -29.28 -22.66
CA LEU A 533 1.37 -29.83 -23.20
C LEU A 533 2.47 -29.83 -22.15
N ASP A 534 2.53 -28.76 -21.36
CA ASP A 534 3.40 -28.74 -20.20
C ASP A 534 3.07 -29.89 -19.25
N GLU A 535 1.81 -29.98 -18.82
CA GLU A 535 1.31 -31.08 -18.00
C GLU A 535 1.88 -32.41 -18.45
N GLU A 536 1.85 -32.66 -19.75
CA GLU A 536 2.39 -33.90 -20.29
C GLU A 536 3.86 -34.08 -19.92
N CYS A 537 4.69 -33.08 -20.22
CA CYS A 537 6.13 -33.24 -20.12
C CYS A 537 6.65 -33.23 -18.69
N TRP A 538 5.76 -33.21 -17.70
CA TRP A 538 6.16 -33.47 -16.33
C TRP A 538 6.42 -34.95 -16.09
N PHE A 539 6.01 -35.79 -17.02
CA PHE A 539 6.26 -37.22 -16.92
C PHE A 539 7.64 -37.53 -17.46
N PRO A 540 8.16 -38.75 -17.26
CA PRO A 540 9.28 -39.21 -18.10
C PRO A 540 8.88 -39.47 -19.53
N LYS A 541 7.58 -39.45 -19.85
CA LYS A 541 7.06 -39.71 -21.18
C LYS A 541 5.96 -38.70 -21.50
N ALA A 542 6.05 -38.05 -22.65
CA ALA A 542 5.08 -37.01 -22.95
C ALA A 542 5.01 -36.76 -24.45
N THR A 543 3.92 -36.11 -24.86
CA THR A 543 3.63 -35.86 -26.27
C THR A 543 2.94 -34.51 -26.41
N ASP A 544 2.80 -34.07 -27.67
CA ASP A 544 1.76 -33.14 -28.05
C ASP A 544 0.41 -33.82 -28.19
N THR A 545 0.41 -35.14 -28.39
CA THR A 545 -0.84 -35.86 -28.55
C THR A 545 -1.59 -35.96 -27.23
N SER A 546 -0.88 -36.30 -26.15
CA SER A 546 -1.53 -36.26 -24.84
C SER A 546 -1.77 -34.83 -24.39
N PHE A 547 -1.02 -33.87 -24.95
CA PHE A 547 -1.37 -32.47 -24.83
C PHE A 547 -2.76 -32.18 -25.36
N VAL A 548 -3.02 -32.51 -26.63
CA VAL A 548 -4.34 -32.21 -27.18
C VAL A 548 -5.38 -33.14 -26.59
N GLU A 549 -4.95 -34.32 -26.12
CA GLU A 549 -5.81 -35.15 -25.31
C GLU A 549 -6.36 -34.38 -24.12
N LYS A 550 -5.46 -33.86 -23.28
CA LYS A 550 -5.89 -33.10 -22.12
C LYS A 550 -6.62 -31.82 -22.55
N LEU A 551 -6.26 -31.29 -23.71
CA LEU A 551 -7.01 -30.18 -24.30
C LEU A 551 -8.47 -30.52 -24.44
N ILE A 552 -8.77 -31.65 -25.07
CA ILE A 552 -10.17 -32.02 -25.29
C ILE A 552 -10.80 -32.51 -24.00
N GLN A 553 -10.00 -33.12 -23.11
CA GLN A 553 -10.52 -33.61 -21.84
C GLN A 553 -10.97 -32.46 -20.97
N GLU A 554 -10.25 -31.34 -21.00
CA GLU A 554 -10.47 -30.25 -20.06
C GLU A 554 -10.63 -28.92 -20.76
N GLN A 555 -11.15 -28.93 -21.99
CA GLN A 555 -11.54 -27.68 -22.64
C GLN A 555 -12.88 -27.17 -22.16
N GLY A 556 -13.64 -27.97 -21.41
CA GLY A 556 -14.66 -27.37 -20.59
C GLY A 556 -14.09 -26.36 -19.64
N ASN A 557 -12.86 -26.58 -19.18
CA ASN A 557 -12.08 -25.60 -18.46
C ASN A 557 -11.50 -24.54 -19.38
N HIS A 558 -11.58 -24.75 -20.70
CA HIS A 558 -11.17 -23.77 -21.69
C HIS A 558 -12.37 -22.90 -22.07
N ALA A 559 -12.12 -21.60 -22.22
CA ALA A 559 -13.21 -20.66 -22.44
C ALA A 559 -13.17 -20.12 -23.86
N LYS A 560 -12.08 -20.39 -24.56
CA LYS A 560 -11.93 -19.91 -25.93
C LYS A 560 -11.24 -20.93 -26.83
N PHE A 561 -10.94 -22.12 -26.31
CA PHE A 561 -10.17 -23.10 -27.04
C PHE A 561 -11.11 -23.89 -27.93
N GLN A 562 -10.80 -23.94 -29.20
CA GLN A 562 -11.67 -24.55 -30.19
C GLN A 562 -11.03 -25.85 -30.63
N LYS A 563 -11.31 -26.92 -29.89
CA LYS A 563 -11.17 -28.25 -30.43
C LYS A 563 -11.78 -28.30 -31.83
N SER A 564 -11.05 -28.89 -32.76
CA SER A 564 -11.50 -29.00 -34.14
C SER A 564 -12.53 -30.12 -34.26
N LYS A 565 -12.80 -30.52 -35.51
CA LYS A 565 -13.81 -31.53 -35.79
C LYS A 565 -13.58 -32.82 -34.99
N GLN A 566 -14.62 -33.66 -34.88
CA GLN A 566 -14.53 -34.98 -34.27
C GLN A 566 -13.23 -35.68 -34.64
N LEU A 567 -12.88 -35.63 -35.92
CA LEU A 567 -11.68 -36.27 -36.43
C LEU A 567 -10.51 -35.30 -36.59
N LYS A 568 -10.74 -34.00 -36.40
CA LYS A 568 -9.68 -33.02 -36.64
C LYS A 568 -9.02 -32.58 -35.35
N ASP A 569 -9.77 -32.53 -34.26
CA ASP A 569 -9.31 -31.98 -32.99
C ASP A 569 -8.18 -32.74 -32.39
N LYS A 570 -7.97 -33.99 -32.78
CA LYS A 570 -7.02 -34.85 -32.09
C LYS A 570 -5.58 -34.37 -32.19
N THR A 571 -5.23 -33.67 -33.26
CA THR A 571 -3.88 -33.13 -33.40
C THR A 571 -3.82 -31.61 -33.47
N GLU A 572 -4.82 -30.94 -34.02
CA GLU A 572 -4.83 -29.50 -34.07
C GLU A 572 -6.03 -29.00 -33.27
N PHE A 573 -6.12 -27.68 -33.17
CA PHE A 573 -7.21 -27.07 -32.44
C PHE A 573 -7.19 -25.59 -32.76
N CYS A 574 -8.13 -24.87 -32.18
CA CYS A 574 -8.18 -23.44 -32.39
C CYS A 574 -8.48 -22.74 -31.08
N ILE A 575 -8.26 -21.44 -31.08
CA ILE A 575 -8.28 -20.62 -29.89
C ILE A 575 -8.64 -19.20 -30.31
N LEU A 576 -9.76 -18.70 -29.78
CA LEU A 576 -10.50 -17.59 -30.39
C LEU A 576 -9.83 -16.24 -30.10
N HIS A 577 -8.60 -16.10 -30.58
CA HIS A 577 -7.79 -14.95 -30.19
C HIS A 577 -8.42 -13.64 -30.65
N TYR A 578 -7.81 -12.54 -30.21
CA TYR A 578 -8.41 -11.22 -30.42
C TYR A 578 -8.49 -10.85 -31.88
N ALA A 579 -7.45 -11.15 -32.66
CA ALA A 579 -7.47 -10.93 -34.10
C ALA A 579 -8.27 -11.99 -34.83
N GLY A 580 -9.08 -12.75 -34.12
CA GLY A 580 -9.85 -13.82 -34.72
C GLY A 580 -9.48 -15.15 -34.12
N LYS A 581 -10.22 -16.20 -34.44
CA LYS A 581 -9.87 -17.52 -33.96
C LYS A 581 -8.59 -17.98 -34.63
N VAL A 582 -7.49 -18.00 -33.88
CA VAL A 582 -6.21 -18.46 -34.38
C VAL A 582 -6.16 -19.96 -34.18
N THR A 583 -5.88 -20.69 -35.25
CA THR A 583 -5.77 -22.14 -35.16
C THR A 583 -4.38 -22.51 -34.67
N TYR A 584 -4.35 -23.11 -33.49
CA TYR A 584 -3.12 -23.61 -32.89
C TYR A 584 -3.09 -25.12 -33.04
N ASN A 585 -2.16 -25.59 -33.84
CA ASN A 585 -2.02 -27.02 -34.08
C ASN A 585 -0.87 -27.58 -33.25
N ALA A 586 -1.01 -28.84 -32.85
CA ALA A 586 0.07 -29.51 -32.14
C ALA A 586 0.51 -30.71 -32.96
N SER A 587 1.44 -30.48 -33.88
CA SER A 587 2.05 -31.54 -34.67
C SER A 587 3.56 -31.37 -34.64
N ALA A 588 3.99 -30.21 -34.15
CA ALA A 588 5.41 -29.96 -33.93
C ALA A 588 5.67 -29.22 -32.63
N TRP A 589 4.65 -29.02 -31.78
CA TRP A 589 4.87 -28.30 -30.54
C TRP A 589 5.81 -29.04 -29.60
N LEU A 590 5.93 -30.36 -29.71
CA LEU A 590 6.72 -31.12 -28.74
C LEU A 590 8.22 -30.98 -28.94
N THR A 591 8.73 -31.16 -30.16
CA THR A 591 10.11 -30.80 -30.45
C THR A 591 10.36 -29.33 -30.15
N LYS A 592 9.31 -28.53 -30.16
CA LYS A 592 9.34 -27.16 -29.71
C LYS A 592 9.03 -27.00 -28.22
N ASN A 593 8.17 -27.85 -27.67
CA ASN A 593 7.81 -27.84 -26.25
C ASN A 593 7.72 -29.27 -25.77
N MET A 594 8.86 -29.83 -25.37
CA MET A 594 8.88 -30.97 -24.46
C MET A 594 9.87 -30.64 -23.36
N ASP A 595 11.01 -30.10 -23.80
CA ASP A 595 12.10 -29.49 -23.05
C ASP A 595 12.33 -30.08 -21.66
N PRO A 596 12.71 -31.36 -21.54
CA PRO A 596 13.44 -31.74 -20.33
C PRO A 596 14.88 -31.30 -20.51
N LEU A 597 15.26 -30.19 -19.90
CA LEU A 597 16.60 -29.65 -20.16
C LEU A 597 17.62 -30.42 -19.36
N ASN A 598 18.71 -30.81 -20.04
CA ASN A 598 19.84 -31.40 -19.35
C ASN A 598 20.72 -30.25 -18.90
N ASP A 599 20.42 -29.72 -17.72
CA ASP A 599 21.25 -28.70 -17.10
C ASP A 599 22.69 -29.16 -16.91
N ASN A 600 22.92 -30.47 -16.83
CA ASN A 600 24.29 -30.96 -16.72
C ASN A 600 25.08 -30.64 -17.98
N VAL A 601 24.52 -30.91 -19.17
CA VAL A 601 25.26 -30.59 -20.37
C VAL A 601 25.12 -29.12 -20.74
N THR A 602 24.07 -28.46 -20.25
CA THR A 602 24.02 -27.01 -20.43
C THR A 602 25.16 -26.35 -19.66
N SER A 603 25.41 -26.81 -18.44
CA SER A 603 26.58 -26.38 -17.70
C SER A 603 27.86 -26.87 -18.36
N LEU A 604 27.81 -28.03 -19.01
CA LEU A 604 28.96 -28.49 -19.79
C LEU A 604 29.29 -27.49 -20.90
N LEU A 605 28.25 -26.99 -21.56
CA LEU A 605 28.41 -25.86 -22.48
C LEU A 605 28.96 -24.65 -21.75
N ASN A 606 28.64 -24.51 -20.47
CA ASN A 606 29.33 -23.54 -19.62
C ASN A 606 30.71 -24.05 -19.21
N GLN A 607 30.89 -25.37 -19.15
CA GLN A 607 32.18 -26.00 -18.88
C GLN A 607 33.07 -26.04 -20.10
N SER A 608 32.83 -25.16 -21.05
CA SER A 608 33.37 -25.27 -22.40
C SER A 608 34.86 -25.01 -22.43
N SER A 609 35.51 -25.53 -23.48
CA SER A 609 36.83 -25.04 -23.84
C SER A 609 36.76 -23.98 -24.92
N ASP A 610 35.70 -23.98 -25.73
CA ASP A 610 35.44 -22.84 -26.61
C ASP A 610 35.05 -21.67 -25.73
N LYS A 611 35.94 -20.67 -25.65
CA LYS A 611 35.81 -19.60 -24.67
C LYS A 611 34.43 -18.95 -24.66
N PHE A 612 33.92 -18.56 -25.83
CA PHE A 612 32.67 -17.82 -25.83
C PHE A 612 31.49 -18.76 -25.65
N VAL A 613 31.71 -20.05 -25.88
CA VAL A 613 30.67 -21.01 -25.53
C VAL A 613 30.58 -21.17 -24.03
N ALA A 614 31.73 -21.26 -23.34
CA ALA A 614 31.70 -21.22 -21.89
C ALA A 614 31.04 -19.95 -21.39
N ASP A 615 31.38 -18.81 -22.01
CA ASP A 615 30.72 -17.56 -21.67
C ASP A 615 29.22 -17.64 -21.90
N LEU A 616 28.81 -18.25 -23.02
CA LEU A 616 27.43 -18.17 -23.46
C LEU A 616 26.50 -18.93 -22.55
N TRP A 617 26.94 -20.07 -22.03
CA TRP A 617 26.14 -20.87 -21.12
C TRP A 617 26.46 -20.57 -19.67
N LYS A 618 27.02 -19.39 -19.41
CA LYS A 618 26.97 -18.87 -18.05
C LYS A 618 25.54 -18.90 -17.53
N ASP A 619 24.57 -18.74 -18.42
CA ASP A 619 23.19 -19.11 -18.16
C ASP A 619 22.96 -20.55 -18.57
N VAL A 620 22.38 -21.33 -17.67
CA VAL A 620 22.12 -22.75 -17.96
C VAL A 620 20.63 -23.07 -17.86
N MET A 647 15.32 -31.27 -17.24
CA MET A 647 14.61 -32.51 -16.99
C MET A 647 13.12 -32.22 -16.87
N PHE A 648 12.83 -31.12 -16.17
CA PHE A 648 11.48 -30.70 -15.84
C PHE A 648 10.83 -29.82 -16.91
N ARG A 649 9.82 -29.05 -16.47
CA ARG A 649 8.83 -28.34 -17.25
C ARG A 649 9.38 -27.59 -18.47
N THR A 650 8.51 -27.34 -19.44
CA THR A 650 8.89 -27.04 -20.81
C THR A 650 9.15 -25.56 -21.01
N VAL A 651 9.24 -25.18 -22.30
CA VAL A 651 9.45 -23.78 -22.66
C VAL A 651 8.13 -23.13 -23.03
N GLY A 652 7.02 -23.80 -22.78
CA GLY A 652 5.72 -23.18 -23.00
C GLY A 652 5.42 -22.13 -21.94
N GLN A 653 5.56 -22.51 -20.68
CA GLN A 653 5.53 -21.52 -19.61
C GLN A 653 6.61 -20.47 -19.84
N LEU A 654 7.72 -20.84 -20.45
CA LEU A 654 8.79 -19.87 -20.72
C LEU A 654 8.38 -18.85 -21.76
N TYR A 655 7.64 -19.28 -22.79
CA TYR A 655 7.20 -18.32 -23.79
C TYR A 655 6.03 -17.48 -23.27
N LYS A 656 5.15 -18.06 -22.45
CA LYS A 656 4.18 -17.24 -21.72
C LYS A 656 4.89 -16.19 -20.87
N GLU A 657 6.00 -16.59 -20.26
CA GLU A 657 6.80 -15.69 -19.44
C GLU A 657 7.37 -14.55 -20.26
N GLN A 658 7.98 -14.87 -21.40
CA GLN A 658 8.56 -13.84 -22.27
C GLN A 658 7.47 -12.91 -22.81
N LEU A 659 6.31 -13.47 -23.15
CA LEU A 659 5.15 -12.65 -23.40
C LEU A 659 4.93 -11.65 -22.27
N THR A 660 4.65 -12.16 -21.06
CA THR A 660 4.31 -11.26 -19.96
C THR A 660 5.40 -10.23 -19.72
N LYS A 661 6.65 -10.58 -20.06
CA LYS A 661 7.73 -9.60 -20.08
C LYS A 661 7.39 -8.43 -20.99
N LEU A 662 7.14 -8.72 -22.27
CA LEU A 662 6.79 -7.63 -23.18
C LEU A 662 5.47 -6.97 -22.78
N MET A 663 4.60 -7.75 -22.14
CA MET A 663 3.31 -7.23 -21.70
C MET A 663 3.50 -6.11 -20.68
N THR A 664 4.19 -6.40 -19.59
CA THR A 664 4.47 -5.36 -18.61
C THR A 664 5.31 -4.26 -19.23
N THR A 665 6.23 -4.61 -20.13
CA THR A 665 7.01 -3.61 -20.83
C THR A 665 6.11 -2.53 -21.43
N LEU A 666 5.09 -2.94 -22.18
CA LEU A 666 4.12 -1.96 -22.65
C LEU A 666 3.37 -1.34 -21.47
N ARG A 667 3.01 -2.16 -20.49
CA ARG A 667 2.20 -1.72 -19.37
C ARG A 667 3.00 -0.97 -18.31
N ASN A 668 4.34 -1.03 -18.37
CA ASN A 668 5.17 -0.23 -17.47
C ASN A 668 4.93 1.25 -17.65
N THR A 669 4.03 1.63 -18.54
CA THR A 669 3.94 2.97 -19.08
C THR A 669 2.48 3.39 -19.17
N ASN A 670 2.25 4.54 -19.76
CA ASN A 670 0.97 4.86 -20.37
C ASN A 670 1.19 4.69 -21.86
N PRO A 671 0.98 3.49 -22.42
CA PRO A 671 1.26 3.30 -23.83
C PRO A 671 0.56 4.36 -24.67
N ASN A 672 1.35 5.27 -25.20
CA ASN A 672 0.91 6.15 -26.28
C ASN A 672 1.12 5.31 -27.52
N PHE A 673 0.03 5.06 -28.24
CA PHE A 673 0.01 3.96 -29.19
C PHE A 673 0.64 4.35 -30.50
N VAL A 674 1.38 3.41 -31.07
CA VAL A 674 1.90 3.49 -32.42
C VAL A 674 1.87 2.09 -33.00
N ARG A 675 1.18 1.93 -34.12
CA ARG A 675 0.96 0.61 -34.67
C ARG A 675 2.09 0.21 -35.59
N CYS A 676 1.90 -0.89 -36.29
CA CYS A 676 2.48 -1.08 -37.62
C CYS A 676 1.40 -1.72 -38.47
N ILE A 677 0.45 -0.93 -38.95
CA ILE A 677 -0.60 -1.43 -39.81
C ILE A 677 -0.05 -1.49 -41.22
N ILE A 678 -0.36 -2.56 -41.93
CA ILE A 678 0.34 -2.93 -43.14
C ILE A 678 -0.55 -2.67 -44.32
N PRO A 679 -0.23 -1.70 -45.19
CA PRO A 679 -0.89 -1.58 -46.49
C PRO A 679 -0.42 -2.61 -47.51
N ASN A 680 0.76 -3.21 -47.29
CA ASN A 680 1.16 -4.45 -47.96
C ASN A 680 2.33 -5.13 -47.27
N HIS A 681 2.14 -6.37 -46.83
CA HIS A 681 3.14 -7.05 -46.00
C HIS A 681 4.45 -7.29 -46.72
N GLU A 682 4.44 -7.27 -48.04
CA GLU A 682 5.68 -7.39 -48.79
C GLU A 682 6.32 -6.04 -49.06
N LYS A 683 6.12 -5.07 -48.17
CA LYS A 683 6.86 -3.81 -48.14
C LYS A 683 6.58 -2.96 -49.37
N ARG A 684 5.33 -2.51 -49.46
CA ARG A 684 4.92 -1.54 -50.47
C ARG A 684 4.68 -0.18 -49.84
N ALA A 685 5.25 0.84 -50.48
CA ALA A 685 5.20 2.20 -49.96
C ALA A 685 4.04 2.98 -50.58
N GLY A 686 3.40 3.80 -49.75
CA GLY A 686 2.39 4.74 -50.22
C GLY A 686 1.21 4.11 -50.93
N LYS A 687 1.24 2.81 -51.14
CA LYS A 687 0.13 2.08 -51.74
C LYS A 687 -0.78 1.62 -50.63
N LEU A 688 -1.98 2.19 -50.55
CA LEU A 688 -2.89 1.70 -49.55
C LEU A 688 -3.91 0.78 -50.20
N ASP A 689 -3.81 -0.49 -49.85
CA ASP A 689 -4.89 -1.43 -50.05
C ASP A 689 -5.64 -1.50 -48.73
N ALA A 690 -6.86 -0.95 -48.71
CA ALA A 690 -7.65 -0.98 -47.50
C ALA A 690 -7.86 -2.41 -47.01
N HIS A 691 -7.67 -3.39 -47.90
CA HIS A 691 -7.67 -4.78 -47.47
C HIS A 691 -6.60 -5.03 -46.42
N LEU A 692 -5.35 -4.74 -46.74
CA LEU A 692 -4.27 -5.05 -45.83
C LEU A 692 -4.25 -4.11 -44.63
N VAL A 693 -4.73 -2.88 -44.83
CA VAL A 693 -4.79 -1.94 -43.72
C VAL A 693 -5.87 -2.35 -42.73
N LEU A 694 -6.96 -2.93 -43.23
CA LEU A 694 -7.92 -3.56 -42.34
C LEU A 694 -7.33 -4.81 -41.70
N GLU A 695 -6.60 -5.60 -42.50
CA GLU A 695 -5.86 -6.75 -41.99
C GLU A 695 -5.13 -6.39 -40.71
N GLN A 696 -4.41 -5.27 -40.74
CA GLN A 696 -3.57 -4.94 -39.59
C GLN A 696 -4.27 -4.03 -38.59
N LEU A 697 -5.39 -3.41 -38.98
CA LEU A 697 -6.28 -2.85 -37.97
C LEU A 697 -6.77 -3.95 -37.04
N ARG A 698 -7.09 -5.11 -37.61
CA ARG A 698 -7.53 -6.24 -36.80
C ARG A 698 -6.35 -6.93 -36.12
N CYS A 699 -5.38 -7.39 -36.91
CA CYS A 699 -4.24 -8.14 -36.41
C CYS A 699 -3.20 -7.25 -35.78
N ASN A 700 -3.52 -5.99 -35.50
CA ASN A 700 -2.78 -5.19 -34.53
C ASN A 700 -3.69 -4.63 -33.45
N GLY A 701 -4.91 -5.16 -33.33
CA GLY A 701 -5.86 -4.69 -32.34
C GLY A 701 -6.38 -3.29 -32.56
N VAL A 702 -6.20 -2.73 -33.75
CA VAL A 702 -6.38 -1.29 -33.94
C VAL A 702 -7.85 -0.95 -34.12
N LEU A 703 -8.48 -1.49 -35.18
CA LEU A 703 -9.91 -1.32 -35.34
C LEU A 703 -10.67 -1.88 -34.15
N GLU A 704 -10.06 -2.83 -33.44
CA GLU A 704 -10.62 -3.31 -32.18
C GLU A 704 -10.69 -2.20 -31.14
N GLY A 705 -9.58 -1.51 -30.91
CA GLY A 705 -9.63 -0.35 -30.05
C GLY A 705 -10.53 0.74 -30.59
N ILE A 706 -10.68 0.80 -31.91
CA ILE A 706 -11.57 1.78 -32.53
C ILE A 706 -13.00 1.51 -32.12
N ARG A 707 -13.41 0.24 -32.22
CA ARG A 707 -14.66 -0.22 -31.63
C ARG A 707 -14.76 0.18 -30.16
N ILE A 708 -13.66 0.04 -29.41
CA ILE A 708 -13.68 0.50 -28.03
C ILE A 708 -13.99 1.99 -27.97
N CYS A 709 -13.43 2.76 -28.91
CA CYS A 709 -13.65 4.19 -28.94
C CYS A 709 -15.10 4.52 -29.25
N ARG A 710 -15.75 3.70 -30.08
CA ARG A 710 -17.19 3.86 -30.25
C ARG A 710 -17.91 3.72 -28.92
N GLN A 711 -17.43 2.84 -28.04
CA GLN A 711 -17.90 2.83 -26.67
C GLN A 711 -17.22 3.92 -25.86
N GLY A 712 -15.89 3.99 -25.93
CA GLY A 712 -15.15 5.03 -25.25
C GLY A 712 -15.60 6.43 -25.65
N PHE A 713 -15.00 7.45 -25.04
CA PHE A 713 -15.26 8.81 -25.47
C PHE A 713 -14.03 9.33 -26.22
N PRO A 714 -13.92 9.01 -27.47
CA PRO A 714 -12.69 9.34 -28.19
C PRO A 714 -12.78 10.74 -28.77
N ASN A 715 -13.98 11.30 -28.67
CA ASN A 715 -14.29 12.65 -29.10
C ASN A 715 -14.85 13.42 -27.91
N ARG A 716 -14.56 14.72 -27.89
CA ARG A 716 -14.94 15.52 -26.74
C ARG A 716 -15.18 16.97 -27.14
N ILE A 717 -16.41 17.29 -27.51
CA ILE A 717 -16.73 18.59 -28.11
C ILE A 717 -17.03 19.56 -27.00
N VAL A 718 -16.28 20.65 -26.96
CA VAL A 718 -16.37 21.61 -25.87
C VAL A 718 -17.82 22.08 -25.72
N PHE A 719 -18.20 22.39 -24.48
CA PHE A 719 -19.50 22.99 -24.21
C PHE A 719 -19.82 24.15 -25.14
N GLN A 720 -18.96 25.17 -25.18
CA GLN A 720 -19.25 26.28 -26.08
C GLN A 720 -19.22 25.83 -27.54
N GLU A 721 -18.38 24.84 -27.87
CA GLU A 721 -18.46 24.24 -29.19
C GLU A 721 -19.85 23.69 -29.46
N PHE A 722 -20.31 22.78 -28.59
CA PHE A 722 -21.66 22.24 -28.72
C PHE A 722 -22.68 23.35 -28.88
N ARG A 723 -22.53 24.42 -28.12
CA ARG A 723 -23.54 25.47 -28.14
C ARG A 723 -23.54 26.25 -29.44
N GLN A 724 -22.43 26.96 -29.73
CA GLN A 724 -22.36 27.74 -30.96
C GLN A 724 -22.62 26.88 -32.19
N ARG A 725 -22.12 25.64 -32.17
CA ARG A 725 -22.45 24.70 -33.23
C ARG A 725 -23.95 24.50 -33.32
N TYR A 726 -24.62 24.33 -32.18
CA TYR A 726 -26.03 23.97 -32.19
C TYR A 726 -26.93 25.12 -31.79
N GLU A 727 -26.37 26.29 -31.45
CA GLU A 727 -27.19 27.49 -31.36
C GLU A 727 -27.77 27.86 -32.70
N ILE A 728 -26.89 28.12 -33.68
CA ILE A 728 -27.34 28.38 -35.05
C ILE A 728 -28.31 27.30 -35.47
N LEU A 729 -28.07 26.06 -35.03
CA LEU A 729 -29.03 24.98 -35.11
C LEU A 729 -30.26 25.24 -34.23
N ALA A 730 -30.08 25.36 -32.91
CA ALA A 730 -31.15 25.87 -32.05
C ALA A 730 -30.63 26.16 -30.64
N ALA A 731 -30.98 27.32 -30.10
CA ALA A 731 -30.70 27.65 -28.72
C ALA A 731 -31.94 28.27 -28.09
N ASN A 732 -32.89 28.60 -28.96
CA ASN A 732 -34.24 29.08 -28.64
C ASN A 732 -34.27 30.52 -28.13
N ALA A 733 -33.13 31.09 -27.76
CA ALA A 733 -33.14 32.49 -27.37
C ALA A 733 -31.84 33.22 -27.68
N ILE A 734 -30.87 32.53 -28.28
CA ILE A 734 -29.47 32.95 -28.20
C ILE A 734 -28.92 33.13 -29.60
N PRO A 735 -28.01 34.08 -29.82
CA PRO A 735 -27.07 33.99 -30.93
C PRO A 735 -25.94 33.05 -30.53
N LYS A 736 -25.01 32.82 -31.47
CA LYS A 736 -24.01 31.79 -31.24
C LYS A 736 -23.22 32.10 -29.98
N GLY A 737 -23.30 31.20 -29.01
CA GLY A 737 -22.66 31.41 -27.72
C GLY A 737 -23.64 31.88 -26.66
N PHE A 738 -23.78 31.09 -25.60
CA PHE A 738 -24.57 31.49 -24.46
C PHE A 738 -23.72 31.33 -23.21
N MET A 739 -24.31 31.65 -22.06
CA MET A 739 -23.52 31.87 -20.85
C MET A 739 -22.97 30.57 -20.29
N ASP A 740 -23.85 29.63 -19.96
CA ASP A 740 -23.48 28.45 -19.18
C ASP A 740 -23.01 27.34 -20.11
N GLY A 741 -21.70 27.14 -20.17
CA GLY A 741 -21.14 26.04 -20.94
C GLY A 741 -21.92 24.75 -20.77
N LYS A 742 -22.16 24.37 -19.52
CA LYS A 742 -22.90 23.16 -19.23
C LYS A 742 -24.40 23.33 -19.50
N GLN A 743 -25.03 24.27 -18.80
CA GLN A 743 -26.49 24.36 -18.87
C GLN A 743 -26.97 24.97 -20.18
N ALA A 744 -26.25 25.94 -20.74
CA ALA A 744 -26.68 26.43 -22.05
C ALA A 744 -26.41 25.38 -23.12
N CYS A 745 -25.46 24.47 -22.88
CA CYS A 745 -25.39 23.28 -23.70
C CYS A 745 -26.64 22.44 -23.56
N ILE A 746 -27.12 22.22 -22.33
CA ILE A 746 -28.37 21.49 -22.17
C ILE A 746 -29.51 22.25 -22.84
N LEU A 747 -29.40 23.58 -22.87
CA LEU A 747 -30.39 24.42 -23.54
C LEU A 747 -30.41 24.14 -25.03
N MET A 748 -29.26 24.19 -25.67
CA MET A 748 -29.17 23.88 -27.09
C MET A 748 -29.27 22.39 -27.33
N ILE A 749 -29.34 21.61 -26.25
CA ILE A 749 -29.66 20.19 -26.33
C ILE A 749 -31.15 19.98 -26.46
N LYS A 750 -31.92 20.62 -25.57
CA LYS A 750 -33.38 20.60 -25.69
C LYS A 750 -33.81 21.36 -26.93
N ALA A 751 -32.98 22.29 -27.38
CA ALA A 751 -33.19 22.95 -28.66
C ALA A 751 -32.74 22.04 -29.80
N LEU A 752 -31.74 21.21 -29.54
CA LEU A 752 -31.52 20.01 -30.33
C LEU A 752 -32.55 18.95 -30.07
N GLU A 753 -33.34 19.12 -29.02
CA GLU A 753 -34.37 18.16 -28.62
C GLU A 753 -33.74 16.79 -28.37
N LEU A 754 -32.70 16.80 -27.53
CA LEU A 754 -31.98 15.60 -27.16
C LEU A 754 -31.69 15.64 -25.68
N ASP A 755 -30.77 14.77 -25.27
CA ASP A 755 -30.06 14.85 -24.01
C ASP A 755 -28.85 13.94 -24.10
N PRO A 756 -27.79 14.26 -23.39
CA PRO A 756 -26.52 13.56 -23.58
C PRO A 756 -26.52 12.15 -23.02
N ASN A 757 -26.46 11.15 -23.90
CA ASN A 757 -26.33 9.78 -23.44
C ASN A 757 -25.23 9.07 -24.22
N LEU A 758 -25.15 9.36 -25.51
CA LEU A 758 -23.98 9.01 -26.31
C LEU A 758 -23.06 10.21 -26.45
N TYR A 759 -23.58 11.40 -26.16
CA TYR A 759 -22.75 12.54 -25.81
C TYR A 759 -22.96 12.79 -24.34
N ARG A 760 -22.31 13.82 -23.82
CA ARG A 760 -22.26 14.01 -22.38
C ARG A 760 -22.18 15.47 -22.03
N ILE A 761 -23.23 15.98 -21.40
CA ILE A 761 -23.11 17.18 -20.57
C ILE A 761 -22.21 16.85 -19.41
N GLY A 762 -20.97 17.28 -19.51
CA GLY A 762 -20.01 17.06 -18.47
C GLY A 762 -19.73 18.30 -17.66
N GLN A 763 -18.45 18.55 -17.44
CA GLN A 763 -18.02 19.68 -16.64
C GLN A 763 -17.31 20.73 -17.47
N SER A 764 -16.70 20.33 -18.58
CA SER A 764 -15.98 21.27 -19.44
C SER A 764 -16.41 21.10 -20.89
N LYS A 765 -16.83 19.90 -21.25
CA LYS A 765 -17.24 19.61 -22.62
C LYS A 765 -18.42 18.66 -22.60
N ILE A 766 -19.20 18.71 -23.66
CA ILE A 766 -20.06 17.61 -24.02
C ILE A 766 -19.16 16.61 -24.73
N PHE A 767 -18.75 15.59 -24.00
CA PHE A 767 -17.93 14.57 -24.62
C PHE A 767 -18.80 13.72 -25.53
N PHE A 768 -18.33 13.44 -26.73
CA PHE A 768 -19.10 12.68 -27.68
C PHE A 768 -18.47 11.31 -27.88
N ARG A 769 -19.24 10.26 -27.64
CA ARG A 769 -18.88 8.96 -28.17
C ARG A 769 -19.05 9.00 -29.69
N THR A 770 -18.66 7.93 -30.35
CA THR A 770 -19.05 7.73 -31.74
C THR A 770 -20.58 7.70 -31.83
N GLY A 771 -21.10 8.38 -32.84
CA GLY A 771 -22.55 8.45 -32.98
C GLY A 771 -23.06 9.89 -33.04
N VAL A 772 -23.73 10.30 -31.96
CA VAL A 772 -24.42 11.58 -31.86
C VAL A 772 -23.51 12.74 -32.27
N LEU A 773 -22.20 12.53 -32.19
CA LEU A 773 -21.26 13.57 -32.57
C LEU A 773 -21.51 14.08 -33.98
N ALA A 774 -21.30 13.22 -34.96
CA ALA A 774 -21.37 13.67 -36.34
C ALA A 774 -22.81 13.84 -36.81
N HIS A 775 -23.75 13.13 -36.18
CA HIS A 775 -25.16 13.41 -36.43
C HIS A 775 -25.49 14.86 -36.05
N LEU A 776 -25.06 15.29 -34.87
CA LEU A 776 -25.28 16.67 -34.46
C LEU A 776 -24.47 17.64 -35.32
N GLU A 777 -23.28 17.24 -35.75
CA GLU A 777 -22.53 18.03 -36.72
C GLU A 777 -23.35 18.26 -37.98
N GLU A 778 -23.99 17.20 -38.48
CA GLU A 778 -24.80 17.29 -39.69
C GLU A 778 -26.00 18.20 -39.47
N GLU A 779 -26.66 18.08 -38.32
CA GLU A 779 -27.80 18.95 -38.01
C GLU A 779 -27.36 20.41 -37.96
N ARG A 780 -26.25 20.69 -37.26
CA ARG A 780 -25.70 22.03 -37.20
C ARG A 780 -25.41 22.57 -38.59
N ASP A 781 -24.75 21.78 -39.42
CA ASP A 781 -24.40 22.21 -40.77
C ASP A 781 -25.65 22.52 -41.59
N LEU A 782 -26.64 21.63 -41.55
CA LEU A 782 -27.88 21.87 -42.26
C LEU A 782 -28.52 23.18 -41.84
N LYS A 783 -28.63 23.42 -40.54
CA LYS A 783 -29.29 24.64 -40.08
C LYS A 783 -28.44 25.88 -40.39
N ILE A 784 -27.11 25.71 -40.43
CA ILE A 784 -26.26 26.82 -40.86
C ILE A 784 -26.59 27.22 -42.28
N THR A 785 -26.67 26.24 -43.19
CA THR A 785 -27.12 26.51 -44.55
C THR A 785 -28.47 27.22 -44.55
N ASP A 786 -29.42 26.68 -43.79
CA ASP A 786 -30.77 27.21 -43.72
C ASP A 786 -30.78 28.68 -43.37
N VAL A 787 -30.13 29.03 -42.25
CA VAL A 787 -30.21 30.39 -41.74
C VAL A 787 -29.42 31.34 -42.63
N ILE A 788 -28.27 30.87 -43.16
CA ILE A 788 -27.51 31.68 -44.10
C ILE A 788 -28.37 32.07 -45.28
N ILE A 789 -28.98 31.08 -45.94
CA ILE A 789 -29.72 31.36 -47.18
C ILE A 789 -31.00 32.14 -46.87
N ALA A 790 -31.61 31.87 -45.72
CA ALA A 790 -32.80 32.62 -45.33
C ALA A 790 -32.47 34.10 -45.15
N PHE A 791 -31.39 34.40 -44.43
CA PHE A 791 -31.00 35.79 -44.29
C PHE A 791 -30.57 36.38 -45.63
N GLN A 792 -30.02 35.55 -46.51
CA GLN A 792 -29.54 36.09 -47.78
C GLN A 792 -30.70 36.53 -48.68
N ALA A 793 -31.77 35.73 -48.73
CA ALA A 793 -32.92 36.11 -49.55
C ALA A 793 -33.71 37.24 -48.89
N GLN A 794 -34.02 37.10 -47.59
CA GLN A 794 -34.64 38.19 -46.87
C GLN A 794 -33.77 39.43 -46.95
N CYS A 795 -32.46 39.25 -47.15
CA CYS A 795 -31.56 40.39 -47.25
C CYS A 795 -31.58 40.98 -48.64
N ARG A 796 -31.82 40.18 -49.66
CA ARG A 796 -31.98 40.75 -50.99
C ARG A 796 -33.19 41.67 -51.04
N GLY A 797 -34.34 41.16 -50.59
CA GLY A 797 -35.48 42.06 -50.46
C GLY A 797 -35.21 43.22 -49.55
N TYR A 798 -34.70 42.91 -48.36
CA TYR A 798 -34.23 43.86 -47.36
C TYR A 798 -33.36 44.96 -47.96
N LEU A 799 -32.55 44.61 -48.95
CA LEU A 799 -31.59 45.55 -49.49
C LEU A 799 -32.20 46.37 -50.60
N ALA A 800 -33.17 45.81 -51.30
CA ALA A 800 -34.08 46.66 -52.04
C ALA A 800 -34.73 47.68 -51.10
N ARG A 801 -35.06 47.24 -49.88
CA ARG A 801 -35.73 48.13 -48.93
C ARG A 801 -34.83 49.30 -48.55
N LYS A 802 -33.63 48.99 -48.05
CA LYS A 802 -32.65 50.03 -47.80
C LYS A 802 -32.33 50.80 -49.07
N ALA A 803 -32.57 50.19 -50.23
CA ALA A 803 -32.09 50.66 -51.51
C ALA A 803 -33.13 51.42 -52.33
N PHE A 804 -34.36 51.58 -51.81
CA PHE A 804 -35.50 51.92 -52.65
C PHE A 804 -35.19 53.04 -53.64
N ALA A 805 -35.16 54.27 -53.14
CA ALA A 805 -34.55 55.46 -53.70
C ALA A 805 -35.09 56.63 -52.88
N LYS A 806 -34.70 57.86 -53.22
CA LYS A 806 -35.39 59.02 -52.67
C LYS A 806 -36.66 59.36 -53.46
N ARG A 807 -36.81 58.82 -54.67
CA ARG A 807 -38.12 58.89 -55.34
C ARG A 807 -39.20 58.29 -54.45
N GLN A 808 -38.84 57.28 -53.66
CA GLN A 808 -39.73 56.77 -52.63
C GLN A 808 -40.29 57.89 -51.76
N GLN A 809 -39.40 58.70 -51.19
CA GLN A 809 -39.82 59.71 -50.24
C GLN A 809 -40.56 60.85 -50.93
N GLN A 810 -40.15 61.21 -52.15
CA GLN A 810 -40.88 62.28 -52.84
C GLN A 810 -42.28 61.81 -53.24
N LEU A 811 -42.42 60.53 -53.57
CA LEU A 811 -43.74 59.97 -53.86
C LEU A 811 -44.63 59.97 -52.62
N THR A 812 -44.08 59.54 -51.49
CA THR A 812 -44.82 59.65 -50.24
C THR A 812 -45.20 61.10 -49.95
N ALA A 813 -44.31 62.04 -50.28
CA ALA A 813 -44.58 63.45 -50.02
C ALA A 813 -45.72 63.97 -50.89
N MET A 814 -45.73 63.63 -52.18
CA MET A 814 -46.83 64.08 -53.03
C MET A 814 -48.14 63.41 -52.60
N LYS A 815 -48.05 62.20 -52.05
CA LYS A 815 -49.25 61.61 -51.46
C LYS A 815 -49.75 62.42 -50.27
N VAL A 816 -48.82 62.91 -49.43
CA VAL A 816 -49.23 63.76 -48.32
C VAL A 816 -49.84 65.06 -48.83
N ILE A 817 -49.35 65.57 -49.96
CA ILE A 817 -49.96 66.76 -50.55
C ILE A 817 -51.40 66.48 -50.96
N GLN A 818 -51.63 65.32 -51.58
CA GLN A 818 -53.00 64.93 -51.89
C GLN A 818 -53.85 64.83 -50.62
N ARG A 819 -53.26 64.29 -49.55
CA ARG A 819 -53.98 64.17 -48.28
C ARG A 819 -54.37 65.54 -47.74
N ASN A 820 -53.46 66.51 -47.79
CA ASN A 820 -53.76 67.83 -47.23
C ASN A 820 -54.75 68.59 -48.10
N CYS A 821 -54.70 68.39 -49.42
CA CYS A 821 -55.73 68.96 -50.28
C CYS A 821 -57.10 68.42 -49.93
N ALA A 822 -57.20 67.09 -49.76
CA ALA A 822 -58.45 66.49 -49.31
C ALA A 822 -58.85 67.05 -47.94
N ALA A 823 -57.87 67.35 -47.09
CA ALA A 823 -58.18 67.87 -45.76
C ALA A 823 -58.77 69.27 -45.82
N TYR A 824 -58.26 70.11 -46.72
CA TYR A 824 -58.82 71.45 -46.87
C TYR A 824 -60.20 71.40 -47.53
N LEU A 825 -60.41 70.41 -48.40
CA LEU A 825 -61.78 70.14 -48.85
C LEU A 825 -62.62 69.56 -47.72
N LYS A 826 -61.96 69.04 -46.68
CA LYS A 826 -62.66 68.43 -45.57
C LYS A 826 -63.23 69.46 -44.61
N LEU A 827 -62.37 70.30 -44.04
CA LEU A 827 -62.85 71.04 -42.87
C LEU A 827 -63.10 72.52 -43.11
N ARG A 828 -62.46 73.12 -44.11
CA ARG A 828 -62.54 74.56 -44.27
C ARG A 828 -63.87 75.02 -44.84
N ASN A 829 -64.77 74.08 -45.16
CA ASN A 829 -66.06 74.46 -45.73
C ASN A 829 -67.15 74.53 -44.68
N TRP A 830 -67.42 73.42 -44.00
CA TRP A 830 -68.48 73.40 -43.00
C TRP A 830 -68.00 74.10 -41.72
N GLN A 831 -68.93 74.43 -40.84
CA GLN A 831 -68.60 75.15 -39.62
C GLN A 831 -67.89 74.25 -38.63
N TRP A 832 -66.67 73.83 -38.98
CA TRP A 832 -65.78 73.14 -38.07
C TRP A 832 -64.38 73.68 -38.33
N TRP A 833 -64.33 74.70 -39.17
CA TRP A 833 -63.16 75.54 -39.38
C TRP A 833 -63.31 76.90 -38.71
N ARG A 834 -64.52 77.23 -38.24
CA ARG A 834 -64.73 78.49 -37.54
C ARG A 834 -65.30 78.27 -36.14
N LEU A 835 -65.17 77.07 -35.58
CA LEU A 835 -65.75 76.73 -34.29
C LEU A 835 -64.65 76.60 -33.23
N PHE A 836 -63.49 77.18 -33.50
CA PHE A 836 -62.55 77.45 -32.42
C PHE A 836 -61.92 78.83 -32.63
N THR A 837 -62.44 79.57 -33.62
CA THR A 837 -61.87 80.86 -33.95
C THR A 837 -62.85 81.96 -33.57
N LYS A 838 -62.47 83.20 -33.93
CA LYS A 838 -63.27 84.39 -33.72
C LYS A 838 -63.40 84.75 -32.25
N VAL A 839 -62.75 83.98 -31.38
CA VAL A 839 -62.75 84.25 -29.94
C VAL A 839 -61.33 84.42 -29.39
N LYS A 840 -60.35 83.71 -29.95
CA LYS A 840 -58.99 83.87 -29.49
C LYS A 840 -58.39 85.24 -29.83
N PRO A 841 -58.95 85.98 -30.82
CA PRO A 841 -58.65 87.42 -30.86
C PRO A 841 -58.98 88.15 -29.57
N LEU A 842 -59.73 87.52 -28.67
CA LEU A 842 -59.99 88.08 -27.34
C LEU A 842 -59.61 87.06 -26.26
N LEU A 843 -58.87 86.03 -26.63
CA LEU A 843 -58.39 85.05 -25.66
C LEU A 843 -56.87 85.05 -25.59
N SER B 1 10.76 27.63 30.48
CA SER B 1 9.37 27.90 30.77
C SER B 1 8.61 28.30 29.51
N GLN B 2 7.35 28.67 29.66
CA GLN B 2 6.50 28.97 28.53
C GLN B 2 6.88 30.32 27.94
N LYS B 3 7.80 30.30 26.99
CA LYS B 3 8.18 31.51 26.31
C LYS B 3 8.41 31.22 24.84
N PRO B 4 7.39 31.34 24.00
CA PRO B 4 7.61 31.15 22.56
C PRO B 4 8.48 32.27 22.02
N LEU B 5 8.35 33.43 22.64
CA LEU B 5 9.11 34.63 22.28
C LEU B 5 10.58 34.51 22.63
N SER B 6 10.93 33.69 23.61
CA SER B 6 12.33 33.46 23.95
C SER B 6 12.68 32.05 23.53
N ASP B 7 13.50 31.92 22.49
CA ASP B 7 14.04 30.64 22.11
C ASP B 7 14.85 30.04 23.24
N ASP B 8 15.29 30.87 24.17
CA ASP B 8 15.77 30.42 25.47
C ASP B 8 14.71 29.72 26.28
N GLU B 9 13.44 29.84 25.90
CA GLU B 9 12.38 29.02 26.45
C GLU B 9 11.31 28.68 25.43
N LYS B 10 11.61 28.80 24.14
CA LYS B 10 10.64 28.35 23.13
C LYS B 10 10.54 26.84 23.11
N PHE B 11 11.67 26.15 23.02
CA PHE B 11 11.67 24.72 23.24
C PHE B 11 11.07 24.38 24.58
N LEU B 12 11.12 25.33 25.52
CA LEU B 12 10.43 25.27 26.78
C LEU B 12 9.00 25.78 26.72
N PHE B 13 8.66 26.60 25.73
CA PHE B 13 7.30 27.06 25.56
C PHE B 13 6.36 25.87 25.44
N VAL B 14 5.08 26.13 25.70
CA VAL B 14 4.02 25.15 25.55
C VAL B 14 3.05 25.68 24.50
N ASP B 15 3.29 25.29 23.25
CA ASP B 15 2.45 25.62 22.12
C ASP B 15 1.31 24.64 22.04
N LYS B 16 0.10 25.16 22.16
CA LYS B 16 -1.13 24.37 22.15
C LYS B 16 -2.31 25.32 22.18
N ASN B 17 -3.48 24.87 21.74
CA ASN B 17 -4.68 25.66 21.91
C ASN B 17 -4.95 25.83 23.39
N PHE B 18 -4.93 27.07 23.86
CA PHE B 18 -5.31 27.37 25.23
C PHE B 18 -6.71 27.96 25.23
N VAL B 19 -7.71 27.10 25.40
CA VAL B 19 -9.08 27.60 25.61
C VAL B 19 -9.43 27.35 27.06
N ASN B 20 -9.20 26.13 27.55
CA ASN B 20 -9.36 25.76 28.96
C ASN B 20 -10.70 26.27 29.52
N ASN B 21 -11.63 26.47 28.61
CA ASN B 21 -12.95 27.02 28.90
C ASN B 21 -13.94 25.94 28.49
N PRO B 22 -15.07 25.84 29.17
CA PRO B 22 -16.12 24.95 28.67
C PRO B 22 -16.70 25.50 27.38
N LEU B 23 -15.85 25.46 26.35
CA LEU B 23 -16.26 25.43 24.96
C LEU B 23 -15.05 25.01 24.14
N ALA B 24 -15.07 23.79 23.65
CA ALA B 24 -14.02 23.31 22.74
C ALA B 24 -14.63 22.51 21.60
N GLN B 25 -15.95 22.40 21.54
CA GLN B 25 -16.64 22.14 20.29
C GLN B 25 -17.03 23.49 19.69
N ALA B 26 -16.03 24.37 19.72
CA ALA B 26 -16.01 25.58 18.92
C ALA B 26 -14.62 25.79 18.35
N ASP B 27 -13.66 24.92 18.69
CA ASP B 27 -12.33 24.89 18.07
C ASP B 27 -11.98 23.44 17.74
N TRP B 28 -12.96 22.55 17.88
CA TRP B 28 -12.73 21.12 17.75
C TRP B 28 -14.08 20.41 17.82
N SER B 29 -14.04 19.09 17.66
CA SER B 29 -15.24 18.27 17.71
C SER B 29 -15.17 17.25 18.84
N ALA B 30 -16.34 16.82 19.31
CA ALA B 30 -16.40 15.66 20.21
C ALA B 30 -15.61 14.50 19.63
N LYS B 31 -15.58 14.39 18.31
CA LYS B 31 -14.84 13.36 17.64
C LYS B 31 -13.36 13.48 17.94
N LYS B 32 -12.78 12.37 18.39
CA LYS B 32 -11.51 12.41 19.10
C LYS B 32 -10.33 12.56 18.16
N LEU B 33 -9.81 13.79 18.11
CA LEU B 33 -8.58 14.15 17.40
C LEU B 33 -7.45 13.27 17.91
N VAL B 34 -6.35 13.27 17.19
CA VAL B 34 -5.29 12.33 17.51
C VAL B 34 -3.94 13.01 17.68
N HIS B 41 4.00 8.66 16.63
CA HIS B 41 4.29 7.82 15.48
C HIS B 41 3.81 8.50 14.21
N GLY B 42 3.67 7.72 13.14
CA GLY B 42 2.83 8.22 12.08
C GLY B 42 1.47 8.30 12.72
N PHE B 43 1.05 9.50 13.07
CA PHE B 43 -0.16 9.73 13.83
C PHE B 43 -0.91 10.86 13.16
N GLU B 44 -2.21 10.68 13.02
CA GLU B 44 -3.00 11.61 12.23
C GLU B 44 -4.08 12.19 13.10
N ALA B 45 -3.98 13.49 13.35
CA ALA B 45 -4.81 14.15 14.34
C ALA B 45 -6.24 14.12 13.86
N ALA B 46 -6.93 13.03 14.17
CA ALA B 46 -8.12 12.65 13.44
C ALA B 46 -9.30 12.61 14.38
N SER B 47 -10.02 13.72 14.42
CA SER B 47 -11.33 13.77 15.08
C SER B 47 -12.13 12.58 14.55
N ILE B 48 -12.68 11.79 15.46
CA ILE B 48 -13.20 10.49 15.08
C ILE B 48 -14.44 10.67 14.22
N LYS B 49 -14.26 10.57 12.91
CA LYS B 49 -15.31 10.91 11.95
C LYS B 49 -16.31 9.79 11.72
N GLU B 50 -15.83 8.56 11.54
CA GLU B 50 -16.73 7.43 11.47
C GLU B 50 -16.18 6.32 12.35
N GLU B 51 -17.00 5.80 13.24
CA GLU B 51 -16.64 4.64 14.03
C GLU B 51 -17.51 3.47 13.59
N LYS B 52 -16.99 2.66 12.67
CA LYS B 52 -17.60 1.39 12.29
C LYS B 52 -16.85 0.27 13.00
N GLY B 53 -16.53 0.51 14.27
CA GLY B 53 -15.60 -0.36 14.98
C GLY B 53 -14.26 0.34 15.04
N ASP B 54 -13.18 -0.45 15.07
CA ASP B 54 -11.87 0.16 14.83
C ASP B 54 -11.71 0.49 13.36
N GLU B 55 -12.70 0.14 12.53
CA GLU B 55 -12.85 0.72 11.22
C GLU B 55 -13.27 2.16 11.46
N VAL B 56 -12.33 2.94 11.98
CA VAL B 56 -12.63 4.33 12.29
C VAL B 56 -12.24 5.09 11.04
N THR B 57 -13.21 5.23 10.14
CA THR B 57 -13.01 6.00 8.93
C THR B 57 -13.02 7.46 9.35
N VAL B 58 -11.88 7.92 9.82
CA VAL B 58 -11.76 9.27 10.30
C VAL B 58 -11.11 10.09 9.21
N GLU B 59 -11.38 11.39 9.26
CA GLU B 59 -10.50 12.36 8.64
C GLU B 59 -9.21 12.31 9.42
N LEU B 60 -8.26 11.51 8.95
CA LEU B 60 -6.92 11.44 9.50
C LEU B 60 -6.24 12.75 9.14
N GLN B 61 -6.33 13.72 10.07
CA GLN B 61 -5.87 15.08 9.80
C GLN B 61 -4.40 15.22 10.14
N GLU B 62 -3.60 14.29 9.60
CA GLU B 62 -2.19 14.53 9.34
C GLU B 62 -1.93 13.98 7.95
N ASN B 63 -2.83 13.10 7.50
CA ASN B 63 -3.00 12.79 6.09
C ASN B 63 -4.25 13.42 5.52
N GLY B 64 -5.09 14.03 6.36
CA GLY B 64 -6.36 14.58 5.92
C GLY B 64 -7.26 13.58 5.24
N LYS B 65 -7.09 12.30 5.54
CA LYS B 65 -7.70 11.21 4.78
C LYS B 65 -8.87 10.64 5.58
N LYS B 66 -10.10 10.87 5.12
CA LYS B 66 -11.22 10.18 5.74
C LYS B 66 -11.14 8.73 5.30
N VAL B 67 -10.29 7.98 5.98
CA VAL B 67 -10.02 6.60 5.66
C VAL B 67 -10.36 5.77 6.88
N THR B 68 -10.90 4.57 6.64
CA THR B 68 -10.91 3.54 7.66
C THR B 68 -9.49 3.35 8.15
N LEU B 69 -9.23 3.74 9.39
CA LEU B 69 -7.95 3.46 9.99
C LEU B 69 -8.21 2.87 11.35
N SER B 70 -7.18 2.25 11.91
CA SER B 70 -7.24 1.77 13.28
C SER B 70 -7.06 2.93 14.25
N LYS B 71 -7.47 2.71 15.50
CA LYS B 71 -7.38 3.76 16.50
C LYS B 71 -5.95 4.02 16.95
N ASP B 72 -4.96 3.41 16.30
CA ASP B 72 -3.58 3.77 16.58
C ASP B 72 -3.36 5.25 16.31
N ASP B 73 -3.54 5.67 15.06
CA ASP B 73 -3.55 7.08 14.71
C ASP B 73 -4.95 7.65 14.83
N ILE B 74 -5.84 6.96 15.52
CA ILE B 74 -7.12 7.52 15.92
C ILE B 74 -7.29 7.33 17.42
N GLN B 75 -6.71 8.25 18.18
CA GLN B 75 -6.82 8.28 19.62
C GLN B 75 -7.49 9.60 19.95
N LYS B 76 -7.46 9.98 21.23
CA LYS B 76 -8.13 11.22 21.58
C LYS B 76 -7.12 12.31 21.93
N MET B 77 -6.61 12.98 20.90
CA MET B 77 -6.03 14.31 21.08
C MET B 77 -7.16 15.16 21.60
N ASN B 78 -7.16 15.36 22.90
CA ASN B 78 -8.27 15.85 23.67
C ASN B 78 -8.66 17.24 23.21
N PRO B 79 -9.75 17.79 23.73
CA PRO B 79 -10.11 19.16 23.40
C PRO B 79 -8.87 20.04 23.43
N PRO B 80 -8.60 20.77 22.35
CA PRO B 80 -7.23 21.23 22.09
C PRO B 80 -6.64 22.06 23.23
N LYS B 81 -7.47 22.41 24.22
CA LYS B 81 -6.95 22.79 25.52
C LYS B 81 -6.09 21.68 26.13
N PHE B 82 -6.20 20.46 25.63
CA PHE B 82 -5.34 19.36 26.04
C PHE B 82 -4.54 18.77 24.88
N SER B 83 -4.75 19.27 23.66
CA SER B 83 -3.84 18.98 22.56
C SER B 83 -2.52 19.66 22.87
N LYS B 84 -1.41 19.02 22.52
CA LYS B 84 -0.08 19.63 22.60
C LYS B 84 0.24 20.15 24.01
N VAL B 85 -0.21 19.42 25.03
CA VAL B 85 -0.01 19.86 26.40
C VAL B 85 1.47 19.96 26.76
N GLU B 86 1.77 20.85 27.72
CA GLU B 86 3.05 20.82 28.40
C GLU B 86 3.37 19.43 28.90
N ASP B 87 2.57 18.95 29.85
CA ASP B 87 2.72 17.61 30.40
C ASP B 87 1.64 16.75 29.76
N MET B 88 2.06 15.65 29.14
CA MET B 88 1.08 14.72 28.58
C MET B 88 0.02 14.38 29.61
N ALA B 89 0.41 14.21 30.87
CA ALA B 89 -0.54 13.94 31.94
C ALA B 89 -1.69 14.95 31.97
N GLU B 90 -1.47 16.17 31.46
CA GLU B 90 -2.55 17.15 31.35
C GLU B 90 -3.58 16.77 30.29
N LEU B 91 -3.22 15.91 29.34
CA LEU B 91 -4.21 15.36 28.43
C LEU B 91 -5.35 14.79 29.24
N THR B 92 -6.56 15.33 29.05
CA THR B 92 -7.72 14.72 29.68
C THR B 92 -7.93 13.29 29.20
N CYS B 93 -7.35 12.92 28.06
CA CYS B 93 -7.04 11.52 27.78
C CYS B 93 -5.61 11.42 27.30
N LEU B 94 -4.75 10.92 28.18
CA LEU B 94 -3.39 10.52 27.82
C LEU B 94 -3.52 9.39 26.83
N ASN B 95 -3.29 9.71 25.57
CA ASN B 95 -3.34 8.73 24.50
C ASN B 95 -2.03 8.81 23.75
N GLU B 96 -1.33 7.68 23.65
CA GLU B 96 0.01 7.70 23.07
C GLU B 96 0.02 8.37 21.70
N ALA B 97 -1.11 8.38 21.00
CA ALA B 97 -1.19 9.18 19.78
C ALA B 97 -1.44 10.64 20.10
N SER B 98 -2.35 10.93 21.03
CA SER B 98 -2.46 12.27 21.56
C SER B 98 -1.18 12.71 22.27
N VAL B 99 -0.62 11.84 23.10
CA VAL B 99 0.69 12.10 23.71
C VAL B 99 1.72 12.46 22.65
N LEU B 100 1.82 11.62 21.62
CA LEU B 100 2.87 11.79 20.63
C LEU B 100 2.58 12.96 19.72
N HIS B 101 1.32 13.34 19.58
CA HIS B 101 1.03 14.54 18.81
C HIS B 101 1.38 15.78 19.60
N ASN B 102 1.16 15.76 20.91
CA ASN B 102 1.75 16.80 21.74
C ASN B 102 3.25 16.87 21.52
N LEU B 103 3.96 15.79 21.84
CA LEU B 103 5.40 15.71 21.63
C LEU B 103 5.78 16.21 20.25
N ARG B 104 5.08 15.74 19.22
CA ARG B 104 5.44 15.94 17.83
C ARG B 104 5.27 17.37 17.40
N GLU B 105 4.05 17.90 17.54
CA GLU B 105 3.78 19.27 17.12
C GLU B 105 4.42 20.27 18.06
N ARG B 106 4.70 19.87 19.30
CA ARG B 106 5.45 20.70 20.22
C ARG B 106 6.89 20.89 19.74
N TYR B 107 7.63 19.79 19.65
CA TYR B 107 8.95 19.81 19.03
C TYR B 107 8.91 20.58 17.70
N PHE B 108 7.90 20.29 16.88
CA PHE B 108 7.76 20.98 15.59
C PHE B 108 7.58 22.47 15.79
N SER B 109 6.77 22.86 16.75
CA SER B 109 6.67 24.24 17.17
C SER B 109 7.85 24.66 18.04
N GLY B 110 8.95 23.91 17.99
CA GLY B 110 10.12 24.22 18.77
C GLY B 110 10.21 23.47 20.08
N LEU B 111 9.09 23.06 20.65
CA LEU B 111 9.08 22.56 22.03
C LEU B 111 9.65 21.15 22.03
N ILE B 112 10.94 21.02 21.76
CA ILE B 112 11.68 19.82 22.12
C ILE B 112 11.32 19.36 23.52
N TYR B 113 11.09 20.31 24.41
CA TYR B 113 10.93 20.11 25.84
C TYR B 113 9.46 20.01 26.15
N THR B 114 8.97 18.79 26.18
CA THR B 114 7.58 18.47 26.45
C THR B 114 7.57 17.69 27.76
N TYR B 115 6.68 18.02 28.66
CA TYR B 115 6.52 17.18 29.83
C TYR B 115 5.65 15.99 29.47
N SER B 116 5.94 14.86 30.11
CA SER B 116 5.32 13.60 29.70
C SER B 116 5.22 12.71 30.94
N GLY B 117 3.99 12.37 31.31
CA GLY B 117 3.84 11.73 32.59
C GLY B 117 4.18 12.78 33.63
N LEU B 118 5.40 12.70 34.16
CA LEU B 118 6.00 13.81 34.90
C LEU B 118 7.47 14.02 34.56
N PHE B 119 7.84 13.98 33.27
CA PHE B 119 9.25 14.03 32.87
C PHE B 119 9.50 15.12 31.85
N CYS B 120 10.70 15.70 31.91
CA CYS B 120 11.17 16.65 30.90
C CYS B 120 11.64 15.85 29.70
N VAL B 121 10.69 15.52 28.83
CA VAL B 121 11.02 14.93 27.54
C VAL B 121 11.76 15.97 26.72
N VAL B 122 13.04 15.75 26.52
CA VAL B 122 13.83 16.50 25.57
C VAL B 122 13.86 15.69 24.30
N ILE B 123 12.99 16.02 23.36
CA ILE B 123 12.99 15.33 22.08
C ILE B 123 14.21 15.88 21.37
N ASN B 124 15.34 15.24 21.62
CA ASN B 124 16.61 15.92 21.53
C ASN B 124 16.90 16.42 20.12
N PRO B 125 17.05 17.72 19.93
CA PRO B 125 17.59 18.24 18.66
C PRO B 125 19.08 18.04 18.52
N TYR B 126 19.75 17.54 19.56
CA TYR B 126 21.21 17.33 19.57
C TYR B 126 21.95 18.66 19.48
N LYS B 127 21.21 19.74 19.36
CA LYS B 127 21.74 21.08 19.59
C LYS B 127 21.32 21.48 20.98
N GLN B 128 22.29 21.90 21.78
CA GLN B 128 21.98 22.35 23.13
C GLN B 128 21.21 23.65 23.03
N LEU B 129 19.91 23.54 23.12
CA LEU B 129 18.99 24.63 22.92
C LEU B 129 19.30 25.75 23.91
N PRO B 130 19.17 27.01 23.53
CA PRO B 130 19.60 28.07 24.43
C PRO B 130 18.61 28.26 25.56
N ILE B 131 18.03 27.14 25.97
CA ILE B 131 17.29 27.03 27.20
C ILE B 131 18.22 26.59 28.32
N TYR B 132 19.52 26.68 28.07
CA TYR B 132 20.54 26.35 29.06
C TYR B 132 21.31 27.58 29.51
N SER B 133 21.01 28.74 28.93
CA SER B 133 21.78 29.95 29.17
C SER B 133 21.58 30.47 30.59
N GLU B 134 22.42 31.44 30.97
CA GLU B 134 22.32 32.06 32.29
C GLU B 134 20.93 32.61 32.55
N LYS B 135 20.28 33.16 31.52
CA LYS B 135 18.91 33.61 31.67
C LYS B 135 18.01 32.45 32.06
N ILE B 136 18.23 31.27 31.47
CA ILE B 136 17.41 30.10 31.80
C ILE B 136 17.98 29.39 33.01
N ILE B 137 19.28 29.56 33.23
CA ILE B 137 19.92 29.13 34.47
C ILE B 137 19.20 29.74 35.67
N ASP B 138 18.82 31.02 35.55
CA ASP B 138 18.20 31.71 36.67
C ASP B 138 16.68 31.71 36.59
N MET B 139 16.12 31.81 35.38
CA MET B 139 14.71 31.54 35.12
C MET B 139 14.32 30.16 35.60
N TYR B 140 15.30 29.34 35.96
CA TYR B 140 15.03 28.11 36.67
C TYR B 140 15.69 28.02 38.02
N LYS B 141 16.75 28.79 38.28
CA LYS B 141 17.29 28.82 39.63
C LYS B 141 16.20 29.30 40.57
N GLY B 142 15.68 28.38 41.37
CA GLY B 142 14.46 28.60 42.11
C GLY B 142 13.25 27.89 41.56
N LYS B 143 13.39 27.14 40.47
CA LYS B 143 12.25 26.63 39.72
C LYS B 143 12.47 25.17 39.36
N LYS B 144 11.94 24.28 40.20
CA LYS B 144 12.15 22.84 40.07
C LYS B 144 11.36 22.29 38.90
N ARG B 145 11.31 20.95 38.80
CA ARG B 145 10.76 20.26 37.64
C ARG B 145 9.41 20.81 37.20
N HIS B 146 8.40 20.66 38.07
CA HIS B 146 7.04 21.02 37.70
C HIS B 146 6.76 22.50 37.86
N GLU B 147 7.66 23.24 38.52
CA GLU B 147 7.43 24.67 38.70
C GLU B 147 7.32 25.39 37.37
N MET B 148 8.08 24.97 36.37
CA MET B 148 8.02 25.63 35.07
C MET B 148 7.80 24.60 33.97
N PRO B 149 7.46 25.06 32.78
CA PRO B 149 7.37 24.18 31.61
C PRO B 149 8.62 23.33 31.43
N PRO B 150 8.57 22.32 30.55
CA PRO B 150 9.44 21.15 30.70
C PRO B 150 10.92 21.43 30.51
N HIS B 151 11.73 21.38 31.55
CA HIS B 151 13.09 21.78 31.21
C HIS B 151 14.11 21.01 32.00
N ILE B 152 15.20 20.68 31.31
CA ILE B 152 16.43 20.27 31.96
C ILE B 152 16.88 21.31 32.97
N TYR B 153 16.30 22.50 32.92
CA TYR B 153 16.60 23.48 33.97
C TYR B 153 15.53 23.53 35.02
N ALA B 154 14.28 23.21 34.67
CA ALA B 154 13.32 22.90 35.72
C ALA B 154 13.84 21.77 36.58
N ILE B 155 14.26 20.69 35.94
CA ILE B 155 14.79 19.55 36.67
C ILE B 155 16.21 19.83 37.15
N ALA B 156 16.95 20.68 36.44
CA ALA B 156 18.27 21.06 36.90
C ALA B 156 18.17 21.87 38.19
N ASP B 157 17.05 22.55 38.38
CA ASP B 157 16.83 23.26 39.63
C ASP B 157 16.25 22.35 40.69
N THR B 158 15.37 21.42 40.29
CA THR B 158 15.03 20.32 41.18
C THR B 158 16.30 19.82 41.83
N ALA B 159 17.26 19.44 40.97
CA ALA B 159 18.57 19.02 41.42
C ALA B 159 19.25 20.08 42.27
N TYR B 160 19.45 21.28 41.73
CA TYR B 160 20.25 22.26 42.45
C TYR B 160 19.63 22.60 43.79
N ARG B 161 18.44 23.20 43.78
CA ARG B 161 17.81 23.57 45.04
C ARG B 161 17.67 22.39 45.98
N SER B 162 17.65 21.16 45.46
CA SER B 162 17.85 20.06 46.37
C SER B 162 19.28 20.06 46.91
N MET B 163 20.22 20.56 46.11
CA MET B 163 21.62 20.51 46.50
C MET B 163 22.01 21.65 47.43
N LEU B 164 21.91 22.90 46.98
CA LEU B 164 22.06 24.03 47.89
C LEU B 164 20.90 24.10 48.88
N GLN B 165 19.67 24.21 48.37
CA GLN B 165 18.60 24.71 49.21
C GLN B 165 17.95 23.59 50.03
N ASP B 166 17.84 22.38 49.47
CA ASP B 166 17.43 21.23 50.26
C ASP B 166 18.60 20.45 50.82
N ARG B 167 19.83 20.84 50.49
CA ARG B 167 21.06 20.19 50.97
C ARG B 167 21.01 18.68 50.73
N GLU B 168 20.45 18.33 49.58
CA GLU B 168 20.33 16.94 49.18
C GLU B 168 21.08 16.75 47.88
N ASP B 169 22.02 15.82 47.90
CA ASP B 169 22.71 15.41 46.68
C ASP B 169 21.67 15.06 45.61
N GLN B 170 22.07 15.20 44.36
CA GLN B 170 21.12 15.05 43.27
C GLN B 170 21.71 14.21 42.15
N SER B 171 20.84 13.82 41.23
CA SER B 171 21.23 13.06 40.06
C SER B 171 20.22 13.35 38.97
N ILE B 172 20.64 14.12 37.97
CA ILE B 172 19.82 14.40 36.81
C ILE B 172 19.80 13.16 35.95
N LEU B 173 18.74 12.36 36.08
CA LEU B 173 18.52 11.25 35.19
C LEU B 173 18.48 11.80 33.77
N CYS B 174 19.24 11.16 32.89
CA CYS B 174 19.25 11.56 31.48
C CYS B 174 19.50 10.28 30.70
N THR B 175 18.44 9.57 30.38
CA THR B 175 18.53 8.22 29.85
C THR B 175 18.03 8.17 28.42
N GLY B 176 18.29 7.04 27.78
CA GLY B 176 17.99 6.91 26.38
C GLY B 176 19.18 6.49 25.54
N GLU B 177 19.02 6.45 24.22
CA GLU B 177 20.15 6.11 23.37
C GLU B 177 21.35 6.98 23.70
N SER B 178 22.52 6.34 23.76
CA SER B 178 23.76 7.08 24.01
C SER B 178 23.90 8.24 23.05
N GLY B 179 24.28 9.39 23.57
CA GLY B 179 24.42 10.58 22.76
C GLY B 179 23.13 11.06 22.12
N ALA B 180 21.97 10.59 22.57
CA ALA B 180 20.68 11.03 22.06
C ALA B 180 20.06 12.09 22.97
N GLY B 181 20.88 12.97 23.53
CA GLY B 181 20.43 13.94 24.50
C GLY B 181 21.29 13.88 25.73
N LYS B 182 22.15 12.85 25.79
CA LYS B 182 22.96 12.65 26.98
C LYS B 182 23.90 13.83 27.21
N THR B 183 24.89 14.00 26.34
CA THR B 183 25.71 15.19 26.39
C THR B 183 24.85 16.45 26.31
N GLU B 184 23.79 16.42 25.50
CA GLU B 184 22.85 17.53 25.44
C GLU B 184 22.34 17.89 26.82
N ASN B 185 21.57 16.99 27.44
CA ASN B 185 20.94 17.30 28.72
C ASN B 185 21.96 17.39 29.84
N THR B 186 23.04 16.61 29.75
CA THR B 186 24.05 16.67 30.80
C THR B 186 24.71 18.02 30.85
N LYS B 187 25.23 18.51 29.71
CA LYS B 187 25.83 19.84 29.72
C LYS B 187 24.77 20.90 29.96
N LYS B 188 23.51 20.62 29.61
CA LYS B 188 22.42 21.48 30.04
C LYS B 188 22.49 21.73 31.54
N VAL B 189 22.33 20.67 32.33
CA VAL B 189 22.36 20.84 33.77
C VAL B 189 23.71 21.39 34.22
N ILE B 190 24.79 20.92 33.58
CA ILE B 190 26.13 21.37 33.94
C ILE B 190 26.21 22.88 33.91
N GLN B 191 25.70 23.50 32.86
CA GLN B 191 25.72 24.95 32.76
C GLN B 191 24.70 25.59 33.70
N TYR B 192 23.50 25.00 33.81
CA TYR B 192 22.54 25.48 34.78
C TYR B 192 23.22 25.73 36.11
N LEU B 193 23.86 24.69 36.62
CA LEU B 193 24.61 24.76 37.85
C LEU B 193 25.81 25.68 37.74
N ALA B 194 26.51 25.66 36.61
CA ALA B 194 27.73 26.45 36.44
C ALA B 194 27.49 27.91 36.77
N VAL B 195 26.31 28.41 36.45
CA VAL B 195 26.03 29.81 36.77
C VAL B 195 25.18 29.91 38.04
N VAL B 196 24.25 28.96 38.22
CA VAL B 196 23.52 28.86 39.48
C VAL B 196 24.50 28.72 40.64
N ALA B 197 25.58 27.97 40.42
CA ALA B 197 26.61 27.67 41.39
C ALA B 197 27.94 28.21 40.88
N SER B 198 29.04 27.83 41.52
CA SER B 198 30.36 28.21 41.04
C SER B 198 30.82 27.29 39.92
N GLY B 210 29.76 23.50 35.46
CA GLY B 210 30.78 24.28 36.12
C GLY B 210 32.13 24.19 35.46
N GLU B 211 33.17 24.54 36.22
CA GLU B 211 34.53 24.52 35.70
C GLU B 211 35.00 23.09 35.43
N LEU B 212 34.81 22.21 36.40
CA LEU B 212 35.40 20.88 36.36
C LEU B 212 34.79 19.98 35.29
N GLU B 213 33.47 20.00 35.13
CA GLU B 213 32.82 19.33 34.01
C GLU B 213 33.41 19.73 32.67
N LYS B 214 34.09 20.87 32.59
CA LYS B 214 34.72 21.27 31.34
C LYS B 214 35.76 20.25 30.89
N GLN B 215 36.44 19.61 31.85
CA GLN B 215 37.35 18.54 31.47
C GLN B 215 36.59 17.27 31.13
N LEU B 216 35.37 17.12 31.66
CA LEU B 216 34.44 16.14 31.13
C LEU B 216 34.36 16.19 29.62
N LEU B 217 34.21 17.39 29.07
CA LEU B 217 34.10 17.55 27.64
C LEU B 217 35.39 17.16 26.94
N GLN B 218 36.52 17.22 27.65
CA GLN B 218 37.75 16.66 27.12
C GLN B 218 37.99 15.26 27.66
N ALA B 219 37.30 14.89 28.72
CA ALA B 219 37.25 13.49 29.10
C ALA B 219 36.54 12.67 28.02
N ASN B 220 35.43 13.20 27.50
CA ASN B 220 34.53 12.50 26.59
C ASN B 220 35.24 11.93 25.37
N PRO B 221 36.13 12.67 24.69
CA PRO B 221 36.89 12.04 23.60
C PRO B 221 37.66 10.82 24.05
N ILE B 222 38.30 10.89 25.22
CA ILE B 222 38.95 9.71 25.78
C ILE B 222 37.90 8.65 26.11
N LEU B 223 36.82 9.08 26.77
CA LEU B 223 35.66 8.22 26.87
C LEU B 223 35.22 7.74 25.50
N GLU B 224 35.25 8.62 24.50
CA GLU B 224 35.03 8.18 23.12
C GLU B 224 36.03 7.11 22.73
N ALA B 225 37.30 7.33 23.06
CA ALA B 225 38.33 6.36 22.70
C ALA B 225 38.11 5.02 23.37
N PHE B 226 38.29 4.96 24.68
CA PHE B 226 38.41 3.69 25.38
C PHE B 226 37.12 3.28 26.09
N GLY B 227 36.19 4.21 26.26
CA GLY B 227 34.96 3.84 26.92
C GLY B 227 33.75 3.82 26.02
N ASN B 228 33.69 4.78 25.11
CA ASN B 228 32.65 4.79 24.10
C ASN B 228 33.03 3.82 22.99
N ALA B 229 32.11 2.92 22.72
CA ALA B 229 32.19 2.11 21.53
C ALA B 229 31.01 2.47 20.66
N LYS B 230 31.20 2.39 19.34
CA LYS B 230 30.15 2.73 18.40
C LYS B 230 28.89 1.95 18.75
N THR B 231 27.74 2.51 18.41
CA THR B 231 26.54 1.70 18.46
C THR B 231 25.63 2.02 17.30
N VAL B 232 24.44 1.42 17.28
CA VAL B 232 23.54 1.57 16.15
C VAL B 232 23.01 2.99 16.06
N LYS B 233 22.27 3.43 17.07
CA LYS B 233 21.63 4.74 17.04
C LYS B 233 22.57 5.86 17.43
N ASN B 234 23.87 5.59 17.56
CA ASN B 234 24.87 6.63 17.80
C ASN B 234 26.26 6.13 17.45
N ASP B 235 27.07 6.99 16.84
CA ASP B 235 28.38 6.63 16.34
C ASP B 235 29.49 6.88 17.35
N ASN B 236 29.41 8.01 18.07
CA ASN B 236 30.35 8.38 19.12
C ASN B 236 29.72 7.94 20.43
N SER B 237 28.98 6.85 20.34
CA SER B 237 28.09 6.39 21.39
C SER B 237 28.88 5.92 22.59
N SER B 238 28.48 6.38 23.77
CA SER B 238 28.99 5.79 24.99
C SER B 238 28.38 4.41 25.18
N ARG B 239 29.15 3.37 24.88
CA ARG B 239 28.74 2.01 25.21
C ARG B 239 28.81 1.76 26.71
N PHE B 240 29.37 2.71 27.45
CA PHE B 240 29.14 2.82 28.88
C PHE B 240 28.06 3.87 29.11
N GLY B 241 27.52 3.88 30.31
CA GLY B 241 26.86 5.04 30.86
C GLY B 241 27.77 5.70 31.88
N LYS B 242 27.95 7.01 31.73
CA LYS B 242 28.72 7.80 32.66
C LYS B 242 27.78 8.64 33.51
N PHE B 243 28.28 9.10 34.65
CA PHE B 243 27.60 10.13 35.39
C PHE B 243 28.62 11.21 35.69
N ILE B 244 28.17 12.44 35.56
CA ILE B 244 28.97 13.62 35.86
C ILE B 244 28.43 14.19 37.16
N ARG B 245 29.10 13.86 38.26
CA ARG B 245 28.73 14.32 39.59
C ARG B 245 29.34 15.70 39.78
N ILE B 246 28.54 16.72 39.60
CA ILE B 246 28.93 18.08 39.92
C ILE B 246 28.74 18.29 41.42
N ASN B 247 29.83 18.62 42.10
CA ASN B 247 29.84 18.69 43.55
C ASN B 247 29.70 20.12 44.02
N PHE B 248 28.69 20.37 44.83
CA PHE B 248 28.26 21.69 45.23
C PHE B 248 28.54 21.95 46.70
N ASP B 249 28.97 23.18 46.95
CA ASP B 249 29.08 23.70 48.30
C ASP B 249 27.75 23.56 49.03
N VAL B 250 27.81 23.70 50.35
CA VAL B 250 26.56 23.84 51.09
C VAL B 250 25.76 25.02 50.54
N THR B 251 26.45 26.02 50.01
CA THR B 251 25.78 27.07 49.26
C THR B 251 25.38 26.60 47.87
N GLY B 252 25.62 25.32 47.55
CA GLY B 252 25.34 24.84 46.23
C GLY B 252 26.22 25.56 45.24
N TYR B 253 27.52 25.30 45.28
CA TYR B 253 28.46 25.97 44.40
C TYR B 253 29.42 24.94 43.82
N ILE B 254 29.59 25.00 42.51
CA ILE B 254 30.34 23.94 41.83
C ILE B 254 31.80 24.10 42.20
N VAL B 255 32.20 23.43 43.26
CA VAL B 255 33.60 23.31 43.62
C VAL B 255 34.17 21.97 43.22
N GLY B 256 33.33 21.01 42.86
CA GLY B 256 33.80 19.76 42.31
C GLY B 256 33.00 19.41 41.07
N ALA B 257 33.57 18.52 40.26
CA ALA B 257 32.80 17.80 39.27
C ALA B 257 33.65 16.64 38.78
N ASN B 258 33.14 15.43 38.99
CA ASN B 258 33.88 14.22 38.72
C ASN B 258 32.99 13.30 37.90
N ILE B 259 33.50 12.81 36.79
CA ILE B 259 32.72 11.93 35.93
C ILE B 259 33.20 10.51 36.17
N GLU B 260 32.35 9.55 35.82
CA GLU B 260 32.70 8.15 36.02
C GLU B 260 31.86 7.27 35.10
N THR B 261 32.52 6.30 34.48
CA THR B 261 31.92 5.47 33.46
C THR B 261 31.73 4.05 33.98
N TYR B 262 30.54 3.50 33.76
CA TYR B 262 30.23 2.12 34.05
C TYR B 262 29.56 1.54 32.82
N LEU B 263 29.59 0.21 32.70
CA LEU B 263 29.27 -0.51 31.46
C LEU B 263 30.39 -0.36 30.45
N LEU B 264 31.63 -0.34 30.95
CA LEU B 264 32.75 -0.50 30.06
C LEU B 264 32.71 -1.90 29.48
N GLU B 265 32.19 -2.03 28.27
CA GLU B 265 31.94 -3.33 27.66
C GLU B 265 33.27 -3.96 27.28
N LYS B 266 34.00 -4.43 28.31
CA LYS B 266 35.27 -5.12 28.05
C LYS B 266 35.09 -6.19 26.98
N SER B 267 33.91 -6.81 26.92
CA SER B 267 33.49 -7.59 25.77
C SER B 267 33.70 -6.83 24.47
N ARG B 268 33.15 -5.62 24.36
CA ARG B 268 33.44 -4.79 23.19
C ARG B 268 34.92 -4.54 23.01
N ALA B 269 35.67 -4.40 24.10
CA ALA B 269 37.12 -4.36 24.01
C ALA B 269 37.68 -5.58 23.32
N ILE B 270 36.96 -6.71 23.35
CA ILE B 270 37.37 -7.89 22.61
C ILE B 270 36.41 -8.25 21.49
N ARG B 271 35.15 -8.60 21.78
CA ARG B 271 34.25 -9.05 20.74
C ARG B 271 33.10 -8.06 20.66
N GLN B 272 32.82 -7.63 19.44
CA GLN B 272 32.06 -6.41 19.21
C GLN B 272 30.64 -6.74 18.83
N ALA B 273 29.85 -5.68 18.69
CA ALA B 273 28.46 -5.84 18.33
C ALA B 273 28.22 -5.23 16.96
N LYS B 274 27.04 -5.47 16.40
CA LYS B 274 26.74 -5.04 15.05
C LYS B 274 26.46 -3.55 15.05
N ASP B 275 27.01 -2.83 14.07
CA ASP B 275 27.07 -1.38 14.08
C ASP B 275 27.71 -0.85 15.35
N GLU B 276 28.52 -1.68 16.00
CA GLU B 276 29.13 -1.32 17.26
C GLU B 276 30.59 -1.69 17.24
N ARG B 277 31.41 -0.69 16.94
CA ARG B 277 32.86 -0.81 16.95
C ARG B 277 33.29 -1.19 18.35
N THR B 278 34.56 -1.55 18.48
CA THR B 278 35.14 -1.67 19.80
C THR B 278 35.12 -0.31 20.47
N PHE B 279 35.64 -0.25 21.68
CA PHE B 279 35.99 1.04 22.22
C PHE B 279 36.88 1.76 21.23
N HIS B 280 36.37 2.90 20.78
CA HIS B 280 36.80 3.50 19.52
C HIS B 280 38.31 3.54 19.38
N ILE B 281 39.02 3.69 20.50
CA ILE B 281 40.48 3.82 20.44
C ILE B 281 41.12 2.65 19.73
N PHE B 282 40.60 1.44 19.92
CA PHE B 282 41.18 0.29 19.24
C PHE B 282 41.34 0.58 17.76
N TYR B 283 40.30 1.17 17.17
CA TYR B 283 40.33 1.78 15.86
C TYR B 283 41.15 3.05 15.83
N TYR B 284 40.83 4.00 16.72
CA TYR B 284 41.65 5.20 16.87
C TYR B 284 43.12 4.84 16.91
N LEU B 285 43.42 3.70 17.50
CA LEU B 285 44.80 3.29 17.60
C LEU B 285 45.36 2.99 16.22
N ILE B 286 44.77 2.03 15.54
CA ILE B 286 45.41 1.55 14.32
C ILE B 286 45.47 2.65 13.28
N ALA B 287 44.31 3.24 12.95
CA ALA B 287 44.33 4.39 12.04
C ALA B 287 45.03 5.58 12.68
N GLY B 288 44.49 6.06 13.80
CA GLY B 288 44.98 7.29 14.38
C GLY B 288 46.34 7.23 15.03
N ALA B 289 46.61 6.25 15.89
CA ALA B 289 47.96 6.15 16.42
C ALA B 289 48.92 5.92 15.27
N SER B 290 49.94 6.77 15.21
CA SER B 290 50.91 6.77 14.13
C SER B 290 51.45 5.36 13.92
N GLU B 291 51.95 5.13 12.71
CA GLU B 291 52.64 3.86 12.48
C GLU B 291 53.88 3.75 13.35
N GLN B 292 54.50 4.89 13.67
CA GLN B 292 55.44 4.93 14.79
C GLN B 292 54.80 4.33 16.04
N MET B 293 53.64 4.84 16.43
CA MET B 293 52.89 4.18 17.49
C MET B 293 52.49 2.78 17.05
N ARG B 294 51.96 2.62 15.83
CA ARG B 294 51.54 1.30 15.37
C ARG B 294 52.61 0.23 15.55
N ASN B 295 53.85 0.64 15.80
CA ASN B 295 54.89 -0.33 16.11
C ASN B 295 55.29 -0.26 17.58
N ASP B 296 55.36 0.95 18.13
CA ASP B 296 55.33 1.07 19.58
C ASP B 296 54.17 0.27 20.14
N LEU B 297 53.02 0.40 19.50
CA LEU B 297 51.84 -0.32 19.88
C LEU B 297 51.72 -1.63 19.10
N LEU B 298 52.75 -2.00 18.34
CA LEU B 298 52.76 -3.20 17.50
C LEU B 298 51.39 -3.41 16.86
N LEU B 299 50.82 -2.30 16.42
CA LEU B 299 49.46 -2.27 15.92
C LEU B 299 49.39 -3.03 14.62
N GLU B 300 48.97 -4.28 14.71
CA GLU B 300 48.44 -4.98 13.56
C GLU B 300 47.23 -4.19 13.08
N GLY B 301 46.79 -4.46 11.86
CA GLY B 301 45.66 -3.76 11.30
C GLY B 301 44.40 -3.92 12.14
N PHE B 302 43.37 -3.14 11.77
CA PHE B 302 42.11 -3.19 12.49
C PHE B 302 41.57 -4.61 12.60
N ASN B 303 41.60 -5.36 11.50
CA ASN B 303 41.16 -6.74 11.50
C ASN B 303 42.32 -7.71 11.37
N ASN B 304 43.55 -7.20 11.34
CA ASN B 304 44.72 -8.02 11.65
C ASN B 304 44.80 -8.21 13.16
N TYR B 305 44.04 -7.41 13.89
CA TYR B 305 43.78 -7.63 15.30
C TYR B 305 42.48 -8.40 15.42
N THR B 306 42.47 -9.36 16.34
CA THR B 306 41.25 -10.14 16.58
C THR B 306 40.09 -9.23 16.93
N PHE B 307 40.37 -8.09 17.54
CA PHE B 307 39.29 -7.18 17.81
C PHE B 307 39.33 -6.05 16.78
N LEU B 308 38.29 -5.21 16.80
CA LEU B 308 37.99 -4.32 15.69
C LEU B 308 37.39 -5.12 14.56
N SER B 309 36.91 -6.32 14.88
CA SER B 309 36.23 -7.14 13.88
C SER B 309 34.98 -6.42 13.36
N ASN B 310 34.44 -5.50 14.13
CA ASN B 310 33.38 -4.64 13.63
C ASN B 310 33.84 -3.91 12.37
N GLY B 311 32.93 -3.81 11.40
CA GLY B 311 33.31 -3.27 10.11
C GLY B 311 33.72 -1.81 10.11
N HIS B 312 33.10 -0.99 10.95
CA HIS B 312 33.36 0.45 10.94
C HIS B 312 34.75 0.71 11.48
N VAL B 313 35.71 0.84 10.58
CA VAL B 313 37.07 1.20 11.00
C VAL B 313 36.96 2.54 11.72
N PRO B 314 36.49 3.62 11.09
CA PRO B 314 36.28 4.85 11.86
C PRO B 314 34.89 4.86 12.47
N ILE B 315 34.72 5.75 13.45
CA ILE B 315 33.38 6.06 13.92
C ILE B 315 32.64 6.68 12.75
N PRO B 316 31.38 6.32 12.51
CA PRO B 316 30.59 7.08 11.55
C PRO B 316 30.55 8.57 11.87
N ALA B 317 30.53 9.41 10.83
CA ALA B 317 30.61 10.87 10.98
C ALA B 317 31.86 11.29 11.74
N GLN B 318 32.88 10.45 11.74
CA GLN B 318 34.08 10.67 12.53
C GLN B 318 35.22 9.82 11.96
N GLN B 319 36.38 9.86 12.61
CA GLN B 319 37.55 9.15 12.13
C GLN B 319 38.46 8.74 13.28
N ASP B 320 38.99 7.52 13.19
CA ASP B 320 39.95 7.04 14.18
C ASP B 320 41.13 7.98 14.32
N ASP B 321 41.53 8.65 13.25
CA ASP B 321 42.66 9.56 13.32
C ASP B 321 42.37 10.75 14.21
N GLU B 322 41.29 11.48 13.90
CA GLU B 322 41.02 12.72 14.59
C GLU B 322 40.55 12.48 16.02
N MET B 323 39.71 11.47 16.22
CA MET B 323 39.32 11.17 17.58
C MET B 323 40.39 10.39 18.33
N PHE B 324 41.36 9.82 17.61
CA PHE B 324 42.55 9.31 18.30
C PHE B 324 43.40 10.46 18.80
N GLN B 325 43.48 11.53 18.03
CA GLN B 325 44.24 12.67 18.52
C GLN B 325 43.47 13.36 19.63
N GLU B 326 42.13 13.39 19.52
CA GLU B 326 41.30 13.69 20.68
C GLU B 326 41.69 12.81 21.86
N THR B 327 41.85 11.52 21.59
CA THR B 327 42.25 10.56 22.61
C THR B 327 43.53 10.99 23.31
N LEU B 328 44.62 11.12 22.54
CA LEU B 328 45.89 11.52 23.10
C LEU B 328 45.83 12.86 23.81
N GLU B 329 45.43 13.92 23.10
CA GLU B 329 45.46 15.26 23.66
C GLU B 329 44.55 15.37 24.86
N ALA B 330 43.39 14.72 24.81
CA ALA B 330 42.43 14.81 25.89
C ALA B 330 42.92 14.00 27.09
N MET B 331 43.54 12.84 26.84
CA MET B 331 44.27 12.15 27.88
C MET B 331 45.27 13.07 28.56
N THR B 332 45.96 13.89 27.75
CA THR B 332 46.92 14.84 28.29
C THR B 332 46.23 15.90 29.13
N ILE B 333 45.15 16.48 28.62
CA ILE B 333 44.38 17.47 29.34
C ILE B 333 43.89 16.89 30.66
N MET B 334 43.65 15.59 30.67
CA MET B 334 43.37 14.88 31.91
C MET B 334 44.63 14.56 32.69
N GLY B 335 45.78 14.51 32.01
CA GLY B 335 47.04 14.32 32.70
C GLY B 335 47.89 13.18 32.18
N PHE B 336 47.49 12.59 31.05
CA PHE B 336 48.29 11.51 30.48
C PHE B 336 49.39 12.06 29.60
N THR B 337 50.62 11.70 29.90
CA THR B 337 51.70 11.96 28.96
C THR B 337 51.47 11.15 27.70
N GLU B 338 51.96 11.66 26.57
CA GLU B 338 51.82 10.88 25.33
C GLU B 338 52.64 9.60 25.42
N GLU B 339 53.44 9.45 26.47
CA GLU B 339 53.99 8.13 26.76
C GLU B 339 53.11 7.38 27.76
N GLU B 340 52.51 8.08 28.72
CA GLU B 340 51.39 7.48 29.43
C GLU B 340 50.26 7.15 28.46
N GLN B 341 49.94 8.10 27.58
CA GLN B 341 49.03 7.81 26.47
C GLN B 341 49.53 6.68 25.62
N THR B 342 50.83 6.65 25.31
CA THR B 342 51.32 5.66 24.36
C THR B 342 51.35 4.27 24.98
N SER B 343 51.53 4.17 26.29
CA SER B 343 51.37 2.89 26.96
C SER B 343 49.90 2.52 27.04
N ILE B 344 49.04 3.49 27.31
CA ILE B 344 47.60 3.33 27.13
C ILE B 344 47.29 2.73 25.77
N LEU B 345 47.93 3.26 24.73
CA LEU B 345 47.69 2.82 23.37
C LEU B 345 48.30 1.46 23.12
N ARG B 346 49.49 1.22 23.66
CA ARG B 346 50.04 -0.12 23.66
C ARG B 346 49.07 -1.10 24.27
N VAL B 347 48.30 -0.65 25.25
CA VAL B 347 47.29 -1.50 25.89
C VAL B 347 46.16 -1.76 24.94
N VAL B 348 45.61 -0.69 24.37
CA VAL B 348 44.61 -0.84 23.32
C VAL B 348 45.06 -1.90 22.33
N SER B 349 46.28 -1.73 21.82
CA SER B 349 46.81 -2.60 20.77
C SER B 349 47.16 -3.99 21.29
N SER B 350 47.48 -4.11 22.58
CA SER B 350 47.94 -5.38 23.10
C SER B 350 46.80 -6.24 23.58
N VAL B 351 45.79 -5.61 24.19
CA VAL B 351 44.46 -6.18 24.19
C VAL B 351 44.15 -6.73 22.81
N LEU B 352 44.20 -5.86 21.79
CA LEU B 352 44.00 -6.29 20.41
C LEU B 352 44.87 -7.50 20.06
N GLN B 353 46.14 -7.49 20.50
CA GLN B 353 47.04 -8.60 20.25
C GLN B 353 46.55 -9.88 20.91
N LEU B 354 45.94 -9.74 22.09
CA LEU B 354 45.57 -10.89 22.90
C LEU B 354 44.70 -11.87 22.12
N GLY B 355 43.59 -11.41 21.57
CA GLY B 355 42.76 -12.29 20.76
C GLY B 355 43.55 -13.08 19.73
N ASN B 356 44.64 -12.51 19.25
CA ASN B 356 45.54 -13.21 18.34
C ASN B 356 46.44 -14.23 19.05
N ILE B 357 46.51 -14.17 20.37
CA ILE B 357 47.36 -15.06 21.15
C ILE B 357 46.53 -16.30 21.47
N VAL B 358 46.83 -17.39 20.79
CA VAL B 358 46.03 -18.61 20.90
C VAL B 358 46.89 -19.70 21.53
N PHE B 359 46.34 -20.40 22.50
CA PHE B 359 47.06 -21.40 23.25
C PHE B 359 46.54 -22.78 22.89
N LYS B 360 47.41 -23.59 22.29
CA LYS B 360 47.00 -24.79 21.56
C LYS B 360 46.54 -25.86 22.52
N LYS B 361 45.46 -26.55 22.15
CA LYS B 361 44.74 -27.41 23.08
C LYS B 361 44.95 -28.87 22.72
N GLU B 362 44.46 -29.76 23.59
CA GLU B 362 44.63 -31.19 23.44
C GLU B 362 43.30 -31.91 23.62
N ARG B 363 43.27 -33.19 23.28
CA ARG B 363 42.01 -33.92 23.18
C ARG B 363 41.44 -34.23 24.56
N ASN B 364 42.28 -34.67 25.48
CA ASN B 364 41.84 -34.86 26.85
C ASN B 364 41.99 -33.54 27.60
N THR B 365 41.28 -33.44 28.72
CA THR B 365 41.37 -32.22 29.51
C THR B 365 42.79 -32.06 30.03
N ASP B 366 43.54 -31.19 29.37
CA ASP B 366 44.95 -31.00 29.64
C ASP B 366 45.18 -29.55 30.07
N GLN B 367 46.45 -29.16 30.13
CA GLN B 367 46.85 -27.95 30.82
C GLN B 367 47.51 -26.89 29.94
N ALA B 368 48.52 -27.25 29.15
CA ALA B 368 49.42 -26.22 28.64
C ALA B 368 49.99 -26.47 27.25
N SER B 369 49.71 -25.57 26.30
CA SER B 369 50.44 -25.53 25.03
C SER B 369 50.22 -24.21 24.31
N MET B 370 51.29 -23.44 24.13
CA MET B 370 51.36 -22.41 23.08
C MET B 370 52.84 -22.16 22.80
N PRO B 371 53.40 -22.82 21.81
CA PRO B 371 54.79 -22.52 21.42
C PRO B 371 54.91 -21.19 20.70
N ASP B 372 54.02 -20.95 19.74
CA ASP B 372 54.08 -19.77 18.88
C ASP B 372 53.44 -18.61 19.61
N ASN B 373 54.23 -17.95 20.46
CA ASN B 373 53.75 -16.82 21.24
C ASN B 373 54.11 -15.48 20.60
N THR B 374 54.09 -15.42 19.27
CA THR B 374 54.44 -14.17 18.60
C THR B 374 53.39 -13.09 18.83
N ALA B 375 52.11 -13.48 18.89
CA ALA B 375 51.10 -12.54 19.33
C ALA B 375 51.25 -12.25 20.80
N ALA B 376 51.68 -13.25 21.57
CA ALA B 376 52.13 -12.98 22.93
C ALA B 376 53.37 -12.11 22.93
N GLN B 377 54.30 -12.36 21.99
CA GLN B 377 55.45 -11.46 21.87
C GLN B 377 55.00 -10.03 21.69
N LYS B 378 53.95 -9.82 20.90
CA LYS B 378 53.47 -8.47 20.64
C LYS B 378 52.78 -7.89 21.87
N VAL B 379 51.83 -8.62 22.46
CA VAL B 379 51.16 -8.12 23.66
C VAL B 379 52.19 -7.78 24.73
N CYS B 380 53.26 -8.56 24.81
CA CYS B 380 54.24 -8.41 25.87
C CYS B 380 55.28 -7.36 25.56
N HIS B 381 55.53 -7.08 24.29
CA HIS B 381 56.31 -5.91 23.93
C HIS B 381 55.54 -4.65 24.26
N LEU B 382 54.23 -4.63 23.95
CA LEU B 382 53.43 -3.46 24.26
C LEU B 382 53.29 -3.28 25.76
N MET B 383 53.04 -4.37 26.47
CA MET B 383 52.81 -4.30 27.89
C MET B 383 54.11 -4.35 28.66
N GLY B 384 55.23 -4.47 27.94
CA GLY B 384 56.49 -4.66 28.60
C GLY B 384 56.60 -5.94 29.37
N ILE B 385 55.55 -6.75 29.40
CA ILE B 385 55.58 -7.99 30.13
C ILE B 385 56.35 -9.03 29.33
N ASN B 386 56.64 -10.17 29.95
CA ASN B 386 57.40 -11.21 29.29
C ASN B 386 56.49 -11.98 28.34
N VAL B 387 56.97 -12.21 27.12
CA VAL B 387 56.21 -13.09 26.22
C VAL B 387 56.16 -14.50 26.78
N THR B 388 57.26 -14.99 27.35
CA THR B 388 57.28 -16.36 27.83
C THR B 388 56.47 -16.53 29.11
N ASP B 389 56.56 -15.62 30.06
CA ASP B 389 55.72 -15.73 31.24
C ASP B 389 54.25 -15.62 30.89
N PHE B 390 53.87 -14.56 30.17
CA PHE B 390 52.53 -14.43 29.63
C PHE B 390 52.07 -15.74 29.00
N THR B 391 52.81 -16.20 28.01
CA THR B 391 52.43 -17.40 27.28
C THR B 391 52.33 -18.58 28.22
N ARG B 392 53.47 -19.07 28.68
CA ARG B 392 53.50 -20.32 29.45
C ARG B 392 52.55 -20.27 30.65
N SER B 393 52.33 -19.09 31.22
CA SER B 393 51.43 -19.01 32.36
C SER B 393 49.99 -18.87 31.93
N ILE B 394 49.73 -18.64 30.64
CA ILE B 394 48.38 -18.92 30.14
C ILE B 394 48.27 -20.40 29.76
N LEU B 395 49.31 -20.96 29.16
CA LEU B 395 49.50 -22.40 29.19
C LEU B 395 49.33 -22.94 30.60
N THR B 396 50.16 -22.49 31.52
CA THR B 396 50.19 -22.98 32.90
C THR B 396 49.82 -21.86 33.86
N PRO B 397 48.54 -21.55 33.99
CA PRO B 397 48.11 -20.71 35.10
C PRO B 397 47.86 -21.55 36.33
N ARG B 398 48.10 -20.93 37.47
CA ARG B 398 47.77 -21.51 38.74
C ARG B 398 46.29 -21.26 38.99
N ILE B 399 45.45 -22.27 38.75
CA ILE B 399 44.01 -22.15 38.91
C ILE B 399 43.74 -22.02 40.40
N LYS B 400 43.09 -20.94 40.78
CA LYS B 400 42.87 -20.63 42.19
C LYS B 400 41.67 -21.41 42.69
N VAL B 401 41.92 -22.38 43.57
CA VAL B 401 40.90 -23.35 43.94
C VAL B 401 40.61 -23.39 45.42
N GLY B 402 41.48 -22.89 46.31
CA GLY B 402 41.17 -22.87 47.71
C GLY B 402 42.36 -22.56 48.59
N ARG B 403 42.58 -23.36 49.63
CA ARG B 403 43.80 -23.33 50.41
C ARG B 403 45.04 -23.37 49.53
N ASP B 404 44.96 -24.02 48.37
CA ASP B 404 46.02 -24.03 47.38
C ASP B 404 45.53 -23.41 46.09
N VAL B 405 46.48 -22.94 45.29
CA VAL B 405 46.22 -22.44 43.94
C VAL B 405 46.94 -23.40 43.00
N VAL B 406 46.21 -24.41 42.54
CA VAL B 406 46.80 -25.65 42.05
C VAL B 406 47.14 -25.47 40.57
N GLN B 407 48.23 -26.09 40.14
CA GLN B 407 48.55 -26.18 38.72
C GLN B 407 47.73 -27.28 38.07
N LYS B 408 46.41 -27.23 38.22
CA LYS B 408 45.50 -27.92 37.33
C LYS B 408 45.39 -27.00 36.13
N ALA B 409 46.55 -26.67 35.54
CA ALA B 409 46.68 -25.51 34.66
C ALA B 409 45.51 -25.45 33.69
N GLN B 410 44.89 -24.28 33.60
CA GLN B 410 43.66 -24.11 32.86
C GLN B 410 43.72 -24.82 31.52
N THR B 411 42.71 -25.64 31.26
CA THR B 411 42.62 -26.26 29.95
C THR B 411 42.72 -25.18 28.89
N LYS B 412 43.41 -25.50 27.79
CA LYS B 412 43.71 -24.44 26.82
C LYS B 412 42.45 -23.79 26.30
N GLU B 413 41.31 -24.46 26.44
CA GLU B 413 40.03 -23.77 26.47
C GLU B 413 40.14 -22.54 27.36
N GLN B 414 40.34 -22.75 28.65
CA GLN B 414 40.48 -21.64 29.59
C GLN B 414 41.76 -20.86 29.33
N ALA B 415 42.71 -21.39 28.56
CA ALA B 415 43.91 -20.61 28.27
C ALA B 415 43.61 -19.49 27.29
N ASP B 416 43.03 -19.81 26.14
CA ASP B 416 42.60 -18.74 25.24
C ASP B 416 41.47 -17.93 25.86
N PHE B 417 40.72 -18.55 26.78
CA PHE B 417 39.78 -17.77 27.56
C PHE B 417 40.48 -16.77 28.48
N ALA B 418 41.62 -17.16 29.05
CA ALA B 418 42.44 -16.24 29.84
C ALA B 418 43.04 -15.17 28.95
N ILE B 419 43.27 -15.53 27.68
CA ILE B 419 43.68 -14.55 26.68
C ILE B 419 42.62 -13.48 26.49
N GLU B 420 41.39 -13.92 26.19
CA GLU B 420 40.29 -12.97 26.01
C GLU B 420 40.01 -12.22 27.30
N ALA B 421 40.19 -12.88 28.45
CA ALA B 421 40.05 -12.23 29.74
C ALA B 421 41.11 -11.17 29.94
N LEU B 422 42.34 -11.49 29.56
CA LEU B 422 43.41 -10.52 29.67
C LEU B 422 43.11 -9.31 28.82
N ALA B 423 42.69 -9.53 27.58
CA ALA B 423 42.32 -8.41 26.72
C ALA B 423 41.17 -7.62 27.33
N LYS B 424 40.11 -8.31 27.76
CA LYS B 424 38.95 -7.66 28.35
C LYS B 424 39.33 -6.80 29.54
N ALA B 425 39.80 -7.44 30.62
CA ALA B 425 40.10 -6.70 31.85
C ALA B 425 41.28 -5.76 31.65
N LYS B 426 42.17 -6.09 30.72
CA LYS B 426 43.29 -5.21 30.42
C LYS B 426 42.80 -3.88 29.89
N PHE B 427 42.02 -3.90 28.82
CA PHE B 427 41.51 -2.64 28.29
C PHE B 427 40.50 -2.01 29.22
N GLU B 428 39.82 -2.83 30.03
CA GLU B 428 38.87 -2.28 30.99
C GLU B 428 39.59 -1.41 32.01
N ARG B 429 40.62 -1.95 32.66
CA ARG B 429 41.39 -1.13 33.59
C ARG B 429 42.21 -0.09 32.86
N LEU B 430 42.48 -0.31 31.57
CA LEU B 430 43.05 0.75 30.77
C LEU B 430 42.17 1.98 30.78
N PHE B 431 40.94 1.84 30.27
CA PHE B 431 40.03 2.98 30.26
C PHE B 431 39.64 3.39 31.67
N ARG B 432 39.82 2.49 32.65
CA ARG B 432 39.49 2.86 34.02
C ARG B 432 40.53 3.80 34.60
N TRP B 433 41.81 3.45 34.47
CA TRP B 433 42.88 4.38 34.77
C TRP B 433 42.79 5.64 33.91
N ILE B 434 42.25 5.49 32.70
CA ILE B 434 42.09 6.61 31.80
C ILE B 434 41.04 7.58 32.31
N LEU B 435 39.88 7.05 32.66
CA LEU B 435 38.83 7.85 33.29
C LEU B 435 39.29 8.35 34.65
N THR B 436 40.25 7.64 35.26
CA THR B 436 40.85 8.10 36.50
C THR B 436 41.61 9.40 36.28
N ARG B 437 42.53 9.41 35.31
CA ARG B 437 43.21 10.65 34.94
C ARG B 437 42.22 11.71 34.46
N VAL B 438 41.23 11.27 33.68
CA VAL B 438 40.07 12.06 33.33
C VAL B 438 39.56 12.84 34.53
N ASN B 439 39.35 12.16 35.65
CA ASN B 439 38.79 12.82 36.82
C ASN B 439 39.87 13.54 37.60
N LYS B 440 41.13 13.11 37.47
CA LYS B 440 42.24 13.79 38.12
C LYS B 440 42.30 15.24 37.68
N ALA B 441 42.48 15.47 36.39
CA ALA B 441 42.46 16.86 35.93
C ALA B 441 41.04 17.37 35.75
N LEU B 442 40.05 16.47 35.76
CA LEU B 442 38.67 16.89 35.57
C LEU B 442 38.13 17.55 36.81
N ASP B 443 38.11 16.83 37.92
CA ASP B 443 37.58 17.38 39.14
C ASP B 443 38.59 18.29 39.80
N LYS B 444 38.07 19.28 40.52
CA LYS B 444 38.90 19.99 41.48
C LYS B 444 39.19 19.06 42.63
N THR B 445 40.45 18.99 43.02
CA THR B 445 40.82 18.31 44.24
C THR B 445 40.34 19.05 45.47
N LYS B 446 39.90 20.30 45.31
CA LYS B 446 39.25 21.06 46.36
C LYS B 446 37.77 21.16 46.04
N ARG B 447 36.93 20.73 46.97
CA ARG B 447 35.50 20.90 46.82
C ARG B 447 34.83 20.71 48.17
N GLN B 448 33.86 21.57 48.46
CA GLN B 448 32.90 21.29 49.52
C GLN B 448 32.04 20.09 49.15
N GLY B 449 31.43 20.13 47.97
CA GLY B 449 30.69 19.01 47.42
C GLY B 449 29.70 18.38 48.39
N ALA B 450 29.34 19.13 49.44
CA ALA B 450 28.43 18.60 50.45
C ALA B 450 27.11 18.19 49.81
N SER B 451 26.82 18.73 48.63
CA SER B 451 25.76 18.22 47.79
C SER B 451 26.39 17.85 46.44
N PHE B 452 25.64 17.15 45.60
CA PHE B 452 26.18 16.85 44.28
C PHE B 452 25.05 16.44 43.35
N LEU B 453 25.37 16.48 42.07
CA LEU B 453 24.43 16.22 40.99
C LEU B 453 25.04 15.24 40.01
N GLY B 454 24.55 14.00 40.01
CA GLY B 454 25.04 13.03 39.05
C GLY B 454 24.22 13.03 37.78
N ILE B 455 24.68 13.76 36.77
CA ILE B 455 23.94 13.88 35.52
C ILE B 455 24.33 12.71 34.62
N LEU B 456 23.33 12.04 34.03
CA LEU B 456 23.50 10.73 33.41
C LEU B 456 23.75 10.87 31.91
N ASP B 457 24.70 10.09 31.39
CA ASP B 457 24.90 9.91 29.96
C ASP B 457 25.06 8.41 29.72
N ILE B 458 23.94 7.69 29.56
CA ILE B 458 24.01 6.26 29.28
C ILE B 458 23.28 5.99 27.97
N ALA B 459 23.72 4.94 27.29
CA ALA B 459 22.87 4.28 26.32
C ALA B 459 21.70 3.61 27.04
N GLY B 460 20.54 4.25 26.97
CA GLY B 460 19.34 3.79 27.65
C GLY B 460 18.78 2.55 26.98
N PHE B 461 17.46 2.39 27.10
CA PHE B 461 16.84 1.18 26.58
C PHE B 461 17.16 1.04 25.11
N GLU B 462 18.05 0.11 24.81
CA GLU B 462 18.64 0.06 23.48
C GLU B 462 17.84 -0.89 22.61
N ILE B 463 17.08 -0.33 21.69
CA ILE B 463 16.29 -1.07 20.75
C ILE B 463 17.20 -1.39 19.57
N PHE B 464 17.93 -2.50 19.69
CA PHE B 464 19.04 -2.80 18.80
C PHE B 464 18.79 -4.11 18.07
N GLU B 465 19.63 -4.36 17.06
CA GLU B 465 19.57 -5.57 16.27
C GLU B 465 20.46 -6.69 16.81
N ILE B 466 21.64 -6.36 17.33
CA ILE B 466 22.43 -7.30 18.11
C ILE B 466 22.00 -7.15 19.57
N ASN B 467 21.47 -8.22 20.12
CA ASN B 467 21.15 -8.26 21.53
C ASN B 467 21.84 -9.48 22.11
N SER B 468 23.01 -9.24 22.69
CA SER B 468 23.96 -10.29 23.01
C SER B 468 24.48 -9.99 24.41
N PHE B 469 25.60 -10.61 24.77
CA PHE B 469 26.15 -10.44 26.11
C PHE B 469 26.25 -8.96 26.47
N GLU B 470 27.07 -8.20 25.73
CA GLU B 470 27.19 -6.77 26.01
C GLU B 470 25.83 -6.08 25.92
N GLN B 471 25.01 -6.45 24.94
CA GLN B 471 23.72 -5.79 24.79
C GLN B 471 22.70 -6.28 25.81
N LEU B 472 22.79 -7.54 26.25
CA LEU B 472 21.96 -7.96 27.38
C LEU B 472 22.27 -7.13 28.61
N CYS B 473 23.57 -6.99 28.90
CA CYS B 473 23.96 -6.19 30.06
C CYS B 473 23.55 -4.73 29.90
N ILE B 474 23.62 -4.19 28.69
CA ILE B 474 23.24 -2.79 28.49
C ILE B 474 21.73 -2.61 28.66
N ASN B 475 20.94 -3.48 28.03
CA ASN B 475 19.49 -3.36 28.12
C ASN B 475 18.97 -3.65 29.52
N TYR B 476 19.59 -4.61 30.22
CA TYR B 476 19.25 -4.87 31.61
C TYR B 476 19.71 -3.72 32.52
N THR B 477 20.83 -3.09 32.15
CA THR B 477 21.26 -1.89 32.87
C THR B 477 20.19 -0.82 32.79
N ASN B 478 19.74 -0.54 31.56
CA ASN B 478 18.69 0.44 31.38
C ASN B 478 17.38 -0.03 31.99
N GLU B 479 17.19 -1.34 32.11
CA GLU B 479 16.06 -1.86 32.88
C GLU B 479 16.11 -1.32 34.31
N LYS B 480 17.21 -1.57 35.00
CA LYS B 480 17.28 -1.14 36.40
C LYS B 480 17.36 0.39 36.49
N LEU B 481 17.82 1.07 35.45
CA LEU B 481 17.83 2.53 35.45
C LEU B 481 16.43 3.11 35.30
N GLN B 482 15.70 2.70 34.26
CA GLN B 482 14.32 3.12 34.10
C GLN B 482 13.43 2.57 35.20
N GLN B 483 13.91 1.60 35.97
CA GLN B 483 13.18 1.23 37.18
C GLN B 483 13.23 2.36 38.19
N LEU B 484 14.42 2.93 38.41
CA LEU B 484 14.54 4.11 39.25
C LEU B 484 13.71 5.24 38.67
N PHE B 485 13.80 5.41 37.35
CA PHE B 485 13.07 6.45 36.64
C PHE B 485 11.57 6.33 36.87
N ASN B 486 11.00 5.15 36.61
CA ASN B 486 9.56 4.96 36.72
C ASN B 486 9.13 4.86 38.16
N HIS B 487 10.04 4.46 39.06
CA HIS B 487 9.73 4.46 40.47
C HIS B 487 9.67 5.88 41.02
N THR B 488 10.50 6.77 40.47
CA THR B 488 10.41 8.16 40.87
C THR B 488 9.22 8.83 40.18
N MET B 489 8.83 8.31 39.02
CA MET B 489 7.55 8.68 38.44
C MET B 489 6.41 8.26 39.36
N PHE B 490 6.52 7.08 39.94
CA PHE B 490 5.62 6.64 40.99
C PHE B 490 5.67 7.58 42.18
N ILE B 491 6.87 8.06 42.50
CA ILE B 491 7.03 9.00 43.59
C ILE B 491 6.25 10.28 43.32
N LEU B 492 6.39 10.84 42.12
CA LEU B 492 5.69 12.08 41.81
C LEU B 492 4.20 11.85 41.61
N GLU B 493 3.82 10.66 41.14
CA GLU B 493 2.40 10.32 41.02
C GLU B 493 1.77 10.21 42.40
N GLN B 494 2.45 9.57 43.35
CA GLN B 494 2.03 9.58 44.74
C GLN B 494 2.01 10.98 45.32
N GLU B 495 3.02 11.79 45.00
CA GLU B 495 3.01 13.19 45.37
C GLU B 495 1.73 13.84 44.91
N GLU B 496 1.35 13.59 43.65
CA GLU B 496 0.06 14.02 43.15
C GLU B 496 -1.07 13.56 44.07
N TYR B 497 -1.28 12.25 44.21
CA TYR B 497 -2.47 11.77 44.90
C TYR B 497 -2.53 12.28 46.34
N GLN B 498 -1.36 12.52 46.94
CA GLN B 498 -1.34 13.05 48.29
C GLN B 498 -1.53 14.57 48.30
N ARG B 499 -1.24 15.22 47.16
CA ARG B 499 -1.51 16.66 47.06
C ARG B 499 -2.98 16.95 47.28
N GLU B 500 -3.84 16.22 46.59
CA GLU B 500 -5.27 16.30 46.83
C GLU B 500 -5.65 15.25 47.86
N GLY B 501 -6.92 15.21 48.24
CA GLY B 501 -7.40 14.08 49.01
C GLY B 501 -7.78 13.00 48.02
N ILE B 502 -6.82 12.13 47.74
CA ILE B 502 -6.98 11.12 46.71
C ILE B 502 -6.86 9.75 47.37
N GLU B 503 -7.99 9.06 47.46
CA GLU B 503 -8.07 7.74 48.02
C GLU B 503 -7.26 6.72 47.23
N TRP B 504 -6.63 7.15 46.15
CA TRP B 504 -6.02 6.26 45.18
C TRP B 504 -4.55 6.58 45.04
N ASN B 505 -3.73 5.60 45.39
CA ASN B 505 -2.30 5.74 45.50
C ASN B 505 -1.60 4.73 44.62
N PHE B 506 -1.96 4.69 43.33
CA PHE B 506 -1.80 3.57 42.42
C PHE B 506 -0.39 2.99 42.40
N ILE B 507 -0.28 1.81 41.79
CA ILE B 507 0.81 0.87 42.04
C ILE B 507 2.16 1.56 41.95
N ASP B 508 3.13 1.03 42.68
CA ASP B 508 4.53 1.37 42.45
C ASP B 508 4.81 1.07 40.99
N PHE B 509 5.23 2.09 40.26
CA PHE B 509 5.19 2.01 38.80
C PHE B 509 6.50 1.51 38.22
N GLY B 510 7.63 1.78 38.89
CA GLY B 510 8.86 1.08 38.55
C GLY B 510 8.74 -0.42 38.63
N LEU B 511 7.74 -0.93 39.36
CA LEU B 511 7.48 -2.36 39.38
C LEU B 511 7.12 -2.91 38.01
N ASP B 512 6.71 -2.05 37.08
CA ASP B 512 6.47 -2.50 35.71
C ASP B 512 7.75 -3.06 35.09
N LEU B 513 8.88 -2.85 35.75
CA LEU B 513 10.20 -3.24 35.22
C LEU B 513 10.77 -4.51 35.83
N GLN B 514 10.36 -4.87 37.05
CA GLN B 514 11.08 -5.86 37.83
C GLN B 514 11.17 -7.25 37.20
N PRO B 515 10.08 -7.89 36.76
CA PRO B 515 10.23 -9.23 36.17
C PRO B 515 11.16 -9.26 34.98
N CYS B 516 11.37 -8.13 34.32
CA CYS B 516 12.36 -8.05 33.24
C CYS B 516 13.77 -8.16 33.77
N ILE B 517 13.94 -7.98 35.08
CA ILE B 517 15.25 -7.62 35.63
C ILE B 517 15.91 -8.81 36.30
N GLU B 518 15.21 -9.48 37.23
CA GLU B 518 15.75 -10.71 37.80
C GLU B 518 15.88 -11.80 36.74
N LEU B 519 15.09 -11.68 35.67
CA LEU B 519 15.31 -12.45 34.46
C LEU B 519 16.78 -12.46 34.03
N ILE B 520 17.51 -11.38 34.28
CA ILE B 520 18.90 -11.29 33.89
C ILE B 520 19.83 -11.68 35.03
N GLU B 521 19.30 -11.75 36.25
CA GLU B 521 20.13 -11.60 37.43
C GLU B 521 20.34 -12.91 38.17
N ARG B 522 19.26 -13.67 38.39
CA ARG B 522 19.26 -14.89 39.21
C ARG B 522 20.46 -15.79 38.93
N PRO B 523 21.34 -16.04 39.92
CA PRO B 523 22.60 -16.74 39.61
C PRO B 523 22.61 -18.26 39.78
N THR B 524 21.75 -18.78 40.63
CA THR B 524 21.50 -20.22 40.75
C THR B 524 20.04 -20.39 41.09
N ASN B 525 19.65 -21.57 41.60
CA ASN B 525 18.26 -21.77 41.98
C ASN B 525 17.37 -21.47 40.78
N PRO B 526 17.17 -22.44 39.89
CA PRO B 526 17.48 -22.27 38.46
C PRO B 526 17.50 -20.81 38.04
N PRO B 527 18.61 -20.41 37.42
CA PRO B 527 19.07 -19.02 37.49
C PRO B 527 18.55 -18.11 36.37
N GLY B 528 19.08 -16.89 36.36
CA GLY B 528 18.71 -15.91 35.35
C GLY B 528 19.75 -15.80 34.24
N VAL B 529 19.30 -15.22 33.12
CA VAL B 529 19.95 -15.34 31.82
C VAL B 529 21.45 -15.08 31.85
N LEU B 530 21.82 -13.84 32.17
CA LEU B 530 23.23 -13.49 32.26
C LEU B 530 23.93 -14.34 33.31
N ALA B 531 23.18 -14.80 34.31
CA ALA B 531 23.81 -15.61 35.33
C ALA B 531 23.75 -17.10 35.00
N LEU B 532 22.88 -17.50 34.07
CA LEU B 532 23.07 -18.80 33.45
C LEU B 532 24.38 -18.83 32.69
N LEU B 533 24.62 -17.79 31.91
CA LEU B 533 25.95 -17.53 31.34
C LEU B 533 27.02 -17.64 32.41
N ASP B 534 26.80 -16.98 33.55
CA ASP B 534 27.77 -17.02 34.63
C ASP B 534 28.04 -18.44 35.11
N GLU B 535 26.96 -19.23 35.33
CA GLU B 535 27.14 -20.63 35.68
C GLU B 535 28.08 -21.31 34.71
N GLU B 536 27.77 -21.21 33.42
CA GLU B 536 28.52 -21.98 32.44
C GLU B 536 29.92 -21.45 32.29
N CYS B 537 30.19 -20.27 32.83
CA CYS B 537 31.55 -19.81 32.95
C CYS B 537 32.21 -20.23 34.26
N TRP B 538 31.44 -20.65 35.28
CA TRP B 538 32.02 -21.25 36.49
C TRP B 538 32.52 -22.66 36.25
N PHE B 539 32.35 -23.18 35.06
CA PHE B 539 32.80 -24.51 34.69
C PHE B 539 34.27 -24.48 34.32
N PRO B 540 35.01 -25.55 34.63
CA PRO B 540 36.39 -25.63 34.13
C PRO B 540 36.45 -25.62 32.62
N LYS B 541 35.33 -25.88 31.96
CA LYS B 541 35.19 -25.75 30.53
C LYS B 541 34.15 -24.68 30.23
N ALA B 542 33.84 -24.53 28.95
CA ALA B 542 32.79 -23.63 28.49
C ALA B 542 31.58 -24.47 28.10
N THR B 543 30.41 -24.12 28.65
CA THR B 543 29.19 -24.85 28.32
C THR B 543 28.11 -23.86 27.91
N ASP B 544 28.19 -23.35 26.68
CA ASP B 544 27.05 -22.66 26.08
C ASP B 544 25.86 -23.58 25.91
N THR B 545 26.10 -24.88 25.74
CA THR B 545 25.00 -25.83 25.68
C THR B 545 24.24 -25.88 26.99
N SER B 546 24.96 -25.98 28.11
CA SER B 546 24.27 -25.89 29.40
C SER B 546 23.79 -24.47 29.65
N PHE B 547 24.37 -23.47 28.99
CA PHE B 547 23.85 -22.12 29.10
C PHE B 547 22.44 -22.04 28.55
N VAL B 548 22.21 -22.57 27.35
CA VAL B 548 20.86 -22.48 26.79
C VAL B 548 19.95 -23.54 27.42
N GLU B 549 20.54 -24.64 27.89
CA GLU B 549 19.82 -25.52 28.81
C GLU B 549 19.20 -24.73 29.94
N LYS B 550 20.01 -23.94 30.61
CA LYS B 550 19.53 -23.08 31.69
C LYS B 550 18.57 -22.01 31.16
N LEU B 551 18.85 -21.44 30.01
CA LEU B 551 17.93 -20.45 29.44
C LEU B 551 16.54 -21.04 29.32
N ILE B 552 16.42 -22.21 28.71
CA ILE B 552 15.11 -22.80 28.46
C ILE B 552 14.49 -23.28 29.76
N GLN B 553 15.20 -24.12 30.52
CA GLN B 553 14.65 -24.67 31.75
C GLN B 553 14.30 -23.59 32.75
N GLU B 554 14.92 -22.42 32.60
CA GLU B 554 14.79 -21.32 33.53
C GLU B 554 13.87 -20.22 33.04
N GLN B 555 13.46 -20.27 31.77
CA GLN B 555 12.54 -19.27 31.26
C GLN B 555 11.31 -19.09 32.14
N GLY B 556 10.81 -20.17 32.74
CA GLY B 556 9.77 -20.04 33.74
C GLY B 556 10.28 -19.56 35.08
N ASN B 557 11.53 -19.87 35.40
CA ASN B 557 12.17 -19.33 36.60
C ASN B 557 12.41 -17.84 36.48
N HIS B 558 12.43 -17.30 35.26
CA HIS B 558 12.31 -15.88 35.04
C HIS B 558 10.84 -15.54 34.86
N ALA B 559 10.52 -14.25 34.91
CA ALA B 559 9.16 -13.82 34.68
C ALA B 559 8.99 -12.96 33.44
N LYS B 560 10.08 -12.62 32.75
CA LYS B 560 10.01 -11.96 31.45
C LYS B 560 10.94 -12.64 30.45
N PHE B 561 11.37 -13.86 30.74
CA PHE B 561 12.12 -14.67 29.80
C PHE B 561 11.15 -15.17 28.75
N GLN B 562 11.32 -14.72 27.52
CA GLN B 562 10.58 -15.26 26.40
C GLN B 562 11.49 -16.28 25.72
N LYS B 563 11.53 -17.47 26.28
CA LYS B 563 12.19 -18.58 25.61
C LYS B 563 11.48 -18.83 24.29
N SER B 564 12.22 -18.75 23.20
CA SER B 564 11.59 -18.75 21.88
C SER B 564 11.04 -20.14 21.56
N LYS B 565 10.62 -20.31 20.30
CA LYS B 565 9.84 -21.49 19.93
C LYS B 565 10.67 -22.77 20.07
N GLN B 566 9.99 -23.90 19.84
CA GLN B 566 10.61 -25.22 19.91
C GLN B 566 11.96 -25.27 19.22
N LEU B 567 12.08 -24.63 18.06
CA LEU B 567 13.32 -24.67 17.30
C LEU B 567 14.19 -23.45 17.57
N LYS B 568 13.58 -22.32 17.92
CA LYS B 568 14.35 -21.11 18.17
C LYS B 568 14.99 -21.10 19.55
N ASP B 569 14.34 -21.70 20.54
CA ASP B 569 14.85 -21.61 21.90
C ASP B 569 16.13 -22.36 22.10
N LYS B 570 16.48 -23.23 21.16
CA LYS B 570 17.58 -24.18 21.36
C LYS B 570 18.91 -23.49 21.60
N THR B 571 19.11 -22.28 21.08
CA THR B 571 20.27 -21.49 21.47
C THR B 571 19.83 -20.05 21.72
N GLU B 572 18.64 -19.72 21.25
CA GLU B 572 18.13 -18.36 21.31
C GLU B 572 16.99 -18.34 22.32
N PHE B 573 16.49 -17.14 22.58
CA PHE B 573 15.35 -16.93 23.44
C PHE B 573 15.03 -15.45 23.35
N CYS B 574 14.16 -15.00 24.23
CA CYS B 574 13.97 -13.57 24.38
C CYS B 574 13.91 -13.21 25.86
N ILE B 575 13.95 -11.92 26.11
CA ILE B 575 13.91 -11.36 27.45
C ILE B 575 12.98 -10.16 27.38
N LEU B 576 11.82 -10.27 28.01
CA LEU B 576 10.82 -9.21 27.88
C LEU B 576 11.32 -8.00 28.66
N HIS B 577 12.29 -7.30 28.07
CA HIS B 577 12.84 -6.09 28.64
C HIS B 577 11.79 -4.99 28.72
N TYR B 578 12.07 -4.02 29.59
CA TYR B 578 11.22 -2.85 29.70
C TYR B 578 11.45 -1.88 28.56
N ALA B 579 12.47 -2.13 27.75
CA ALA B 579 12.58 -1.53 26.43
C ALA B 579 11.57 -2.12 25.46
N GLY B 580 10.64 -2.94 25.96
CA GLY B 580 9.91 -3.86 25.12
C GLY B 580 10.73 -5.14 25.12
N LYS B 581 10.13 -6.25 24.69
CA LYS B 581 10.87 -7.50 24.64
C LYS B 581 12.08 -7.35 23.73
N VAL B 582 13.21 -7.89 24.17
CA VAL B 582 14.45 -7.88 23.43
C VAL B 582 14.91 -9.32 23.28
N THR B 583 15.02 -9.77 22.04
CA THR B 583 15.37 -11.16 21.75
C THR B 583 16.86 -11.37 21.93
N TYR B 584 17.23 -12.38 22.71
CA TYR B 584 18.63 -12.63 22.99
C TYR B 584 19.02 -14.02 22.50
N ASN B 585 20.05 -14.04 21.67
CA ASN B 585 20.71 -15.30 21.34
C ASN B 585 21.94 -15.38 22.24
N ALA B 586 21.82 -16.13 23.32
CA ALA B 586 22.88 -16.22 24.31
C ALA B 586 23.76 -17.43 24.00
N SER B 587 24.66 -17.25 23.04
CA SER B 587 25.51 -18.34 22.59
C SER B 587 26.95 -17.86 22.42
N ALA B 588 27.14 -16.54 22.38
CA ALA B 588 28.48 -15.97 22.20
C ALA B 588 28.85 -15.19 23.45
N TRP B 589 28.17 -15.47 24.55
CA TRP B 589 28.37 -14.68 25.76
C TRP B 589 29.52 -15.22 26.60
N LEU B 590 29.68 -16.54 26.71
CA LEU B 590 30.76 -17.10 27.51
C LEU B 590 32.15 -16.63 27.08
N THR B 591 32.38 -16.45 25.79
CA THR B 591 33.69 -16.02 25.30
C THR B 591 34.06 -14.62 25.77
N LYS B 592 33.07 -13.75 25.98
CA LYS B 592 33.29 -12.44 26.54
C LYS B 592 32.97 -12.42 28.02
N ASN B 593 32.70 -13.60 28.59
CA ASN B 593 32.26 -13.69 29.97
C ASN B 593 33.02 -14.74 30.77
N MET B 594 33.56 -15.76 30.10
CA MET B 594 34.34 -16.78 30.80
C MET B 594 35.40 -16.14 31.69
N ASP B 595 36.11 -15.16 31.15
CA ASP B 595 37.09 -14.32 31.81
C ASP B 595 38.01 -15.05 32.80
N PRO B 596 38.69 -16.14 32.40
CA PRO B 596 39.71 -16.70 33.29
C PRO B 596 40.91 -15.79 33.38
N LEU B 597 40.68 -14.57 33.87
CA LEU B 597 41.70 -13.54 33.89
C LEU B 597 42.95 -14.09 34.52
N ASN B 598 43.97 -14.33 33.70
CA ASN B 598 45.11 -15.07 34.19
C ASN B 598 45.91 -14.18 35.14
N ASP B 599 45.65 -14.37 36.43
CA ASP B 599 46.33 -13.65 37.50
C ASP B 599 47.84 -13.72 37.37
N ASN B 600 48.36 -14.81 36.80
CA ASN B 600 49.78 -14.87 36.52
C ASN B 600 50.15 -13.93 35.37
N VAL B 601 49.35 -13.94 34.32
CA VAL B 601 49.62 -13.06 33.18
C VAL B 601 49.23 -11.62 33.49
N THR B 602 48.16 -11.41 34.25
CA THR B 602 47.83 -10.04 34.62
C THR B 602 48.82 -9.49 35.64
N SER B 603 49.36 -10.37 36.48
CA SER B 603 50.47 -9.97 37.34
C SER B 603 51.69 -9.65 36.51
N LEU B 604 51.91 -10.41 35.44
CA LEU B 604 52.96 -10.06 34.49
C LEU B 604 52.69 -8.69 33.88
N LEU B 605 51.43 -8.39 33.62
CA LEU B 605 51.04 -7.04 33.24
C LEU B 605 51.38 -6.05 34.32
N ASN B 606 51.38 -6.49 35.57
CA ASN B 606 51.97 -5.69 36.64
C ASN B 606 53.49 -5.86 36.66
N GLN B 607 53.97 -7.08 36.35
CA GLN B 607 55.39 -7.31 36.13
C GLN B 607 55.87 -6.69 34.82
N SER B 608 55.02 -5.87 34.20
CA SER B 608 55.33 -5.16 32.98
C SER B 608 56.70 -4.50 33.05
N SER B 609 57.34 -4.37 31.90
CA SER B 609 58.42 -3.39 31.80
C SER B 609 57.90 -2.07 31.23
N ASP B 610 56.78 -2.11 30.53
CA ASP B 610 56.03 -0.89 30.23
C ASP B 610 55.32 -0.48 31.52
N LYS B 611 55.93 0.43 32.26
CA LYS B 611 55.50 0.74 33.61
C LYS B 611 54.10 1.32 33.68
N PHE B 612 53.68 2.11 32.70
CA PHE B 612 52.30 2.58 32.71
C PHE B 612 51.33 1.43 32.51
N VAL B 613 51.71 0.47 31.66
CA VAL B 613 50.95 -0.76 31.54
C VAL B 613 50.79 -1.45 32.89
N ALA B 614 51.87 -1.50 33.67
CA ALA B 614 51.77 -2.00 35.03
C ALA B 614 50.80 -1.15 35.84
N ASP B 615 50.84 0.18 35.65
CA ASP B 615 49.91 1.05 36.34
C ASP B 615 48.47 0.67 36.03
N LEU B 616 48.22 0.20 34.81
CA LEU B 616 46.87 -0.20 34.45
C LEU B 616 46.48 -1.49 35.16
N TRP B 617 47.37 -2.47 35.19
CA TRP B 617 47.07 -3.72 35.86
C TRP B 617 48.17 -4.10 36.84
N LYS B 618 48.53 -3.14 37.67
CA LYS B 618 49.04 -3.46 38.99
C LYS B 618 48.11 -4.42 39.72
N ASP B 619 46.82 -4.41 39.36
CA ASP B 619 45.86 -5.45 39.73
C ASP B 619 46.10 -6.65 38.83
N VAL B 620 46.11 -7.84 39.43
CA VAL B 620 46.34 -9.08 38.69
C VAL B 620 45.01 -9.63 38.17
N MET B 647 40.09 -16.50 37.75
CA MET B 647 39.57 -17.32 36.66
C MET B 647 38.06 -17.15 36.50
N PHE B 648 37.32 -17.63 37.50
CA PHE B 648 35.88 -17.37 37.57
C PHE B 648 35.66 -15.92 37.97
N ARG B 649 34.44 -15.54 38.38
CA ARG B 649 33.95 -14.16 38.33
C ARG B 649 33.75 -13.74 36.88
N THR B 650 32.73 -14.33 36.28
CA THR B 650 32.32 -14.09 34.91
C THR B 650 32.12 -12.60 34.64
N VAL B 651 32.12 -12.25 33.35
CA VAL B 651 31.96 -10.84 32.96
C VAL B 651 30.48 -10.45 32.97
N GLY B 652 29.58 -11.42 32.88
CA GLY B 652 28.18 -11.11 33.09
C GLY B 652 27.95 -10.48 34.45
N GLN B 653 28.61 -11.03 35.47
CA GLN B 653 28.57 -10.43 36.79
C GLN B 653 29.26 -9.07 36.81
N LEU B 654 30.34 -8.92 36.05
CA LEU B 654 31.01 -7.62 35.97
C LEU B 654 30.09 -6.56 35.38
N TYR B 655 29.28 -6.94 34.39
CA TYR B 655 28.43 -5.97 33.74
C TYR B 655 27.17 -5.69 34.54
N LYS B 656 26.65 -6.71 35.26
CA LYS B 656 25.65 -6.43 36.28
C LYS B 656 26.18 -5.46 37.32
N GLU B 657 27.45 -5.64 37.71
CA GLU B 657 28.12 -4.71 38.62
C GLU B 657 28.13 -3.29 38.06
N GLN B 658 28.45 -3.15 36.78
CA GLN B 658 28.52 -1.82 36.19
C GLN B 658 27.13 -1.18 36.08
N LEU B 659 26.12 -1.97 35.71
CA LEU B 659 24.74 -1.54 35.91
C LEU B 659 24.53 -1.00 37.30
N THR B 660 24.70 -1.85 38.32
CA THR B 660 24.34 -1.44 39.67
C THR B 660 25.07 -0.17 40.08
N LYS B 661 26.31 0.00 39.62
CA LYS B 661 27.03 1.24 39.87
C LYS B 661 26.28 2.44 39.30
N LEU B 662 25.99 2.41 38.00
CA LEU B 662 25.29 3.54 37.40
C LEU B 662 23.89 3.72 37.99
N MET B 663 23.28 2.61 38.40
CA MET B 663 21.95 2.65 38.98
C MET B 663 21.96 3.38 40.32
N THR B 664 22.94 3.07 41.18
CA THR B 664 23.06 3.80 42.43
C THR B 664 23.38 5.27 42.17
N THR B 665 24.25 5.54 41.19
CA THR B 665 24.55 6.94 40.89
C THR B 665 23.30 7.69 40.45
N LEU B 666 22.36 7.00 39.82
CA LEU B 666 21.09 7.63 39.46
C LEU B 666 20.17 7.77 40.67
N ARG B 667 20.08 6.74 41.50
CA ARG B 667 19.00 6.63 42.48
C ARG B 667 19.34 7.22 43.83
N ASN B 668 20.64 7.40 44.13
CA ASN B 668 21.09 7.78 45.46
C ASN B 668 20.55 9.14 45.91
N THR B 669 19.72 9.77 45.09
CA THR B 669 19.26 11.13 45.29
C THR B 669 17.78 11.23 44.97
N ASN B 670 17.31 12.46 44.82
CA ASN B 670 16.03 12.70 44.17
C ASN B 670 16.27 12.58 42.67
N PRO B 671 15.89 11.47 42.04
CA PRO B 671 16.22 11.29 40.62
C PRO B 671 15.57 12.36 39.77
N ASN B 672 16.40 13.25 39.26
CA ASN B 672 15.96 14.45 38.57
C ASN B 672 15.55 14.10 37.14
N PHE B 673 14.34 14.52 36.80
CA PHE B 673 13.60 14.00 35.64
C PHE B 673 13.93 14.73 34.36
N VAL B 674 15.08 14.42 33.77
CA VAL B 674 15.37 14.88 32.42
C VAL B 674 15.42 13.68 31.52
N ARG B 675 14.85 13.81 30.32
CA ARG B 675 14.77 12.69 29.41
C ARG B 675 15.44 13.08 28.11
N CYS B 676 16.09 12.11 27.47
CA CYS B 676 16.83 12.34 26.23
C CYS B 676 16.14 11.55 25.12
N ILE B 677 15.43 12.27 24.26
CA ILE B 677 14.49 11.65 23.34
C ILE B 677 14.93 11.90 21.90
N ILE B 678 14.77 10.88 21.09
CA ILE B 678 15.17 10.92 19.68
C ILE B 678 13.98 11.41 18.88
N PRO B 679 14.07 12.54 18.21
CA PRO B 679 13.21 12.76 17.05
C PRO B 679 13.92 12.20 15.83
N ASN B 680 15.25 12.03 15.97
CA ASN B 680 16.06 11.20 15.09
C ASN B 680 17.41 10.90 15.75
N HIS B 681 17.73 9.62 15.91
CA HIS B 681 18.98 9.21 16.54
C HIS B 681 20.20 9.52 15.67
N GLU B 682 19.98 9.93 14.44
CA GLU B 682 21.03 10.42 13.56
C GLU B 682 21.55 11.78 14.00
N LYS B 683 21.20 12.22 15.21
CA LYS B 683 21.63 13.50 15.76
C LYS B 683 21.10 14.67 14.94
N ARG B 684 19.77 14.80 14.91
CA ARG B 684 19.11 15.84 14.15
C ARG B 684 18.31 16.77 15.04
N ALA B 685 18.07 17.96 14.49
CA ALA B 685 17.35 19.03 15.17
C ALA B 685 16.16 19.46 14.33
N GLY B 686 15.09 19.88 14.98
CA GLY B 686 13.93 20.40 14.27
C GLY B 686 13.24 19.40 13.36
N LYS B 687 13.83 18.23 13.17
CA LYS B 687 13.18 17.13 12.45
C LYS B 687 12.61 16.18 13.49
N LEU B 688 11.42 15.65 13.22
CA LEU B 688 10.82 14.70 14.14
C LEU B 688 9.80 13.83 13.42
N ASP B 689 9.73 12.58 13.86
CA ASP B 689 8.50 11.83 13.79
C ASP B 689 8.19 11.41 15.21
N ALA B 690 6.95 11.66 15.65
CA ALA B 690 6.54 11.23 16.98
C ALA B 690 6.86 9.77 17.21
N HIS B 691 7.02 9.00 16.14
CA HIS B 691 7.53 7.64 16.23
C HIS B 691 8.80 7.57 17.07
N LEU B 692 9.86 8.23 16.61
CA LEU B 692 11.12 8.19 17.35
C LEU B 692 10.97 8.81 18.72
N VAL B 693 10.05 9.78 18.85
CA VAL B 693 9.78 10.35 20.16
C VAL B 693 9.40 9.27 21.14
N LEU B 694 8.32 8.53 20.85
CA LEU B 694 7.89 7.48 21.77
C LEU B 694 8.91 6.35 21.81
N GLU B 695 9.68 6.17 20.73
CA GLU B 695 10.75 5.19 20.73
C GLU B 695 11.71 5.46 21.88
N GLN B 696 12.10 6.72 22.05
CA GLN B 696 12.98 7.04 23.16
C GLN B 696 12.21 7.20 24.46
N LEU B 697 10.94 7.58 24.40
CA LEU B 697 10.15 7.64 25.62
C LEU B 697 10.12 6.27 26.28
N ARG B 698 9.67 5.25 25.55
CA ARG B 698 9.84 3.88 26.02
C ARG B 698 11.30 3.59 26.33
N CYS B 699 12.22 4.07 25.50
CA CYS B 699 13.64 3.88 25.78
C CYS B 699 14.07 4.62 27.04
N ASN B 700 13.45 5.76 27.34
CA ASN B 700 13.59 6.35 28.65
C ASN B 700 12.52 5.86 29.62
N GLY B 701 11.69 4.90 29.22
CA GLY B 701 10.52 4.55 29.98
C GLY B 701 9.49 5.66 30.07
N VAL B 702 9.62 6.72 29.29
CA VAL B 702 8.73 7.86 29.43
C VAL B 702 7.39 7.58 28.78
N LEU B 703 7.37 6.79 27.71
CA LEU B 703 6.10 6.19 27.31
C LEU B 703 5.53 5.38 28.45
N GLU B 704 6.36 4.57 29.09
CA GLU B 704 5.96 3.86 30.29
C GLU B 704 5.66 4.82 31.43
N GLY B 705 6.44 5.89 31.59
CA GLY B 705 6.12 6.87 32.64
C GLY B 705 4.80 7.57 32.40
N ILE B 706 4.42 7.73 31.13
CA ILE B 706 3.14 8.33 30.79
C ILE B 706 2.01 7.36 31.07
N ARG B 707 2.15 6.12 30.59
CA ARG B 707 1.25 5.04 30.97
C ARG B 707 1.16 4.93 32.49
N ILE B 708 2.23 5.29 33.18
CA ILE B 708 2.32 5.13 34.62
C ILE B 708 1.60 6.25 35.36
N CYS B 709 1.72 7.47 34.88
CA CYS B 709 0.80 8.51 35.29
C CYS B 709 -0.63 8.04 35.05
N ARG B 710 -0.86 7.42 33.88
CA ARG B 710 -2.12 6.73 33.61
C ARG B 710 -2.32 5.54 34.53
N GLN B 711 -1.30 4.68 34.68
CA GLN B 711 -1.34 3.65 35.70
C GLN B 711 -1.64 4.21 37.08
N GLY B 712 -1.45 5.51 37.27
CA GLY B 712 -1.92 6.18 38.45
C GLY B 712 -3.10 7.09 38.17
N PHE B 713 -3.05 8.31 38.68
CA PHE B 713 -3.99 9.35 38.28
C PHE B 713 -3.30 10.21 37.24
N PRO B 714 -3.55 10.00 35.98
CA PRO B 714 -2.83 10.74 34.94
C PRO B 714 -3.23 12.19 34.86
N ASN B 715 -4.54 12.44 34.84
CA ASN B 715 -5.02 13.81 34.78
C ASN B 715 -5.59 14.17 36.13
N ARG B 716 -5.90 15.45 36.30
CA ARG B 716 -6.48 15.97 37.53
C ARG B 716 -7.33 17.19 37.22
N ILE B 717 -8.64 17.02 37.09
CA ILE B 717 -9.53 18.14 36.81
C ILE B 717 -9.68 18.95 38.07
N VAL B 718 -9.15 20.17 38.06
CA VAL B 718 -9.18 21.01 39.24
C VAL B 718 -10.62 21.18 39.70
N PHE B 719 -10.79 21.37 41.02
CA PHE B 719 -12.12 21.67 41.54
C PHE B 719 -12.80 22.75 40.72
N GLN B 720 -12.28 23.98 40.74
CA GLN B 720 -12.94 25.02 39.95
C GLN B 720 -12.90 24.70 38.46
N GLU B 721 -11.87 23.98 38.01
CA GLU B 721 -11.94 23.44 36.66
C GLU B 721 -13.14 22.53 36.52
N PHE B 722 -13.39 21.69 37.52
CA PHE B 722 -14.57 20.83 37.45
C PHE B 722 -15.85 21.64 37.47
N ARG B 723 -15.83 22.78 38.14
CA ARG B 723 -17.04 23.58 38.27
C ARG B 723 -17.36 24.28 36.96
N GLN B 724 -16.37 24.95 36.39
CA GLN B 724 -16.50 25.43 35.02
C GLN B 724 -16.95 24.32 34.09
N ARG B 725 -16.18 23.24 34.06
CA ARG B 725 -16.38 22.21 33.06
C ARG B 725 -17.73 21.53 33.19
N TYR B 726 -18.27 21.48 34.41
CA TYR B 726 -19.37 20.57 34.68
C TYR B 726 -20.50 21.24 35.44
N GLU B 727 -20.55 22.58 35.47
CA GLU B 727 -21.83 23.23 35.73
C GLU B 727 -22.79 22.91 34.60
N ILE B 728 -22.34 23.07 33.36
CA ILE B 728 -23.11 22.63 32.21
C ILE B 728 -23.28 21.12 32.24
N LEU B 729 -22.27 20.38 32.68
CA LEU B 729 -22.38 18.94 32.79
C LEU B 729 -22.91 18.51 34.14
N ALA B 730 -24.23 18.50 34.29
CA ALA B 730 -24.86 17.86 35.43
C ALA B 730 -24.39 18.46 36.74
N ALA B 731 -24.59 19.76 36.88
CA ALA B 731 -24.54 20.37 38.20
C ALA B 731 -25.92 20.87 38.61
N ASN B 732 -26.52 21.78 37.85
CA ASN B 732 -27.96 21.99 37.79
C ASN B 732 -28.50 22.63 39.06
N ALA B 733 -27.67 22.71 40.09
CA ALA B 733 -27.94 23.53 41.27
C ALA B 733 -26.61 24.16 41.63
N ILE B 734 -25.62 23.86 40.79
CA ILE B 734 -24.24 24.23 41.06
C ILE B 734 -23.72 25.04 39.87
N PRO B 735 -24.00 26.34 39.80
CA PRO B 735 -23.41 27.17 38.75
C PRO B 735 -21.88 27.16 38.87
N LYS B 736 -21.23 27.32 37.72
CA LYS B 736 -19.78 27.25 37.69
C LYS B 736 -19.19 28.43 38.45
N GLY B 737 -18.05 28.19 39.06
CA GLY B 737 -17.57 29.11 40.08
C GLY B 737 -18.36 28.98 41.36
N PHE B 738 -18.94 27.81 41.60
CA PHE B 738 -19.74 27.59 42.80
C PHE B 738 -18.85 27.64 44.04
N MET B 739 -19.51 27.58 45.19
CA MET B 739 -18.88 27.86 46.47
C MET B 739 -18.06 26.71 47.02
N ASP B 740 -18.53 25.46 46.89
CA ASP B 740 -17.97 24.35 47.67
C ASP B 740 -17.04 23.53 46.79
N GLY B 741 -15.74 23.76 46.98
CA GLY B 741 -14.69 23.05 46.27
C GLY B 741 -15.00 21.59 46.07
N LYS B 742 -15.23 20.88 47.17
CA LYS B 742 -15.68 19.50 47.07
C LYS B 742 -17.12 19.42 46.59
N GLN B 743 -18.06 19.88 47.42
CA GLN B 743 -19.47 19.58 47.21
C GLN B 743 -19.99 20.12 45.89
N ALA B 744 -19.54 21.29 45.44
CA ALA B 744 -19.90 21.72 44.10
C ALA B 744 -19.39 20.71 43.08
N CYS B 745 -18.10 20.41 43.13
CA CYS B 745 -17.51 19.46 42.20
C CYS B 745 -17.95 18.05 42.52
N ILE B 746 -18.14 17.74 43.81
CA ILE B 746 -18.77 16.47 44.18
C ILE B 746 -20.07 16.30 43.43
N LEU B 747 -20.91 17.33 43.42
CA LEU B 747 -22.22 17.23 42.81
C LEU B 747 -22.12 17.15 41.30
N MET B 748 -21.27 17.98 40.69
CA MET B 748 -21.11 17.89 39.25
C MET B 748 -20.56 16.53 38.85
N ILE B 749 -19.73 15.93 39.70
CA ILE B 749 -19.30 14.55 39.47
C ILE B 749 -20.49 13.61 39.55
N LYS B 750 -21.16 13.59 40.70
CA LYS B 750 -22.14 12.55 40.97
C LYS B 750 -23.30 12.63 39.99
N ALA B 751 -23.71 13.83 39.61
CA ALA B 751 -24.71 13.96 38.56
C ALA B 751 -24.09 13.75 37.20
N LEU B 752 -22.77 13.95 37.08
CA LEU B 752 -22.05 13.47 35.91
C LEU B 752 -21.73 11.99 36.03
N GLU B 753 -21.88 11.43 37.23
CA GLU B 753 -21.59 10.03 37.51
C GLU B 753 -20.16 9.69 37.15
N LEU B 754 -19.21 10.36 37.80
CA LEU B 754 -17.81 10.01 37.67
C LEU B 754 -17.43 9.22 38.91
N ASP B 755 -16.47 8.31 38.77
CA ASP B 755 -16.26 7.33 39.82
C ASP B 755 -15.02 7.68 40.64
N PRO B 756 -15.02 7.38 41.95
CA PRO B 756 -13.92 7.84 42.81
C PRO B 756 -12.57 7.29 42.41
N ASN B 757 -12.51 6.44 41.40
CA ASN B 757 -11.23 6.06 40.81
C ASN B 757 -10.94 6.75 39.50
N LEU B 758 -11.95 7.05 38.68
CA LEU B 758 -11.75 7.98 37.57
C LEU B 758 -11.89 9.43 37.99
N TYR B 759 -12.72 9.75 38.97
CA TYR B 759 -12.58 11.00 39.69
C TYR B 759 -11.86 10.67 40.97
N ARG B 760 -11.48 11.71 41.71
CA ARG B 760 -11.22 11.56 43.14
C ARG B 760 -11.28 12.96 43.74
N ILE B 761 -12.36 13.26 44.46
CA ILE B 761 -12.54 14.55 45.07
C ILE B 761 -11.41 14.78 46.07
N GLY B 762 -10.50 15.66 45.72
CA GLY B 762 -9.45 16.07 46.62
C GLY B 762 -9.90 17.22 47.50
N GLN B 763 -9.02 18.21 47.64
CA GLN B 763 -9.35 19.42 48.39
C GLN B 763 -9.27 20.66 47.52
N SER B 764 -8.61 20.58 46.37
CA SER B 764 -8.55 21.67 45.41
C SER B 764 -8.75 21.13 44.00
N LYS B 765 -8.84 19.81 43.89
CA LYS B 765 -8.90 19.14 42.60
C LYS B 765 -9.73 17.88 42.73
N ILE B 766 -9.98 17.26 41.59
CA ILE B 766 -10.50 15.93 41.49
C ILE B 766 -9.53 15.19 40.59
N PHE B 767 -8.76 14.31 41.19
CA PHE B 767 -7.83 13.53 40.40
C PHE B 767 -8.59 12.68 39.42
N PHE B 768 -8.34 12.90 38.14
CA PHE B 768 -9.14 12.30 37.10
C PHE B 768 -8.26 11.50 36.15
N ARG B 769 -8.51 10.20 36.10
CA ARG B 769 -7.81 9.38 35.14
C ARG B 769 -8.22 9.78 33.73
N THR B 770 -7.25 9.82 32.85
CA THR B 770 -7.49 10.03 31.44
C THR B 770 -8.44 8.97 30.91
N GLY B 771 -9.32 9.38 30.01
CA GLY B 771 -10.48 8.56 29.74
C GLY B 771 -11.76 9.37 29.79
N VAL B 772 -12.56 9.14 30.84
CA VAL B 772 -13.81 9.85 31.08
C VAL B 772 -13.65 11.35 30.82
N LEU B 773 -12.46 11.87 31.08
CA LEU B 773 -12.23 13.32 31.08
C LEU B 773 -12.44 14.04 29.77
N ALA B 774 -11.63 13.75 28.76
CA ALA B 774 -11.72 14.54 27.54
C ALA B 774 -13.05 14.34 26.84
N HIS B 775 -13.67 13.18 27.04
CA HIS B 775 -15.01 13.00 26.50
C HIS B 775 -16.01 13.82 27.30
N LEU B 776 -15.80 13.95 28.62
CA LEU B 776 -16.55 14.93 29.39
C LEU B 776 -16.37 16.32 28.81
N GLU B 777 -15.15 16.66 28.43
CA GLU B 777 -14.88 17.96 27.85
C GLU B 777 -15.69 18.18 26.59
N GLU B 778 -15.51 17.27 25.62
CA GLU B 778 -16.30 17.31 24.39
C GLU B 778 -17.79 17.39 24.67
N GLU B 779 -18.27 16.57 25.60
CA GLU B 779 -19.69 16.51 25.93
C GLU B 779 -20.20 17.87 26.40
N ARG B 780 -19.51 18.45 27.38
CA ARG B 780 -19.88 19.79 27.82
C ARG B 780 -19.89 20.75 26.64
N ASP B 781 -18.82 20.74 25.84
CA ASP B 781 -18.62 21.77 24.85
C ASP B 781 -19.71 21.73 23.79
N LEU B 782 -20.07 20.51 23.38
CA LEU B 782 -21.22 20.35 22.50
C LEU B 782 -22.49 20.89 23.15
N LYS B 783 -22.75 20.48 24.39
CA LYS B 783 -23.96 20.94 25.07
C LYS B 783 -23.98 22.46 25.20
N ILE B 784 -22.82 23.07 25.31
CA ILE B 784 -22.73 24.52 25.48
C ILE B 784 -23.01 25.24 24.17
N THR B 785 -22.35 24.78 23.11
CA THR B 785 -22.73 25.19 21.77
C THR B 785 -24.24 25.13 21.60
N ASP B 786 -24.86 24.03 22.04
CA ASP B 786 -26.29 23.84 21.84
C ASP B 786 -27.11 24.77 22.73
N VAL B 787 -26.63 25.06 23.93
CA VAL B 787 -27.24 26.09 24.76
C VAL B 787 -27.39 27.37 23.96
N ILE B 788 -26.29 27.83 23.37
CA ILE B 788 -26.35 29.10 22.65
C ILE B 788 -27.12 28.94 21.35
N ILE B 789 -27.16 27.73 20.81
CA ILE B 789 -27.96 27.46 19.61
C ILE B 789 -29.44 27.66 19.90
N ALA B 790 -29.94 27.03 20.96
CA ALA B 790 -31.33 27.23 21.36
C ALA B 790 -31.58 28.68 21.71
N PHE B 791 -30.54 29.38 22.19
CA PHE B 791 -30.65 30.82 22.41
C PHE B 791 -30.93 31.56 21.10
N GLN B 792 -30.15 31.26 20.05
CA GLN B 792 -30.41 31.84 18.74
C GLN B 792 -31.83 31.53 18.27
N ALA B 793 -32.26 30.28 18.44
CA ALA B 793 -33.62 29.91 18.05
C ALA B 793 -34.64 30.72 18.80
N GLN B 794 -34.39 30.94 20.09
CA GLN B 794 -35.24 31.79 20.90
C GLN B 794 -35.31 33.18 20.31
N CYS B 795 -34.20 33.67 19.77
CA CYS B 795 -34.22 34.99 19.15
C CYS B 795 -35.03 35.00 17.87
N ARG B 796 -34.93 33.96 17.06
CA ARG B 796 -35.66 33.98 15.80
C ARG B 796 -37.16 33.94 16.05
N GLY B 797 -37.59 33.13 17.01
CA GLY B 797 -38.99 33.20 17.44
C GLY B 797 -39.34 34.57 17.98
N TYR B 798 -38.47 35.11 18.85
CA TYR B 798 -38.62 36.47 19.36
C TYR B 798 -38.81 37.47 18.24
N LEU B 799 -38.04 37.32 17.17
CA LEU B 799 -37.99 38.37 16.17
C LEU B 799 -39.12 38.24 15.17
N ALA B 800 -39.66 37.04 14.99
CA ALA B 800 -40.90 36.98 14.23
C ALA B 800 -42.08 37.48 15.06
N ARG B 801 -42.06 37.26 16.37
CA ARG B 801 -43.05 37.93 17.20
C ARG B 801 -42.89 39.44 17.13
N LYS B 802 -41.63 39.90 17.10
CA LYS B 802 -41.34 41.32 16.98
C LYS B 802 -41.76 41.85 15.61
N ALA B 803 -41.70 41.00 14.59
CA ALA B 803 -41.91 41.44 13.23
C ALA B 803 -43.32 41.19 12.74
N PHE B 804 -44.14 40.44 13.49
CA PHE B 804 -45.58 40.41 13.20
C PHE B 804 -46.13 41.82 13.08
N ALA B 805 -45.76 42.69 14.02
CA ALA B 805 -46.27 44.06 14.04
C ALA B 805 -45.93 44.83 12.78
N LYS B 806 -44.82 44.49 12.11
CA LYS B 806 -44.50 45.13 10.84
C LYS B 806 -45.07 44.38 9.64
N ARG B 807 -45.19 43.06 9.74
CA ARG B 807 -45.61 42.28 8.59
C ARG B 807 -47.11 42.46 8.31
N GLN B 808 -47.93 42.40 9.35
CA GLN B 808 -49.36 42.60 9.12
C GLN B 808 -49.68 44.02 8.69
N GLN B 809 -48.95 45.01 9.24
CA GLN B 809 -49.21 46.39 8.83
C GLN B 809 -48.72 46.63 7.41
N GLN B 810 -47.62 45.99 7.00
CA GLN B 810 -47.21 46.05 5.61
C GLN B 810 -48.28 45.45 4.71
N LEU B 811 -48.84 44.31 5.12
CA LEU B 811 -49.90 43.67 4.35
C LEU B 811 -51.08 44.61 4.16
N THR B 812 -51.60 45.17 5.26
CA THR B 812 -52.78 46.03 5.17
C THR B 812 -52.48 47.31 4.40
N ALA B 813 -51.28 47.88 4.62
CA ALA B 813 -50.90 49.10 3.92
C ALA B 813 -50.86 48.88 2.42
N MET B 814 -50.17 47.84 1.96
CA MET B 814 -50.14 47.57 0.53
C MET B 814 -51.53 47.19 0.03
N LYS B 815 -52.33 46.55 0.87
CA LYS B 815 -53.68 46.16 0.46
C LYS B 815 -54.52 47.39 0.10
N VAL B 816 -54.42 48.45 0.90
CA VAL B 816 -55.17 49.66 0.57
C VAL B 816 -54.48 50.44 -0.54
N ILE B 817 -53.14 50.38 -0.58
CA ILE B 817 -52.36 51.15 -1.53
C ILE B 817 -52.65 50.69 -2.96
N GLN B 818 -52.59 49.37 -3.19
CA GLN B 818 -52.84 48.83 -4.52
C GLN B 818 -54.22 49.23 -5.00
N ARG B 819 -55.25 49.06 -4.16
CA ARG B 819 -56.61 49.38 -4.57
C ARG B 819 -56.74 50.84 -4.95
N ASN B 820 -56.25 51.75 -4.10
CA ASN B 820 -56.46 53.16 -4.40
C ASN B 820 -55.64 53.62 -5.60
N CYS B 821 -54.39 53.19 -5.70
CA CYS B 821 -53.57 53.57 -6.84
C CYS B 821 -54.15 53.04 -8.14
N ALA B 822 -54.59 51.77 -8.12
CA ALA B 822 -55.18 51.16 -9.31
C ALA B 822 -56.47 51.87 -9.69
N ALA B 823 -57.29 52.23 -8.72
CA ALA B 823 -58.54 52.93 -9.03
C ALA B 823 -58.26 54.32 -9.59
N TYR B 824 -57.23 54.98 -9.08
CA TYR B 824 -56.82 56.26 -9.66
C TYR B 824 -56.42 56.09 -11.12
N LEU B 825 -55.57 55.10 -11.40
CA LEU B 825 -55.19 54.84 -12.80
C LEU B 825 -56.40 54.44 -13.64
N LYS B 826 -57.39 53.80 -13.01
CA LYS B 826 -58.63 53.46 -13.71
C LYS B 826 -59.38 54.70 -14.15
N LEU B 827 -59.65 55.61 -13.22
CA LEU B 827 -60.34 56.85 -13.59
C LEU B 827 -59.47 57.71 -14.50
N ARG B 828 -58.15 57.49 -14.49
CA ARG B 828 -57.27 58.15 -15.44
C ARG B 828 -57.38 57.59 -16.84
N ASN B 829 -57.66 56.30 -16.97
CA ASN B 829 -57.94 55.72 -18.28
C ASN B 829 -59.43 55.66 -18.58
N TRP B 830 -60.24 56.37 -17.80
CA TRP B 830 -61.67 56.45 -18.04
C TRP B 830 -61.95 57.08 -19.40
N GLN B 831 -63.06 56.65 -20.01
CA GLN B 831 -63.44 57.17 -21.32
C GLN B 831 -63.95 58.60 -21.23
N TRP B 832 -64.86 58.89 -20.31
CA TRP B 832 -65.44 60.22 -20.18
C TRP B 832 -64.52 61.15 -19.38
N TRP B 833 -63.28 61.26 -19.83
CA TRP B 833 -62.32 62.20 -19.26
C TRP B 833 -61.61 63.00 -20.34
N ARG B 834 -61.87 62.71 -21.61
CA ARG B 834 -61.34 63.52 -22.72
C ARG B 834 -62.41 64.21 -23.54
N LEU B 835 -63.65 63.72 -23.54
CA LEU B 835 -64.79 64.46 -24.06
C LEU B 835 -65.55 65.20 -22.96
N PHE B 836 -65.52 64.70 -21.73
CA PHE B 836 -66.09 65.40 -20.59
C PHE B 836 -65.17 66.49 -20.06
N THR B 837 -63.87 66.44 -20.37
CA THR B 837 -62.93 67.43 -19.86
C THR B 837 -63.07 68.79 -20.53
N LYS B 838 -63.88 68.89 -21.58
CA LYS B 838 -64.20 70.18 -22.17
C LYS B 838 -65.56 70.72 -21.71
N VAL B 839 -66.38 69.88 -21.10
CA VAL B 839 -67.59 70.35 -20.44
C VAL B 839 -67.31 70.70 -18.98
N LYS B 840 -66.25 70.13 -18.40
CA LYS B 840 -65.79 70.43 -17.05
C LYS B 840 -65.48 71.92 -16.86
N PRO B 841 -64.87 72.62 -17.84
CA PRO B 841 -64.75 74.08 -17.72
C PRO B 841 -66.09 74.79 -17.62
N LEU B 842 -67.19 74.06 -17.82
CA LEU B 842 -68.53 74.59 -17.67
C LEU B 842 -69.22 73.90 -16.50
N LEU B 843 -68.48 73.63 -15.44
CA LEU B 843 -69.04 73.03 -14.24
C LEU B 843 -68.90 73.99 -13.07
N ASP C 1 29.46 -20.28 49.60
CA ASP C 1 30.19 -19.03 49.44
C ASP C 1 29.67 -18.23 48.23
N GLU C 2 30.19 -18.49 47.03
CA GLU C 2 29.77 -17.72 45.86
C GLU C 2 28.32 -18.04 45.47
N ASP C 3 27.82 -17.40 44.41
CA ASP C 3 26.41 -17.46 44.04
C ASP C 3 25.98 -18.85 43.58
N GLU C 4 26.84 -19.84 43.69
CA GLU C 4 26.56 -21.22 43.39
C GLU C 4 25.90 -21.86 44.61
N THR C 5 25.78 -23.18 44.61
CA THR C 5 25.73 -23.88 45.88
C THR C 5 27.01 -23.63 46.65
N THR C 6 28.10 -23.41 45.91
CA THR C 6 29.46 -23.30 46.42
C THR C 6 29.70 -24.35 47.49
N ALA C 7 29.24 -25.56 47.20
CA ALA C 7 29.21 -26.59 48.22
C ALA C 7 30.60 -27.07 48.55
N LEU C 8 30.85 -27.24 49.84
CA LEU C 8 32.08 -27.82 50.34
C LEU C 8 32.18 -29.25 49.84
N VAL C 9 33.38 -29.80 49.97
CA VAL C 9 33.73 -31.08 49.38
C VAL C 9 34.72 -31.76 50.30
N CYS C 10 34.35 -32.93 50.80
CA CYS C 10 35.29 -33.89 51.36
C CYS C 10 35.47 -34.97 50.31
N ASP C 11 36.45 -34.80 49.45
CA ASP C 11 36.90 -35.84 48.54
C ASP C 11 37.58 -36.86 49.44
N ASN C 12 36.78 -37.53 50.25
CA ASN C 12 37.30 -38.44 51.26
C ASN C 12 37.37 -39.84 50.69
N GLY C 13 38.49 -40.14 50.04
CA GLY C 13 38.88 -41.49 49.74
C GLY C 13 39.54 -42.15 50.94
N SER C 14 40.16 -43.28 50.69
CA SER C 14 40.64 -44.14 51.77
C SER C 14 42.13 -43.98 52.04
N GLY C 15 42.84 -43.25 51.18
CA GLY C 15 44.24 -43.01 51.38
C GLY C 15 44.51 -41.52 51.36
N LEU C 16 43.56 -40.77 50.82
CA LEU C 16 43.64 -39.32 50.79
C LEU C 16 42.24 -38.75 50.87
N VAL C 17 42.15 -37.54 51.41
CA VAL C 17 40.90 -36.81 51.59
C VAL C 17 41.16 -35.36 51.24
N LYS C 18 40.32 -34.80 50.38
CA LYS C 18 40.57 -33.50 49.78
C LYS C 18 39.46 -32.54 50.17
N ALA C 19 39.82 -31.50 50.90
CA ALA C 19 38.90 -30.45 51.27
C ALA C 19 38.69 -29.51 50.10
N GLY C 20 37.52 -28.88 50.07
CA GLY C 20 37.36 -27.79 49.13
C GLY C 20 35.93 -27.35 48.95
N PHE C 21 35.69 -26.65 47.85
CA PHE C 21 34.36 -26.13 47.60
C PHE C 21 34.20 -25.87 46.10
N ALA C 22 33.04 -25.36 45.73
CA ALA C 22 32.69 -25.25 44.32
C ALA C 22 33.45 -24.13 43.63
N GLY C 23 33.22 -24.03 42.33
CA GLY C 23 33.89 -23.02 41.53
C GLY C 23 35.39 -23.17 41.53
N ASP C 24 35.88 -24.40 41.48
CA ASP C 24 37.32 -24.68 41.56
C ASP C 24 37.62 -25.92 40.74
N ASP C 25 38.82 -25.96 40.18
CA ASP C 25 39.20 -27.01 39.25
C ASP C 25 40.22 -27.97 39.84
N ALA C 26 40.45 -27.96 41.14
CA ALA C 26 41.54 -28.74 41.73
C ALA C 26 41.39 -28.73 43.24
N PRO C 27 41.86 -29.77 43.93
CA PRO C 27 41.54 -29.92 45.34
C PRO C 27 42.07 -28.76 46.17
N ARG C 28 41.21 -28.27 47.07
CA ARG C 28 41.63 -27.21 47.98
C ARG C 28 42.63 -27.71 49.01
N ALA C 29 42.42 -28.89 49.56
CA ALA C 29 43.37 -29.44 50.52
C ALA C 29 43.47 -30.94 50.31
N VAL C 30 44.66 -31.49 50.53
CA VAL C 30 44.88 -32.93 50.45
C VAL C 30 45.54 -33.37 51.75
N PHE C 31 44.84 -34.23 52.50
CA PHE C 31 45.40 -34.84 53.70
C PHE C 31 44.96 -36.29 53.67
N PRO C 32 45.87 -37.24 53.85
CA PRO C 32 45.51 -38.65 53.74
C PRO C 32 44.29 -39.00 54.57
N SER C 33 43.54 -40.01 54.11
CA SER C 33 42.50 -40.55 54.97
C SER C 33 43.11 -41.16 56.22
N ILE C 34 44.41 -41.42 56.19
CA ILE C 34 45.08 -42.01 57.33
C ILE C 34 45.14 -41.00 58.48
N VAL C 35 44.39 -41.27 59.54
CA VAL C 35 44.49 -40.51 60.78
C VAL C 35 45.32 -41.34 61.75
N GLY C 36 46.26 -40.70 62.43
CA GLY C 36 47.23 -41.41 63.27
C GLY C 36 47.04 -41.20 64.75
N ARG C 37 47.70 -42.04 65.54
CA ARG C 37 47.65 -42.06 67.00
C ARG C 37 48.93 -42.71 67.51
N PRO C 38 49.63 -42.09 68.46
CA PRO C 38 50.97 -42.58 68.82
C PRO C 38 50.94 -43.93 69.54
N ARG C 39 52.08 -44.62 69.54
CA ARG C 39 52.19 -45.84 70.34
C ARG C 39 52.41 -45.51 71.81
N HIS C 40 53.36 -44.63 72.11
CA HIS C 40 53.61 -44.25 73.50
C HIS C 40 53.12 -42.84 73.80
N GLN C 41 51.95 -42.45 73.30
CA GLN C 41 51.38 -41.13 73.59
C GLN C 41 51.26 -40.90 75.09
N GLY C 42 51.27 -39.64 75.49
CA GLY C 42 51.54 -39.27 76.86
C GLY C 42 52.64 -38.24 76.88
N VAL C 43 53.81 -38.61 77.40
CA VAL C 43 55.04 -37.85 77.19
C VAL C 43 56.14 -38.82 76.80
N MET C 44 56.88 -38.49 75.75
CA MET C 44 58.02 -39.27 75.33
C MET C 44 59.26 -38.38 75.29
N VAL C 45 60.40 -39.01 75.02
CA VAL C 45 61.58 -38.24 74.67
C VAL C 45 61.52 -37.82 73.21
N GLY C 46 60.79 -38.58 72.38
CA GLY C 46 60.77 -38.31 70.95
C GLY C 46 59.56 -37.57 70.44
N MET C 47 58.36 -38.03 70.79
CA MET C 47 57.14 -37.70 70.05
C MET C 47 56.69 -36.26 70.26
N GLY C 48 55.55 -35.93 69.65
CA GLY C 48 55.02 -34.58 69.64
C GLY C 48 53.67 -34.41 70.32
N GLN C 49 53.24 -35.40 71.11
CA GLN C 49 52.14 -35.24 72.07
C GLN C 49 50.81 -34.87 71.39
N LYS C 50 50.26 -35.77 70.58
CA LYS C 50 48.92 -35.57 70.02
C LYS C 50 48.15 -36.88 70.09
N ASP C 51 46.86 -36.81 69.72
CA ASP C 51 45.97 -37.96 69.81
C ASP C 51 45.46 -38.47 68.46
N SER C 52 44.73 -37.65 67.70
CA SER C 52 44.11 -38.10 66.46
C SER C 52 44.76 -37.35 65.31
N TYR C 53 45.74 -38.00 64.69
CA TYR C 53 46.61 -37.36 63.72
C TYR C 53 45.95 -37.37 62.36
N VAL C 54 45.04 -36.42 62.14
CA VAL C 54 44.15 -36.41 60.98
C VAL C 54 44.97 -36.15 59.72
N GLY C 55 45.05 -37.16 58.86
CA GLY C 55 45.74 -36.99 57.59
C GLY C 55 47.23 -37.29 57.63
N ASP C 56 48.03 -36.48 56.94
CA ASP C 56 49.48 -36.69 56.97
C ASP C 56 50.03 -36.52 58.37
N GLU C 57 49.26 -35.88 59.27
CA GLU C 57 49.63 -35.86 60.68
C GLU C 57 49.97 -37.26 61.17
N ALA C 58 49.21 -38.25 60.71
CA ALA C 58 49.50 -39.65 61.01
C ALA C 58 50.94 -40.03 60.71
N GLN C 59 51.45 -39.58 59.56
CA GLN C 59 52.71 -40.07 59.02
C GLN C 59 53.96 -39.56 59.75
N SER C 60 53.80 -38.91 60.91
CA SER C 60 54.88 -38.12 61.47
C SER C 60 55.95 -38.95 62.16
N LYS C 61 55.62 -39.57 63.29
CA LYS C 61 56.59 -40.29 64.10
C LYS C 61 56.30 -41.78 64.09
N ARG C 62 56.10 -42.32 62.89
CA ARG C 62 55.72 -43.73 62.72
C ARG C 62 56.65 -44.65 63.50
N GLY C 63 57.91 -44.23 63.70
CA GLY C 63 58.77 -44.99 64.59
C GLY C 63 58.20 -45.10 65.99
N ILE C 64 57.44 -44.09 66.42
CA ILE C 64 56.79 -44.14 67.72
C ILE C 64 55.30 -43.77 67.64
N LEU C 65 54.69 -43.83 66.46
CA LEU C 65 53.25 -43.70 66.29
C LEU C 65 52.67 -44.93 65.59
N THR C 66 51.35 -44.92 65.41
CA THR C 66 50.62 -45.88 64.60
C THR C 66 49.61 -45.10 63.77
N LEU C 67 49.12 -45.69 62.68
CA LEU C 67 48.37 -44.94 61.67
C LEU C 67 47.15 -45.73 61.20
N LYS C 68 45.95 -45.26 61.57
CA LYS C 68 44.68 -45.87 61.21
C LYS C 68 44.10 -45.17 59.98
N TYR C 69 43.06 -45.77 59.41
CA TYR C 69 42.49 -45.23 58.16
C TYR C 69 40.98 -45.12 58.31
N PRO C 70 40.45 -43.96 58.71
CA PRO C 70 38.99 -43.80 58.79
C PRO C 70 38.21 -44.11 57.52
N ILE C 71 38.86 -44.20 56.37
CA ILE C 71 38.25 -44.77 55.17
C ILE C 71 39.18 -45.86 54.67
N GLU C 72 38.61 -47.01 54.35
CA GLU C 72 39.33 -48.10 53.71
C GLU C 72 38.59 -48.54 52.47
N HIS C 73 39.22 -48.38 51.31
CA HIS C 73 38.61 -48.62 50.02
C HIS C 73 37.22 -48.01 49.93
N GLY C 74 37.13 -46.70 50.15
CA GLY C 74 35.87 -45.98 50.07
C GLY C 74 34.91 -46.27 51.19
N ILE C 75 35.02 -47.44 51.83
CA ILE C 75 34.32 -47.73 53.06
C ILE C 75 34.83 -46.73 54.07
N ILE C 76 34.00 -45.75 54.40
CA ILE C 76 34.35 -44.78 55.42
C ILE C 76 34.30 -45.52 56.75
N THR C 77 35.46 -45.95 57.22
CA THR C 77 35.54 -46.98 58.25
C THR C 77 35.53 -46.42 59.66
N ASN C 78 36.32 -45.39 59.93
CA ASN C 78 36.41 -44.86 61.29
C ASN C 78 35.77 -43.47 61.23
N TRP C 79 34.44 -43.45 61.29
CA TRP C 79 33.77 -42.17 61.17
C TRP C 79 33.95 -41.31 62.40
N ASP C 80 34.60 -41.81 63.45
CA ASP C 80 35.19 -40.92 64.42
C ASP C 80 36.41 -40.22 63.83
N ASP C 81 37.38 -40.99 63.34
CA ASP C 81 38.49 -40.38 62.62
C ASP C 81 38.05 -39.83 61.27
N MET C 82 36.93 -40.31 60.73
CA MET C 82 36.41 -39.65 59.54
C MET C 82 35.73 -38.35 59.91
N GLU C 83 35.17 -38.25 61.12
CA GLU C 83 34.76 -36.96 61.62
C GLU C 83 35.96 -36.07 61.85
N LYS C 84 37.05 -36.65 62.34
CA LYS C 84 38.31 -35.91 62.37
C LYS C 84 38.66 -35.41 60.98
N ILE C 85 38.42 -36.23 59.97
CA ILE C 85 38.76 -35.87 58.60
C ILE C 85 37.77 -34.87 58.02
N TRP C 86 36.52 -34.92 58.46
CA TRP C 86 35.52 -33.97 57.98
C TRP C 86 35.66 -32.63 58.68
N HIS C 87 35.94 -32.66 59.97
CA HIS C 87 36.44 -31.49 60.68
C HIS C 87 37.65 -30.91 59.98
N HIS C 88 38.60 -31.76 59.64
CA HIS C 88 39.77 -31.34 58.89
C HIS C 88 39.34 -30.69 57.58
N THR C 89 38.65 -31.45 56.75
CA THR C 89 38.25 -31.02 55.42
C THR C 89 37.55 -29.67 55.48
N PHE C 90 36.38 -29.64 56.10
CA PHE C 90 35.60 -28.42 56.08
C PHE C 90 35.99 -27.48 57.21
N TYR C 91 35.85 -27.94 58.44
CA TYR C 91 36.06 -27.10 59.60
C TYR C 91 37.50 -26.67 59.78
N ASN C 92 38.46 -27.48 59.32
CA ASN C 92 39.86 -27.12 59.47
C ASN C 92 40.52 -26.77 58.14
N GLU C 93 40.55 -27.70 57.19
CA GLU C 93 41.18 -27.44 55.89
C GLU C 93 40.42 -26.36 55.15
N LEU C 94 39.18 -26.64 54.79
CA LEU C 94 38.33 -25.57 54.28
C LEU C 94 38.23 -24.42 55.24
N ARG C 95 38.33 -24.69 56.54
CA ARG C 95 38.25 -23.67 57.59
C ARG C 95 36.95 -22.86 57.45
N VAL C 96 36.10 -23.35 56.55
CA VAL C 96 34.75 -22.86 56.40
C VAL C 96 33.85 -23.98 56.88
N ALA C 97 32.96 -23.64 57.81
CA ALA C 97 32.26 -24.64 58.58
C ALA C 97 31.55 -25.62 57.66
N PRO C 98 31.67 -26.90 57.89
CA PRO C 98 30.77 -27.84 57.22
C PRO C 98 29.34 -27.43 57.57
N GLU C 99 29.15 -27.04 58.83
CA GLU C 99 27.86 -26.62 59.36
C GLU C 99 27.25 -25.46 58.59
N GLU C 100 28.05 -24.76 57.79
CA GLU C 100 27.55 -23.55 57.15
C GLU C 100 27.33 -23.77 55.65
N HIS C 101 28.21 -24.52 55.01
CA HIS C 101 28.12 -24.70 53.56
C HIS C 101 27.63 -26.10 53.27
N PRO C 102 26.85 -26.30 52.21
CA PRO C 102 26.68 -27.64 51.67
C PRO C 102 28.05 -28.29 51.50
N THR C 103 28.19 -29.50 52.01
CA THR C 103 29.45 -30.21 51.87
C THR C 103 29.26 -31.37 50.90
N LEU C 104 30.36 -32.00 50.53
CA LEU C 104 30.34 -33.09 49.57
C LEU C 104 31.34 -34.14 50.00
N LEU C 105 30.84 -35.31 50.39
CA LEU C 105 31.70 -36.36 50.92
C LEU C 105 31.78 -37.48 49.90
N THR C 106 32.98 -37.78 49.44
CA THR C 106 33.10 -38.73 48.33
C THR C 106 33.21 -40.15 48.84
N GLU C 107 32.64 -41.06 48.07
CA GLU C 107 32.49 -42.40 48.58
C GLU C 107 32.66 -43.40 47.45
N ALA C 108 33.19 -44.57 47.81
CA ALA C 108 33.20 -45.66 46.85
C ALA C 108 31.78 -45.93 46.36
N PRO C 109 31.56 -45.93 45.06
CA PRO C 109 30.28 -46.41 44.53
C PRO C 109 29.95 -47.76 45.12
N LEU C 110 28.69 -47.96 45.49
CA LEU C 110 28.24 -49.18 46.16
C LEU C 110 28.96 -49.36 47.49
N ASN C 111 29.22 -48.24 48.16
CA ASN C 111 29.83 -48.40 49.47
C ASN C 111 28.82 -48.99 50.44
N PRO C 112 29.31 -49.67 51.49
CA PRO C 112 28.42 -50.13 52.55
C PRO C 112 27.51 -49.00 53.03
N LYS C 113 26.27 -49.39 53.38
CA LYS C 113 25.31 -48.42 53.89
C LYS C 113 25.88 -47.63 55.04
N ALA C 114 26.63 -48.29 55.93
CA ALA C 114 27.13 -47.64 57.13
C ALA C 114 27.97 -46.41 56.80
N ASN C 115 28.82 -46.50 55.79
CA ASN C 115 29.70 -45.37 55.49
C ASN C 115 28.90 -44.18 54.99
N ARG C 116 27.94 -44.45 54.11
CA ARG C 116 26.99 -43.43 53.69
C ARG C 116 26.32 -42.78 54.87
N GLU C 117 25.80 -43.59 55.78
CA GLU C 117 25.17 -43.08 56.98
C GLU C 117 26.11 -42.19 57.75
N LYS C 118 27.35 -42.62 57.95
CA LYS C 118 28.35 -41.80 58.61
C LYS C 118 28.46 -40.45 57.93
N MET C 119 28.78 -40.47 56.64
CA MET C 119 28.95 -39.23 55.89
C MET C 119 27.80 -38.28 56.11
N THR C 120 26.58 -38.76 55.92
CA THR C 120 25.43 -37.88 55.99
C THR C 120 25.14 -37.45 57.42
N GLN C 121 24.86 -38.41 58.30
CA GLN C 121 24.62 -38.10 59.71
C GLN C 121 25.68 -37.14 60.24
N ILE C 122 26.93 -37.34 59.84
CA ILE C 122 28.04 -36.59 60.40
C ILE C 122 28.05 -35.18 59.85
N MET C 123 27.81 -35.04 58.55
CA MET C 123 27.59 -33.71 58.02
C MET C 123 26.40 -33.05 58.67
N PHE C 124 25.53 -33.83 59.29
CA PHE C 124 24.25 -33.31 59.76
C PHE C 124 24.03 -33.58 61.24
N GLU C 125 24.99 -34.21 61.90
CA GLU C 125 25.01 -34.29 63.35
C GLU C 125 26.39 -33.96 63.93
N THR C 126 27.47 -34.29 63.25
CA THR C 126 28.79 -33.82 63.68
C THR C 126 29.22 -32.55 62.99
N PHE C 127 28.69 -32.25 61.81
CA PHE C 127 29.11 -31.11 61.04
C PHE C 127 27.94 -30.39 60.40
N ASN C 128 26.72 -30.75 60.79
CA ASN C 128 25.54 -29.89 60.73
C ASN C 128 25.46 -29.12 59.42
N VAL C 129 26.01 -29.74 58.39
CA VAL C 129 26.03 -29.18 57.04
C VAL C 129 24.61 -28.86 56.62
N PRO C 130 24.35 -27.71 56.04
CA PRO C 130 23.00 -27.47 55.51
C PRO C 130 22.58 -28.58 54.56
N ALA C 131 23.44 -28.94 53.62
CA ALA C 131 23.04 -29.89 52.60
C ALA C 131 24.24 -30.53 51.93
N MET C 132 24.55 -31.77 52.32
CA MET C 132 25.75 -32.43 51.82
C MET C 132 25.42 -33.53 50.84
N TYR C 133 26.11 -33.51 49.71
CA TYR C 133 26.06 -34.57 48.70
C TYR C 133 27.13 -35.60 49.00
N VAL C 134 26.69 -36.83 49.31
CA VAL C 134 27.62 -37.96 49.38
C VAL C 134 27.88 -38.36 47.94
N ALA C 135 28.94 -37.81 47.38
CA ALA C 135 29.20 -37.87 45.96
C ALA C 135 29.98 -39.12 45.58
N ILE C 136 29.62 -39.68 44.43
CA ILE C 136 30.20 -40.91 43.91
C ILE C 136 31.65 -40.63 43.57
N GLN C 137 32.58 -41.22 44.33
CA GLN C 137 34.01 -40.92 44.23
C GLN C 137 34.51 -41.06 42.80
N ALA C 138 33.94 -42.00 42.03
CA ALA C 138 34.34 -42.12 40.64
C ALA C 138 33.61 -41.12 39.75
N VAL C 139 32.28 -41.05 39.87
CA VAL C 139 31.50 -40.14 39.03
C VAL C 139 32.00 -38.71 39.17
N LEU C 140 32.64 -38.40 40.29
CA LEU C 140 33.30 -37.11 40.42
C LEU C 140 34.55 -37.03 39.57
N SER C 141 35.36 -38.09 39.55
CA SER C 141 36.47 -38.16 38.61
C SER C 141 35.97 -37.94 37.19
N LEU C 142 34.78 -38.45 36.90
CA LEU C 142 34.15 -38.25 35.60
C LEU C 142 33.84 -36.77 35.37
N TYR C 143 33.11 -36.16 36.31
CA TYR C 143 32.68 -34.77 36.16
C TYR C 143 33.87 -33.83 36.06
N ALA C 144 34.97 -34.16 36.72
CA ALA C 144 36.16 -33.32 36.66
C ALA C 144 36.82 -33.39 35.30
N SER C 145 36.80 -34.56 34.67
CA SER C 145 37.42 -34.78 33.37
C SER C 145 36.78 -33.97 32.26
N GLY C 146 35.76 -33.16 32.57
CA GLY C 146 34.99 -32.50 31.54
C GLY C 146 33.96 -33.39 30.90
N ARG C 147 33.68 -34.55 31.50
CA ARG C 147 32.75 -35.52 30.95
C ARG C 147 31.67 -35.83 31.96
N THR C 148 30.54 -36.34 31.45
CA THR C 148 29.46 -36.86 32.28
C THR C 148 29.13 -38.31 31.93
N THR C 149 29.93 -38.93 31.07
CA THR C 149 29.66 -40.29 30.62
C THR C 149 30.98 -40.98 30.31
N GLY C 150 30.92 -42.30 30.22
CA GLY C 150 32.06 -43.10 29.82
C GLY C 150 32.51 -44.03 30.92
N ILE C 151 33.66 -44.65 30.66
CA ILE C 151 34.34 -45.45 31.67
C ILE C 151 34.86 -44.51 32.74
N VAL C 152 34.44 -44.72 33.99
CA VAL C 152 34.68 -43.75 35.06
C VAL C 152 35.53 -44.43 36.12
N LEU C 153 36.85 -44.28 36.02
CA LEU C 153 37.78 -44.93 36.91
C LEU C 153 38.26 -43.97 37.99
N ASP C 154 38.45 -44.50 39.19
CA ASP C 154 39.03 -43.78 40.32
C ASP C 154 39.98 -44.75 40.99
N SER C 155 41.27 -44.66 40.66
CA SER C 155 42.21 -45.77 40.83
C SER C 155 43.30 -45.48 41.85
N GLY C 156 43.16 -46.02 43.05
CA GLY C 156 44.34 -46.17 43.87
C GLY C 156 44.30 -45.67 45.30
N ASP C 157 45.41 -45.04 45.72
CA ASP C 157 45.50 -44.44 47.04
C ASP C 157 44.21 -43.71 47.37
N GLY C 158 43.50 -44.24 48.34
CA GLY C 158 42.07 -44.03 48.39
C GLY C 158 41.39 -45.33 48.04
N VAL C 159 40.78 -45.39 46.86
CA VAL C 159 40.01 -46.55 46.45
C VAL C 159 39.72 -46.46 44.97
N THR C 160 39.66 -47.63 44.31
CA THR C 160 39.41 -47.71 42.89
C THR C 160 37.94 -48.00 42.62
N HIS C 161 37.40 -47.36 41.60
CA HIS C 161 36.06 -47.57 41.10
C HIS C 161 36.08 -47.49 39.59
N ASN C 162 35.00 -47.98 38.99
CA ASN C 162 34.72 -47.75 37.58
C ASN C 162 33.23 -47.75 37.38
N VAL C 163 32.69 -46.57 37.13
CA VAL C 163 31.27 -46.37 36.89
C VAL C 163 31.05 -46.40 35.38
N PRO C 164 30.15 -47.26 34.91
CA PRO C 164 29.68 -47.16 33.53
C PRO C 164 28.54 -46.16 33.45
N ILE C 165 28.47 -45.47 32.32
CA ILE C 165 27.47 -44.45 32.10
C ILE C 165 26.69 -44.82 30.84
N TYR C 166 25.61 -45.56 31.03
CA TYR C 166 24.85 -46.12 29.90
C TYR C 166 23.38 -46.17 30.30
N GLU C 167 22.60 -47.02 29.64
CA GLU C 167 21.29 -47.39 30.17
C GLU C 167 21.35 -47.56 31.69
N GLY C 168 22.43 -48.12 32.22
CA GLY C 168 22.67 -48.10 33.65
C GLY C 168 23.81 -47.17 34.04
N TYR C 169 23.81 -46.75 35.30
CA TYR C 169 24.94 -46.00 35.82
C TYR C 169 25.44 -46.55 37.15
N ALA C 170 24.56 -46.99 38.03
CA ALA C 170 24.94 -47.39 39.38
C ALA C 170 24.06 -48.53 39.85
N LEU C 171 24.66 -49.70 40.01
CA LEU C 171 23.98 -50.89 40.50
C LEU C 171 24.99 -51.73 41.25
N PRO C 172 24.55 -52.56 42.21
CA PRO C 172 25.49 -53.45 42.90
C PRO C 172 26.12 -54.48 41.97
N HIS C 173 25.82 -54.39 40.68
CA HIS C 173 26.34 -55.31 39.69
C HIS C 173 26.80 -54.58 38.43
N ALA C 174 26.69 -53.25 38.42
CA ALA C 174 27.04 -52.47 37.23
C ALA C 174 28.32 -51.66 37.41
N ILE C 175 28.59 -51.15 38.61
CA ILE C 175 29.78 -50.35 38.88
C ILE C 175 30.83 -51.27 39.50
N MET C 176 32.04 -51.20 38.97
CA MET C 176 33.19 -51.75 39.67
C MET C 176 33.43 -50.94 40.93
N ARG C 177 33.23 -51.57 42.08
CA ARG C 177 33.68 -51.01 43.36
C ARG C 177 34.93 -51.78 43.74
N LEU C 178 36.06 -51.37 43.22
CA LEU C 178 37.29 -52.15 43.29
C LEU C 178 38.03 -51.82 44.58
N ASP C 179 37.98 -52.74 45.54
CA ASP C 179 38.81 -52.61 46.73
C ASP C 179 40.27 -52.90 46.42
N LEU C 180 40.58 -53.13 45.14
CA LEU C 180 41.95 -53.20 44.68
C LEU C 180 42.45 -51.81 44.31
N ALA C 181 43.23 -51.21 45.19
CA ALA C 181 43.65 -49.83 45.00
C ALA C 181 45.01 -49.64 45.64
N GLY C 182 45.49 -48.40 45.60
CA GLY C 182 46.75 -48.05 46.23
C GLY C 182 46.88 -48.51 47.65
N ARG C 183 45.77 -48.88 48.29
CA ARG C 183 45.84 -49.53 49.59
C ARG C 183 46.44 -50.93 49.45
N ASP C 184 45.88 -51.74 48.54
CA ASP C 184 46.47 -53.05 48.26
C ASP C 184 47.86 -52.91 47.67
N LEU C 185 48.08 -51.87 46.86
CA LEU C 185 49.40 -51.53 46.38
C LEU C 185 50.38 -51.36 47.53
N THR C 186 50.00 -50.56 48.53
CA THR C 186 50.81 -50.35 49.72
C THR C 186 51.07 -51.67 50.44
N ASP C 187 50.01 -52.44 50.68
CA ASP C 187 50.16 -53.70 51.42
C ASP C 187 51.12 -54.63 50.70
N TYR C 188 51.05 -54.67 49.37
CA TYR C 188 51.94 -55.55 48.63
C TYR C 188 53.37 -55.03 48.68
N LEU C 189 53.55 -53.71 48.57
CA LEU C 189 54.88 -53.14 48.73
C LEU C 189 55.47 -53.53 50.08
N MET C 190 54.64 -53.52 51.11
CA MET C 190 55.08 -53.95 52.44
C MET C 190 55.53 -55.41 52.40
N LYS C 191 54.71 -56.27 51.80
CA LYS C 191 55.03 -57.70 51.76
C LYS C 191 56.36 -57.94 51.06
N ILE C 192 56.58 -57.33 49.91
CA ILE C 192 57.81 -57.56 49.16
C ILE C 192 59.01 -56.86 49.78
N LEU C 193 58.82 -55.72 50.46
CA LEU C 193 59.90 -55.16 51.23
C LEU C 193 60.34 -56.13 52.33
N THR C 194 59.38 -56.79 52.98
CA THR C 194 59.73 -57.84 53.92
C THR C 194 60.44 -59.00 53.22
N GLU C 195 60.01 -59.33 52.00
CA GLU C 195 60.69 -60.35 51.21
C GLU C 195 62.16 -60.01 51.01
N ARG C 196 62.45 -58.78 50.56
CA ARG C 196 63.83 -58.33 50.44
C ARG C 196 64.52 -58.35 51.80
N GLY C 197 63.77 -58.10 52.87
CA GLY C 197 64.32 -58.08 54.21
C GLY C 197 63.91 -56.86 55.00
N TYR C 198 63.18 -55.95 54.36
CA TYR C 198 62.69 -54.75 55.02
C TYR C 198 61.41 -55.09 55.77
N SER C 199 61.56 -55.51 57.02
CA SER C 199 60.45 -55.96 57.83
C SER C 199 59.56 -54.79 58.19
N PHE C 200 58.30 -54.84 57.75
CA PHE C 200 57.30 -53.84 58.08
C PHE C 200 56.05 -54.56 58.56
N VAL C 201 55.70 -54.36 59.84
CA VAL C 201 54.60 -55.09 60.44
C VAL C 201 53.50 -54.14 60.92
N THR C 202 53.90 -53.03 61.55
CA THR C 202 52.93 -52.11 62.13
C THR C 202 52.31 -51.22 61.05
N THR C 203 51.10 -50.73 61.34
CA THR C 203 50.43 -49.83 60.41
C THR C 203 51.21 -48.52 60.25
N ALA C 204 52.03 -48.18 61.26
CA ALA C 204 53.00 -47.12 61.08
C ALA C 204 53.98 -47.47 59.98
N GLU C 205 54.51 -48.69 60.00
CA GLU C 205 55.41 -49.12 58.93
C GLU C 205 54.65 -49.40 57.64
N ARG C 206 53.37 -49.76 57.74
CA ARG C 206 52.59 -49.89 56.51
C ARG C 206 52.38 -48.53 55.84
N GLU C 207 52.24 -47.47 56.64
CA GLU C 207 52.15 -46.14 56.06
C GLU C 207 53.51 -45.62 55.62
N ILE C 208 54.57 -46.02 56.33
CA ILE C 208 55.92 -45.88 55.80
C ILE C 208 55.98 -46.44 54.38
N VAL C 209 55.44 -47.65 54.20
CA VAL C 209 55.45 -48.31 52.90
C VAL C 209 54.52 -47.60 51.92
N ARG C 210 53.40 -47.06 52.41
CA ARG C 210 52.49 -46.32 51.54
C ARG C 210 53.13 -45.06 51.01
N ASP C 211 53.81 -44.31 51.88
CA ASP C 211 54.52 -43.12 51.46
C ASP C 211 55.73 -43.48 50.61
N ILE C 212 56.31 -44.66 50.83
CA ILE C 212 57.26 -45.21 49.89
C ILE C 212 56.60 -45.31 48.52
N LYS C 213 55.59 -46.16 48.42
CA LYS C 213 54.89 -46.43 47.17
C LYS C 213 54.49 -45.15 46.47
N GLU C 214 53.58 -44.40 47.08
CA GLU C 214 53.03 -43.19 46.45
C GLU C 214 54.12 -42.31 45.88
N LYS C 215 55.36 -42.50 46.32
CA LYS C 215 56.53 -41.88 45.70
C LYS C 215 57.46 -42.91 45.06
N LEU C 216 57.59 -44.10 45.62
CA LEU C 216 58.48 -45.13 45.05
C LEU C 216 57.55 -46.21 44.50
N CYS C 217 57.11 -46.00 43.27
CA CYS C 217 56.06 -46.80 42.66
C CYS C 217 56.06 -46.52 41.17
N TYR C 218 55.47 -47.45 40.43
CA TYR C 218 55.47 -47.31 38.98
C TYR C 218 54.37 -48.20 38.42
N VAL C 219 53.47 -47.62 37.66
CA VAL C 219 52.45 -48.40 37.00
C VAL C 219 53.17 -49.26 35.96
N ALA C 220 53.44 -50.50 36.32
CA ALA C 220 54.39 -51.28 35.56
C ALA C 220 53.79 -51.70 34.23
N LEU C 221 53.96 -50.84 33.23
CA LEU C 221 53.70 -51.18 31.84
C LEU C 221 54.42 -52.44 31.43
N ASP C 222 55.65 -52.61 31.91
CA ASP C 222 56.38 -53.85 31.79
C ASP C 222 57.05 -54.07 33.14
N PHE C 223 56.37 -54.81 34.00
CA PHE C 223 56.84 -54.97 35.37
C PHE C 223 58.23 -55.58 35.41
N GLU C 224 58.54 -56.44 34.44
CA GLU C 224 59.63 -57.39 34.61
C GLU C 224 60.96 -56.80 34.16
N ASN C 225 60.94 -56.05 33.05
CA ASN C 225 62.12 -55.28 32.67
C ASN C 225 62.59 -54.40 33.81
N GLU C 226 61.74 -53.49 34.25
CA GLU C 226 62.10 -52.64 35.37
C GLU C 226 62.30 -53.44 36.65
N MET C 227 61.73 -54.64 36.73
CA MET C 227 61.97 -55.49 37.90
C MET C 227 63.42 -55.93 37.97
N ALA C 228 63.95 -56.42 36.85
CA ALA C 228 65.37 -56.72 36.78
C ALA C 228 66.20 -55.45 36.98
N THR C 229 65.70 -54.32 36.47
CA THR C 229 66.35 -53.05 36.73
C THR C 229 66.41 -52.76 38.22
N ALA C 230 65.35 -53.11 38.94
CA ALA C 230 65.17 -52.72 40.32
C ALA C 230 65.48 -53.84 41.30
N ALA C 231 66.03 -54.95 40.84
CA ALA C 231 66.62 -55.90 41.79
C ALA C 231 67.68 -55.21 42.62
N SER C 232 68.38 -54.25 42.03
CA SER C 232 69.21 -53.28 42.72
C SER C 232 68.67 -51.88 42.47
N SER C 233 69.13 -50.93 43.27
CA SER C 233 68.63 -49.56 43.21
C SER C 233 69.16 -48.89 41.95
N SER C 234 68.52 -49.17 40.81
CA SER C 234 69.00 -48.55 39.58
C SER C 234 68.24 -47.26 39.28
N SER C 235 66.95 -47.38 38.97
CA SER C 235 66.10 -46.20 38.79
C SER C 235 64.71 -46.48 39.34
N LEU C 236 64.52 -47.71 39.79
CA LEU C 236 63.19 -48.25 40.04
C LEU C 236 63.17 -49.07 41.32
N GLU C 237 64.31 -49.17 41.99
CA GLU C 237 64.43 -49.61 43.37
C GLU C 237 64.87 -48.39 44.16
N LYS C 238 63.92 -47.70 44.80
CA LYS C 238 64.23 -46.41 45.38
C LYS C 238 64.25 -46.51 46.90
N SER C 239 64.95 -45.59 47.54
CA SER C 239 65.07 -45.60 48.99
C SER C 239 64.17 -44.55 49.62
N TYR C 240 63.83 -44.80 50.87
CA TYR C 240 62.91 -43.98 51.65
C TYR C 240 63.37 -43.99 53.11
N GLU C 241 63.57 -42.82 53.69
CA GLU C 241 64.09 -42.75 55.06
C GLU C 241 63.02 -42.23 56.01
N LEU C 242 62.74 -43.00 57.05
CA LEU C 242 62.11 -42.47 58.25
C LEU C 242 63.15 -41.74 59.07
N PRO C 243 62.85 -40.55 59.63
CA PRO C 243 63.90 -39.72 60.22
C PRO C 243 64.54 -40.28 61.48
N ASP C 244 64.08 -41.44 61.93
CA ASP C 244 64.71 -42.12 63.06
C ASP C 244 65.96 -42.89 62.65
N GLY C 245 66.30 -42.89 61.36
CA GLY C 245 67.48 -43.58 60.88
C GLY C 245 67.15 -44.83 60.09
N GLN C 246 66.07 -44.81 59.32
CA GLN C 246 65.61 -45.97 58.58
C GLN C 246 65.64 -45.68 57.08
N VAL C 247 66.44 -46.42 56.34
CA VAL C 247 66.49 -46.32 54.88
C VAL C 247 65.90 -47.61 54.32
N ILE C 248 64.95 -47.46 53.41
CA ILE C 248 64.22 -48.58 52.82
C ILE C 248 64.57 -48.60 51.35
N THR C 249 65.11 -49.73 50.90
CA THR C 249 65.49 -49.91 49.51
C THR C 249 64.46 -50.80 48.83
N ILE C 250 63.61 -50.18 48.03
CA ILE C 250 62.40 -50.79 47.48
C ILE C 250 62.69 -51.23 46.07
N GLY C 251 62.69 -52.53 45.85
CA GLY C 251 63.22 -53.09 44.62
C GLY C 251 62.29 -52.93 43.45
N ASN C 252 62.07 -54.00 42.70
CA ASN C 252 60.92 -54.08 41.82
C ASN C 252 59.65 -53.66 42.54
N GLU C 253 59.69 -53.76 43.86
CA GLU C 253 58.60 -53.51 44.78
C GLU C 253 57.94 -52.16 44.60
N ARG C 254 58.63 -51.20 44.00
CA ARG C 254 57.97 -49.95 43.64
C ARG C 254 56.79 -50.20 42.70
N PHE C 255 57.07 -50.81 41.55
CA PHE C 255 56.07 -51.01 40.52
C PHE C 255 55.35 -52.34 40.70
N ARG C 256 55.80 -53.12 41.66
CA ARG C 256 55.01 -54.25 42.14
C ARG C 256 53.72 -53.79 42.78
N CYS C 257 53.65 -52.54 43.23
CA CYS C 257 52.39 -52.02 43.77
C CYS C 257 51.34 -51.86 42.69
N PRO C 258 51.47 -50.94 41.72
CA PRO C 258 50.34 -50.68 40.83
C PRO C 258 49.92 -51.89 40.06
N GLU C 259 50.86 -52.80 39.80
CA GLU C 259 50.46 -54.04 39.17
C GLU C 259 49.48 -54.82 40.02
N THR C 260 49.58 -54.71 41.35
CA THR C 260 48.50 -55.26 42.16
C THR C 260 47.16 -54.68 41.73
N LEU C 261 47.10 -53.37 41.52
CA LEU C 261 45.92 -52.75 40.94
C LEU C 261 45.51 -53.45 39.64
N PHE C 262 46.43 -53.54 38.68
CA PHE C 262 46.10 -54.16 37.40
C PHE C 262 46.10 -55.67 37.47
N GLN C 263 47.20 -56.26 37.88
CA GLN C 263 47.41 -57.70 37.86
C GLN C 263 47.65 -58.20 39.27
N PRO C 264 46.59 -58.55 40.00
CA PRO C 264 46.74 -58.87 41.44
C PRO C 264 47.48 -60.16 41.71
N SER C 265 48.00 -60.83 40.68
CA SER C 265 48.74 -62.08 40.88
C SER C 265 49.92 -61.90 41.82
N PHE C 266 50.37 -60.66 42.03
CA PHE C 266 51.44 -60.38 42.96
C PHE C 266 51.09 -60.81 44.38
N ILE C 267 49.81 -60.88 44.73
CA ILE C 267 49.40 -61.21 46.09
C ILE C 267 49.33 -62.72 46.33
N GLY C 268 48.61 -63.47 45.50
CA GLY C 268 48.59 -64.92 45.59
C GLY C 268 47.23 -65.55 45.82
N MET C 269 46.15 -64.79 45.81
CA MET C 269 44.82 -65.36 45.99
C MET C 269 44.00 -65.27 44.70
N GLU C 270 42.72 -65.62 44.79
CA GLU C 270 41.83 -65.69 43.63
C GLU C 270 40.99 -64.41 43.61
N SER C 271 41.45 -63.42 42.84
CA SER C 271 40.80 -62.11 42.82
C SER C 271 40.92 -61.50 41.42
N ALA C 272 40.32 -60.31 41.27
CA ALA C 272 40.30 -59.63 39.97
C ALA C 272 41.04 -58.30 40.02
N GLY C 273 41.34 -57.75 38.82
CA GLY C 273 42.13 -56.54 38.71
C GLY C 273 41.31 -55.29 38.47
N ILE C 274 42.00 -54.20 38.10
CA ILE C 274 41.32 -52.92 37.93
C ILE C 274 40.64 -52.81 36.57
N HIS C 275 41.43 -52.84 35.50
CA HIS C 275 40.93 -52.72 34.15
C HIS C 275 39.91 -53.81 33.82
N GLU C 276 40.03 -54.97 34.45
CA GLU C 276 39.12 -56.08 34.25
C GLU C 276 37.70 -55.76 34.72
N THR C 277 37.54 -55.38 35.98
CA THR C 277 36.19 -55.02 36.45
C THR C 277 35.78 -53.64 35.94
N THR C 278 36.75 -52.81 35.55
CA THR C 278 36.47 -51.62 34.77
C THR C 278 35.71 -51.97 33.49
N TYR C 279 36.24 -52.92 32.74
CA TYR C 279 35.53 -53.37 31.55
C TYR C 279 34.26 -54.12 31.93
N ASN C 280 34.22 -54.74 33.10
CA ASN C 280 32.97 -55.34 33.57
C ASN C 280 31.89 -54.28 33.68
N SER C 281 32.26 -53.09 34.18
CA SER C 281 31.34 -51.96 34.16
C SER C 281 30.98 -51.57 32.73
N ILE C 282 31.98 -51.46 31.85
CA ILE C 282 31.72 -51.02 30.48
C ILE C 282 30.83 -52.04 29.75
N MET C 283 30.83 -53.28 30.21
CA MET C 283 30.15 -54.37 29.50
C MET C 283 28.67 -54.44 29.79
N LYS C 284 28.22 -54.01 30.97
CA LYS C 284 26.80 -53.80 31.18
C LYS C 284 26.21 -52.93 30.08
N CYS C 285 27.00 -52.01 29.55
CA CYS C 285 26.66 -51.22 28.39
C CYS C 285 26.54 -52.13 27.19
N ASP C 286 25.65 -51.77 26.28
CA ASP C 286 25.44 -52.57 25.08
C ASP C 286 26.70 -52.64 24.24
N ILE C 287 26.66 -53.49 23.22
CA ILE C 287 27.74 -53.58 22.25
C ILE C 287 28.13 -52.19 21.77
N ASP C 288 27.17 -51.50 21.16
CA ASP C 288 27.38 -50.12 20.77
C ASP C 288 27.76 -49.27 21.97
N ILE C 289 27.32 -49.67 23.17
CA ILE C 289 27.44 -48.77 24.30
C ILE C 289 28.69 -49.06 25.13
N ARG C 290 29.14 -50.31 25.16
CA ARG C 290 30.50 -50.49 25.60
C ARG C 290 31.45 -49.77 24.67
N LYS C 291 31.22 -49.92 23.35
CA LYS C 291 31.90 -49.08 22.36
C LYS C 291 31.86 -47.62 22.75
N ASP C 292 30.70 -47.16 23.23
CA ASP C 292 30.54 -45.78 23.65
C ASP C 292 31.46 -45.43 24.80
N LEU C 293 31.30 -46.10 25.95
CA LEU C 293 32.11 -45.76 27.11
C LEU C 293 33.59 -45.77 26.78
N TYR C 294 34.00 -46.63 25.84
CA TYR C 294 35.40 -46.73 25.49
C TYR C 294 36.04 -45.37 25.23
N ALA C 295 35.32 -44.46 24.60
CA ALA C 295 35.86 -43.13 24.33
C ALA C 295 36.30 -42.45 25.61
N ASN C 296 35.42 -42.38 26.60
CA ASN C 296 35.70 -41.75 27.88
C ASN C 296 36.11 -42.82 28.89
N ASN C 297 37.38 -43.21 28.84
CA ASN C 297 37.95 -44.02 29.92
C ASN C 297 38.55 -43.07 30.95
N VAL C 298 37.67 -42.22 31.49
CA VAL C 298 38.03 -41.29 32.56
C VAL C 298 38.76 -42.07 33.65
N MET C 299 39.81 -41.48 34.21
CA MET C 299 40.59 -42.13 35.25
C MET C 299 41.03 -41.14 36.32
N SER C 300 41.11 -41.64 37.54
CA SER C 300 41.55 -40.86 38.69
C SER C 300 42.02 -41.83 39.76
N GLY C 301 42.43 -41.28 40.90
CA GLY C 301 42.80 -42.06 42.06
C GLY C 301 44.30 -42.08 42.28
N GLY C 302 44.71 -42.92 43.25
CA GLY C 302 46.09 -42.92 43.67
C GLY C 302 47.02 -43.69 42.74
N THR C 303 46.57 -44.84 42.23
CA THR C 303 47.40 -45.55 41.27
C THR C 303 47.45 -44.86 39.93
N THR C 304 46.52 -43.92 39.67
CA THR C 304 46.65 -43.05 38.52
C THR C 304 47.77 -42.03 38.69
N MET C 305 48.53 -42.12 39.78
CA MET C 305 49.69 -41.29 40.00
C MET C 305 50.99 -42.08 39.98
N TYR C 306 50.98 -43.27 39.37
CA TYR C 306 52.19 -44.06 39.19
C TYR C 306 52.47 -44.18 37.70
N PRO C 307 53.73 -44.15 37.30
CA PRO C 307 54.05 -43.97 35.87
C PRO C 307 53.52 -45.10 35.00
N GLY C 308 52.59 -44.74 34.12
CA GLY C 308 52.05 -45.65 33.13
C GLY C 308 50.56 -45.97 33.28
N ILE C 309 49.90 -45.39 34.28
CA ILE C 309 48.50 -45.75 34.56
C ILE C 309 47.62 -45.55 33.33
N ALA C 310 47.80 -44.43 32.62
CA ALA C 310 47.05 -44.23 31.39
C ALA C 310 47.44 -45.29 30.36
N ASP C 311 48.73 -45.47 30.15
CA ASP C 311 49.16 -46.48 29.18
C ASP C 311 48.77 -47.88 29.60
N ARG C 312 49.03 -48.25 30.86
CA ARG C 312 48.66 -49.57 31.34
C ARG C 312 47.16 -49.81 31.20
N MET C 313 46.38 -48.96 31.86
CA MET C 313 44.95 -49.13 31.88
C MET C 313 44.35 -49.09 30.49
N GLN C 314 44.90 -48.28 29.58
CA GLN C 314 44.27 -48.15 28.28
C GLN C 314 44.70 -49.28 27.34
N LYS C 315 45.98 -49.64 27.36
CA LYS C 315 46.38 -50.91 26.76
C LYS C 315 45.41 -52.01 27.16
N GLU C 316 45.16 -52.12 28.46
CA GLU C 316 44.28 -53.17 28.98
C GLU C 316 42.86 -53.01 28.47
N ILE C 317 42.29 -51.80 28.60
CA ILE C 317 40.88 -51.62 28.25
C ILE C 317 40.68 -51.73 26.75
N THR C 318 41.50 -51.04 25.94
CA THR C 318 41.51 -51.30 24.50
C THR C 318 41.55 -52.79 24.20
N ALA C 319 42.38 -53.54 24.92
CA ALA C 319 42.33 -54.98 24.80
C ALA C 319 41.03 -55.53 25.38
N LEU C 320 40.48 -54.85 26.39
CA LEU C 320 39.21 -55.23 27.00
C LEU C 320 38.08 -54.61 26.19
N ALA C 321 38.01 -54.96 24.91
CA ALA C 321 37.03 -54.40 24.00
C ALA C 321 36.95 -55.28 22.77
N PRO C 322 35.78 -55.38 22.15
CA PRO C 322 35.74 -55.88 20.77
C PRO C 322 36.62 -55.00 19.91
N SER C 323 37.52 -55.63 19.16
CA SER C 323 38.49 -54.91 18.35
C SER C 323 37.83 -53.98 17.32
N THR C 324 36.52 -54.11 17.13
CA THR C 324 35.75 -53.10 16.41
C THR C 324 35.61 -51.82 17.21
N MET C 325 36.19 -51.75 18.40
CA MET C 325 36.01 -50.63 19.32
C MET C 325 37.33 -50.32 20.02
N LYS C 326 37.79 -49.08 19.89
CA LYS C 326 39.01 -48.60 20.54
C LYS C 326 38.63 -47.84 21.79
N ILE C 327 39.54 -47.75 22.74
CA ILE C 327 39.29 -47.15 24.04
C ILE C 327 40.39 -46.13 24.34
N LYS C 328 40.01 -45.01 24.94
CA LYS C 328 40.96 -43.94 25.23
C LYS C 328 40.74 -43.46 26.66
N ILE C 329 41.81 -43.38 27.43
CA ILE C 329 41.74 -42.92 28.81
C ILE C 329 41.69 -41.40 28.86
N ILE C 330 40.73 -40.86 29.60
CA ILE C 330 40.68 -39.44 29.88
C ILE C 330 41.53 -39.17 31.11
N ALA C 331 42.50 -38.27 30.96
CA ALA C 331 43.39 -37.89 32.06
C ALA C 331 43.08 -36.45 32.45
N PRO C 332 42.36 -36.24 33.55
CA PRO C 332 42.17 -34.88 34.06
C PRO C 332 43.49 -34.19 34.29
N PRO C 333 43.52 -32.86 34.32
CA PRO C 333 44.77 -32.15 34.66
C PRO C 333 45.14 -32.39 36.11
N GLU C 334 44.28 -33.13 36.83
CA GLU C 334 44.59 -33.72 38.12
C GLU C 334 43.66 -34.91 38.33
N ARG C 335 44.22 -36.12 38.45
CA ARG C 335 43.40 -37.31 38.53
C ARG C 335 43.05 -37.72 39.96
N LYS C 336 44.04 -38.08 40.77
CA LYS C 336 43.79 -38.54 42.14
C LYS C 336 42.83 -37.65 42.90
N TYR C 337 42.73 -36.39 42.51
CA TYR C 337 41.80 -35.46 43.15
C TYR C 337 40.75 -34.97 42.17
N SER C 338 40.68 -35.55 40.97
CA SER C 338 39.56 -35.25 40.08
C SER C 338 38.25 -35.68 40.71
N VAL C 339 38.29 -36.56 41.70
CA VAL C 339 37.14 -36.74 42.56
C VAL C 339 36.75 -35.41 43.18
N TRP C 340 37.70 -34.78 43.86
CA TRP C 340 37.45 -33.45 44.41
C TRP C 340 36.97 -32.50 43.34
N ILE C 341 37.64 -32.48 42.19
CA ILE C 341 37.34 -31.49 41.16
C ILE C 341 35.92 -31.67 40.65
N GLY C 342 35.53 -32.91 40.39
CA GLY C 342 34.18 -33.17 39.91
C GLY C 342 33.12 -32.87 40.94
N GLY C 343 33.38 -33.24 42.20
CA GLY C 343 32.43 -32.89 43.24
C GLY C 343 32.25 -31.39 43.38
N SER C 344 33.35 -30.65 43.33
CA SER C 344 33.29 -29.21 43.49
C SER C 344 32.65 -28.54 42.28
N ILE C 345 32.84 -29.10 41.09
CA ILE C 345 32.26 -28.50 39.90
C ILE C 345 30.77 -28.80 39.82
N LEU C 346 30.40 -30.03 40.20
CA LEU C 346 29.00 -30.32 40.47
C LEU C 346 28.42 -29.35 41.48
N ALA C 347 29.20 -28.98 42.50
CA ALA C 347 28.77 -27.97 43.46
C ALA C 347 28.69 -26.60 42.81
N SER C 348 29.43 -26.39 41.72
CA SER C 348 29.51 -25.07 41.10
C SER C 348 28.23 -24.74 40.32
N LEU C 349 27.81 -25.61 39.43
CA LEU C 349 26.60 -25.34 38.67
C LEU C 349 25.37 -25.57 39.55
N SER C 350 24.20 -25.43 38.95
CA SER C 350 22.95 -25.74 39.65
C SER C 350 22.90 -27.20 40.09
N THR C 351 23.78 -28.05 39.56
CA THR C 351 23.70 -29.49 39.77
C THR C 351 23.77 -29.90 41.24
N PHE C 352 24.51 -29.18 42.08
CA PHE C 352 24.56 -29.57 43.49
C PHE C 352 23.22 -29.35 44.18
N GLN C 353 22.48 -28.33 43.74
CA GLN C 353 21.11 -28.16 44.24
C GLN C 353 20.26 -29.39 43.98
N GLN C 354 20.70 -30.25 43.04
CA GLN C 354 20.00 -31.47 42.66
C GLN C 354 20.57 -32.72 43.29
N MET C 355 21.62 -32.60 44.09
CA MET C 355 22.39 -33.78 44.47
C MET C 355 22.76 -33.89 45.94
N TRP C 356 22.64 -32.84 46.75
CA TRP C 356 23.03 -33.01 48.14
C TRP C 356 22.01 -33.87 48.89
N ILE C 357 22.49 -34.53 49.94
CA ILE C 357 21.65 -34.82 51.08
C ILE C 357 21.56 -33.53 51.88
N THR C 358 20.38 -32.99 52.03
CA THR C 358 20.20 -31.88 52.95
C THR C 358 20.44 -32.37 54.36
N LYS C 359 20.85 -31.45 55.24
CA LYS C 359 20.78 -31.76 56.66
C LYS C 359 19.40 -32.26 57.02
N GLN C 360 18.39 -31.62 56.46
CA GLN C 360 17.02 -32.04 56.69
C GLN C 360 16.75 -33.36 55.99
N GLU C 361 17.26 -33.51 54.78
CA GLU C 361 17.18 -34.81 54.11
C GLU C 361 17.67 -35.93 55.03
N TYR C 362 18.73 -35.67 55.78
CA TYR C 362 19.20 -36.66 56.74
C TYR C 362 18.28 -36.78 57.92
N ASP C 363 18.11 -35.68 58.67
CA ASP C 363 17.35 -35.70 59.90
C ASP C 363 15.97 -36.31 59.70
N GLU C 364 15.40 -36.16 58.50
CA GLU C 364 14.10 -36.74 58.18
C GLU C 364 14.24 -38.18 57.68
N ALA C 365 14.96 -38.36 56.57
CA ALA C 365 15.09 -39.67 55.96
C ALA C 365 16.19 -40.51 56.59
N GLY C 366 16.55 -40.24 57.84
CA GLY C 366 17.63 -40.94 58.48
C GLY C 366 18.90 -40.73 57.68
N PRO C 367 19.92 -41.52 57.97
CA PRO C 367 21.13 -41.47 57.14
C PRO C 367 20.99 -42.26 55.86
N SER C 368 20.03 -43.20 55.80
CA SER C 368 19.68 -43.87 54.56
C SER C 368 19.41 -42.89 53.43
N ILE C 369 19.16 -41.61 53.77
CA ILE C 369 18.97 -40.56 52.78
C ILE C 369 20.11 -40.54 51.77
N VAL C 370 21.30 -41.01 52.15
CA VAL C 370 22.36 -41.14 51.15
C VAL C 370 21.88 -41.98 49.99
N HIS C 371 21.56 -43.25 50.28
CA HIS C 371 20.81 -44.09 49.36
C HIS C 371 19.67 -43.34 48.73
N ARG C 372 18.92 -42.57 49.53
CA ARG C 372 17.79 -41.82 49.02
C ARG C 372 18.24 -40.58 48.25
N LYS C 373 19.53 -40.25 48.27
CA LYS C 373 19.99 -39.14 47.44
C LYS C 373 21.10 -39.58 46.49
N CYS C 374 22.04 -40.41 46.95
CA CYS C 374 23.21 -40.73 46.16
C CYS C 374 23.93 -41.95 46.73
N PHE C 375 24.16 -42.94 45.89
CA PHE C 375 24.83 -44.15 46.31
C PHE C 375 26.34 -44.03 46.16
N ASP D 1 -6.40 -26.48 -5.29
CA ASP D 1 -5.37 -25.78 -4.53
C ASP D 1 -4.02 -25.84 -5.24
N GLU D 2 -3.36 -24.68 -5.39
CA GLU D 2 -1.98 -24.69 -5.85
C GLU D 2 -1.84 -25.29 -7.25
N ASP D 3 -2.13 -24.51 -8.29
CA ASP D 3 -2.19 -25.00 -9.67
C ASP D 3 -1.25 -26.16 -9.97
N GLU D 4 0.01 -26.08 -9.57
CA GLU D 4 0.89 -27.23 -9.49
C GLU D 4 1.08 -27.52 -8.01
N THR D 5 0.41 -28.56 -7.53
CA THR D 5 -0.12 -28.54 -6.17
C THR D 5 0.96 -28.55 -5.12
N THR D 6 2.24 -28.50 -5.52
CA THR D 6 3.35 -28.53 -4.58
C THR D 6 3.22 -29.70 -3.61
N ALA D 7 2.31 -30.61 -3.91
CA ALA D 7 1.80 -31.53 -2.92
C ALA D 7 2.88 -32.51 -2.54
N LEU D 8 3.17 -32.53 -1.24
CA LEU D 8 4.19 -33.41 -0.71
C LEU D 8 3.72 -34.83 -0.88
N VAL D 9 4.67 -35.73 -1.07
CA VAL D 9 4.36 -37.09 -1.49
C VAL D 9 4.99 -38.02 -0.49
N CYS D 10 4.16 -38.85 0.13
CA CYS D 10 4.58 -39.85 1.10
C CYS D 10 4.20 -41.21 0.55
N ASP D 11 5.14 -41.85 -0.13
CA ASP D 11 4.99 -43.24 -0.56
C ASP D 11 5.14 -44.06 0.70
N ASN D 12 4.04 -44.22 1.42
CA ASN D 12 4.00 -44.92 2.69
C ASN D 12 3.44 -46.31 2.53
N GLY D 13 4.29 -47.31 2.75
CA GLY D 13 3.83 -48.66 2.91
C GLY D 13 4.54 -49.26 4.10
N SER D 14 4.41 -50.56 4.30
CA SER D 14 5.10 -51.31 5.35
C SER D 14 6.58 -50.97 5.44
N GLY D 15 7.22 -50.66 4.33
CA GLY D 15 8.60 -50.27 4.34
C GLY D 15 8.78 -48.84 3.88
N LEU D 16 9.51 -48.65 2.78
CA LEU D 16 9.97 -47.33 2.41
C LEU D 16 8.80 -46.37 2.23
N VAL D 17 8.70 -45.43 3.14
CA VAL D 17 7.99 -44.18 2.97
C VAL D 17 8.94 -43.25 2.22
N LYS D 18 8.45 -42.70 1.13
CA LYS D 18 9.23 -41.88 0.23
C LYS D 18 8.68 -40.46 0.29
N ALA D 19 9.55 -39.51 0.62
CA ALA D 19 9.20 -38.10 0.75
C ALA D 19 9.48 -37.36 -0.54
N GLY D 20 8.63 -36.41 -0.88
CA GLY D 20 8.96 -35.54 -1.99
C GLY D 20 7.89 -34.56 -2.38
N PHE D 21 8.01 -34.04 -3.60
CA PHE D 21 7.32 -32.83 -3.98
C PHE D 21 6.57 -33.07 -5.28
N ALA D 22 5.71 -32.11 -5.62
CA ALA D 22 4.88 -32.21 -6.82
C ALA D 22 5.74 -32.20 -8.07
N GLY D 23 5.54 -33.20 -8.92
CA GLY D 23 6.15 -33.23 -10.23
C GLY D 23 7.59 -33.63 -10.29
N ASP D 24 7.99 -34.65 -9.56
CA ASP D 24 9.37 -35.09 -9.53
C ASP D 24 9.42 -36.58 -9.83
N ASP D 25 10.58 -37.03 -10.29
CA ASP D 25 10.75 -38.40 -10.76
C ASP D 25 11.52 -39.29 -9.79
N ALA D 26 11.73 -38.86 -8.55
CA ALA D 26 12.36 -39.68 -7.53
C ALA D 26 12.20 -38.99 -6.18
N PRO D 27 11.99 -39.74 -5.11
CA PRO D 27 11.57 -39.12 -3.85
C PRO D 27 12.67 -38.28 -3.24
N ARG D 28 12.27 -37.15 -2.66
CA ARG D 28 13.22 -36.26 -2.02
C ARG D 28 13.89 -36.92 -0.84
N ALA D 29 13.31 -38.02 -0.33
CA ALA D 29 14.01 -38.90 0.59
C ALA D 29 13.30 -40.25 0.59
N VAL D 30 13.99 -41.26 1.11
CA VAL D 30 13.43 -42.60 1.21
C VAL D 30 13.82 -43.17 2.57
N PHE D 31 12.85 -43.74 3.29
CA PHE D 31 13.07 -44.19 4.64
C PHE D 31 11.95 -45.14 4.99
N PRO D 32 12.24 -46.37 5.42
CA PRO D 32 11.18 -47.36 5.60
C PRO D 32 10.16 -46.95 6.66
N SER D 33 9.00 -47.61 6.62
CA SER D 33 8.01 -47.37 7.65
C SER D 33 8.45 -48.02 8.94
N ILE D 34 9.54 -47.52 9.51
CA ILE D 34 10.13 -48.10 10.71
C ILE D 34 10.67 -46.96 11.56
N VAL D 35 10.29 -46.95 12.83
CA VAL D 35 10.75 -45.95 13.79
C VAL D 35 11.43 -46.69 14.93
N GLY D 36 12.66 -46.26 15.23
CA GLY D 36 13.48 -46.87 16.26
C GLY D 36 13.20 -46.21 17.60
N ARG D 37 13.30 -47.02 18.65
CA ARG D 37 12.97 -46.67 20.00
C ARG D 37 13.95 -47.48 20.84
N PRO D 38 14.93 -46.84 21.49
CA PRO D 38 15.97 -47.62 22.17
C PRO D 38 15.41 -48.37 23.37
N ARG D 39 16.29 -49.10 24.05
CA ARG D 39 15.84 -49.84 25.23
C ARG D 39 15.62 -48.92 26.42
N HIS D 40 16.62 -48.14 26.80
CA HIS D 40 16.48 -47.30 27.99
C HIS D 40 17.01 -45.89 27.77
N GLN D 41 17.71 -45.65 26.66
CA GLN D 41 18.17 -44.32 26.28
C GLN D 41 18.93 -43.62 27.39
N GLY D 42 19.72 -44.36 28.17
CA GLY D 42 20.49 -43.78 29.26
C GLY D 42 21.43 -42.70 28.77
N VAL D 43 22.12 -42.07 29.72
CA VAL D 43 23.15 -41.10 29.38
C VAL D 43 24.35 -41.93 28.97
N MET D 44 24.41 -42.31 27.70
CA MET D 44 25.51 -43.07 27.17
C MET D 44 26.51 -42.10 26.58
N VAL D 45 27.72 -42.60 26.30
CA VAL D 45 28.60 -41.83 25.43
C VAL D 45 27.98 -41.74 24.04
N GLY D 46 27.37 -42.85 23.59
CA GLY D 46 26.54 -42.83 22.41
C GLY D 46 25.07 -42.91 22.75
N MET D 47 24.40 -41.77 22.71
CA MET D 47 22.97 -41.65 22.94
C MET D 47 22.48 -40.48 22.09
N GLY D 48 21.19 -40.19 22.14
CA GLY D 48 20.68 -39.10 21.32
C GLY D 48 19.65 -38.23 22.00
N GLN D 49 19.31 -38.55 23.24
CA GLN D 49 18.30 -37.83 24.02
C GLN D 49 16.93 -37.88 23.32
N LYS D 50 16.85 -38.62 22.23
CA LYS D 50 15.61 -38.82 21.49
C LYS D 50 15.27 -40.30 21.47
N ASP D 51 13.99 -40.58 21.21
CA ASP D 51 13.47 -41.93 21.22
C ASP D 51 12.77 -42.29 19.92
N SER D 52 12.53 -41.33 19.03
CA SER D 52 11.69 -41.56 17.87
C SER D 52 12.52 -41.42 16.60
N TYR D 53 12.86 -42.54 15.99
CA TYR D 53 13.80 -42.55 14.88
C TYR D 53 13.13 -43.07 13.62
N VAL D 54 12.69 -42.15 12.76
CA VAL D 54 11.74 -42.49 11.69
C VAL D 54 12.50 -42.96 10.46
N GLY D 55 12.13 -44.13 9.95
CA GLY D 55 12.70 -44.60 8.70
C GLY D 55 13.92 -45.47 8.91
N ASP D 56 14.98 -45.20 8.15
CA ASP D 56 16.26 -45.86 8.41
C ASP D 56 16.84 -45.41 9.73
N GLU D 57 16.34 -44.30 10.27
CA GLU D 57 16.71 -43.91 11.63
C GLU D 57 16.40 -45.03 12.61
N ALA D 58 15.36 -45.81 12.33
CA ALA D 58 15.16 -47.06 13.05
C ALA D 58 16.30 -48.03 12.77
N GLN D 59 16.66 -48.20 11.50
CA GLN D 59 17.73 -49.11 11.10
C GLN D 59 19.08 -48.75 11.70
N SER D 60 19.20 -47.58 12.31
CA SER D 60 20.52 -47.07 12.70
C SER D 60 21.09 -47.73 13.95
N LYS D 61 20.47 -47.53 15.11
CA LYS D 61 21.04 -47.90 16.40
C LYS D 61 20.38 -49.18 16.93
N ARG D 62 20.09 -50.10 16.00
CA ARG D 62 19.38 -51.32 16.37
C ARG D 62 20.07 -52.05 17.52
N GLY D 63 21.40 -51.92 17.61
CA GLY D 63 22.12 -52.51 18.74
C GLY D 63 21.49 -52.19 20.08
N ILE D 64 20.78 -51.06 20.17
CA ILE D 64 19.95 -50.78 21.33
C ILE D 64 18.50 -50.49 20.95
N LEU D 65 18.19 -50.42 19.66
CA LEU D 65 16.88 -50.02 19.18
C LEU D 65 15.94 -51.21 18.98
N THR D 66 14.71 -51.04 19.45
CA THR D 66 13.58 -51.82 18.99
C THR D 66 12.85 -51.01 17.92
N LEU D 67 12.48 -51.67 16.84
CA LEU D 67 12.01 -50.96 15.65
C LEU D 67 10.54 -51.24 15.41
N LYS D 68 9.69 -50.26 15.70
CA LYS D 68 8.26 -50.32 15.45
C LYS D 68 7.97 -49.84 14.04
N TYR D 69 6.72 -49.97 13.62
CA TYR D 69 6.37 -49.70 12.23
C TYR D 69 5.12 -48.84 12.13
N PRO D 70 5.21 -47.70 11.50
CA PRO D 70 4.03 -46.91 11.14
C PRO D 70 3.05 -47.64 10.25
N ILE D 71 3.52 -48.16 9.12
CA ILE D 71 2.71 -48.98 8.23
C ILE D 71 3.30 -50.38 8.22
N GLU D 72 2.42 -51.38 8.21
CA GLU D 72 2.76 -52.72 7.75
C GLU D 72 1.59 -53.24 6.94
N HIS D 73 1.89 -53.96 5.85
CA HIS D 73 0.88 -54.49 4.94
C HIS D 73 0.01 -53.38 4.37
N GLY D 74 0.57 -52.20 4.13
CA GLY D 74 -0.21 -51.06 3.72
C GLY D 74 -1.13 -50.55 4.79
N ILE D 75 -1.36 -51.34 5.83
CA ILE D 75 -2.05 -50.90 7.03
C ILE D 75 -1.12 -50.00 7.82
N ILE D 76 -1.57 -48.80 8.12
CA ILE D 76 -0.84 -48.00 9.10
C ILE D 76 -0.89 -48.77 10.40
N THR D 77 0.24 -49.38 10.76
CA THR D 77 0.35 -50.07 12.03
C THR D 77 0.59 -49.11 13.18
N ASN D 78 0.98 -47.87 12.89
CA ASN D 78 1.09 -46.86 13.92
C ASN D 78 0.99 -45.47 13.30
N TRP D 79 -0.16 -44.82 13.48
CA TRP D 79 -0.32 -43.45 13.00
C TRP D 79 0.58 -42.48 13.74
N ASP D 80 0.88 -42.76 15.01
CA ASP D 80 1.89 -41.98 15.71
C ASP D 80 3.27 -42.27 15.15
N ASP D 81 3.53 -43.53 14.78
CA ASP D 81 4.68 -43.75 13.93
C ASP D 81 4.47 -43.20 12.53
N MET D 82 3.23 -43.02 12.08
CA MET D 82 3.01 -42.31 10.83
C MET D 82 3.02 -40.81 11.06
N GLU D 83 2.71 -40.37 12.29
CA GLU D 83 3.11 -39.03 12.68
C GLU D 83 4.61 -38.86 12.53
N LYS D 84 5.36 -39.81 13.04
CA LYS D 84 6.80 -39.80 12.83
C LYS D 84 7.12 -39.85 11.35
N ILE D 85 6.35 -40.62 10.58
CA ILE D 85 6.61 -40.81 9.16
C ILE D 85 6.39 -39.53 8.38
N TRP D 86 5.43 -38.71 8.78
CA TRP D 86 5.17 -37.51 8.02
C TRP D 86 5.85 -36.29 8.60
N HIS D 87 6.20 -36.34 9.88
CA HIS D 87 7.26 -35.48 10.36
C HIS D 87 8.52 -35.72 9.56
N HIS D 88 8.84 -36.99 9.33
CA HIS D 88 10.00 -37.33 8.51
C HIS D 88 9.79 -36.87 7.07
N THR D 89 8.84 -37.52 6.39
CA THR D 89 8.48 -37.22 5.02
C THR D 89 8.45 -35.72 4.76
N PHE D 90 7.60 -35.01 5.47
CA PHE D 90 7.32 -33.62 5.19
C PHE D 90 8.06 -32.65 6.11
N TYR D 91 7.81 -32.74 7.42
CA TYR D 91 8.52 -31.88 8.37
C TYR D 91 10.03 -32.07 8.28
N ASN D 92 10.50 -33.30 8.08
CA ASN D 92 11.94 -33.55 8.10
C ASN D 92 12.53 -33.71 6.71
N GLU D 93 12.05 -34.69 5.93
CA GLU D 93 12.65 -34.97 4.65
C GLU D 93 12.29 -33.91 3.62
N LEU D 94 10.99 -33.66 3.46
CA LEU D 94 10.59 -32.50 2.69
C LEU D 94 10.91 -31.22 3.44
N ARG D 95 11.24 -31.33 4.73
CA ARG D 95 11.64 -30.19 5.56
C ARG D 95 10.63 -29.05 5.44
N VAL D 96 9.44 -29.39 4.95
CA VAL D 96 8.34 -28.45 4.84
C VAL D 96 7.13 -29.10 5.49
N ALA D 97 6.57 -28.39 6.45
CA ALA D 97 5.53 -28.96 7.29
C ALA D 97 4.43 -29.52 6.43
N PRO D 98 3.90 -30.69 6.74
CA PRO D 98 2.69 -31.13 6.02
C PRO D 98 1.56 -30.15 6.26
N GLU D 99 1.57 -29.49 7.41
CA GLU D 99 0.82 -28.26 7.57
C GLU D 99 1.22 -27.26 6.50
N GLU D 100 0.23 -26.66 5.85
CA GLU D 100 0.42 -25.66 4.80
C GLU D 100 1.02 -26.26 3.52
N HIS D 101 1.47 -27.51 3.58
CA HIS D 101 1.96 -28.19 2.37
C HIS D 101 1.09 -29.38 2.10
N PRO D 102 0.28 -29.32 1.05
CA PRO D 102 -0.49 -30.49 0.65
C PRO D 102 0.39 -31.72 0.55
N THR D 103 -0.16 -32.83 1.02
CA THR D 103 0.61 -34.06 1.08
C THR D 103 -0.11 -35.16 0.30
N LEU D 104 0.32 -35.32 -0.94
CA LEU D 104 -0.09 -36.45 -1.75
C LEU D 104 0.64 -37.68 -1.21
N LEU D 105 0.19 -38.16 -0.06
CA LEU D 105 0.65 -39.41 0.51
C LEU D 105 0.27 -40.54 -0.42
N THR D 106 0.61 -41.76 -0.03
CA THR D 106 0.09 -42.92 -0.70
C THR D 106 -0.74 -43.76 0.27
N GLU D 107 -1.50 -44.69 -0.28
CA GLU D 107 -2.25 -45.62 0.55
C GLU D 107 -2.80 -46.71 -0.34
N ALA D 108 -2.59 -47.95 0.07
CA ALA D 108 -3.06 -49.08 -0.71
C ALA D 108 -4.59 -49.05 -0.82
N PRO D 109 -5.16 -49.51 -1.92
CA PRO D 109 -6.60 -49.75 -1.95
C PRO D 109 -6.96 -50.88 -0.99
N LEU D 110 -8.26 -50.97 -0.68
CA LEU D 110 -8.77 -51.97 0.26
C LEU D 110 -8.06 -51.90 1.60
N ASN D 111 -7.36 -50.75 1.86
CA ASN D 111 -6.86 -50.64 3.22
C ASN D 111 -8.02 -50.54 4.20
N PRO D 112 -7.89 -51.19 5.36
CA PRO D 112 -8.92 -51.05 6.39
C PRO D 112 -9.17 -49.59 6.72
N LYS D 113 -10.35 -49.33 7.30
CA LYS D 113 -10.73 -47.96 7.62
C LYS D 113 -9.68 -47.28 8.49
N ALA D 114 -9.01 -48.06 9.36
CA ALA D 114 -8.04 -47.47 10.29
C ALA D 114 -6.96 -46.69 9.56
N ASN D 115 -6.42 -47.25 8.47
CA ASN D 115 -5.29 -46.61 7.80
C ASN D 115 -5.70 -45.29 7.18
N ARG D 116 -6.86 -45.27 6.53
CA ARG D 116 -7.33 -44.05 5.91
C ARG D 116 -7.66 -42.99 6.95
N GLU D 117 -8.39 -43.40 7.99
CA GLU D 117 -8.66 -42.51 9.10
C GLU D 117 -7.38 -41.93 9.66
N LYS D 118 -6.39 -42.78 9.89
CA LYS D 118 -5.10 -42.30 10.37
C LYS D 118 -4.50 -41.32 9.38
N MET D 119 -4.13 -41.80 8.19
CA MET D 119 -3.48 -40.94 7.21
C MET D 119 -4.11 -39.56 7.17
N THR D 120 -5.44 -39.50 7.09
CA THR D 120 -6.09 -38.20 7.06
C THR D 120 -5.91 -37.47 8.40
N GLN D 121 -6.04 -38.19 9.51
CA GLN D 121 -5.96 -37.56 10.82
C GLN D 121 -4.55 -37.06 11.12
N ILE D 122 -3.58 -37.96 11.09
CA ILE D 122 -2.17 -37.59 11.13
C ILE D 122 -1.93 -36.36 10.28
N MET D 123 -2.37 -36.43 9.01
CA MET D 123 -2.18 -35.31 8.12
C MET D 123 -2.97 -34.09 8.56
N PHE D 124 -4.04 -34.27 9.34
CA PHE D 124 -4.87 -33.14 9.74
C PHE D 124 -5.01 -33.01 11.25
N GLU D 125 -4.27 -33.81 12.00
CA GLU D 125 -4.22 -33.62 13.45
C GLU D 125 -2.80 -33.66 13.98
N THR D 126 -1.82 -34.07 13.18
CA THR D 126 -0.42 -33.94 13.56
C THR D 126 0.22 -33.02 12.53
N PHE D 127 -0.44 -32.92 11.38
CA PHE D 127 0.20 -32.31 10.22
C PHE D 127 -0.74 -31.41 9.46
N ASN D 128 -1.99 -31.31 9.90
CA ASN D 128 -2.88 -30.22 9.54
C ASN D 128 -2.83 -29.89 8.06
N VAL D 129 -2.64 -30.92 7.22
CA VAL D 129 -2.28 -30.73 5.82
C VAL D 129 -3.40 -29.97 5.11
N PRO D 130 -3.09 -28.90 4.41
CA PRO D 130 -4.15 -28.14 3.73
C PRO D 130 -4.79 -29.01 2.67
N ALA D 131 -4.02 -29.92 2.11
CA ALA D 131 -4.56 -30.82 1.11
C ALA D 131 -3.76 -32.11 1.12
N MET D 132 -4.20 -33.07 1.92
CA MET D 132 -3.52 -34.35 1.86
C MET D 132 -4.06 -35.07 0.64
N TYR D 133 -3.32 -36.05 0.15
CA TYR D 133 -3.88 -37.01 -0.78
C TYR D 133 -3.20 -38.34 -0.55
N VAL D 134 -4.00 -39.38 -0.40
CA VAL D 134 -3.53 -40.73 -0.51
C VAL D 134 -4.12 -41.30 -1.78
N ALA D 135 -3.33 -41.33 -2.84
CA ALA D 135 -3.77 -41.94 -4.09
C ALA D 135 -3.37 -43.41 -4.06
N ILE D 136 -3.96 -44.19 -4.97
CA ILE D 136 -3.75 -45.63 -5.02
C ILE D 136 -2.26 -45.86 -5.22
N GLN D 137 -1.61 -46.51 -4.25
CA GLN D 137 -0.22 -46.93 -4.34
C GLN D 137 0.08 -47.50 -5.72
N ALA D 138 -0.76 -48.43 -6.17
CA ALA D 138 -0.58 -49.03 -7.48
C ALA D 138 -0.86 -48.03 -8.60
N VAL D 139 -1.96 -47.30 -8.50
CA VAL D 139 -2.26 -46.31 -9.53
C VAL D 139 -1.29 -45.13 -9.44
N LEU D 140 -0.69 -44.92 -8.25
CA LEU D 140 0.40 -43.96 -8.18
C LEU D 140 1.60 -44.45 -8.99
N SER D 141 2.00 -45.70 -8.80
CA SER D 141 3.07 -46.24 -9.62
C SER D 141 2.72 -46.17 -11.10
N LEU D 142 1.45 -46.39 -11.43
CA LEU D 142 0.94 -46.13 -12.76
C LEU D 142 1.27 -44.71 -13.22
N TYR D 143 0.89 -43.73 -12.41
CA TYR D 143 1.08 -42.33 -12.78
C TYR D 143 2.55 -41.94 -12.80
N ALA D 144 3.41 -42.77 -12.21
CA ALA D 144 4.84 -42.48 -12.20
C ALA D 144 5.42 -42.41 -13.60
N SER D 145 5.36 -43.51 -14.34
CA SER D 145 5.92 -43.57 -15.68
C SER D 145 5.06 -42.87 -16.71
N GLY D 146 3.97 -42.23 -16.29
CA GLY D 146 3.08 -41.56 -17.20
C GLY D 146 1.93 -42.40 -17.73
N ARG D 147 1.49 -43.41 -16.99
CA ARG D 147 0.44 -44.30 -17.43
C ARG D 147 -0.93 -43.82 -16.98
N THR D 148 -1.97 -44.38 -17.61
CA THR D 148 -3.35 -44.25 -17.15
C THR D 148 -4.16 -45.53 -17.23
N THR D 149 -3.64 -46.58 -17.88
CA THR D 149 -4.39 -47.80 -18.10
C THR D 149 -3.45 -48.99 -18.09
N GLY D 150 -3.91 -50.10 -17.53
CA GLY D 150 -3.15 -51.33 -17.44
C GLY D 150 -3.08 -51.87 -16.02
N ILE D 151 -2.82 -53.16 -15.86
CA ILE D 151 -2.77 -53.74 -14.52
C ILE D 151 -1.45 -53.39 -13.86
N VAL D 152 -1.50 -52.51 -12.88
CA VAL D 152 -0.29 -51.95 -12.28
C VAL D 152 -0.12 -52.60 -10.92
N LEU D 153 0.59 -53.71 -10.91
CA LEU D 153 1.04 -54.34 -9.67
C LEU D 153 2.01 -53.40 -9.01
N ASP D 154 1.66 -52.91 -7.83
CA ASP D 154 2.64 -52.22 -7.01
C ASP D 154 2.76 -52.92 -5.67
N SER D 155 3.95 -53.42 -5.40
CA SER D 155 4.32 -53.86 -4.08
C SER D 155 5.54 -53.06 -3.69
N GLY D 156 5.32 -51.92 -3.01
CA GLY D 156 6.41 -51.16 -2.47
C GLY D 156 7.11 -51.98 -1.42
N ASP D 157 8.05 -51.41 -0.68
CA ASP D 157 8.39 -52.08 0.56
C ASP D 157 7.23 -52.05 1.53
N GLY D 158 6.10 -51.49 1.10
CA GLY D 158 4.82 -51.70 1.72
C GLY D 158 4.04 -52.81 1.05
N VAL D 159 2.73 -52.79 1.30
CA VAL D 159 1.84 -53.87 0.90
C VAL D 159 2.01 -54.17 -0.59
N THR D 160 1.77 -55.42 -0.94
CA THR D 160 1.71 -55.85 -2.33
C THR D 160 0.32 -55.58 -2.90
N HIS D 161 0.27 -54.83 -4.01
CA HIS D 161 -1.00 -54.40 -4.57
C HIS D 161 -0.95 -54.35 -6.09
N ASN D 162 -2.13 -54.49 -6.68
CA ASN D 162 -2.31 -54.48 -8.13
C ASN D 162 -3.68 -53.94 -8.45
N VAL D 163 -3.73 -52.92 -9.31
CA VAL D 163 -5.01 -52.36 -9.74
C VAL D 163 -5.12 -52.51 -11.25
N PRO D 164 -5.84 -53.53 -11.73
CA PRO D 164 -5.93 -53.75 -13.19
C PRO D 164 -6.82 -52.72 -13.87
N ILE D 165 -6.20 -51.82 -14.62
CA ILE D 165 -6.91 -50.76 -15.34
C ILE D 165 -7.17 -51.27 -16.75
N TYR D 166 -8.31 -50.87 -17.30
CA TYR D 166 -8.70 -51.22 -18.66
C TYR D 166 -9.33 -50.00 -19.30
N GLU D 167 -10.14 -50.18 -20.35
CA GLU D 167 -10.94 -49.08 -20.88
C GLU D 167 -11.60 -48.28 -19.75
N GLY D 168 -11.88 -48.93 -18.62
CA GLY D 168 -12.25 -48.28 -17.38
C GLY D 168 -11.19 -48.43 -16.30
N TYR D 169 -11.65 -48.78 -15.10
CA TYR D 169 -10.78 -49.00 -13.96
C TYR D 169 -11.14 -50.32 -13.27
N ALA D 170 -10.28 -50.73 -12.33
CA ALA D 170 -10.37 -52.07 -11.75
C ALA D 170 -11.63 -52.26 -10.91
N LEU D 171 -11.84 -53.57 -10.40
CA LEU D 171 -12.91 -54.16 -9.60
C LEU D 171 -12.42 -54.43 -8.17
N PRO D 172 -13.35 -54.51 -7.19
CA PRO D 172 -12.92 -54.75 -5.80
C PRO D 172 -12.59 -56.20 -5.51
N HIS D 173 -13.18 -57.11 -6.26
CA HIS D 173 -12.73 -58.50 -6.22
C HIS D 173 -11.67 -58.78 -7.26
N ALA D 174 -11.44 -57.88 -8.21
CA ALA D 174 -10.30 -57.92 -9.11
C ALA D 174 -9.27 -56.85 -8.77
N ILE D 175 -8.96 -56.67 -7.50
CA ILE D 175 -7.89 -55.79 -7.09
C ILE D 175 -7.03 -56.54 -6.08
N MET D 176 -5.73 -56.60 -6.33
CA MET D 176 -4.84 -57.39 -5.48
C MET D 176 -4.51 -56.61 -4.22
N ARG D 177 -4.92 -57.15 -3.08
CA ARG D 177 -4.40 -56.76 -1.78
C ARG D 177 -3.72 -58.02 -1.24
N LEU D 178 -2.47 -58.24 -1.62
CA LEU D 178 -1.78 -59.48 -1.33
C LEU D 178 -1.18 -59.39 0.07
N ASP D 179 -1.33 -60.45 0.85
CA ASP D 179 -0.78 -60.51 2.20
C ASP D 179 0.73 -60.56 2.07
N LEU D 180 1.31 -59.41 1.73
CA LEU D 180 2.71 -59.34 1.37
C LEU D 180 3.20 -57.89 1.39
N ALA D 181 4.46 -57.72 1.77
CA ALA D 181 5.12 -56.42 1.75
C ALA D 181 6.61 -56.68 1.84
N GLY D 182 7.38 -55.60 1.95
CA GLY D 182 8.79 -55.77 2.23
C GLY D 182 9.03 -56.44 3.57
N ARG D 183 8.12 -56.21 4.52
CA ARG D 183 8.22 -56.78 5.86
C ARG D 183 8.19 -58.30 5.81
N ASP D 184 7.41 -58.88 4.90
CA ASP D 184 7.26 -60.33 4.88
C ASP D 184 8.49 -61.01 4.31
N LEU D 185 9.00 -60.50 3.19
CA LEU D 185 10.29 -60.98 2.70
C LEU D 185 11.37 -60.82 3.76
N THR D 186 11.33 -59.72 4.50
CA THR D 186 12.24 -59.50 5.62
C THR D 186 12.14 -60.63 6.64
N ASP D 187 10.93 -60.91 7.13
CA ASP D 187 10.78 -61.86 8.22
C ASP D 187 11.13 -63.27 7.77
N TYR D 188 10.71 -63.64 6.56
CA TYR D 188 11.15 -64.91 6.00
C TYR D 188 12.66 -64.97 5.93
N LEU D 189 13.29 -63.85 5.54
CA LEU D 189 14.75 -63.77 5.49
C LEU D 189 15.36 -64.02 6.85
N MET D 190 14.78 -63.44 7.89
CA MET D 190 15.28 -63.63 9.24
C MET D 190 15.22 -65.09 9.63
N LYS D 191 14.08 -65.73 9.38
CA LYS D 191 13.92 -67.13 9.75
C LYS D 191 14.91 -68.02 9.02
N ILE D 192 15.02 -67.85 7.70
CA ILE D 192 15.92 -68.70 6.92
C ILE D 192 17.39 -68.40 7.18
N LEU D 193 17.72 -67.18 7.61
CA LEU D 193 19.08 -66.89 8.02
C LEU D 193 19.40 -67.58 9.34
N THR D 194 18.47 -67.54 10.30
CA THR D 194 18.63 -68.31 11.53
C THR D 194 18.76 -69.80 11.22
N GLU D 195 18.10 -70.26 10.16
CA GLU D 195 18.19 -71.66 9.77
C GLU D 195 19.63 -72.09 9.53
N ARG D 196 20.35 -71.38 8.67
CA ARG D 196 21.70 -71.79 8.31
C ARG D 196 22.69 -71.50 9.44
N GLY D 197 22.35 -70.56 10.31
CA GLY D 197 23.24 -70.24 11.43
C GLY D 197 23.43 -68.76 11.64
N TYR D 198 22.65 -67.94 10.95
CA TYR D 198 22.67 -66.49 11.12
C TYR D 198 21.42 -66.10 11.88
N SER D 199 21.48 -66.17 13.21
CA SER D 199 20.31 -66.08 14.07
C SER D 199 19.85 -64.63 14.20
N PHE D 200 18.54 -64.43 14.13
CA PHE D 200 17.92 -63.13 14.36
C PHE D 200 16.64 -63.30 15.15
N VAL D 201 16.51 -62.51 16.22
CA VAL D 201 15.36 -62.59 17.10
C VAL D 201 14.68 -61.22 17.21
N THR D 202 15.45 -60.22 17.62
CA THR D 202 14.90 -58.89 17.92
C THR D 202 14.55 -58.11 16.66
N THR D 203 13.76 -57.05 16.80
CA THR D 203 13.52 -56.15 15.67
C THR D 203 14.81 -55.47 15.25
N ALA D 204 15.77 -55.36 16.16
CA ALA D 204 17.12 -54.98 15.78
C ALA D 204 17.68 -55.92 14.72
N GLU D 205 17.75 -57.21 15.05
CA GLU D 205 18.26 -58.18 14.09
C GLU D 205 17.27 -58.41 12.95
N ARG D 206 15.96 -58.33 13.22
CA ARG D 206 15.00 -58.46 12.13
C ARG D 206 15.14 -57.32 11.13
N GLU D 207 15.59 -56.16 11.57
CA GLU D 207 15.68 -55.03 10.65
C GLU D 207 17.07 -54.95 10.02
N ILE D 208 18.09 -55.43 10.72
CA ILE D 208 19.26 -55.96 10.02
C ILE D 208 18.81 -56.77 8.82
N VAL D 209 17.88 -57.69 9.06
CA VAL D 209 17.40 -58.59 8.02
C VAL D 209 16.55 -57.85 6.99
N ARG D 210 15.85 -56.80 7.40
CA ARG D 210 15.07 -56.04 6.44
C ARG D 210 15.98 -55.28 5.49
N ASP D 211 17.03 -54.66 6.01
CA ASP D 211 17.99 -54.02 5.14
C ASP D 211 18.74 -55.04 4.29
N ILE D 212 18.87 -56.27 4.79
CA ILE D 212 19.38 -57.35 3.93
C ILE D 212 18.41 -57.60 2.79
N LYS D 213 17.18 -57.99 3.12
CA LYS D 213 16.07 -58.20 2.18
C LYS D 213 15.90 -57.07 1.16
N GLU D 214 16.19 -55.84 1.58
CA GLU D 214 16.07 -54.73 0.66
C GLU D 214 17.30 -54.62 -0.22
N LYS D 215 18.45 -55.11 0.27
CA LYS D 215 19.71 -54.96 -0.43
C LYS D 215 20.48 -56.25 -0.64
N LEU D 216 20.62 -57.11 0.35
CA LEU D 216 21.26 -58.41 0.18
C LEU D 216 20.12 -59.38 -0.13
N CYS D 217 19.75 -59.43 -1.40
CA CYS D 217 18.48 -60.00 -1.83
C CYS D 217 18.45 -59.98 -3.35
N TYR D 218 17.56 -60.79 -3.92
CA TYR D 218 17.55 -60.97 -5.36
C TYR D 218 16.29 -61.71 -5.77
N VAL D 219 15.58 -61.17 -6.75
CA VAL D 219 14.41 -61.85 -7.29
C VAL D 219 14.88 -63.16 -7.87
N ALA D 220 14.52 -64.25 -7.22
CA ALA D 220 15.03 -65.54 -7.61
C ALA D 220 14.35 -66.01 -8.89
N LEU D 221 15.14 -66.12 -9.94
CA LEU D 221 14.69 -66.69 -11.19
C LEU D 221 14.82 -68.20 -11.19
N ASP D 222 15.89 -68.74 -10.62
CA ASP D 222 16.02 -70.16 -10.40
C ASP D 222 16.30 -70.36 -8.91
N PHE D 223 15.24 -70.33 -8.11
CA PHE D 223 15.39 -70.09 -6.68
C PHE D 223 16.22 -71.17 -6.01
N GLU D 224 15.91 -72.42 -6.28
CA GLU D 224 16.52 -73.53 -5.53
C GLU D 224 17.94 -73.78 -6.00
N ASN D 225 18.21 -73.54 -7.28
CA ASN D 225 19.57 -73.63 -7.79
C ASN D 225 20.47 -72.61 -7.13
N GLU D 226 20.08 -71.33 -7.21
CA GLU D 226 20.76 -70.28 -6.45
C GLU D 226 20.88 -70.65 -4.99
N MET D 227 19.86 -71.31 -4.44
CA MET D 227 19.88 -71.72 -3.04
C MET D 227 21.04 -72.68 -2.78
N ALA D 228 21.17 -73.71 -3.62
CA ALA D 228 22.28 -74.65 -3.49
C ALA D 228 23.60 -73.93 -3.63
N THR D 229 23.71 -73.01 -4.60
CA THR D 229 24.94 -72.22 -4.73
C THR D 229 25.23 -71.47 -3.44
N ALA D 230 24.22 -70.87 -2.85
CA ALA D 230 24.39 -69.97 -1.73
C ALA D 230 24.17 -70.64 -0.38
N ALA D 231 24.15 -71.97 -0.34
CA ALA D 231 24.27 -72.69 0.92
C ALA D 231 25.71 -72.68 1.42
N SER D 232 26.66 -72.40 0.53
CA SER D 232 28.03 -72.09 0.87
C SER D 232 28.37 -70.77 0.19
N SER D 233 29.40 -70.09 0.68
CA SER D 233 29.70 -68.77 0.16
C SER D 233 30.28 -68.87 -1.23
N SER D 234 29.41 -69.05 -2.22
CA SER D 234 29.88 -69.21 -3.60
C SER D 234 29.37 -68.12 -4.53
N SER D 235 28.05 -67.98 -4.66
CA SER D 235 27.55 -67.07 -5.70
C SER D 235 26.42 -66.16 -5.24
N LEU D 236 25.69 -66.51 -4.20
CA LEU D 236 24.67 -65.63 -3.64
C LEU D 236 24.67 -65.67 -2.13
N GLU D 237 25.58 -66.42 -1.52
CA GLU D 237 25.81 -66.37 -0.09
C GLU D 237 26.68 -65.15 0.20
N LYS D 238 26.02 -64.06 0.55
CA LYS D 238 26.59 -62.73 0.55
C LYS D 238 26.39 -62.12 1.92
N SER D 239 27.47 -61.75 2.57
CA SER D 239 27.44 -61.46 3.99
C SER D 239 27.12 -60.01 4.29
N TYR D 240 26.04 -59.83 5.03
CA TYR D 240 25.81 -58.63 5.83
C TYR D 240 26.38 -58.91 7.21
N GLU D 241 27.06 -57.95 7.79
CA GLU D 241 27.60 -58.13 9.13
C GLU D 241 26.98 -57.10 10.06
N LEU D 242 26.36 -57.57 11.13
CA LEU D 242 26.05 -56.69 12.24
C LEU D 242 27.37 -56.15 12.82
N PRO D 243 27.53 -54.84 12.92
CA PRO D 243 28.83 -54.27 13.30
C PRO D 243 29.23 -54.57 14.74
N ASP D 244 29.25 -55.86 15.08
CA ASP D 244 29.94 -56.35 16.25
C ASP D 244 30.72 -57.56 15.81
N GLY D 245 30.78 -57.75 14.49
CA GLY D 245 31.34 -58.95 13.93
C GLY D 245 30.35 -60.08 13.80
N GLN D 246 29.06 -59.76 13.65
CA GLN D 246 28.05 -60.80 13.47
C GLN D 246 27.94 -61.07 11.98
N VAL D 247 28.62 -62.12 11.53
CA VAL D 247 28.68 -62.48 10.12
C VAL D 247 27.37 -63.14 9.76
N ILE D 248 26.68 -62.58 8.78
CA ILE D 248 25.43 -63.09 8.28
C ILE D 248 25.63 -63.29 6.79
N THR D 249 26.16 -64.45 6.41
CA THR D 249 26.46 -64.64 5.00
C THR D 249 25.16 -65.10 4.35
N ILE D 250 24.28 -64.14 4.08
CA ILE D 250 22.92 -64.42 3.66
C ILE D 250 23.00 -65.14 2.34
N GLY D 251 22.77 -66.45 2.37
CA GLY D 251 22.97 -67.24 1.19
C GLY D 251 21.71 -67.43 0.40
N ASN D 252 21.27 -68.67 0.36
CA ASN D 252 19.93 -69.00 -0.08
C ASN D 252 18.90 -68.02 0.44
N GLU D 253 19.13 -67.50 1.65
CA GLU D 253 18.20 -66.61 2.31
C GLU D 253 17.89 -65.35 1.52
N ARG D 254 18.88 -64.76 0.84
CA ARG D 254 18.64 -63.51 0.11
C ARG D 254 17.48 -63.62 -0.84
N PHE D 255 17.63 -64.45 -1.88
CA PHE D 255 16.64 -64.61 -2.92
C PHE D 255 15.47 -65.47 -2.48
N ARG D 256 15.60 -66.11 -1.32
CA ARG D 256 14.45 -66.66 -0.63
C ARG D 256 13.42 -65.61 -0.30
N CYS D 257 13.83 -64.35 -0.11
CA CYS D 257 12.85 -63.29 0.16
C CYS D 257 11.99 -63.03 -1.06
N PRO D 258 12.52 -62.60 -2.21
CA PRO D 258 11.64 -62.34 -3.35
C PRO D 258 10.90 -63.56 -3.81
N GLU D 259 11.35 -64.73 -3.37
CA GLU D 259 10.51 -65.91 -3.55
C GLU D 259 9.27 -65.83 -2.68
N THR D 260 9.37 -65.21 -1.49
CA THR D 260 8.17 -64.87 -0.75
C THR D 260 7.43 -63.72 -1.42
N LEU D 261 8.14 -62.88 -2.18
CA LEU D 261 7.45 -61.91 -3.01
C LEU D 261 6.54 -62.61 -4.01
N PHE D 262 7.07 -63.62 -4.71
CA PHE D 262 6.27 -64.38 -5.66
C PHE D 262 5.45 -65.47 -4.98
N GLN D 263 5.83 -65.88 -3.78
CA GLN D 263 5.13 -66.94 -3.05
C GLN D 263 5.11 -66.58 -1.57
N PRO D 264 4.19 -65.72 -1.14
CA PRO D 264 4.15 -65.30 0.27
C PRO D 264 3.78 -66.41 1.24
N SER D 265 3.42 -67.60 0.75
CA SER D 265 3.05 -68.69 1.65
C SER D 265 4.26 -69.35 2.29
N PHE D 266 5.47 -68.93 1.93
CA PHE D 266 6.67 -69.50 2.52
C PHE D 266 6.77 -69.24 4.02
N ILE D 267 6.05 -68.24 4.52
CA ILE D 267 6.15 -67.88 5.94
C ILE D 267 5.21 -68.73 6.77
N GLY D 268 4.10 -69.16 6.18
CA GLY D 268 3.09 -69.91 6.90
C GLY D 268 1.71 -69.36 6.63
N MET D 269 1.66 -68.27 5.86
CA MET D 269 0.38 -67.64 5.52
C MET D 269 -0.28 -68.39 4.38
N GLU D 270 -1.61 -68.26 4.30
CA GLU D 270 -2.39 -68.86 3.24
C GLU D 270 -2.68 -67.88 2.10
N SER D 271 -1.80 -66.93 1.87
CA SER D 271 -1.99 -65.94 0.81
C SER D 271 -1.63 -66.53 -0.54
N ALA D 272 -1.99 -65.80 -1.59
CA ALA D 272 -1.77 -66.23 -2.96
C ALA D 272 -0.48 -65.63 -3.50
N GLY D 273 -0.20 -65.92 -4.77
CA GLY D 273 0.98 -65.36 -5.41
C GLY D 273 0.75 -63.95 -5.90
N ILE D 274 1.87 -63.21 -6.05
CA ILE D 274 1.79 -61.83 -6.47
C ILE D 274 1.41 -61.71 -7.93
N HIS D 275 2.19 -62.37 -8.79
CA HIS D 275 1.87 -62.46 -10.21
C HIS D 275 0.60 -63.25 -10.46
N GLU D 276 0.36 -64.28 -9.65
CA GLU D 276 -0.90 -64.99 -9.68
C GLU D 276 -2.08 -64.07 -9.44
N THR D 277 -2.04 -63.26 -8.40
CA THR D 277 -3.15 -62.35 -8.14
C THR D 277 -3.21 -61.23 -9.18
N THR D 278 -2.09 -60.89 -9.83
CA THR D 278 -2.18 -60.09 -11.04
C THR D 278 -3.09 -60.75 -12.05
N TYR D 279 -2.78 -62.00 -12.42
CA TYR D 279 -3.61 -62.74 -13.36
C TYR D 279 -5.07 -62.82 -12.90
N ASN D 280 -5.27 -62.95 -11.59
CA ASN D 280 -6.64 -63.08 -11.06
C ASN D 280 -7.41 -61.78 -11.23
N SER D 281 -6.88 -60.68 -10.68
CA SER D 281 -7.48 -59.38 -10.91
C SER D 281 -7.60 -59.05 -12.39
N ILE D 282 -6.81 -59.74 -13.22
CA ILE D 282 -6.96 -59.62 -14.67
C ILE D 282 -8.26 -60.26 -15.12
N MET D 283 -8.46 -61.54 -14.80
CA MET D 283 -9.50 -62.33 -15.45
C MET D 283 -10.92 -61.86 -15.16
N LYS D 284 -11.15 -61.11 -14.09
CA LYS D 284 -12.47 -60.98 -13.51
C LYS D 284 -13.45 -60.19 -14.38
N CYS D 285 -13.12 -59.91 -15.63
CA CYS D 285 -13.99 -59.12 -16.48
C CYS D 285 -14.24 -59.83 -17.80
N ASP D 286 -14.89 -59.10 -18.70
CA ASP D 286 -15.23 -59.59 -20.03
C ASP D 286 -13.98 -59.93 -20.82
N ILE D 287 -14.19 -60.62 -21.94
CA ILE D 287 -13.08 -60.97 -22.83
C ILE D 287 -12.26 -59.73 -23.16
N ASP D 288 -12.91 -58.73 -23.75
CA ASP D 288 -12.21 -57.51 -24.12
C ASP D 288 -11.66 -56.78 -22.90
N ILE D 289 -12.34 -56.89 -21.76
CA ILE D 289 -11.98 -56.09 -20.59
C ILE D 289 -10.92 -56.83 -19.76
N ARG D 290 -11.19 -58.09 -19.43
CA ARG D 290 -10.17 -58.88 -18.76
C ARG D 290 -8.91 -58.97 -19.61
N LYS D 291 -9.04 -58.84 -20.92
CA LYS D 291 -7.87 -58.85 -21.79
C LYS D 291 -7.03 -57.59 -21.62
N ASP D 292 -7.70 -56.42 -21.59
CA ASP D 292 -7.00 -55.18 -21.27
C ASP D 292 -6.29 -55.31 -19.94
N LEU D 293 -6.91 -56.01 -18.98
CA LEU D 293 -6.23 -56.27 -17.72
C LEU D 293 -5.03 -57.18 -17.93
N TYR D 294 -5.17 -58.20 -18.76
CA TYR D 294 -4.03 -59.07 -19.09
C TYR D 294 -2.83 -58.26 -19.55
N ALA D 295 -3.07 -57.24 -20.39
CA ALA D 295 -1.98 -56.68 -21.18
C ALA D 295 -0.87 -56.08 -20.32
N ASN D 296 -1.14 -54.98 -19.62
CA ASN D 296 -0.09 -54.10 -19.09
C ASN D 296 0.10 -54.35 -17.60
N ASN D 297 1.05 -55.21 -17.26
CA ASN D 297 1.30 -55.59 -15.86
C ASN D 297 2.50 -54.83 -15.30
N VAL D 298 2.34 -53.53 -15.12
CA VAL D 298 3.40 -52.71 -14.54
C VAL D 298 3.80 -53.29 -13.19
N MET D 299 5.01 -53.84 -13.11
CA MET D 299 5.57 -54.27 -11.83
C MET D 299 6.25 -53.07 -11.22
N SER D 300 5.90 -52.76 -9.99
CA SER D 300 6.24 -51.45 -9.43
C SER D 300 6.26 -51.54 -7.92
N GLY D 301 6.89 -50.56 -7.30
CA GLY D 301 7.12 -50.57 -5.87
C GLY D 301 8.49 -51.16 -5.55
N GLY D 302 8.76 -51.22 -4.24
CA GLY D 302 10.08 -51.64 -3.79
C GLY D 302 10.34 -53.11 -3.98
N THR D 303 9.42 -53.96 -3.50
CA THR D 303 9.66 -55.39 -3.59
C THR D 303 9.67 -55.91 -5.02
N THR D 304 9.21 -55.14 -5.99
CA THR D 304 9.44 -55.48 -7.38
C THR D 304 10.72 -54.86 -7.92
N MET D 305 11.62 -54.42 -7.04
CA MET D 305 12.89 -53.85 -7.45
C MET D 305 14.08 -54.73 -7.08
N TYR D 306 13.93 -56.03 -7.17
CA TYR D 306 15.09 -56.89 -6.96
C TYR D 306 15.58 -57.39 -8.30
N PRO D 307 16.82 -57.86 -8.40
CA PRO D 307 17.34 -58.30 -9.70
C PRO D 307 16.57 -59.49 -10.25
N GLY D 308 16.02 -59.32 -11.46
CA GLY D 308 15.29 -60.36 -12.14
C GLY D 308 13.79 -60.28 -12.02
N ILE D 309 13.27 -59.17 -11.50
CA ILE D 309 11.87 -59.11 -11.10
C ILE D 309 10.91 -59.09 -12.27
N ALA D 310 11.13 -58.19 -13.24
CA ALA D 310 10.12 -57.94 -14.26
C ALA D 310 9.85 -59.19 -15.09
N ASP D 311 10.91 -59.80 -15.63
CA ASP D 311 10.72 -60.94 -16.51
C ASP D 311 10.35 -62.20 -15.74
N ARG D 312 10.80 -62.33 -14.50
CA ARG D 312 10.26 -63.38 -13.64
C ARG D 312 8.74 -63.27 -13.58
N MET D 313 8.26 -62.12 -13.13
CA MET D 313 6.83 -61.88 -13.00
C MET D 313 6.13 -62.04 -14.34
N GLN D 314 6.83 -61.75 -15.44
CA GLN D 314 6.19 -61.75 -16.75
C GLN D 314 6.01 -63.17 -17.28
N LYS D 315 7.09 -63.95 -17.26
CA LYS D 315 6.97 -65.39 -17.42
C LYS D 315 5.88 -65.94 -16.53
N GLU D 316 5.77 -65.38 -15.32
CA GLU D 316 4.74 -65.83 -14.40
C GLU D 316 3.35 -65.59 -14.98
N ILE D 317 3.03 -64.34 -15.30
CA ILE D 317 1.68 -64.03 -15.74
C ILE D 317 1.37 -64.76 -17.04
N THR D 318 2.35 -64.87 -17.94
CA THR D 318 2.13 -65.66 -19.15
C THR D 318 1.83 -67.12 -18.82
N ALA D 319 2.72 -67.80 -18.12
CA ALA D 319 2.44 -69.16 -17.66
C ALA D 319 1.16 -69.19 -16.83
N LEU D 320 0.95 -68.16 -16.00
CA LEU D 320 -0.29 -68.07 -15.24
C LEU D 320 -1.32 -67.30 -16.04
N ALA D 321 -1.74 -67.85 -17.17
CA ALA D 321 -2.78 -67.26 -18.01
C ALA D 321 -3.08 -68.20 -19.16
N PRO D 322 -4.22 -68.04 -19.82
CA PRO D 322 -4.42 -68.74 -21.09
C PRO D 322 -3.51 -68.16 -22.15
N SER D 323 -3.39 -68.86 -23.27
CA SER D 323 -2.62 -68.30 -24.39
C SER D 323 -3.50 -67.39 -25.26
N THR D 324 -4.75 -67.18 -24.91
CA THR D 324 -5.65 -66.34 -25.70
C THR D 324 -5.46 -64.85 -25.42
N MET D 325 -4.85 -64.49 -24.30
CA MET D 325 -4.70 -63.09 -23.92
C MET D 325 -3.31 -62.86 -23.33
N LYS D 326 -2.55 -61.99 -23.99
CA LYS D 326 -1.14 -61.79 -23.65
C LYS D 326 -1.00 -60.93 -22.41
N ILE D 327 0.23 -60.81 -21.92
CA ILE D 327 0.56 -60.05 -20.72
C ILE D 327 1.96 -59.46 -20.87
N LYS D 328 2.13 -58.21 -20.49
CA LYS D 328 3.43 -57.55 -20.52
C LYS D 328 3.63 -56.75 -19.24
N ILE D 329 4.88 -56.66 -18.79
CA ILE D 329 5.20 -55.96 -17.55
C ILE D 329 5.97 -54.67 -17.85
N ILE D 330 5.57 -53.58 -17.20
CA ILE D 330 6.27 -52.31 -17.31
C ILE D 330 7.18 -52.12 -16.10
N ALA D 331 8.42 -51.74 -16.35
CA ALA D 331 9.34 -51.36 -15.30
C ALA D 331 9.41 -49.84 -15.24
N PRO D 332 8.84 -49.20 -14.23
CA PRO D 332 8.88 -47.74 -14.15
C PRO D 332 10.30 -47.23 -14.17
N PRO D 333 10.54 -46.05 -14.75
CA PRO D 333 11.88 -45.47 -14.77
C PRO D 333 12.52 -45.31 -13.40
N GLU D 334 11.73 -45.33 -12.33
CA GLU D 334 12.24 -45.55 -10.99
C GLU D 334 11.17 -46.32 -10.22
N ARG D 335 11.34 -47.64 -10.17
CA ARG D 335 10.23 -48.53 -9.86
C ARG D 335 9.93 -48.58 -8.37
N LYS D 336 10.97 -48.72 -7.54
CA LYS D 336 10.76 -48.77 -6.10
C LYS D 336 10.02 -47.55 -5.60
N TYR D 337 10.20 -46.43 -6.30
CA TYR D 337 9.62 -45.15 -5.92
C TYR D 337 8.51 -44.73 -6.88
N SER D 338 8.10 -45.64 -7.77
CA SER D 338 7.04 -45.35 -8.72
C SER D 338 5.76 -44.89 -8.01
N VAL D 339 5.45 -45.48 -6.85
CA VAL D 339 4.36 -44.98 -6.05
C VAL D 339 4.56 -43.49 -5.78
N TRP D 340 5.73 -43.16 -5.23
CA TRP D 340 6.04 -41.78 -4.92
C TRP D 340 6.03 -40.92 -6.18
N ILE D 341 6.54 -41.45 -7.29
CA ILE D 341 6.68 -40.63 -8.49
C ILE D 341 5.32 -40.29 -9.07
N GLY D 342 4.41 -41.26 -9.05
CA GLY D 342 3.05 -40.97 -9.47
C GLY D 342 2.35 -40.04 -8.51
N GLY D 343 2.64 -40.17 -7.22
CA GLY D 343 2.14 -39.18 -6.28
C GLY D 343 2.62 -37.79 -6.62
N SER D 344 3.90 -37.67 -6.96
CA SER D 344 4.47 -36.36 -7.29
C SER D 344 3.89 -35.83 -8.59
N ILE D 345 3.64 -36.71 -9.54
CA ILE D 345 3.08 -36.28 -10.83
C ILE D 345 1.64 -35.82 -10.64
N LEU D 346 0.79 -36.68 -10.07
CA LEU D 346 -0.57 -36.26 -9.74
C LEU D 346 -0.58 -34.97 -8.94
N ALA D 347 0.41 -34.80 -8.07
CA ALA D 347 0.55 -33.55 -7.34
C ALA D 347 0.77 -32.38 -8.28
N SER D 348 1.81 -32.44 -9.10
CA SER D 348 2.02 -31.39 -10.08
C SER D 348 0.86 -31.24 -11.03
N LEU D 349 0.25 -32.35 -11.42
CA LEU D 349 -0.90 -32.30 -12.33
C LEU D 349 -2.03 -31.52 -11.69
N SER D 350 -2.97 -31.10 -12.54
CA SER D 350 -4.25 -30.62 -12.03
C SER D 350 -4.96 -31.68 -11.21
N THR D 351 -4.55 -32.94 -11.34
CA THR D 351 -5.29 -34.07 -10.76
C THR D 351 -5.25 -34.09 -9.25
N PHE D 352 -4.18 -33.59 -8.61
CA PHE D 352 -4.24 -33.44 -7.16
C PHE D 352 -5.31 -32.44 -6.77
N GLN D 353 -5.48 -31.39 -7.59
CA GLN D 353 -6.59 -30.48 -7.41
C GLN D 353 -7.92 -31.10 -7.81
N GLN D 354 -7.89 -32.28 -8.42
CA GLN D 354 -9.10 -33.07 -8.65
C GLN D 354 -9.18 -34.26 -7.71
N MET D 355 -8.05 -34.65 -7.10
CA MET D 355 -7.97 -35.81 -6.21
C MET D 355 -7.02 -35.46 -5.07
N TRP D 356 -7.57 -35.30 -3.87
CA TRP D 356 -6.80 -35.05 -2.68
C TRP D 356 -7.75 -35.04 -1.49
N ILE D 357 -7.19 -35.22 -0.30
CA ILE D 357 -7.92 -35.16 0.95
C ILE D 357 -7.57 -33.85 1.63
N THR D 358 -8.49 -32.91 1.60
CA THR D 358 -8.26 -31.66 2.31
C THR D 358 -8.33 -31.93 3.81
N LYS D 359 -7.69 -31.05 4.59
CA LYS D 359 -7.89 -31.13 6.03
C LYS D 359 -9.37 -31.07 6.38
N GLN D 360 -10.06 -30.05 5.87
CA GLN D 360 -11.51 -29.99 6.08
C GLN D 360 -12.18 -31.23 5.53
N GLU D 361 -11.65 -31.78 4.43
CA GLU D 361 -12.25 -32.99 3.88
C GLU D 361 -12.40 -34.06 4.95
N TYR D 362 -11.34 -34.28 5.73
CA TYR D 362 -11.43 -35.20 6.85
C TYR D 362 -12.31 -34.65 7.96
N ASP D 363 -12.14 -33.37 8.28
CA ASP D 363 -12.80 -32.83 9.46
C ASP D 363 -14.32 -32.86 9.33
N GLU D 364 -14.84 -32.59 8.14
CA GLU D 364 -16.28 -32.67 7.93
C GLU D 364 -16.71 -34.04 7.40
N ALA D 365 -16.14 -34.49 6.29
CA ALA D 365 -16.56 -35.74 5.69
C ALA D 365 -16.09 -36.94 6.48
N GLY D 366 -15.62 -36.73 7.70
CA GLY D 366 -15.01 -37.79 8.45
C GLY D 366 -13.70 -38.19 7.80
N PRO D 367 -12.94 -39.04 8.47
CA PRO D 367 -11.75 -39.61 7.86
C PRO D 367 -12.07 -40.46 6.65
N SER D 368 -13.31 -40.89 6.50
CA SER D 368 -13.76 -41.59 5.31
C SER D 368 -13.58 -40.77 4.04
N ILE D 369 -13.26 -39.49 4.16
CA ILE D 369 -12.96 -38.71 2.97
C ILE D 369 -11.71 -39.24 2.30
N VAL D 370 -10.77 -39.79 3.08
CA VAL D 370 -9.71 -40.55 2.47
C VAL D 370 -10.29 -41.75 1.74
N HIS D 371 -11.20 -42.46 2.40
CA HIS D 371 -12.03 -43.41 1.68
C HIS D 371 -12.71 -42.76 0.47
N ARG D 372 -13.14 -41.50 0.61
CA ARG D 372 -13.74 -40.81 -0.53
C ARG D 372 -12.68 -40.37 -1.53
N LYS D 373 -11.41 -40.30 -1.14
CA LYS D 373 -10.40 -39.82 -2.07
C LYS D 373 -9.30 -40.85 -2.33
N CYS D 374 -8.95 -41.65 -1.33
CA CYS D 374 -8.11 -42.83 -1.56
C CYS D 374 -8.99 -43.95 -2.08
N PHE D 375 -8.52 -44.64 -3.09
CA PHE D 375 -9.34 -45.61 -3.79
C PHE D 375 -8.69 -46.99 -3.63
N PHE E 1 -52.27 18.22 17.37
CA PHE E 1 -52.41 19.57 17.90
C PHE E 1 -53.82 20.07 17.58
N SER E 2 -54.53 20.44 18.63
CA SER E 2 -55.99 20.50 18.58
C SER E 2 -56.49 21.40 17.46
N GLU E 3 -57.68 21.07 16.96
CA GLU E 3 -58.34 21.86 15.92
C GLU E 3 -59.33 22.81 16.55
N GLU E 4 -58.85 23.66 17.46
CA GLU E 4 -59.68 24.74 17.99
C GLU E 4 -58.92 26.05 17.89
N GLN E 5 -57.60 25.99 18.05
CA GLN E 5 -56.72 27.12 17.75
C GLN E 5 -56.36 27.16 16.28
N THR E 6 -56.91 26.24 15.49
CA THR E 6 -57.02 26.42 14.05
C THR E 6 -57.52 27.81 13.69
N ALA E 7 -58.40 28.39 14.49
CA ALA E 7 -58.82 29.77 14.28
C ALA E 7 -57.66 30.74 14.48
N GLU E 8 -56.96 30.63 15.62
CA GLU E 8 -55.78 31.46 15.87
C GLU E 8 -54.73 31.24 14.80
N PHE E 9 -54.57 29.99 14.37
CA PHE E 9 -53.55 29.66 13.38
C PHE E 9 -53.87 30.28 12.04
N LYS E 10 -55.13 30.21 11.62
CA LYS E 10 -55.55 30.90 10.40
C LYS E 10 -55.39 32.41 10.55
N GLU E 11 -55.69 32.93 11.74
CA GLU E 11 -55.56 34.36 11.98
C GLU E 11 -54.14 34.85 11.75
N ALA E 12 -53.19 34.33 12.54
CA ALA E 12 -51.81 34.78 12.38
C ALA E 12 -51.25 34.35 11.03
N PHE E 13 -51.74 33.22 10.51
CA PHE E 13 -51.40 32.79 9.17
C PHE E 13 -51.64 33.91 8.16
N GLN E 14 -52.89 34.37 8.07
CA GLN E 14 -53.22 35.54 7.26
C GLN E 14 -52.54 36.81 7.75
N LEU E 15 -52.03 36.83 8.98
CA LEU E 15 -51.37 38.03 9.49
C LEU E 15 -50.10 38.33 8.71
N PHE E 16 -49.31 37.31 8.40
CA PHE E 16 -48.11 37.47 7.59
C PHE E 16 -48.36 36.95 6.18
N ASP E 17 -49.56 37.24 5.67
CA ASP E 17 -49.90 37.00 4.27
C ASP E 17 -49.44 38.18 3.44
N ARG E 18 -48.91 37.91 2.25
CA ARG E 18 -48.64 38.96 1.28
C ARG E 18 -49.42 38.79 -0.02
N THR E 19 -49.62 37.55 -0.47
CA THR E 19 -50.40 37.33 -1.69
C THR E 19 -51.85 37.73 -1.51
N GLY E 20 -52.36 37.63 -0.28
CA GLY E 20 -53.70 38.07 0.01
C GLY E 20 -54.76 37.15 -0.55
N ASP E 21 -54.54 35.83 -0.42
CA ASP E 21 -55.47 34.88 -0.99
C ASP E 21 -55.83 33.74 -0.03
N GLY E 22 -55.76 33.96 1.28
CA GLY E 22 -55.87 32.86 2.21
C GLY E 22 -54.69 31.92 2.16
N LYS E 23 -53.66 32.29 1.41
CA LYS E 23 -52.48 31.45 1.16
C LYS E 23 -51.24 32.26 1.50
N ILE E 24 -50.40 31.71 2.35
CA ILE E 24 -49.30 32.45 2.96
C ILE E 24 -47.98 31.77 2.66
N LEU E 25 -46.99 32.57 2.30
CA LEU E 25 -45.65 32.10 2.03
C LEU E 25 -45.14 31.24 3.19
N TYR E 26 -44.27 30.30 2.86
CA TYR E 26 -43.89 29.29 3.83
C TYR E 26 -42.94 29.85 4.88
N SER E 27 -41.99 30.70 4.47
CA SER E 27 -41.23 31.46 5.47
C SER E 27 -42.16 32.38 6.25
N GLN E 28 -43.20 32.89 5.59
CA GLN E 28 -44.11 33.79 6.25
C GLN E 28 -45.04 33.07 7.20
N CYS E 29 -45.68 31.98 6.74
CA CYS E 29 -46.42 31.14 7.66
C CYS E 29 -45.53 30.53 8.73
N GLY E 30 -44.21 30.52 8.48
CA GLY E 30 -43.30 30.03 9.49
C GLY E 30 -43.05 31.03 10.60
N ASP E 31 -42.75 32.28 10.23
CA ASP E 31 -42.74 33.34 11.22
C ASP E 31 -44.10 33.46 11.89
N VAL E 32 -45.15 33.06 11.19
CA VAL E 32 -46.49 32.99 11.76
C VAL E 32 -46.52 31.98 12.91
N MET E 33 -46.20 30.73 12.61
CA MET E 33 -46.19 29.70 13.64
C MET E 33 -45.15 30.02 14.71
N ARG E 34 -44.17 30.86 14.40
CA ARG E 34 -43.34 31.44 15.45
C ARG E 34 -44.20 32.26 16.39
N ALA E 35 -44.76 33.36 15.88
CA ALA E 35 -45.48 34.30 16.74
C ALA E 35 -46.84 33.78 17.20
N LEU E 36 -47.12 32.51 16.98
CA LEU E 36 -48.30 31.86 17.53
C LEU E 36 -48.05 31.20 18.87
N GLY E 37 -47.10 31.71 19.64
CA GLY E 37 -46.75 31.11 20.90
C GLY E 37 -45.55 30.19 20.83
N GLN E 38 -44.73 30.32 19.79
CA GLN E 38 -43.59 29.45 19.58
C GLN E 38 -42.35 30.31 19.42
N ASN E 39 -41.19 29.66 19.34
CA ASN E 39 -39.94 30.37 19.12
C ASN E 39 -39.02 29.64 18.14
N PRO E 40 -39.49 29.20 16.97
CA PRO E 40 -38.59 28.45 16.09
C PRO E 40 -37.66 29.31 15.25
N THR E 41 -36.46 28.78 15.02
CA THR E 41 -35.48 29.34 14.09
C THR E 41 -36.08 29.33 12.69
N ASN E 42 -35.70 30.33 11.88
CA ASN E 42 -36.10 30.32 10.47
C ASN E 42 -35.81 29.00 9.79
N ALA E 43 -34.75 28.30 10.19
CA ALA E 43 -34.46 26.97 9.64
C ALA E 43 -35.61 26.01 9.90
N GLU E 44 -35.95 25.77 11.17
CA GLU E 44 -37.08 24.89 11.43
C GLU E 44 -38.39 25.54 11.02
N VAL E 45 -38.47 26.87 11.10
CA VAL E 45 -39.60 27.61 10.54
C VAL E 45 -39.92 27.14 9.13
N MET E 46 -38.88 26.94 8.31
CA MET E 46 -39.11 26.40 6.97
C MET E 46 -39.37 24.90 7.03
N LYS E 47 -38.51 24.14 7.72
CA LYS E 47 -38.52 22.68 7.55
C LYS E 47 -39.84 22.07 8.00
N VAL E 48 -40.45 22.62 9.04
CA VAL E 48 -41.70 22.08 9.58
C VAL E 48 -42.83 22.02 8.55
N LEU E 49 -42.65 22.64 7.40
CA LEU E 49 -43.72 22.86 6.44
C LEU E 49 -43.81 21.76 5.38
N GLY E 50 -43.37 20.55 5.69
CA GLY E 50 -43.22 19.56 4.65
C GLY E 50 -41.98 19.84 3.82
N ASN E 51 -41.02 20.58 4.39
CA ASN E 51 -39.75 20.94 3.78
C ASN E 51 -39.97 21.66 2.45
N PRO E 52 -40.48 22.89 2.48
CA PRO E 52 -40.60 23.66 1.24
C PRO E 52 -39.28 24.30 0.85
N LYS E 53 -38.92 24.16 -0.42
CA LYS E 53 -37.75 24.84 -0.94
C LYS E 53 -37.93 26.35 -0.82
N SER E 54 -36.81 27.07 -0.90
CA SER E 54 -36.86 28.53 -0.76
C SER E 54 -37.83 29.15 -1.76
N ASP E 55 -37.95 28.53 -2.94
CA ASP E 55 -39.02 28.92 -3.85
C ASP E 55 -40.38 28.68 -3.20
N GLU E 56 -40.68 27.42 -2.86
CA GLU E 56 -41.90 27.13 -2.12
C GLU E 56 -41.97 27.95 -0.84
N MET E 57 -40.83 28.18 -0.19
CA MET E 57 -40.81 28.95 1.05
C MET E 57 -41.42 30.33 0.87
N ASN E 58 -41.11 31.02 -0.23
CA ASN E 58 -41.62 32.37 -0.39
C ASN E 58 -42.34 32.61 -1.72
N LEU E 59 -42.60 31.57 -2.51
CA LEU E 59 -43.45 31.73 -3.69
C LEU E 59 -44.72 30.89 -3.63
N LYS E 60 -44.60 29.57 -3.48
CA LYS E 60 -45.77 28.75 -3.26
C LYS E 60 -46.25 28.98 -1.84
N THR E 61 -47.32 29.73 -1.72
CA THR E 61 -47.88 30.07 -0.42
C THR E 61 -48.44 28.81 0.22
N LEU E 62 -48.90 28.94 1.46
CA LEU E 62 -49.46 27.81 2.17
C LEU E 62 -50.97 27.92 2.12
N ASN E 63 -51.60 26.90 1.56
CA ASN E 63 -53.02 26.75 1.79
C ASN E 63 -53.25 26.36 3.25
N PHE E 64 -54.18 27.06 3.88
CA PHE E 64 -54.39 26.86 5.31
C PHE E 64 -54.69 25.42 5.65
N GLU E 65 -55.26 24.67 4.71
CA GLU E 65 -55.51 23.25 4.91
C GLU E 65 -54.21 22.50 5.19
N GLN E 66 -53.12 22.91 4.54
CA GLN E 66 -51.81 22.35 4.87
C GLN E 66 -51.08 23.18 5.92
N PHE E 67 -51.66 24.28 6.38
CA PHE E 67 -51.13 24.95 7.57
C PHE E 67 -51.54 24.20 8.83
N LEU E 68 -52.59 23.38 8.75
CA LEU E 68 -52.89 22.50 9.88
C LEU E 68 -51.82 21.44 10.06
N PRO E 69 -51.26 20.83 9.02
CA PRO E 69 -49.99 20.12 9.20
C PRO E 69 -48.88 21.00 9.74
N MET E 70 -48.79 22.26 9.29
CA MET E 70 -47.68 23.09 9.77
C MET E 70 -47.84 23.44 11.24
N MET E 71 -49.05 23.74 11.68
CA MET E 71 -49.22 24.02 13.09
C MET E 71 -48.85 22.81 13.94
N GLN E 72 -49.21 21.60 13.49
CA GLN E 72 -48.70 20.38 14.11
C GLN E 72 -47.18 20.43 14.20
N THR E 73 -46.52 20.65 13.06
CA THR E 73 -45.08 20.46 12.99
C THR E 73 -44.31 21.60 13.67
N ILE E 74 -44.97 22.72 13.94
CA ILE E 74 -44.32 23.78 14.72
C ILE E 74 -44.59 23.61 16.20
N ALA E 75 -45.78 23.16 16.56
CA ALA E 75 -46.12 22.98 17.97
C ALA E 75 -45.20 21.99 18.68
N LYS E 76 -44.27 21.36 17.96
CA LYS E 76 -43.25 20.56 18.61
C LYS E 76 -42.27 21.41 19.40
N ASN E 77 -41.95 22.62 18.92
CA ASN E 77 -41.01 23.45 19.67
C ASN E 77 -41.72 24.29 20.72
N LYS E 78 -42.62 25.18 20.28
CA LYS E 78 -43.50 25.95 21.16
C LYS E 78 -42.70 26.95 22.00
N ASP E 79 -41.37 26.80 21.97
CA ASP E 79 -40.44 27.57 22.78
C ASP E 79 -39.03 27.12 22.45
N GLN E 80 -38.03 27.66 23.13
CA GLN E 80 -36.66 27.22 22.94
C GLN E 80 -36.05 26.81 24.27
N GLY E 81 -34.73 26.65 24.26
CA GLY E 81 -33.98 25.98 25.31
C GLY E 81 -34.26 26.40 26.74
N CYS E 82 -33.88 25.55 27.68
CA CYS E 82 -34.08 25.80 29.10
C CYS E 82 -33.25 27.00 29.56
N PHE E 83 -33.81 27.84 30.43
CA PHE E 83 -33.08 29.02 30.85
C PHE E 83 -32.08 28.69 31.95
N GLU E 84 -32.27 27.60 32.68
CA GLU E 84 -31.20 27.14 33.55
C GLU E 84 -30.07 26.53 32.74
N ASP E 85 -30.40 25.76 31.71
CA ASP E 85 -29.36 25.32 30.79
C ASP E 85 -28.81 26.51 30.01
N TYR E 86 -29.67 27.48 29.69
CA TYR E 86 -29.17 28.73 29.12
C TYR E 86 -28.10 29.36 30.01
N VAL E 87 -28.41 29.53 31.29
CA VAL E 87 -27.47 30.25 32.16
C VAL E 87 -26.24 29.40 32.42
N GLU E 88 -26.40 28.10 32.66
CA GLU E 88 -25.22 27.30 32.94
C GLU E 88 -24.36 27.14 31.69
N GLY E 89 -24.98 27.05 30.51
CA GLY E 89 -24.22 26.86 29.29
C GLY E 89 -23.59 28.14 28.77
N LEU E 90 -24.21 29.28 29.05
CA LEU E 90 -23.59 30.54 28.70
C LEU E 90 -22.68 31.04 29.81
N ARG E 91 -22.70 30.38 30.97
CA ARG E 91 -21.67 30.59 31.98
C ARG E 91 -20.43 29.80 31.65
N VAL E 92 -20.58 28.49 31.45
CA VAL E 92 -19.47 27.65 31.00
C VAL E 92 -18.94 28.08 29.64
N PHE E 93 -19.80 28.55 28.73
CA PHE E 93 -19.34 29.18 27.51
C PHE E 93 -18.52 30.41 27.78
N ASP E 94 -19.09 31.38 28.49
CA ASP E 94 -18.32 32.52 28.92
C ASP E 94 -17.10 32.05 29.68
N LYS E 95 -15.97 32.68 29.40
CA LYS E 95 -14.69 32.17 29.85
C LYS E 95 -14.51 32.26 31.36
N GLU E 96 -15.50 32.78 32.09
CA GLU E 96 -15.39 32.91 33.53
C GLU E 96 -16.65 32.43 34.25
N GLY E 97 -17.79 32.44 33.57
CA GLY E 97 -19.05 32.12 34.22
C GLY E 97 -19.48 33.18 35.20
N ASN E 98 -19.39 34.44 34.77
CA ASN E 98 -19.72 35.57 35.63
C ASN E 98 -21.21 35.85 35.69
N GLY E 99 -21.91 35.75 34.56
CA GLY E 99 -23.33 36.06 34.52
C GLY E 99 -23.75 36.75 33.25
N THR E 100 -22.77 37.15 32.44
CA THR E 100 -23.02 37.76 31.14
C THR E 100 -21.98 37.27 30.14
N VAL E 101 -22.23 37.56 28.87
CA VAL E 101 -21.35 37.13 27.78
C VAL E 101 -21.13 38.32 26.86
N MET E 102 -19.90 38.47 26.40
CA MET E 102 -19.54 39.62 25.57
C MET E 102 -20.52 39.77 24.42
N GLY E 103 -21.08 40.97 24.29
CA GLY E 103 -21.91 41.30 23.15
C GLY E 103 -21.18 40.91 21.89
N ALA E 104 -19.88 41.20 21.92
CA ALA E 104 -18.97 40.56 20.96
C ALA E 104 -19.18 39.05 20.95
N GLU E 105 -18.90 38.38 22.06
CA GLU E 105 -18.90 36.91 22.02
C GLU E 105 -20.32 36.36 22.00
N ILE E 106 -21.29 37.08 22.58
CA ILE E 106 -22.64 36.54 22.55
C ILE E 106 -23.23 36.68 21.16
N ARG E 107 -23.14 37.86 20.55
CA ARG E 107 -23.52 38.00 19.15
C ARG E 107 -22.73 37.04 18.28
N HIS E 108 -21.49 36.73 18.69
CA HIS E 108 -20.69 35.72 18.03
C HIS E 108 -21.37 34.36 18.06
N VAL E 109 -21.48 33.77 19.25
CA VAL E 109 -22.09 32.44 19.37
C VAL E 109 -23.57 32.44 19.02
N LEU E 110 -24.14 33.60 18.73
CA LEU E 110 -25.46 33.67 18.13
C LEU E 110 -25.39 33.70 16.61
N VAL E 111 -24.28 34.20 16.06
CA VAL E 111 -24.03 34.08 14.62
C VAL E 111 -22.97 33.04 14.28
N THR E 112 -22.34 32.43 15.28
CA THR E 112 -21.29 31.44 15.05
C THR E 112 -21.64 30.08 15.65
N LEU E 113 -22.79 29.97 16.28
CA LEU E 113 -23.32 28.67 16.67
C LEU E 113 -24.71 28.55 16.08
N GLY E 114 -25.17 27.30 15.96
CA GLY E 114 -26.47 26.97 15.40
C GLY E 114 -26.72 27.64 14.07
N GLU E 115 -27.99 27.96 13.81
CA GLU E 115 -28.32 28.72 12.62
C GLU E 115 -27.71 30.11 12.69
N LYS E 116 -26.87 30.42 11.71
CA LYS E 116 -26.16 31.70 11.71
C LYS E 116 -27.15 32.81 11.42
N MET E 117 -27.64 33.44 12.48
CA MET E 117 -28.66 34.45 12.35
C MET E 117 -28.11 35.63 11.59
N THR E 118 -29.00 36.36 10.92
CA THR E 118 -28.61 37.68 10.48
C THR E 118 -28.15 38.49 11.69
N GLU E 119 -27.09 39.30 11.50
CA GLU E 119 -26.60 40.05 12.64
C GLU E 119 -27.63 41.05 13.12
N GLU E 120 -28.55 41.48 12.24
CA GLU E 120 -29.72 42.18 12.75
C GLU E 120 -30.56 41.28 13.63
N GLU E 121 -30.62 39.98 13.33
CA GLU E 121 -31.38 39.08 14.18
C GLU E 121 -30.71 38.93 15.54
N VAL E 122 -29.41 38.63 15.56
CA VAL E 122 -28.70 38.57 16.82
C VAL E 122 -28.59 39.93 17.48
N GLU E 123 -28.94 41.01 16.79
CA GLU E 123 -28.85 42.32 17.40
C GLU E 123 -30.17 42.72 18.04
N GLN E 124 -31.25 42.77 17.25
CA GLN E 124 -32.58 42.88 17.84
C GLN E 124 -32.78 41.86 18.94
N LEU E 125 -32.09 40.72 18.85
CA LEU E 125 -31.82 39.89 20.00
C LEU E 125 -31.03 40.64 21.05
N VAL E 126 -29.76 40.93 20.74
CA VAL E 126 -28.85 41.49 21.73
C VAL E 126 -29.18 42.94 22.05
N ALA E 127 -29.17 43.82 21.06
CA ALA E 127 -29.74 45.15 21.24
C ALA E 127 -31.24 45.01 21.50
N GLY E 128 -31.78 45.94 22.28
CA GLY E 128 -33.10 45.74 22.85
C GLY E 128 -33.12 44.75 23.99
N HIS E 129 -32.01 44.04 24.22
CA HIS E 129 -31.84 43.21 25.39
C HIS E 129 -30.44 43.41 25.97
N GLU E 130 -29.70 44.37 25.45
CA GLU E 130 -28.35 44.65 25.91
C GLU E 130 -28.35 45.25 27.30
N ASP E 131 -27.28 44.97 28.04
CA ASP E 131 -26.80 45.86 29.06
C ASP E 131 -25.63 46.61 28.45
N SER E 132 -25.62 47.93 28.59
CA SER E 132 -24.65 48.76 27.89
C SER E 132 -23.28 48.54 28.51
N ASN E 133 -22.72 47.34 28.31
CA ASN E 133 -21.43 46.99 28.90
C ASN E 133 -20.52 46.36 27.85
N GLY E 134 -21.09 45.93 26.73
CA GLY E 134 -20.37 45.18 25.73
C GLY E 134 -20.31 43.70 26.02
N CYS E 135 -20.39 43.30 27.28
CA CYS E 135 -20.58 41.91 27.67
C CYS E 135 -22.08 41.72 27.87
N ILE E 136 -22.81 41.55 26.77
CA ILE E 136 -24.26 41.67 26.82
C ILE E 136 -24.84 40.54 27.65
N ASN E 137 -25.63 40.91 28.65
CA ASN E 137 -26.09 39.96 29.65
C ASN E 137 -27.06 38.99 29.01
N TYR E 138 -26.54 37.81 28.64
CA TYR E 138 -27.38 36.76 28.09
C TYR E 138 -28.52 36.40 29.02
N GLU E 139 -28.41 36.71 30.30
CA GLU E 139 -29.55 36.41 31.16
C GLU E 139 -30.74 37.28 30.77
N GLU E 140 -30.60 38.60 30.92
CA GLU E 140 -31.63 39.52 30.43
C GLU E 140 -31.88 39.33 28.95
N LEU E 141 -30.79 39.20 28.18
CA LEU E 141 -30.88 39.00 26.74
C LEU E 141 -31.76 37.82 26.37
N VAL E 142 -31.32 36.61 26.72
CA VAL E 142 -32.07 35.40 26.41
C VAL E 142 -33.49 35.50 26.95
N ARG E 143 -33.67 36.04 28.15
CA ARG E 143 -34.99 35.95 28.76
C ARG E 143 -36.00 36.90 28.11
N MET E 144 -35.59 38.12 27.79
CA MET E 144 -36.52 39.04 27.16
C MET E 144 -36.70 38.69 25.69
N VAL E 145 -35.75 37.97 25.11
CA VAL E 145 -35.99 37.36 23.81
C VAL E 145 -36.94 36.17 23.95
N LEU E 146 -36.92 35.51 25.11
CA LEU E 146 -37.79 34.38 25.36
C LEU E 146 -39.24 34.82 25.49
N SER E 147 -39.47 35.86 26.31
CA SER E 147 -40.81 36.39 26.46
C SER E 147 -41.26 37.15 25.22
N GLY E 148 -40.41 38.01 24.69
CA GLY E 148 -40.75 38.78 23.51
C GLY E 148 -40.80 37.91 22.27
N PHE F 1 -75.49 61.64 -4.74
CA PHE F 1 -74.07 61.92 -4.91
C PHE F 1 -73.55 62.82 -3.79
N ASP F 2 -72.29 63.25 -3.91
CA ASP F 2 -71.68 64.11 -2.91
C ASP F 2 -72.41 65.45 -2.86
N GLN F 3 -72.75 65.88 -1.65
CA GLN F 3 -73.49 67.13 -1.47
C GLN F 3 -72.70 68.31 -2.02
N SER F 4 -71.38 68.33 -1.78
CA SER F 4 -70.56 69.38 -2.36
C SER F 4 -70.58 69.30 -3.88
N GLN F 5 -70.57 68.09 -4.43
CA GLN F 5 -70.66 67.94 -5.88
C GLN F 5 -72.04 68.35 -6.38
N ILE F 6 -73.08 68.06 -5.60
CA ILE F 6 -74.43 68.48 -6.01
C ILE F 6 -74.54 70.00 -6.04
N GLN F 7 -74.00 70.69 -5.03
CA GLN F 7 -74.08 72.15 -5.04
C GLN F 7 -73.17 72.74 -6.11
N GLU F 8 -72.04 72.08 -6.42
CA GLU F 8 -71.20 72.59 -7.50
C GLU F 8 -71.84 72.36 -8.86
N PHE F 9 -72.67 71.33 -9.00
CA PHE F 9 -73.40 71.13 -10.25
C PHE F 9 -74.57 72.10 -10.36
N LYS F 10 -75.17 72.45 -9.22
CA LYS F 10 -76.11 73.56 -9.22
C LYS F 10 -75.45 74.86 -9.63
N GLU F 11 -74.26 75.13 -9.09
CA GLU F 11 -73.50 76.31 -9.50
C GLU F 11 -73.19 76.28 -10.99
N ALA F 12 -72.84 75.09 -11.50
CA ALA F 12 -72.66 74.91 -12.93
C ALA F 12 -73.91 75.31 -13.71
N PHE F 13 -75.06 74.75 -13.32
CA PHE F 13 -76.31 75.07 -13.99
C PHE F 13 -76.61 76.56 -13.94
N ASN F 14 -76.25 77.22 -12.84
CA ASN F 14 -76.53 78.64 -12.71
C ASN F 14 -75.51 79.53 -13.42
N MET F 15 -74.31 79.02 -13.73
CA MET F 15 -73.37 79.84 -14.50
C MET F 15 -73.54 79.63 -16.00
N ILE F 16 -73.81 78.40 -16.44
CA ILE F 16 -74.13 78.17 -17.85
C ILE F 16 -75.40 78.90 -18.29
N ASP F 17 -76.41 78.97 -17.43
CA ASP F 17 -77.70 79.54 -17.78
C ASP F 17 -77.97 80.77 -16.93
N GLN F 18 -78.57 81.79 -17.57
CA GLN F 18 -78.99 83.00 -16.88
C GLN F 18 -80.49 83.05 -16.66
N ASN F 19 -81.19 81.96 -16.96
CA ASN F 19 -82.65 81.87 -16.85
C ASN F 19 -83.02 80.58 -16.12
N ARG F 20 -82.38 80.36 -14.98
CA ARG F 20 -82.48 79.09 -14.26
C ARG F 20 -83.93 78.69 -14.03
N ASP F 21 -84.28 77.52 -14.56
CA ASP F 21 -85.64 76.99 -14.45
C ASP F 21 -85.62 75.48 -14.18
N GLY F 22 -84.43 74.93 -14.00
CA GLY F 22 -84.28 73.49 -13.85
C GLY F 22 -83.92 72.76 -15.13
N PHE F 23 -83.62 73.48 -16.21
CA PHE F 23 -83.24 72.89 -17.47
C PHE F 23 -82.10 73.68 -18.08
N ILE F 24 -81.14 72.97 -18.67
CA ILE F 24 -80.09 73.59 -19.46
C ILE F 24 -80.38 73.32 -20.93
N ASP F 25 -80.10 74.30 -21.77
CA ASP F 25 -80.30 74.17 -23.21
C ASP F 25 -78.95 74.24 -23.92
N LYS F 26 -78.99 73.94 -25.22
CA LYS F 26 -77.75 73.86 -26.00
C LYS F 26 -77.12 75.22 -26.22
N GLU F 27 -77.93 76.25 -26.42
CA GLU F 27 -77.40 77.56 -26.75
C GLU F 27 -76.54 78.11 -25.62
N ASP F 28 -76.92 77.82 -24.38
CA ASP F 28 -76.20 78.34 -23.22
C ASP F 28 -74.80 77.75 -23.13
N LEU F 29 -74.70 76.41 -23.15
CA LEU F 29 -73.40 75.77 -23.19
C LEU F 29 -72.57 76.22 -24.38
N HIS F 30 -73.19 76.25 -25.57
CA HIS F 30 -72.49 76.68 -26.77
C HIS F 30 -71.86 78.05 -26.58
N ASP F 31 -72.68 79.04 -26.22
CA ASP F 31 -72.18 80.40 -26.09
C ASP F 31 -71.15 80.56 -24.99
N MET F 32 -71.36 79.91 -23.84
CA MET F 32 -70.45 80.17 -22.73
C MET F 32 -69.11 79.47 -22.94
N LEU F 33 -69.13 78.24 -23.44
CA LEU F 33 -67.88 77.56 -23.76
C LEU F 33 -67.23 78.18 -25.00
N ALA F 34 -68.00 78.92 -25.80
CA ALA F 34 -67.43 79.70 -26.88
C ALA F 34 -66.81 80.99 -26.35
N SER F 35 -67.26 81.44 -25.18
CA SER F 35 -66.67 82.62 -24.55
C SER F 35 -65.38 82.28 -23.82
N MET F 36 -65.42 81.33 -22.89
CA MET F 36 -64.22 81.00 -22.12
C MET F 36 -63.13 80.44 -23.03
N GLY F 37 -63.49 79.52 -23.91
CA GLY F 37 -62.59 79.02 -24.94
C GLY F 37 -63.29 79.19 -26.27
N LYS F 38 -63.53 78.10 -26.98
CA LYS F 38 -64.49 78.10 -28.07
C LYS F 38 -65.13 76.72 -28.18
N ASN F 39 -66.45 76.66 -28.25
CA ASN F 39 -67.12 75.37 -28.18
C ASN F 39 -66.71 74.51 -29.38
N PRO F 40 -66.40 73.25 -29.18
CA PRO F 40 -66.12 72.34 -30.29
C PRO F 40 -67.43 72.04 -31.00
N THR F 41 -67.38 71.08 -31.92
CA THR F 41 -68.54 70.79 -32.75
C THR F 41 -69.76 70.56 -31.87
N ASP F 42 -70.88 71.16 -32.25
CA ASP F 42 -72.09 71.04 -31.45
C ASP F 42 -72.49 69.59 -31.24
N GLU F 43 -72.01 68.68 -32.08
CA GLU F 43 -72.24 67.25 -31.86
C GLU F 43 -71.73 66.81 -30.49
N TYR F 44 -70.60 67.36 -30.04
CA TYR F 44 -70.05 66.95 -28.76
C TYR F 44 -70.92 67.45 -27.60
N LEU F 45 -71.47 68.66 -27.74
CA LEU F 45 -72.38 69.15 -26.71
C LEU F 45 -73.70 68.40 -26.72
N GLU F 46 -74.20 68.01 -27.90
CA GLU F 46 -75.39 67.15 -27.94
C GLU F 46 -75.09 65.81 -27.29
N GLY F 47 -73.88 65.27 -27.48
CA GLY F 47 -73.52 64.03 -26.84
C GLY F 47 -73.45 64.15 -25.33
N MET F 48 -72.90 65.26 -24.84
CA MET F 48 -72.89 65.51 -23.41
C MET F 48 -74.29 65.67 -22.83
N MET F 49 -75.21 66.30 -23.57
CA MET F 49 -76.57 66.47 -23.10
C MET F 49 -77.42 65.22 -23.24
N SER F 50 -77.09 64.33 -24.17
CA SER F 50 -77.86 63.12 -24.42
C SER F 50 -77.49 61.99 -23.46
N GLU F 51 -76.79 62.31 -22.37
CA GLU F 51 -76.51 61.33 -21.34
C GLU F 51 -77.62 61.39 -20.29
N ALA F 52 -78.80 61.82 -20.73
CA ALA F 52 -79.99 62.01 -19.91
C ALA F 52 -81.20 62.25 -20.80
N PRO F 53 -82.34 61.63 -20.50
CA PRO F 53 -83.44 61.57 -21.48
C PRO F 53 -84.04 62.93 -21.80
N GLY F 54 -83.92 63.33 -23.07
CA GLY F 54 -84.36 64.62 -23.52
C GLY F 54 -83.53 65.77 -22.96
N PRO F 55 -84.15 66.95 -22.81
CA PRO F 55 -83.42 68.09 -22.25
C PRO F 55 -83.10 67.86 -20.79
N ILE F 56 -81.85 68.13 -20.42
CA ILE F 56 -81.34 67.78 -19.10
C ILE F 56 -82.09 68.56 -18.00
N ASN F 57 -82.83 67.81 -17.18
CA ASN F 57 -83.73 68.35 -16.17
C ASN F 57 -82.97 68.53 -14.85
N PHE F 58 -83.59 69.24 -13.91
CA PHE F 58 -82.91 69.74 -12.71
C PHE F 58 -82.19 68.64 -11.96
N THR F 59 -82.93 67.71 -11.36
CA THR F 59 -82.29 66.56 -10.74
C THR F 59 -81.61 65.71 -11.79
N MET F 60 -82.07 65.80 -13.03
CA MET F 60 -81.54 64.95 -14.09
C MET F 60 -80.17 65.45 -14.55
N PHE F 61 -80.01 66.76 -14.78
CA PHE F 61 -78.65 67.20 -15.08
C PHE F 61 -77.78 67.18 -13.83
N LEU F 62 -78.36 67.27 -12.63
CA LEU F 62 -77.57 67.07 -11.43
C LEU F 62 -76.94 65.68 -11.42
N THR F 63 -77.76 64.63 -11.58
CA THR F 63 -77.22 63.28 -11.55
C THR F 63 -76.35 63.01 -12.78
N MET F 64 -76.62 63.70 -13.89
CA MET F 64 -75.79 63.51 -15.07
C MET F 64 -74.40 64.07 -14.86
N PHE F 65 -74.30 65.32 -14.42
CA PHE F 65 -73.01 65.88 -14.03
C PHE F 65 -72.36 65.05 -12.92
N GLY F 66 -73.16 64.40 -12.09
CA GLY F 66 -72.64 63.52 -11.06
C GLY F 66 -71.91 62.32 -11.62
N GLU F 67 -72.59 61.54 -12.45
CA GLU F 67 -71.99 60.33 -12.98
C GLU F 67 -70.97 60.64 -14.07
N LYS F 68 -70.98 61.85 -14.62
CA LYS F 68 -69.90 62.29 -15.49
C LYS F 68 -68.64 62.67 -14.72
N LEU F 69 -68.78 63.11 -13.47
CA LEU F 69 -67.64 63.49 -12.65
C LEU F 69 -67.10 62.33 -11.82
N ASN F 70 -67.91 61.34 -11.53
CA ASN F 70 -67.50 60.20 -10.71
C ASN F 70 -67.65 58.92 -11.51
N GLY F 71 -67.44 57.79 -10.82
CA GLY F 71 -67.44 56.49 -11.47
C GLY F 71 -66.28 55.65 -10.96
N THR F 72 -65.52 56.24 -10.04
CA THR F 72 -64.39 55.55 -9.41
C THR F 72 -64.21 56.17 -8.03
N ASP F 73 -63.44 55.50 -7.18
CA ASP F 73 -63.25 55.84 -5.77
C ASP F 73 -62.92 57.32 -5.58
N PRO F 74 -63.36 57.93 -4.48
CA PRO F 74 -63.22 59.38 -4.34
C PRO F 74 -61.77 59.84 -4.24
N GLU F 75 -61.59 61.16 -4.33
CA GLU F 75 -60.26 61.76 -4.29
C GLU F 75 -59.57 61.53 -2.95
N ASP F 76 -60.34 61.44 -1.86
CA ASP F 76 -59.77 61.41 -0.53
C ASP F 76 -58.95 60.16 -0.29
N VAL F 77 -59.57 58.98 -0.47
CA VAL F 77 -58.84 57.73 -0.30
C VAL F 77 -57.73 57.58 -1.34
N ILE F 78 -57.93 58.12 -2.54
CA ILE F 78 -56.88 58.10 -3.56
C ILE F 78 -55.63 58.80 -3.04
N ARG F 79 -55.77 60.06 -2.65
CA ARG F 79 -54.63 60.81 -2.14
C ARG F 79 -54.10 60.24 -0.83
N ASN F 80 -54.96 59.63 -0.01
CA ASN F 80 -54.50 59.05 1.25
C ASN F 80 -53.58 57.87 0.99
N ALA F 81 -54.00 56.90 0.17
CA ALA F 81 -53.13 55.77 -0.11
C ALA F 81 -51.94 56.17 -0.95
N PHE F 82 -52.07 57.22 -1.77
CA PHE F 82 -50.90 57.81 -2.39
C PHE F 82 -49.90 58.31 -1.35
N ALA F 83 -50.38 58.89 -0.25
CA ALA F 83 -49.48 59.38 0.79
C ALA F 83 -48.82 58.22 1.53
N CYS F 84 -49.63 57.24 1.97
CA CYS F 84 -49.05 56.12 2.72
C CYS F 84 -48.26 55.17 1.81
N PHE F 85 -48.34 55.35 0.49
CA PHE F 85 -47.54 54.53 -0.41
C PHE F 85 -46.19 55.15 -0.71
N ASP F 86 -46.03 56.46 -0.51
CA ASP F 86 -44.79 57.13 -0.86
C ASP F 86 -43.60 56.46 -0.21
N GLU F 87 -42.66 55.99 -1.04
CA GLU F 87 -41.37 55.52 -0.56
C GLU F 87 -40.28 56.46 -1.08
N GLU F 88 -40.67 57.69 -1.40
CA GLU F 88 -39.74 58.68 -1.95
C GLU F 88 -39.61 59.92 -1.10
N ALA F 89 -40.53 60.18 -0.16
CA ALA F 89 -40.50 61.34 0.72
C ALA F 89 -40.43 62.65 -0.08
N SER F 90 -41.41 62.81 -0.96
CA SER F 90 -41.53 64.02 -1.76
C SER F 90 -42.85 64.75 -1.57
N GLY F 91 -43.84 64.13 -0.92
CA GLY F 91 -45.16 64.69 -0.77
C GLY F 91 -46.15 64.21 -1.82
N PHE F 92 -45.67 63.83 -3.00
CA PHE F 92 -46.52 63.33 -4.06
C PHE F 92 -45.93 62.03 -4.60
N ILE F 93 -46.81 61.14 -5.06
CA ILE F 93 -46.40 59.82 -5.50
C ILE F 93 -45.89 59.92 -6.93
N HIS F 94 -44.71 59.36 -7.17
CA HIS F 94 -44.06 59.59 -8.45
C HIS F 94 -44.82 58.90 -9.58
N GLU F 95 -44.68 59.48 -10.77
CA GLU F 95 -45.06 58.78 -11.99
C GLU F 95 -44.40 57.41 -12.04
N ASP F 96 -43.10 57.36 -11.74
CA ASP F 96 -42.39 56.09 -11.76
C ASP F 96 -42.74 55.23 -10.56
N HIS F 97 -43.17 55.83 -9.45
CA HIS F 97 -43.58 55.05 -8.28
C HIS F 97 -44.94 54.39 -8.51
N LEU F 98 -45.92 55.17 -8.98
CA LEU F 98 -47.17 54.58 -9.44
C LEU F 98 -46.91 53.55 -10.53
N ARG F 99 -45.89 53.79 -11.35
CA ARG F 99 -45.52 52.85 -12.41
C ARG F 99 -45.07 51.52 -11.83
N GLU F 100 -44.10 51.55 -10.91
CA GLU F 100 -43.58 50.31 -10.34
C GLU F 100 -44.62 49.63 -9.46
N LEU F 101 -45.61 50.37 -8.96
CA LEU F 101 -46.67 49.73 -8.20
C LEU F 101 -47.70 49.04 -9.08
N LEU F 102 -48.12 49.67 -10.18
CA LEU F 102 -49.18 49.10 -10.99
C LEU F 102 -48.78 47.78 -11.63
N THR F 103 -47.47 47.49 -11.73
CA THR F 103 -47.05 46.26 -12.37
C THR F 103 -47.25 45.04 -11.48
N THR F 104 -46.67 45.06 -10.27
CA THR F 104 -46.66 43.89 -9.40
C THR F 104 -47.76 43.93 -8.36
N MET F 105 -48.61 44.96 -8.39
CA MET F 105 -49.64 45.16 -7.38
C MET F 105 -50.93 45.58 -8.07
N GLY F 106 -52.04 44.99 -7.61
CA GLY F 106 -53.31 45.19 -8.26
C GLY F 106 -53.30 44.69 -9.69
N ASP F 107 -53.62 45.55 -10.64
CA ASP F 107 -53.60 45.20 -12.05
C ASP F 107 -52.68 46.15 -12.82
N ARG F 108 -52.32 45.72 -14.03
CA ARG F 108 -51.39 46.48 -14.86
C ARG F 108 -52.08 47.68 -15.49
N PHE F 109 -51.31 48.75 -15.67
CA PHE F 109 -51.80 49.99 -16.26
C PHE F 109 -50.77 50.53 -17.24
N THR F 110 -51.21 50.81 -18.47
CA THR F 110 -50.30 51.31 -19.48
C THR F 110 -49.81 52.72 -19.11
N ASP F 111 -48.64 53.06 -19.64
CA ASP F 111 -48.08 54.39 -19.42
C ASP F 111 -48.81 55.46 -20.23
N GLU F 112 -49.66 55.05 -21.17
CA GLU F 112 -50.46 56.03 -21.90
C GLU F 112 -51.39 56.78 -20.97
N GLU F 113 -51.88 56.11 -19.92
CA GLU F 113 -52.59 56.82 -18.86
C GLU F 113 -51.68 57.85 -18.21
N VAL F 114 -50.42 57.46 -17.95
CA VAL F 114 -49.47 58.37 -17.32
C VAL F 114 -49.16 59.53 -18.25
N ASP F 115 -48.92 59.26 -19.53
CA ASP F 115 -48.64 60.34 -20.47
C ASP F 115 -49.85 61.25 -20.64
N GLU F 116 -51.06 60.69 -20.55
CA GLU F 116 -52.26 61.51 -20.70
C GLU F 116 -52.48 62.42 -19.50
N MET F 117 -52.32 61.89 -18.29
CA MET F 117 -52.43 62.74 -17.11
C MET F 117 -51.29 63.74 -17.06
N TYR F 118 -50.16 63.39 -17.70
CA TYR F 118 -49.03 64.30 -17.75
C TYR F 118 -49.31 65.48 -18.69
N ARG F 119 -49.72 65.19 -19.92
CA ARG F 119 -49.90 66.23 -20.92
C ARG F 119 -51.23 66.97 -20.80
N GLU F 120 -52.22 66.40 -20.12
CA GLU F 120 -53.56 67.00 -20.03
C GLU F 120 -53.87 67.52 -18.63
N ALA F 121 -52.84 67.89 -17.86
CA ALA F 121 -53.05 68.46 -16.54
C ALA F 121 -51.90 69.39 -16.22
N PRO F 122 -52.16 70.49 -15.49
CA PRO F 122 -51.11 71.46 -15.10
C PRO F 122 -50.29 70.96 -13.90
N ILE F 123 -49.93 69.68 -13.90
CA ILE F 123 -49.12 69.12 -12.82
C ILE F 123 -47.71 69.63 -12.95
N ASP F 124 -46.92 69.46 -11.89
CA ASP F 124 -45.50 69.78 -11.94
C ASP F 124 -44.75 68.80 -12.84
N LYS F 125 -44.10 69.33 -13.86
CA LYS F 125 -43.40 68.53 -14.85
C LYS F 125 -41.99 68.21 -14.34
N LYS F 126 -41.90 67.26 -13.42
CA LYS F 126 -40.59 66.85 -12.93
C LYS F 126 -40.51 65.35 -12.64
N GLY F 127 -41.48 64.60 -13.14
CA GLY F 127 -41.47 63.15 -12.96
C GLY F 127 -42.14 62.71 -11.68
N ASN F 128 -42.90 63.62 -11.09
CA ASN F 128 -43.62 63.36 -9.85
C ASN F 128 -45.07 63.74 -10.04
N PHE F 129 -45.96 62.81 -9.68
CA PHE F 129 -47.39 62.99 -9.85
C PHE F 129 -47.98 63.53 -8.55
N ASN F 130 -48.53 64.74 -8.61
CA ASN F 130 -49.21 65.33 -7.46
C ASN F 130 -50.67 64.93 -7.46
N TYR F 131 -51.23 64.78 -6.25
CA TYR F 131 -52.60 64.35 -6.09
C TYR F 131 -53.39 65.22 -5.11
N VAL F 132 -52.77 66.22 -4.51
CA VAL F 132 -53.51 67.10 -3.61
C VAL F 132 -54.48 67.98 -4.38
N GLU F 133 -54.05 68.44 -5.55
CA GLU F 133 -54.89 69.24 -6.43
C GLU F 133 -55.41 68.45 -7.63
N PHE F 134 -54.63 67.49 -8.14
CA PHE F 134 -55.07 66.74 -9.30
C PHE F 134 -56.30 65.88 -8.98
N THR F 135 -56.37 65.36 -7.76
CA THR F 135 -57.56 64.60 -7.38
C THR F 135 -58.77 65.51 -7.26
N ARG F 136 -58.53 66.80 -7.00
CA ARG F 136 -59.61 67.78 -7.07
C ARG F 136 -59.99 68.08 -8.52
N ILE F 137 -59.01 68.09 -9.42
CA ILE F 137 -59.31 68.12 -10.84
C ILE F 137 -60.18 66.92 -11.22
N LEU F 138 -59.91 65.77 -10.60
CA LEU F 138 -60.72 64.59 -10.83
C LEU F 138 -62.13 64.79 -10.31
N LYS F 139 -62.32 65.73 -9.37
CA LYS F 139 -63.63 66.17 -8.92
C LYS F 139 -63.93 67.59 -9.39
N HIS F 140 -63.50 67.96 -10.59
CA HIS F 140 -63.67 69.30 -11.14
C HIS F 140 -62.99 70.36 -10.27
N GLY F 141 -61.66 70.34 -10.21
CA GLY F 141 -60.95 71.37 -9.48
C GLY F 141 -60.48 72.51 -10.37
N ALA F 142 -59.74 72.20 -11.42
CA ALA F 142 -59.24 73.20 -12.36
C ALA F 142 -59.58 72.80 -13.79
N LYS F 143 -59.42 71.51 -14.08
CA LYS F 143 -59.79 70.94 -15.37
C LYS F 143 -60.43 69.59 -15.15
N PHE G 1 -53.16 69.52 -26.44
CA PHE G 1 -54.10 68.48 -26.09
C PHE G 1 -53.53 67.10 -26.42
N ASP G 2 -54.27 66.32 -27.20
CA ASP G 2 -53.81 65.00 -27.60
C ASP G 2 -52.65 65.12 -28.57
N GLN G 3 -51.72 64.17 -28.49
CA GLN G 3 -50.44 64.30 -29.16
C GLN G 3 -50.56 64.03 -30.66
N SER G 4 -51.31 63.00 -31.03
CA SER G 4 -51.38 62.59 -32.44
C SER G 4 -51.98 63.69 -33.30
N GLN G 5 -53.10 64.27 -32.86
CA GLN G 5 -53.75 65.30 -33.65
C GLN G 5 -52.83 66.49 -33.85
N ILE G 6 -52.16 66.94 -32.78
CA ILE G 6 -51.35 68.15 -32.91
C ILE G 6 -50.11 67.90 -33.76
N GLN G 7 -49.49 66.71 -33.63
CA GLN G 7 -48.33 66.43 -34.47
C GLN G 7 -48.74 66.32 -35.93
N GLU G 8 -49.95 65.81 -36.19
CA GLU G 8 -50.43 65.78 -37.57
C GLU G 8 -50.69 67.20 -38.10
N PHE G 9 -51.25 68.09 -37.28
CA PHE G 9 -51.42 69.48 -37.69
C PHE G 9 -50.06 70.10 -37.99
N LYS G 10 -49.07 69.81 -37.16
CA LYS G 10 -47.72 70.34 -37.38
C LYS G 10 -47.15 69.87 -38.70
N GLU G 11 -47.19 68.56 -38.98
CA GLU G 11 -46.62 68.08 -40.24
C GLU G 11 -47.37 68.66 -41.43
N ALA G 12 -48.69 68.80 -41.31
CA ALA G 12 -49.47 69.37 -42.41
C ALA G 12 -49.07 70.82 -42.66
N PHE G 13 -48.94 71.61 -41.61
CA PHE G 13 -48.55 73.01 -41.80
C PHE G 13 -47.13 73.13 -42.33
N ASN G 14 -46.25 72.21 -41.92
CA ASN G 14 -44.87 72.30 -42.41
C ASN G 14 -44.77 71.86 -43.87
N MET G 15 -45.65 70.97 -44.33
CA MET G 15 -45.56 70.55 -45.72
C MET G 15 -46.34 71.48 -46.64
N ILE G 16 -47.29 72.26 -46.09
CA ILE G 16 -48.13 73.08 -46.95
C ILE G 16 -47.44 74.33 -47.48
N ASP G 17 -46.46 74.88 -46.75
CA ASP G 17 -45.82 76.12 -47.13
C ASP G 17 -44.43 75.86 -47.70
N GLN G 18 -43.86 76.89 -48.35
CA GLN G 18 -42.51 76.81 -48.88
C GLN G 18 -41.48 77.59 -48.08
N ASN G 19 -41.88 78.64 -47.37
CA ASN G 19 -40.97 79.38 -46.48
C ASN G 19 -41.61 79.46 -45.10
N ARG G 20 -41.27 78.51 -44.23
CA ARG G 20 -41.87 78.38 -42.92
C ARG G 20 -41.28 79.39 -41.95
N ASP G 21 -42.17 80.15 -41.31
CA ASP G 21 -41.75 81.13 -40.31
C ASP G 21 -42.70 81.15 -39.12
N GLY G 22 -43.31 80.01 -38.81
CA GLY G 22 -44.28 79.95 -37.74
C GLY G 22 -45.58 80.66 -38.04
N PHE G 23 -45.77 81.12 -39.27
CA PHE G 23 -46.97 81.83 -39.69
C PHE G 23 -47.45 81.25 -41.00
N ILE G 24 -48.74 81.40 -41.26
CA ILE G 24 -49.32 81.01 -42.55
C ILE G 24 -49.34 82.25 -43.44
N ASP G 25 -48.40 82.30 -44.38
CA ASP G 25 -48.28 83.43 -45.29
C ASP G 25 -49.08 83.14 -46.56
N LYS G 26 -49.88 84.12 -46.98
CA LYS G 26 -50.90 83.89 -47.98
C LYS G 26 -50.35 83.32 -49.28
N GLU G 27 -49.26 83.91 -49.79
CA GLU G 27 -48.82 83.58 -51.15
C GLU G 27 -48.42 82.12 -51.28
N ASP G 28 -47.73 81.58 -50.28
CA ASP G 28 -47.16 80.24 -50.42
C ASP G 28 -48.24 79.18 -50.57
N LEU G 29 -49.07 78.98 -49.55
CA LEU G 29 -50.12 77.97 -49.66
C LEU G 29 -51.15 78.38 -50.70
N HIS G 30 -51.28 79.68 -50.97
CA HIS G 30 -52.11 80.14 -52.07
C HIS G 30 -51.67 79.49 -53.38
N ASP G 31 -50.40 79.65 -53.73
CA ASP G 31 -49.87 79.07 -54.96
C ASP G 31 -49.90 77.55 -54.94
N MET G 32 -49.67 76.93 -53.77
CA MET G 32 -49.71 75.47 -53.70
C MET G 32 -51.11 74.94 -53.99
N LEU G 33 -52.12 75.43 -53.25
CA LEU G 33 -53.48 74.97 -53.45
C LEU G 33 -54.02 75.37 -54.82
N ALA G 34 -53.47 76.43 -55.41
CA ALA G 34 -53.84 76.78 -56.79
C ALA G 34 -53.21 75.80 -57.78
N SER G 35 -51.98 75.36 -57.50
CA SER G 35 -51.32 74.41 -58.39
C SER G 35 -52.01 73.06 -58.38
N MET G 36 -52.37 72.56 -57.20
CA MET G 36 -52.97 71.22 -57.14
C MET G 36 -54.48 71.26 -57.26
N GLY G 37 -55.12 72.34 -56.79
CA GLY G 37 -56.56 72.39 -56.80
C GLY G 37 -57.16 73.76 -57.00
N LYS G 38 -58.22 74.07 -56.28
CA LYS G 38 -58.92 75.35 -56.44
C LYS G 38 -58.01 76.50 -56.02
N ASN G 39 -58.01 77.56 -56.82
CA ASN G 39 -57.22 78.75 -56.51
C ASN G 39 -58.04 79.68 -55.63
N PRO G 40 -57.64 79.91 -54.38
CA PRO G 40 -58.39 80.83 -53.52
C PRO G 40 -57.97 82.28 -53.76
N THR G 41 -58.71 83.19 -53.12
CA THR G 41 -58.42 84.61 -53.21
C THR G 41 -57.84 85.08 -51.88
N ASP G 42 -57.20 86.24 -51.91
CA ASP G 42 -56.63 86.80 -50.70
C ASP G 42 -57.70 87.15 -49.66
N GLU G 43 -58.98 87.14 -50.06
CA GLU G 43 -60.06 87.45 -49.12
C GLU G 43 -60.20 86.35 -48.07
N TYR G 44 -60.04 85.08 -48.48
CA TYR G 44 -60.18 83.98 -47.53
C TYR G 44 -59.15 84.09 -46.42
N LEU G 45 -57.86 84.25 -46.76
CA LEU G 45 -56.85 84.30 -45.72
C LEU G 45 -56.83 85.67 -45.04
N GLU G 46 -57.34 86.70 -45.71
CA GLU G 46 -57.54 87.98 -45.05
C GLU G 46 -58.54 87.85 -43.92
N GLY G 47 -59.65 87.15 -44.16
CA GLY G 47 -60.59 86.86 -43.09
C GLY G 47 -60.01 85.92 -42.05
N MET G 48 -59.20 84.94 -42.47
CA MET G 48 -58.52 84.05 -41.54
C MET G 48 -57.61 84.80 -40.59
N MET G 49 -56.88 85.80 -41.08
CA MET G 49 -56.04 86.66 -40.26
C MET G 49 -56.86 87.65 -39.42
N SER G 50 -58.02 88.07 -39.92
CA SER G 50 -58.96 88.84 -39.12
C SER G 50 -59.78 87.94 -38.20
N GLU G 51 -59.59 86.62 -38.31
CA GLU G 51 -60.19 85.65 -37.41
C GLU G 51 -59.22 85.26 -36.29
N ALA G 52 -58.07 85.93 -36.21
CA ALA G 52 -57.02 85.64 -35.24
C ALA G 52 -56.44 86.96 -34.76
N PRO G 53 -55.93 87.00 -33.53
CA PRO G 53 -55.32 88.24 -33.01
C PRO G 53 -54.05 88.55 -33.78
N GLY G 54 -54.10 89.60 -34.59
CA GLY G 54 -53.01 89.92 -35.49
C GLY G 54 -52.86 88.84 -36.55
N PRO G 55 -51.62 88.61 -36.99
CA PRO G 55 -51.38 87.53 -37.96
C PRO G 55 -51.64 86.16 -37.35
N ILE G 56 -51.87 85.17 -38.21
CA ILE G 56 -52.10 83.81 -37.77
C ILE G 56 -50.74 83.15 -37.51
N ASN G 57 -50.45 82.89 -36.24
CA ASN G 57 -49.13 82.40 -35.85
C ASN G 57 -49.16 80.89 -35.66
N PHE G 58 -48.07 80.36 -35.09
CA PHE G 58 -47.94 78.92 -34.90
C PHE G 58 -49.02 78.38 -33.96
N THR G 59 -49.02 78.85 -32.72
CA THR G 59 -49.96 78.32 -31.73
C THR G 59 -51.40 78.67 -32.07
N MET G 60 -51.63 79.74 -32.84
CA MET G 60 -52.98 80.11 -33.24
C MET G 60 -53.64 78.95 -33.98
N PHE G 61 -53.10 78.62 -35.17
CA PHE G 61 -53.64 77.50 -35.92
C PHE G 61 -53.41 76.17 -35.20
N LEU G 62 -52.38 76.10 -34.34
CA LEU G 62 -52.16 74.90 -33.55
C LEU G 62 -53.41 74.57 -32.73
N THR G 63 -53.79 75.45 -31.81
CA THR G 63 -54.96 75.20 -30.99
C THR G 63 -56.24 75.25 -31.81
N MET G 64 -56.25 76.02 -32.91
CA MET G 64 -57.34 75.95 -33.88
C MET G 64 -57.63 74.52 -34.27
N PHE G 65 -56.67 73.88 -34.95
CA PHE G 65 -56.86 72.50 -35.39
C PHE G 65 -56.99 71.56 -34.19
N GLY G 66 -56.38 71.92 -33.06
CA GLY G 66 -56.46 71.10 -31.87
C GLY G 66 -57.88 70.87 -31.43
N GLU G 67 -58.58 71.94 -31.02
CA GLU G 67 -59.95 71.72 -30.58
C GLU G 67 -60.89 71.47 -31.76
N LYS G 68 -60.54 71.96 -32.95
CA LYS G 68 -61.29 71.58 -34.14
C LYS G 68 -61.04 70.13 -34.56
N LEU G 69 -60.24 69.40 -33.78
CA LEU G 69 -60.24 67.95 -33.81
C LEU G 69 -60.55 67.33 -32.46
N ASN G 70 -60.54 68.14 -31.39
CA ASN G 70 -60.99 67.65 -30.10
C ASN G 70 -62.50 67.55 -30.07
N GLY G 71 -63.01 66.92 -29.00
CA GLY G 71 -64.37 66.45 -28.99
C GLY G 71 -64.39 65.06 -29.57
N THR G 72 -63.29 64.71 -30.23
CA THR G 72 -63.06 63.37 -30.74
C THR G 72 -62.01 62.70 -29.87
N ASP G 73 -62.26 61.42 -29.57
CA ASP G 73 -61.40 60.64 -28.71
C ASP G 73 -60.43 59.81 -29.53
N PRO G 74 -59.42 59.20 -28.89
CA PRO G 74 -58.59 58.22 -29.60
C PRO G 74 -59.45 57.17 -30.27
N GLU G 75 -59.32 57.06 -31.59
CA GLU G 75 -60.20 56.18 -32.38
C GLU G 75 -59.92 54.71 -32.13
N ASP G 76 -59.01 54.36 -31.23
CA ASP G 76 -58.79 52.94 -30.94
C ASP G 76 -60.06 52.27 -30.42
N VAL G 77 -60.55 52.72 -29.26
CA VAL G 77 -61.77 52.15 -28.70
C VAL G 77 -62.98 52.41 -29.59
N ILE G 78 -62.93 53.49 -30.38
CA ILE G 78 -64.07 53.81 -31.24
C ILE G 78 -64.17 52.83 -32.40
N ARG G 79 -63.03 52.47 -33.01
CA ARG G 79 -63.05 51.41 -34.02
C ARG G 79 -63.31 50.05 -33.40
N ASN G 80 -62.87 49.81 -32.16
CA ASN G 80 -63.20 48.54 -31.52
C ASN G 80 -64.70 48.42 -31.29
N ALA G 81 -65.36 49.54 -30.98
CA ALA G 81 -66.81 49.53 -30.83
C ALA G 81 -67.52 49.44 -32.17
N PHE G 82 -66.99 50.09 -33.20
CA PHE G 82 -67.62 50.10 -34.51
C PHE G 82 -67.67 48.72 -35.15
N ALA G 83 -66.74 47.83 -34.80
CA ALA G 83 -66.68 46.53 -35.44
C ALA G 83 -67.72 45.57 -34.85
N CYS G 84 -67.93 45.63 -33.54
CA CYS G 84 -68.76 44.63 -32.87
C CYS G 84 -70.25 44.86 -33.07
N PHE G 85 -70.65 45.93 -33.76
CA PHE G 85 -72.08 46.17 -33.98
C PHE G 85 -72.67 45.22 -34.99
N ASP G 86 -71.85 44.57 -35.81
CA ASP G 86 -72.36 43.70 -36.86
C ASP G 86 -72.84 42.38 -36.29
N GLU G 87 -73.75 41.72 -37.01
CA GLU G 87 -74.30 40.43 -36.62
C GLU G 87 -73.79 39.28 -37.48
N GLU G 88 -73.10 39.57 -38.59
CA GLU G 88 -72.61 38.51 -39.46
C GLU G 88 -71.13 38.73 -39.81
N ALA G 89 -70.56 39.84 -39.34
CA ALA G 89 -69.14 40.15 -39.51
C ALA G 89 -68.75 40.21 -40.99
N SER G 90 -69.51 40.99 -41.75
CA SER G 90 -69.19 41.18 -43.15
C SER G 90 -68.02 42.14 -43.33
N GLY G 91 -67.85 43.07 -42.39
CA GLY G 91 -66.79 44.05 -42.45
C GLY G 91 -67.21 45.46 -42.83
N PHE G 92 -68.51 45.74 -42.86
CA PHE G 92 -69.02 47.04 -43.28
C PHE G 92 -70.09 47.50 -42.28
N ILE G 93 -70.26 48.81 -42.17
CA ILE G 93 -71.13 49.40 -41.15
C ILE G 93 -72.20 50.26 -41.82
N HIS G 94 -73.38 50.33 -41.20
CA HIS G 94 -74.45 51.20 -41.68
C HIS G 94 -74.71 52.33 -40.68
N GLU G 95 -75.09 53.50 -41.19
CA GLU G 95 -75.24 54.66 -40.33
C GLU G 95 -76.69 54.88 -39.88
N ASP G 96 -77.65 54.38 -40.65
CA ASP G 96 -79.06 54.67 -40.37
C ASP G 96 -79.52 54.07 -39.06
N HIS G 97 -79.08 52.85 -38.74
CA HIS G 97 -79.46 52.26 -37.46
C HIS G 97 -78.84 53.03 -36.30
N LEU G 98 -77.59 53.48 -36.46
CA LEU G 98 -76.96 54.32 -35.44
C LEU G 98 -77.76 55.58 -35.20
N ARG G 99 -78.18 56.25 -36.28
CA ARG G 99 -78.94 57.49 -36.12
C ARG G 99 -80.29 57.23 -35.48
N GLU G 100 -80.95 56.12 -35.87
CA GLU G 100 -82.24 55.78 -35.29
C GLU G 100 -82.13 55.42 -33.81
N LEU G 101 -81.02 54.82 -33.39
CA LEU G 101 -80.82 54.49 -31.98
C LEU G 101 -80.36 55.70 -31.17
N LEU G 102 -79.69 56.66 -31.80
CA LEU G 102 -79.23 57.83 -31.07
C LEU G 102 -80.33 58.89 -30.94
N THR G 103 -81.22 58.97 -31.93
CA THR G 103 -82.27 59.99 -31.87
C THR G 103 -83.24 59.72 -30.72
N THR G 104 -83.33 58.48 -30.26
CA THR G 104 -84.15 58.14 -29.10
C THR G 104 -83.35 58.11 -27.81
N MET G 105 -82.04 58.35 -27.88
CA MET G 105 -81.18 58.36 -26.72
C MET G 105 -80.87 59.80 -26.32
N GLY G 106 -81.26 60.16 -25.10
CA GLY G 106 -81.03 61.51 -24.62
C GLY G 106 -81.92 62.53 -25.32
N ASP G 107 -81.30 63.62 -25.75
CA ASP G 107 -82.01 64.74 -26.34
C ASP G 107 -82.09 64.60 -27.86
N ARG G 108 -82.81 65.54 -28.48
CA ARG G 108 -82.98 65.56 -29.92
C ARG G 108 -81.69 66.08 -30.56
N PHE G 109 -81.24 65.40 -31.62
CA PHE G 109 -79.96 65.74 -32.24
C PHE G 109 -80.16 66.78 -33.34
N THR G 110 -79.06 67.35 -33.80
CA THR G 110 -79.09 68.38 -34.83
C THR G 110 -78.92 67.76 -36.22
N ASP G 111 -78.92 68.61 -37.25
CA ASP G 111 -78.83 68.13 -38.63
C ASP G 111 -77.59 68.62 -39.35
N GLU G 112 -76.86 69.58 -38.80
CA GLU G 112 -75.58 69.96 -39.40
C GLU G 112 -74.54 68.88 -39.19
N GLU G 113 -74.67 68.11 -38.11
CA GLU G 113 -73.69 67.08 -37.79
C GLU G 113 -73.79 65.91 -38.74
N VAL G 114 -75.01 65.44 -38.99
CA VAL G 114 -75.20 64.36 -39.95
C VAL G 114 -74.77 64.80 -41.34
N ASP G 115 -74.94 66.09 -41.65
CA ASP G 115 -74.44 66.62 -42.91
C ASP G 115 -72.91 66.55 -42.97
N GLU G 116 -72.26 66.94 -41.87
CA GLU G 116 -70.80 66.82 -41.81
C GLU G 116 -70.35 65.38 -41.99
N MET G 117 -71.12 64.43 -41.47
CA MET G 117 -70.77 63.02 -41.62
C MET G 117 -70.99 62.54 -43.05
N TYR G 118 -72.12 62.89 -43.66
CA TYR G 118 -72.45 62.38 -44.98
C TYR G 118 -71.56 62.98 -46.06
N ARG G 119 -71.18 64.25 -45.90
CA ARG G 119 -70.40 64.92 -46.94
C ARG G 119 -69.02 64.30 -47.14
N GLU G 120 -68.63 63.36 -46.28
CA GLU G 120 -67.32 62.73 -46.35
C GLU G 120 -67.38 61.22 -46.17
N ALA G 121 -68.53 60.60 -46.44
CA ALA G 121 -68.66 59.17 -46.28
C ALA G 121 -68.94 58.51 -47.63
N PRO G 122 -68.06 57.62 -48.07
CA PRO G 122 -68.33 56.88 -49.32
C PRO G 122 -69.45 55.88 -49.15
N ILE G 123 -70.62 56.19 -49.71
CA ILE G 123 -71.80 55.35 -49.60
C ILE G 123 -72.17 54.90 -51.01
N ASP G 124 -72.42 53.60 -51.17
CA ASP G 124 -72.89 53.06 -52.44
C ASP G 124 -74.40 53.10 -52.49
N LYS G 125 -74.98 52.41 -53.48
CA LYS G 125 -76.43 52.38 -53.67
C LYS G 125 -77.07 51.26 -52.84
N LYS G 126 -76.31 50.79 -51.85
CA LYS G 126 -76.80 49.77 -50.93
C LYS G 126 -76.35 50.08 -49.51
N GLY G 127 -75.87 51.31 -49.28
CA GLY G 127 -75.42 51.70 -47.96
C GLY G 127 -74.10 51.09 -47.55
N ASN G 128 -73.28 50.72 -48.52
CA ASN G 128 -71.99 50.10 -48.21
C ASN G 128 -71.03 51.14 -47.66
N PHE G 129 -70.54 50.90 -46.45
CA PHE G 129 -69.64 51.84 -45.78
C PHE G 129 -68.90 51.10 -44.68
N ASN G 130 -67.71 51.59 -44.37
CA ASN G 130 -66.83 50.92 -43.42
C ASN G 130 -66.24 51.94 -42.46
N TYR G 131 -65.79 51.45 -41.32
CA TYR G 131 -65.22 52.29 -40.26
C TYR G 131 -63.71 52.41 -40.35
N VAL G 132 -63.05 51.66 -41.23
CA VAL G 132 -61.61 51.85 -41.43
C VAL G 132 -61.33 53.24 -41.98
N GLU G 133 -62.32 53.82 -42.69
CA GLU G 133 -62.19 55.16 -43.23
C GLU G 133 -62.97 56.21 -42.44
N PHE G 134 -64.02 55.80 -41.71
CA PHE G 134 -64.84 56.78 -41.01
C PHE G 134 -64.07 57.41 -39.85
N THR G 135 -63.52 56.59 -38.96
CA THR G 135 -62.72 57.11 -37.85
C THR G 135 -61.50 57.86 -38.35
N ARG G 136 -61.02 57.51 -39.54
CA ARG G 136 -59.94 58.28 -40.16
C ARG G 136 -60.42 59.67 -40.55
N ILE G 137 -61.65 59.78 -41.06
CA ILE G 137 -62.15 61.07 -41.54
C ILE G 137 -62.53 61.96 -40.36
N LEU G 138 -63.12 61.37 -39.31
CA LEU G 138 -63.46 62.15 -38.12
C LEU G 138 -62.22 62.77 -37.50
N LYS G 139 -61.06 62.17 -37.73
CA LYS G 139 -59.79 62.63 -37.19
C LYS G 139 -58.93 63.37 -38.21
N HIS G 140 -59.55 64.19 -39.06
CA HIS G 140 -58.84 64.94 -40.09
C HIS G 140 -58.16 63.99 -41.08
N GLY G 141 -58.97 63.20 -41.78
CA GLY G 141 -58.48 62.23 -42.74
C GLY G 141 -58.17 62.79 -44.12
N ALA G 142 -58.52 62.05 -45.16
CA ALA G 142 -58.12 62.35 -46.52
C ALA G 142 -59.31 62.25 -47.48
N LYS G 143 -60.44 62.86 -47.11
CA LYS G 143 -61.57 62.96 -48.04
C LYS G 143 -61.78 64.41 -48.46
N PHE H 1 -57.02 47.27 -48.62
CA PHE H 1 -57.01 47.84 -47.28
C PHE H 1 -57.71 49.20 -47.27
N SER H 2 -57.12 50.19 -47.94
CA SER H 2 -57.72 51.51 -48.06
C SER H 2 -57.32 52.14 -49.38
N GLU H 3 -57.88 53.32 -49.66
CA GLU H 3 -57.55 54.06 -50.86
C GLU H 3 -56.36 54.99 -50.68
N GLU H 4 -56.07 55.40 -49.44
CA GLU H 4 -54.93 56.28 -49.21
C GLU H 4 -53.63 55.63 -49.64
N GLN H 5 -53.52 54.31 -49.49
CA GLN H 5 -52.36 53.58 -49.94
C GLN H 5 -52.60 52.85 -51.26
N THR H 6 -53.86 52.62 -51.64
CA THR H 6 -54.14 52.08 -52.97
C THR H 6 -53.74 53.05 -54.06
N ALA H 7 -53.97 54.36 -53.85
CA ALA H 7 -53.39 55.35 -54.75
C ALA H 7 -51.88 55.43 -54.56
N GLU H 8 -51.40 55.17 -53.34
CA GLU H 8 -49.96 54.96 -53.16
C GLU H 8 -49.50 53.74 -53.96
N PHE H 9 -50.29 52.69 -53.99
CA PHE H 9 -49.96 51.53 -54.82
C PHE H 9 -49.88 51.95 -56.29
N LYS H 10 -50.85 52.73 -56.75
CA LYS H 10 -50.85 53.23 -58.13
C LYS H 10 -49.59 54.03 -58.43
N GLU H 11 -49.24 54.96 -57.54
CA GLU H 11 -48.15 55.87 -57.83
C GLU H 11 -46.79 55.19 -57.71
N ALA H 12 -46.58 54.40 -56.65
CA ALA H 12 -45.34 53.64 -56.56
C ALA H 12 -45.29 52.57 -57.64
N PHE H 13 -46.43 52.22 -58.21
CA PHE H 13 -46.46 51.28 -59.32
C PHE H 13 -45.95 51.95 -60.58
N GLN H 14 -46.65 52.98 -61.04
CA GLN H 14 -46.20 53.74 -62.19
C GLN H 14 -44.84 54.40 -61.97
N LEU H 15 -44.32 54.35 -60.74
CA LEU H 15 -42.96 54.80 -60.49
C LEU H 15 -41.96 53.91 -61.22
N PHE H 16 -42.11 52.60 -61.11
CA PHE H 16 -41.24 51.65 -61.79
C PHE H 16 -41.81 51.31 -63.17
N ASP H 17 -42.74 52.12 -63.63
CA ASP H 17 -43.22 52.06 -64.99
C ASP H 17 -42.25 52.82 -65.88
N ARG H 18 -41.21 52.13 -66.36
CA ARG H 18 -40.35 52.72 -67.36
C ARG H 18 -41.10 52.97 -68.65
N THR H 19 -42.29 52.38 -68.77
CA THR H 19 -43.20 52.63 -69.88
C THR H 19 -44.27 53.64 -69.54
N GLY H 20 -44.50 53.90 -68.25
CA GLY H 20 -45.45 54.93 -67.83
C GLY H 20 -46.88 54.68 -68.21
N ASP H 21 -47.28 53.42 -68.42
CA ASP H 21 -48.63 53.10 -68.85
C ASP H 21 -49.51 52.52 -67.75
N GLY H 22 -49.08 52.61 -66.49
CA GLY H 22 -49.79 51.93 -65.43
C GLY H 22 -49.53 50.46 -65.34
N LYS H 23 -48.81 49.90 -66.32
CA LYS H 23 -48.48 48.48 -66.35
C LYS H 23 -46.98 48.33 -66.18
N ILE H 24 -46.56 47.61 -65.15
CA ILE H 24 -45.17 47.63 -64.69
C ILE H 24 -44.60 46.21 -64.73
N LEU H 25 -43.37 46.11 -65.21
CA LEU H 25 -42.68 44.84 -65.37
C LEU H 25 -42.73 44.04 -64.07
N TYR H 26 -42.75 42.71 -64.20
CA TYR H 26 -42.91 41.86 -63.03
C TYR H 26 -41.75 42.02 -62.05
N SER H 27 -40.53 42.01 -62.57
CA SER H 27 -39.40 42.41 -61.72
C SER H 27 -39.61 43.82 -61.21
N GLN H 28 -40.03 44.73 -62.09
CA GLN H 28 -40.22 46.11 -61.67
C GLN H 28 -41.46 46.27 -60.78
N CYS H 29 -42.46 45.40 -60.94
CA CYS H 29 -43.65 45.52 -60.10
C CYS H 29 -43.43 44.93 -58.71
N GLY H 30 -42.67 43.85 -58.60
CA GLY H 30 -42.22 43.44 -57.29
C GLY H 30 -41.25 44.44 -56.70
N ASP H 31 -40.50 45.12 -57.55
CA ASP H 31 -39.71 46.26 -57.09
C ASP H 31 -40.61 47.37 -56.57
N VAL H 32 -41.77 47.55 -57.21
CA VAL H 32 -42.77 48.48 -56.71
C VAL H 32 -43.21 48.08 -55.32
N MET H 33 -43.47 46.79 -55.15
CA MET H 33 -43.98 46.32 -53.86
C MET H 33 -42.91 46.42 -52.78
N ARG H 34 -41.65 46.22 -53.16
CA ARG H 34 -40.56 46.75 -52.35
C ARG H 34 -40.86 48.20 -51.98
N ALA H 35 -40.95 49.06 -52.99
CA ALA H 35 -41.15 50.49 -52.81
C ALA H 35 -42.35 50.81 -51.92
N LEU H 36 -43.25 49.87 -51.69
CA LEU H 36 -44.46 50.12 -50.93
C LEU H 36 -44.37 49.66 -49.49
N GLY H 37 -43.22 49.86 -48.84
CA GLY H 37 -43.03 49.48 -47.46
C GLY H 37 -42.55 48.07 -47.26
N GLN H 38 -42.90 47.15 -48.16
CA GLN H 38 -42.40 45.78 -48.09
C GLN H 38 -40.97 45.76 -48.63
N ASN H 39 -40.44 44.58 -48.84
CA ASN H 39 -39.14 44.44 -49.47
C ASN H 39 -38.98 43.04 -50.03
N PRO H 40 -39.61 42.73 -51.16
CA PRO H 40 -39.33 41.46 -51.82
C PRO H 40 -38.00 41.46 -52.54
N THR H 41 -37.27 40.37 -52.35
CA THR H 41 -36.16 39.96 -53.18
C THR H 41 -36.66 39.80 -54.61
N ASN H 42 -35.80 40.13 -55.58
CA ASN H 42 -36.17 39.91 -56.97
C ASN H 42 -36.73 38.50 -57.18
N ALA H 43 -36.15 37.50 -56.51
CA ALA H 43 -36.72 36.16 -56.51
C ALA H 43 -38.20 36.20 -56.13
N GLU H 44 -38.52 36.69 -54.93
CA GLU H 44 -39.92 36.76 -54.51
C GLU H 44 -40.66 37.89 -55.21
N VAL H 45 -39.96 38.98 -55.56
CA VAL H 45 -40.51 40.00 -56.44
C VAL H 45 -41.28 39.36 -57.58
N MET H 46 -40.63 38.43 -58.29
CA MET H 46 -41.33 37.69 -59.32
C MET H 46 -42.28 36.65 -58.72
N LYS H 47 -41.77 35.86 -57.76
CA LYS H 47 -42.49 34.72 -57.20
C LYS H 47 -43.94 35.05 -56.90
N VAL H 48 -44.22 36.28 -56.47
CA VAL H 48 -45.59 36.68 -56.17
C VAL H 48 -46.46 36.76 -57.42
N LEU H 49 -45.85 36.78 -58.60
CA LEU H 49 -46.57 36.97 -59.86
C LEU H 49 -46.86 35.65 -60.56
N GLY H 50 -47.05 34.57 -59.81
CA GLY H 50 -47.26 33.27 -60.42
C GLY H 50 -45.99 32.57 -60.85
N ASN H 51 -44.86 32.89 -60.21
CA ASN H 51 -43.54 32.39 -60.60
C ASN H 51 -43.31 32.68 -62.07
N PRO H 52 -43.25 33.95 -62.47
CA PRO H 52 -43.17 34.27 -63.89
C PRO H 52 -41.85 33.83 -64.50
N LYS H 53 -41.95 33.37 -65.74
CA LYS H 53 -40.77 33.14 -66.56
C LYS H 53 -39.97 34.42 -66.71
N SER H 54 -38.68 34.29 -67.05
CA SER H 54 -37.79 35.45 -67.06
C SER H 54 -38.30 36.54 -67.99
N ASP H 55 -39.05 36.18 -69.04
CA ASP H 55 -39.63 37.18 -69.91
C ASP H 55 -40.90 37.77 -69.32
N GLU H 56 -41.73 36.92 -68.69
CA GLU H 56 -42.89 37.42 -67.97
C GLU H 56 -42.47 38.39 -66.87
N MET H 57 -41.23 38.25 -66.38
CA MET H 57 -40.67 39.26 -65.50
C MET H 57 -40.65 40.62 -66.16
N ASN H 58 -40.50 40.67 -67.48
CA ASN H 58 -40.27 41.93 -68.17
C ASN H 58 -41.26 42.23 -69.30
N LEU H 59 -41.67 41.24 -70.10
CA LEU H 59 -42.58 41.54 -71.19
C LEU H 59 -44.05 41.46 -70.80
N LYS H 60 -44.46 40.44 -70.06
CA LYS H 60 -45.79 40.42 -69.48
C LYS H 60 -45.79 41.40 -68.33
N THR H 61 -45.93 42.68 -68.67
CA THR H 61 -45.94 43.75 -67.72
C THR H 61 -47.20 43.65 -66.86
N LEU H 62 -47.16 44.23 -65.68
CA LEU H 62 -48.24 44.06 -64.71
C LEU H 62 -49.04 45.35 -64.62
N ASN H 63 -50.34 45.25 -64.85
CA ASN H 63 -51.19 46.41 -64.64
C ASN H 63 -51.48 46.57 -63.16
N PHE H 64 -51.99 47.74 -62.80
CA PHE H 64 -52.27 48.03 -61.40
C PHE H 64 -53.35 47.13 -60.84
N GLU H 65 -54.33 46.75 -61.66
CA GLU H 65 -55.38 45.86 -61.18
C GLU H 65 -54.83 44.47 -60.91
N GLN H 66 -53.89 44.01 -61.73
CA GLN H 66 -53.13 42.82 -61.42
C GLN H 66 -52.03 43.09 -60.41
N PHE H 67 -51.81 44.35 -60.04
CA PHE H 67 -50.80 44.66 -59.04
C PHE H 67 -51.32 44.43 -57.63
N LEU H 68 -52.64 44.48 -57.43
CA LEU H 68 -53.18 44.22 -56.10
C LEU H 68 -52.99 42.77 -55.68
N PRO H 69 -53.30 41.76 -56.50
CA PRO H 69 -53.01 40.38 -56.07
C PRO H 69 -51.52 40.14 -55.83
N MET H 70 -50.66 40.60 -56.74
CA MET H 70 -49.24 40.36 -56.54
C MET H 70 -48.74 41.10 -55.31
N MET H 71 -49.28 42.30 -55.03
CA MET H 71 -48.81 43.03 -53.87
C MET H 71 -49.25 42.36 -52.59
N GLN H 72 -50.46 41.81 -52.59
CA GLN H 72 -50.90 41.03 -51.44
C GLN H 72 -49.95 39.86 -51.19
N THR H 73 -49.61 39.12 -52.25
CA THR H 73 -48.68 38.00 -52.04
C THR H 73 -47.24 38.46 -51.85
N ILE H 74 -46.97 39.74 -52.10
CA ILE H 74 -45.70 40.34 -51.69
C ILE H 74 -45.69 40.49 -50.17
N ALA H 75 -46.77 41.04 -49.63
CA ALA H 75 -46.94 41.09 -48.18
C ALA H 75 -47.03 39.68 -47.58
N LYS H 76 -47.54 38.70 -48.33
CA LYS H 76 -47.55 37.33 -47.83
C LYS H 76 -46.23 36.62 -48.03
N ASN H 77 -45.28 37.21 -48.76
CA ASN H 77 -43.93 36.66 -48.77
C ASN H 77 -43.39 36.50 -47.36
N LYS H 78 -43.54 37.53 -46.53
CA LYS H 78 -42.91 37.62 -45.21
C LYS H 78 -41.41 37.39 -45.30
N ASP H 79 -40.86 37.55 -46.49
CA ASP H 79 -39.42 37.55 -46.71
C ASP H 79 -38.95 39.00 -46.56
N GLN H 80 -39.41 39.65 -45.49
CA GLN H 80 -38.90 40.94 -45.09
C GLN H 80 -37.77 40.79 -44.09
N GLY H 81 -37.63 39.59 -43.54
CA GLY H 81 -36.53 39.27 -42.65
C GLY H 81 -36.89 39.27 -41.18
N CYS H 82 -36.70 38.12 -40.53
CA CYS H 82 -36.89 37.96 -39.10
C CYS H 82 -35.63 38.39 -38.37
N PHE H 83 -35.83 39.15 -37.28
CA PHE H 83 -34.68 39.71 -36.59
C PHE H 83 -33.84 38.64 -35.93
N GLU H 84 -34.44 37.54 -35.48
CA GLU H 84 -33.61 36.42 -35.04
C GLU H 84 -32.93 35.76 -36.22
N ASP H 85 -33.66 35.57 -37.33
CA ASP H 85 -33.02 35.11 -38.56
C ASP H 85 -32.01 36.12 -39.06
N TYR H 86 -32.34 37.41 -38.98
CA TYR H 86 -31.35 38.46 -39.22
C TYR H 86 -30.07 38.20 -38.44
N VAL H 87 -30.17 38.19 -37.11
CA VAL H 87 -28.97 38.16 -36.28
C VAL H 87 -28.28 36.82 -36.40
N GLU H 88 -29.01 35.76 -36.72
CA GLU H 88 -28.40 34.43 -36.77
C GLU H 88 -27.73 34.18 -38.12
N GLY H 89 -28.37 34.60 -39.21
CA GLY H 89 -27.72 34.51 -40.51
C GLY H 89 -26.54 35.45 -40.62
N LEU H 90 -26.64 36.63 -40.00
CA LEU H 90 -25.48 37.49 -39.92
C LEU H 90 -24.50 37.01 -38.86
N ARG H 91 -24.94 36.13 -37.96
CA ARG H 91 -24.08 35.61 -36.92
C ARG H 91 -23.16 34.53 -37.46
N VAL H 92 -23.72 33.64 -38.29
CA VAL H 92 -22.88 32.79 -39.14
C VAL H 92 -22.24 33.57 -40.27
N PHE H 93 -22.75 34.77 -40.57
CA PHE H 93 -21.96 35.74 -41.34
C PHE H 93 -21.02 36.49 -40.43
N ASP H 94 -21.30 36.52 -39.13
CA ASP H 94 -20.37 37.05 -38.15
C ASP H 94 -19.36 35.95 -37.81
N LYS H 95 -18.71 35.41 -38.83
CA LYS H 95 -17.61 34.49 -38.61
C LYS H 95 -16.44 35.14 -37.92
N GLU H 96 -16.45 36.47 -37.80
CA GLU H 96 -15.50 37.17 -36.96
C GLU H 96 -15.97 37.24 -35.51
N GLY H 97 -17.28 37.07 -35.26
CA GLY H 97 -17.78 37.04 -33.90
C GLY H 97 -17.76 38.37 -33.20
N ASN H 98 -17.95 39.47 -33.93
CA ASN H 98 -17.85 40.81 -33.35
C ASN H 98 -19.19 41.46 -33.07
N GLY H 99 -20.29 40.73 -33.12
CA GLY H 99 -21.58 41.37 -33.21
C GLY H 99 -21.73 42.21 -34.46
N THR H 100 -20.78 42.11 -35.39
CA THR H 100 -20.74 42.88 -36.62
C THR H 100 -20.28 41.95 -37.73
N VAL H 101 -20.48 42.37 -38.97
CA VAL H 101 -20.13 41.56 -40.13
C VAL H 101 -19.32 42.41 -41.09
N MET H 102 -18.19 41.87 -41.56
CA MET H 102 -17.35 42.66 -42.45
C MET H 102 -18.08 43.00 -43.74
N GLY H 103 -17.90 44.23 -44.18
CA GLY H 103 -18.54 44.73 -45.38
C GLY H 103 -18.14 43.96 -46.62
N ALA H 104 -16.82 43.80 -46.80
CA ALA H 104 -16.35 42.94 -47.87
C ALA H 104 -16.78 41.49 -47.64
N GLU H 105 -16.72 41.03 -46.39
CA GLU H 105 -17.18 39.68 -46.08
C GLU H 105 -18.67 39.51 -46.35
N ILE H 106 -19.46 40.52 -46.04
CA ILE H 106 -20.89 40.42 -46.32
C ILE H 106 -21.14 40.42 -47.82
N ARG H 107 -20.63 41.44 -48.52
CA ARG H 107 -20.77 41.47 -49.97
C ARG H 107 -20.33 40.16 -50.58
N HIS H 108 -19.29 39.53 -50.03
CA HIS H 108 -18.95 38.18 -50.43
C HIS H 108 -20.09 37.22 -50.15
N VAL H 109 -20.51 37.11 -48.90
CA VAL H 109 -21.59 36.19 -48.53
C VAL H 109 -22.96 36.70 -48.94
N LEU H 110 -23.05 37.82 -49.64
CA LEU H 110 -24.35 38.31 -50.07
C LEU H 110 -24.51 38.30 -51.60
N VAL H 111 -23.58 38.86 -52.36
CA VAL H 111 -23.69 38.77 -53.82
C VAL H 111 -22.83 37.66 -54.41
N THR H 112 -21.80 37.20 -53.70
CA THR H 112 -21.03 36.06 -54.17
C THR H 112 -21.46 34.80 -53.44
N LEU H 113 -22.57 34.90 -52.70
CA LEU H 113 -23.15 33.76 -52.02
C LEU H 113 -24.65 33.97 -51.90
N GLY H 114 -25.39 32.86 -51.92
CA GLY H 114 -26.83 32.86 -51.75
C GLY H 114 -27.61 33.59 -52.82
N GLU H 115 -28.75 34.18 -52.42
CA GLU H 115 -29.65 34.82 -53.37
C GLU H 115 -29.00 36.04 -53.98
N LYS H 116 -29.34 36.35 -55.23
CA LYS H 116 -28.66 37.37 -56.01
C LYS H 116 -29.56 38.56 -56.34
N MET H 117 -28.94 39.73 -56.39
CA MET H 117 -29.50 40.95 -56.94
C MET H 117 -28.31 41.86 -57.24
N THR H 118 -28.60 43.13 -57.45
CA THR H 118 -27.55 44.12 -57.68
C THR H 118 -26.50 44.05 -56.58
N GLU H 119 -25.23 44.02 -57.00
CA GLU H 119 -24.13 44.14 -56.04
C GLU H 119 -24.30 45.37 -55.18
N GLU H 120 -24.75 46.47 -55.78
CA GLU H 120 -24.98 47.71 -55.02
C GLU H 120 -25.95 47.48 -53.87
N GLU H 121 -26.83 46.48 -53.98
CA GLU H 121 -27.83 46.25 -52.94
C GLU H 121 -27.15 45.79 -51.65
N VAL H 122 -26.25 44.82 -51.76
CA VAL H 122 -25.52 44.38 -50.58
C VAL H 122 -24.43 45.37 -50.21
N GLU H 123 -24.02 46.22 -51.15
CA GLU H 123 -23.21 47.36 -50.77
C GLU H 123 -23.96 48.25 -49.80
N GLN H 124 -25.09 48.82 -50.23
CA GLN H 124 -25.88 49.66 -49.34
C GLN H 124 -26.43 48.88 -48.14
N LEU H 125 -26.31 47.55 -48.13
CA LEU H 125 -26.28 46.83 -46.87
C LEU H 125 -25.06 47.22 -46.07
N VAL H 126 -23.87 46.95 -46.62
CA VAL H 126 -22.63 47.29 -45.92
C VAL H 126 -22.32 48.77 -45.98
N ALA H 127 -22.61 49.43 -47.10
CA ALA H 127 -22.56 50.88 -47.19
C ALA H 127 -23.76 51.44 -46.43
N GLY H 128 -23.58 52.64 -45.90
CA GLY H 128 -24.50 53.14 -44.89
C GLY H 128 -24.30 52.49 -43.55
N HIS H 129 -23.50 51.43 -43.49
CA HIS H 129 -23.09 50.84 -42.21
C HIS H 129 -21.62 50.47 -42.22
N GLU H 130 -20.87 50.85 -43.25
CA GLU H 130 -19.45 50.55 -43.33
C GLU H 130 -18.71 51.13 -42.14
N ASP H 131 -17.80 50.33 -41.58
CA ASP H 131 -17.01 50.73 -40.42
C ASP H 131 -15.67 50.00 -40.48
N SER H 132 -14.99 49.97 -39.34
CA SER H 132 -13.66 49.37 -39.24
C SER H 132 -13.70 47.93 -39.77
N ASN H 133 -12.80 47.63 -40.72
CA ASN H 133 -12.68 46.30 -41.31
C ASN H 133 -13.99 45.98 -42.03
N GLY H 134 -14.74 47.03 -42.37
CA GLY H 134 -16.06 46.86 -42.91
C GLY H 134 -17.01 46.13 -41.99
N CYS H 135 -16.72 46.09 -40.70
CA CYS H 135 -17.42 45.24 -39.75
C CYS H 135 -18.82 45.79 -39.55
N ILE H 136 -19.69 45.60 -40.55
CA ILE H 136 -21.06 46.09 -40.52
C ILE H 136 -21.71 45.57 -39.25
N ASN H 137 -22.16 46.49 -38.40
CA ASN H 137 -22.74 46.06 -37.13
C ASN H 137 -24.03 45.32 -37.44
N TYR H 138 -23.91 43.99 -37.63
CA TYR H 138 -24.97 43.23 -38.25
C TYR H 138 -26.29 43.40 -37.52
N GLU H 139 -26.25 43.47 -36.18
CA GLU H 139 -27.46 43.74 -35.42
C GLU H 139 -27.94 45.16 -35.67
N GLU H 140 -27.05 46.14 -35.52
CA GLU H 140 -27.41 47.52 -35.83
C GLU H 140 -27.81 47.67 -37.28
N LEU H 141 -26.93 47.24 -38.20
CA LEU H 141 -27.26 47.20 -39.61
C LEU H 141 -28.67 46.69 -39.84
N VAL H 142 -28.99 45.55 -39.25
CA VAL H 142 -30.15 44.82 -39.69
C VAL H 142 -31.40 45.35 -39.00
N ARG H 143 -31.28 45.84 -37.77
CA ARG H 143 -32.43 46.50 -37.18
C ARG H 143 -32.73 47.83 -37.88
N MET H 144 -31.69 48.56 -38.31
CA MET H 144 -31.93 49.83 -38.95
C MET H 144 -32.57 49.65 -40.33
N VAL H 145 -32.03 48.72 -41.13
CA VAL H 145 -32.59 48.49 -42.45
C VAL H 145 -33.96 47.82 -42.33
N LEU H 146 -34.18 47.04 -41.26
CA LEU H 146 -35.51 46.49 -41.00
C LEU H 146 -36.50 47.62 -40.76
N SER H 147 -36.14 48.58 -39.91
CA SER H 147 -36.93 49.80 -39.82
C SER H 147 -36.81 50.62 -41.10
N GLY H 148 -35.68 50.53 -41.78
CA GLY H 148 -35.47 51.30 -43.00
C GLY H 148 -36.20 50.75 -44.21
#